data_3ZT5
#
_entry.id   3ZT5
#
_cell.length_a   113.820
_cell.length_b   113.570
_cell.length_c   315.660
_cell.angle_alpha   90.00
_cell.angle_beta   90.00
_cell.angle_gamma   90.00
#
_symmetry.space_group_name_H-M   'P 21 21 21'
#
loop_
_entity.id
_entity.type
_entity.pdbx_description
1 polymer 'PUTATIVE GLUCANOHYDROLASE PEP1A'
2 branched alpha-D-glucopyranose-(1-4)-alpha-D-glucopyranose
3 water water
#
_entity_poly.entity_id   1
_entity_poly.type   'polypeptide(L)'
_entity_poly.pdbx_seq_one_letter_code
;MGSSHHHHHHSSGLVPRGSHMPATHHSSATSAERPTVVGRIPVLDVRPVVQRGRRPAKAVTGESFEVSATVFREGHDAVG
ANVVLRDPRGRPGPWTPMRELAPGTDRWGATVTAGETGTWSYTVEAWGDPVTTWRHHARIKIPAGLDTDLVLEEGARLYE
RAAADVPGREDRRELLAAVDALRDESRPAASRLAAALTPQVDAVLARHPLRDLVTSSDPLPLLVERERALYGAWYEFFPR
SEGTPHTPHGTFRTAARRLPAIAAMGFDVVYLPPIHPIGTTHRKGRNNTLSATGDDVGVPWAIGSPEGGHDSIHPALGTL
DDFDHFVTEAGKLGLEIALDFALQCSPDHPWVHKHPEWFHHRPDGTIAHAENPPKKYQDIYPIAFDADPDGLATETVRIL
RHWMDHGVRIFRVDNPHTKPVAFWERVIADINGTDPDVIFLAEAFTRPAMMATLAQIGFQQSYTYFTWRNTKQELTEYLT
ELSGEAASYMRPNFFANTPDILHAYLQHGGRPAFEVRAVLAATLSPTWGIYSGYELCENTPLREGSEEYLDSEKYQLKPR
DWTRAAREGTTIAPLVTRLNTIRRENPALRQLRDLHFHPTDKEEVIAYSKRQGSNTVLVVVNLDPRHTQEATVSLDMPQL
GLDWHESVPVRDELTGETYHWGRANYVRLEPGRTPAHVCTVLRPSHPQIGGSHTT
;
_entity_poly.pdbx_strand_id   A,B,C,D
#
# COMPACT_ATOMS: atom_id res chain seq x y z
N PRO A 35 50.88 9.22 8.38
CA PRO A 35 50.76 10.59 7.88
C PRO A 35 49.35 11.17 8.06
N THR A 36 49.27 12.43 8.47
CA THR A 36 47.99 13.13 8.62
C THR A 36 47.62 13.86 7.33
N VAL A 37 46.33 14.14 7.17
CA VAL A 37 45.83 14.86 5.98
C VAL A 37 46.15 16.34 6.08
N VAL A 38 46.04 16.95 7.28
CA VAL A 38 46.48 18.34 7.46
C VAL A 38 47.92 18.37 7.86
N GLY A 39 48.65 19.37 7.39
CA GLY A 39 50.04 19.54 7.78
C GLY A 39 50.18 20.45 8.99
N ARG A 40 51.43 20.77 9.30
CA ARG A 40 51.74 21.51 10.51
C ARG A 40 51.04 22.88 10.49
N ILE A 41 51.15 23.60 9.35
CA ILE A 41 50.38 24.83 9.14
C ILE A 41 49.34 24.58 8.07
N PRO A 42 48.07 24.45 8.46
CA PRO A 42 47.00 24.18 7.53
C PRO A 42 47.00 25.02 6.24
N VAL A 43 47.00 24.32 5.11
CA VAL A 43 46.80 24.92 3.80
C VAL A 43 45.78 24.07 3.06
N LEU A 44 44.59 24.63 2.87
CA LEU A 44 43.42 23.82 2.46
C LEU A 44 42.71 24.41 1.28
N ASP A 45 42.16 23.56 0.42
CA ASP A 45 41.31 24.00 -0.67
C ASP A 45 41.96 25.01 -1.60
N VAL A 46 43.08 24.58 -2.18
CA VAL A 46 43.79 25.43 -3.10
C VAL A 46 42.99 25.57 -4.37
N ARG A 47 42.91 26.80 -4.86
CA ARG A 47 42.23 27.09 -6.12
C ARG A 47 43.11 27.96 -7.04
N PRO A 48 42.92 27.84 -8.37
CA PRO A 48 41.89 27.03 -9.00
C PRO A 48 42.08 25.50 -8.98
N VAL A 49 40.97 24.79 -9.08
CA VAL A 49 40.98 23.32 -9.18
C VAL A 49 39.86 22.90 -10.11
N VAL A 50 40.15 21.90 -10.97
CA VAL A 50 39.22 21.43 -11.93
C VAL A 50 39.10 19.92 -11.74
N GLN A 51 37.88 19.46 -11.45
CA GLN A 51 37.64 18.03 -11.32
C GLN A 51 38.41 17.41 -10.18
N ARG A 52 38.50 18.12 -9.07
CA ARG A 52 39.24 17.68 -7.90
C ARG A 52 40.70 17.44 -8.18
N GLY A 53 41.23 18.04 -9.25
CA GLY A 53 42.63 17.95 -9.58
C GLY A 53 42.94 16.90 -10.61
N ARG A 54 41.91 16.32 -11.22
CA ARG A 54 42.07 15.27 -12.18
C ARG A 54 42.22 15.80 -13.59
N ARG A 55 41.90 17.09 -13.76
CA ARG A 55 42.13 17.77 -15.01
C ARG A 55 42.84 19.08 -14.67
N PRO A 56 43.66 19.61 -15.60
CA PRO A 56 44.38 20.84 -15.35
C PRO A 56 43.51 22.11 -15.42
N ALA A 57 43.83 23.08 -14.56
CA ALA A 57 43.38 24.48 -14.76
C ALA A 57 44.10 25.02 -15.98
N LYS A 58 43.58 26.12 -16.54
CA LYS A 58 44.11 26.66 -17.80
C LYS A 58 44.65 28.09 -17.72
N ALA A 59 45.67 28.34 -18.52
CA ALA A 59 46.18 29.68 -18.79
C ALA A 59 46.74 29.70 -20.21
N VAL A 60 47.20 30.88 -20.62
CA VAL A 60 47.97 31.03 -21.86
C VAL A 60 49.22 31.87 -21.49
N THR A 61 50.16 31.98 -22.41
CA THR A 61 51.39 32.71 -22.19
C THR A 61 51.09 34.17 -21.85
N GLY A 62 51.66 34.64 -20.73
CA GLY A 62 51.54 36.04 -20.33
C GLY A 62 50.23 36.35 -19.65
N GLU A 63 49.39 35.33 -19.44
CA GLU A 63 48.13 35.55 -18.72
C GLU A 63 48.36 35.50 -17.21
N SER A 64 47.76 36.45 -16.49
CA SER A 64 47.77 36.45 -15.02
C SER A 64 46.48 35.93 -14.39
N PHE A 65 46.62 35.16 -13.29
CA PHE A 65 45.45 34.72 -12.54
C PHE A 65 45.76 34.49 -11.07
N GLU A 66 44.69 34.45 -10.28
CA GLU A 66 44.82 34.38 -8.84
C GLU A 66 44.85 32.97 -8.35
N VAL A 67 45.87 32.63 -7.57
CA VAL A 67 45.90 31.34 -6.84
C VAL A 67 45.51 31.62 -5.40
N SER A 68 44.58 30.85 -4.85
CA SER A 68 44.11 31.05 -3.52
C SER A 68 44.18 29.77 -2.68
N ALA A 69 44.07 29.92 -1.38
CA ALA A 69 43.97 28.82 -0.44
C ALA A 69 43.42 29.28 0.90
N THR A 70 43.05 28.34 1.74
CA THR A 70 42.63 28.65 3.13
C THR A 70 43.82 28.33 4.01
N VAL A 71 44.33 29.35 4.67
CA VAL A 71 45.56 29.23 5.44
C VAL A 71 45.34 29.85 6.81
N PHE A 72 45.72 29.14 7.85
CA PHE A 72 45.54 29.63 9.20
C PHE A 72 46.42 28.73 10.07
N ARG A 73 46.53 29.05 11.34
CA ARG A 73 47.21 28.15 12.29
C ARG A 73 46.47 28.14 13.62
N GLU A 74 46.90 27.26 14.51
CA GLU A 74 46.37 27.21 15.86
C GLU A 74 46.91 28.40 16.66
N GLY A 75 46.18 28.76 17.71
CA GLY A 75 46.60 29.81 18.58
C GLY A 75 46.43 31.12 17.85
N HIS A 76 47.09 32.16 18.34
CA HIS A 76 46.76 33.50 17.94
C HIS A 76 47.88 34.17 17.17
N ASP A 77 48.95 33.46 16.85
CA ASP A 77 50.07 34.09 16.16
C ASP A 77 49.81 34.18 14.67
N ALA A 78 50.64 34.99 14.02
CA ALA A 78 50.45 35.37 12.65
C ALA A 78 50.94 34.25 11.70
N VAL A 79 50.26 34.10 10.56
CA VAL A 79 50.76 33.21 9.50
C VAL A 79 51.10 34.07 8.30
N GLY A 80 51.89 33.48 7.39
CA GLY A 80 52.05 34.03 6.06
C GLY A 80 52.00 32.90 5.07
N ALA A 81 51.94 33.27 3.79
CA ALA A 81 51.82 32.29 2.71
C ALA A 81 52.34 32.84 1.41
N ASN A 82 52.71 31.92 0.51
CA ASN A 82 53.26 32.27 -0.81
C ASN A 82 52.93 31.17 -1.83
N VAL A 83 52.88 31.55 -3.11
CA VAL A 83 52.61 30.63 -4.19
C VAL A 83 53.90 30.24 -4.88
N VAL A 84 54.10 28.95 -5.09
CA VAL A 84 55.28 28.45 -5.82
C VAL A 84 54.79 27.85 -7.13
N LEU A 85 55.13 28.53 -8.22
CA LEU A 85 54.72 28.14 -9.56
C LEU A 85 55.89 27.46 -10.22
N ARG A 86 55.67 26.26 -10.74
CA ARG A 86 56.74 25.49 -11.35
C ARG A 86 56.48 25.18 -12.82
N ASP A 87 57.49 25.44 -13.63
CA ASP A 87 57.44 25.23 -15.09
C ASP A 87 57.58 23.76 -15.50
N PRO A 88 57.43 23.46 -16.80
CA PRO A 88 57.55 22.09 -17.28
C PRO A 88 58.85 21.40 -16.92
N ARG A 89 59.93 22.15 -16.73
CA ARG A 89 61.21 21.57 -16.28
C ARG A 89 61.29 21.57 -14.76
N GLY A 90 60.22 21.96 -14.09
CA GLY A 90 60.16 21.92 -12.64
C GLY A 90 60.76 23.14 -11.95
N ARG A 91 61.19 24.16 -12.70
CA ARG A 91 61.88 25.32 -12.10
C ARG A 91 60.89 26.27 -11.41
N PRO A 92 61.20 26.68 -10.18
CA PRO A 92 60.30 27.57 -9.42
C PRO A 92 60.38 28.99 -9.98
N GLY A 93 59.24 29.69 -9.96
CA GLY A 93 59.17 31.07 -10.36
C GLY A 93 59.56 31.92 -9.17
N PRO A 94 59.24 33.23 -9.23
CA PRO A 94 59.71 34.18 -8.22
C PRO A 94 58.90 34.13 -6.93
N TRP A 95 59.48 34.76 -5.90
CA TRP A 95 58.85 34.89 -4.59
C TRP A 95 57.51 35.58 -4.74
N THR A 96 56.41 34.91 -4.38
CA THR A 96 55.07 35.42 -4.66
C THR A 96 54.23 35.39 -3.40
N PRO A 97 54.41 36.38 -2.53
CA PRO A 97 53.72 36.33 -1.24
C PRO A 97 52.23 36.53 -1.39
N MET A 98 51.44 35.83 -0.57
CA MET A 98 49.99 35.95 -0.60
C MET A 98 49.53 36.94 0.52
N ARG A 99 48.31 37.43 0.41
CA ARG A 99 47.69 38.24 1.43
C ARG A 99 46.27 37.74 1.73
N GLU A 100 45.77 37.99 2.94
CA GLU A 100 44.41 37.58 3.27
C GLU A 100 43.53 38.44 2.41
N LEU A 101 42.58 37.82 1.72
CA LEU A 101 41.77 38.55 0.76
C LEU A 101 40.65 39.36 1.41
N ALA A 102 40.19 38.95 2.58
CA ALA A 102 39.21 39.77 3.31
C ALA A 102 39.24 39.38 4.77
N PRO A 103 38.89 40.32 5.65
CA PRO A 103 39.19 40.07 7.08
C PRO A 103 38.36 38.95 7.66
N GLY A 104 38.93 38.19 8.59
CA GLY A 104 38.20 37.13 9.23
C GLY A 104 37.99 35.88 8.36
N THR A 105 38.29 35.96 7.06
CA THR A 105 38.01 34.86 6.13
C THR A 105 39.05 33.73 6.10
N ASP A 106 40.30 34.02 6.42
CA ASP A 106 41.38 33.03 6.29
C ASP A 106 41.54 32.52 4.87
N ARG A 107 41.08 33.30 3.90
CA ARG A 107 41.27 32.99 2.50
C ARG A 107 42.37 33.92 1.98
N TRP A 108 43.41 33.30 1.44
CA TRP A 108 44.61 34.03 1.00
C TRP A 108 44.77 33.88 -0.50
N GLY A 109 45.35 34.89 -1.12
CA GLY A 109 45.53 34.90 -2.57
C GLY A 109 46.73 35.69 -3.04
N ALA A 110 47.22 35.32 -4.22
CA ALA A 110 48.30 36.00 -4.91
C ALA A 110 48.13 35.81 -6.41
N THR A 111 48.62 36.77 -7.20
CA THR A 111 48.55 36.66 -8.66
C THR A 111 49.83 36.03 -9.20
N VAL A 112 49.68 35.13 -10.17
CA VAL A 112 50.80 34.52 -10.84
C VAL A 112 50.65 34.78 -12.32
N THR A 113 51.74 34.58 -13.08
CA THR A 113 51.68 34.72 -14.55
C THR A 113 52.39 33.56 -15.24
N ALA A 114 51.65 32.96 -16.19
CA ALA A 114 52.13 31.87 -17.02
C ALA A 114 53.16 32.39 -18.02
N GLY A 115 54.18 31.58 -18.26
CA GLY A 115 55.24 31.86 -19.23
C GLY A 115 55.06 30.95 -20.45
N GLU A 116 56.09 30.19 -20.80
CA GLU A 116 56.05 29.31 -21.99
C GLU A 116 54.96 28.27 -21.87
N THR A 117 54.58 27.71 -23.01
CA THR A 117 53.52 26.71 -23.05
C THR A 117 54.00 25.37 -22.49
N GLY A 118 53.05 24.54 -22.04
CA GLY A 118 53.36 23.22 -21.48
C GLY A 118 52.62 22.96 -20.17
N THR A 119 52.98 21.87 -19.50
CA THR A 119 52.30 21.48 -18.25
C THR A 119 53.11 21.96 -17.06
N TRP A 120 52.46 22.79 -16.26
CA TRP A 120 53.05 23.40 -15.09
C TRP A 120 52.35 22.87 -13.85
N SER A 121 52.84 23.30 -12.69
CA SER A 121 52.18 22.98 -11.44
C SER A 121 52.21 24.16 -10.48
N TYR A 122 51.32 24.14 -9.49
CA TYR A 122 51.41 25.17 -8.45
C TYR A 122 51.12 24.62 -7.06
N THR A 123 51.93 25.12 -6.14
CA THR A 123 51.86 24.84 -4.76
C THR A 123 51.70 26.09 -3.93
N VAL A 124 50.97 25.98 -2.84
CA VAL A 124 50.92 27.01 -1.81
C VAL A 124 51.69 26.57 -0.58
N GLU A 125 52.62 27.42 -0.13
CA GLU A 125 53.31 27.21 1.12
C GLU A 125 52.72 28.17 2.17
N ALA A 126 52.45 27.61 3.37
CA ALA A 126 51.99 28.37 4.51
C ALA A 126 53.02 28.16 5.63
N TRP A 127 53.15 29.18 6.46
CA TRP A 127 54.19 29.20 7.48
C TRP A 127 53.81 30.16 8.60
N GLY A 128 54.41 29.94 9.78
CA GLY A 128 54.27 30.84 10.88
C GLY A 128 55.15 32.05 10.60
N ASP A 129 54.63 33.23 10.97
CA ASP A 129 55.28 34.51 10.73
C ASP A 129 55.57 35.16 12.09
N PRO A 130 56.61 34.66 12.76
CA PRO A 130 56.92 35.08 14.12
C PRO A 130 57.38 36.53 14.25
N VAL A 131 57.89 37.12 13.16
CA VAL A 131 58.33 38.51 13.24
C VAL A 131 57.17 39.50 13.30
N THR A 132 56.12 39.25 12.50
CA THR A 132 54.88 40.06 12.57
C THR A 132 54.22 39.94 13.95
N THR A 133 54.24 38.72 14.47
CA THR A 133 53.70 38.42 15.77
C THR A 133 54.43 39.16 16.85
N TRP A 134 55.76 39.05 16.84
CA TRP A 134 56.56 39.71 17.86
C TRP A 134 56.32 41.20 17.79
N ARG A 135 56.37 41.74 16.58
CA ARG A 135 56.17 43.18 16.38
C ARG A 135 54.88 43.73 17.01
N HIS A 136 53.80 42.97 16.80
CA HIS A 136 52.52 43.33 17.37
C HIS A 136 52.62 43.49 18.90
N HIS A 137 53.23 42.51 19.55
CA HIS A 137 53.33 42.54 21.01
C HIS A 137 54.31 43.58 21.51
N ALA A 138 55.41 43.72 20.80
CA ALA A 138 56.42 44.68 21.16
C ALA A 138 55.87 46.11 21.15
N ARG A 139 55.08 46.44 20.14
CA ARG A 139 54.52 47.80 20.05
C ARG A 139 53.62 48.17 21.22
N ILE A 140 52.99 47.19 21.82
CA ILE A 140 52.14 47.41 22.97
C ILE A 140 52.94 47.38 24.29
N LYS A 141 53.72 46.31 24.48
CA LYS A 141 54.42 46.10 25.74
C LYS A 141 55.45 47.17 26.03
N ILE A 142 56.18 47.59 25.00
CA ILE A 142 57.27 48.55 25.20
C ILE A 142 56.80 49.92 25.73
N PRO A 143 55.74 50.51 25.15
CA PRO A 143 55.22 51.74 25.80
C PRO A 143 54.60 51.43 27.17
N ALA A 144 54.01 50.23 27.31
CA ALA A 144 53.50 49.78 28.60
C ALA A 144 54.60 49.50 29.63
N GLY A 145 55.86 49.43 29.22
CA GLY A 145 56.96 49.18 30.15
C GLY A 145 56.95 47.76 30.70
N LEU A 146 56.20 46.87 30.05
CA LEU A 146 56.09 45.47 30.49
C LEU A 146 57.25 44.64 29.96
N ASP A 147 58.11 44.12 30.86
CA ASP A 147 59.19 43.17 30.52
C ASP A 147 60.05 43.58 29.34
N THR A 148 60.38 44.87 29.26
CA THR A 148 61.00 45.43 28.05
C THR A 148 62.28 44.69 27.67
N ASP A 149 63.10 44.32 28.65
CA ASP A 149 64.36 43.64 28.38
C ASP A 149 64.17 42.27 27.75
N LEU A 150 63.26 41.50 28.30
CA LEU A 150 62.91 40.17 27.75
C LEU A 150 62.30 40.26 26.35
N VAL A 151 61.38 41.21 26.16
CA VAL A 151 60.74 41.38 24.86
C VAL A 151 61.79 41.74 23.80
N LEU A 152 62.69 42.63 24.15
CA LEU A 152 63.69 43.12 23.21
C LEU A 152 64.76 42.10 22.85
N GLU A 153 65.11 41.25 23.82
CA GLU A 153 66.03 40.15 23.59
C GLU A 153 65.37 39.10 22.69
N GLU A 154 64.08 38.88 22.87
CA GLU A 154 63.36 37.94 22.04
C GLU A 154 63.35 38.38 20.59
N GLY A 155 63.08 39.67 20.38
CA GLY A 155 63.15 40.27 19.04
C GLY A 155 64.52 40.09 18.41
N ALA A 156 65.57 40.32 19.20
CA ALA A 156 66.94 40.22 18.69
C ALA A 156 67.23 38.79 18.20
N ARG A 157 66.80 37.79 18.95
CA ARG A 157 67.03 36.40 18.54
C ARG A 157 66.24 36.03 17.28
N LEU A 158 65.01 36.53 17.12
CA LEU A 158 64.27 36.37 15.85
C LEU A 158 65.02 37.01 14.70
N TYR A 159 65.45 38.25 14.90
CA TYR A 159 66.15 38.96 13.84
C TYR A 159 67.49 38.29 13.47
N GLU A 160 68.15 37.64 14.42
CA GLU A 160 69.41 36.96 14.15
C GLU A 160 69.17 35.78 13.23
N ARG A 161 68.10 35.03 13.50
CA ARG A 161 67.75 33.85 12.69
C ARG A 161 67.36 34.28 11.29
N ALA A 162 66.74 35.44 11.17
CA ALA A 162 66.38 35.97 9.86
C ALA A 162 67.64 36.39 9.12
N ALA A 163 68.64 36.86 9.87
CA ALA A 163 69.93 37.26 9.31
C ALA A 163 70.73 36.06 8.76
N ALA A 164 70.64 34.91 9.44
CA ALA A 164 71.42 33.72 9.06
C ALA A 164 71.05 33.20 7.68
N ASP A 165 69.83 33.50 7.24
CA ASP A 165 69.32 33.07 5.92
C ASP A 165 69.62 34.04 4.76
N VAL A 166 69.74 35.33 5.06
CA VAL A 166 69.86 36.40 4.05
C VAL A 166 71.20 36.31 3.28
N PRO A 167 71.14 36.02 1.95
CA PRO A 167 72.39 35.86 1.18
C PRO A 167 73.14 37.16 0.97
N GLY A 168 72.42 38.28 0.81
CA GLY A 168 73.06 39.57 0.60
C GLY A 168 73.88 39.96 1.82
N ARG A 169 75.10 40.47 1.60
CA ARG A 169 75.94 40.93 2.72
C ARG A 169 75.45 42.26 3.30
N GLU A 170 75.05 43.19 2.44
CA GLU A 170 74.51 44.48 2.89
C GLU A 170 73.24 44.26 3.73
N ASP A 171 72.32 43.44 3.21
CA ASP A 171 71.08 43.12 3.89
C ASP A 171 71.34 42.44 5.23
N ARG A 172 72.32 41.55 5.27
CA ARG A 172 72.71 40.93 6.52
C ARG A 172 73.20 42.00 7.53
N ARG A 173 74.10 42.90 7.09
CA ARG A 173 74.59 43.99 7.92
C ARG A 173 73.42 44.81 8.48
N GLU A 174 72.43 45.10 7.63
CA GLU A 174 71.27 45.85 8.03
C GLU A 174 70.51 45.21 9.20
N LEU A 175 70.33 43.89 9.16
CA LEU A 175 69.60 43.16 10.21
C LEU A 175 70.43 42.96 11.47
N LEU A 176 71.72 42.67 11.31
CA LEU A 176 72.63 42.59 12.47
C LEU A 176 72.72 43.93 13.20
N ALA A 177 72.68 45.02 12.43
CA ALA A 177 72.74 46.34 13.03
C ALA A 177 71.51 46.53 13.93
N ALA A 178 70.34 46.04 13.48
CA ALA A 178 69.13 46.14 14.27
C ALA A 178 69.20 45.21 15.49
N VAL A 179 69.77 44.02 15.30
CA VAL A 179 70.01 43.12 16.44
C VAL A 179 70.79 43.88 17.52
N ASP A 180 71.89 44.53 17.13
CA ASP A 180 72.75 45.21 18.09
C ASP A 180 71.93 46.26 18.81
N ALA A 181 71.19 47.08 18.06
CA ALA A 181 70.38 48.16 18.67
C ALA A 181 69.33 47.62 19.63
N LEU A 182 68.59 46.59 19.22
CA LEU A 182 67.65 45.89 20.10
C LEU A 182 68.27 45.46 21.42
N ARG A 183 69.52 45.00 21.38
CA ARG A 183 70.24 44.54 22.55
C ARG A 183 71.00 45.62 23.30
N ASP A 184 70.98 46.86 22.85
CA ASP A 184 71.78 47.89 23.54
C ASP A 184 71.02 48.38 24.78
N GLU A 185 71.41 47.85 25.94
CA GLU A 185 70.68 48.10 27.18
C GLU A 185 70.95 49.46 27.78
N SER A 186 71.84 50.23 27.14
CA SER A 186 72.10 51.58 27.59
C SER A 186 71.12 52.57 26.99
N ARG A 187 70.35 52.15 25.99
CA ARG A 187 69.42 53.02 25.28
C ARG A 187 67.96 52.84 25.72
N PRO A 188 67.14 53.89 25.53
CA PRO A 188 65.75 53.75 25.91
C PRO A 188 65.03 52.64 25.13
N ALA A 189 64.10 51.97 25.81
CA ALA A 189 63.26 50.94 25.22
C ALA A 189 62.61 51.30 23.86
N ALA A 190 61.86 52.39 23.83
CA ALA A 190 61.15 52.85 22.63
C ALA A 190 62.12 53.12 21.46
N SER A 191 63.34 53.52 21.79
CA SER A 191 64.38 53.78 20.79
C SER A 191 64.94 52.48 20.26
N ARG A 192 65.38 51.60 21.17
CA ARG A 192 65.85 50.28 20.77
C ARG A 192 64.83 49.66 19.83
N LEU A 193 63.56 49.66 20.23
CA LEU A 193 62.50 49.07 19.42
C LEU A 193 62.33 49.73 18.05
N ALA A 194 62.30 51.08 18.00
CA ALA A 194 62.18 51.80 16.73
C ALA A 194 63.25 51.34 15.71
N ALA A 195 64.44 51.00 16.20
CA ALA A 195 65.53 50.56 15.35
C ALA A 195 65.25 49.24 14.61
N ALA A 196 64.31 48.45 15.13
CA ALA A 196 63.88 47.21 14.46
C ALA A 196 62.69 47.40 13.50
N LEU A 197 62.18 48.61 13.40
CA LEU A 197 60.95 48.86 12.64
C LEU A 197 61.14 49.91 11.56
N THR A 198 62.37 50.09 11.10
CA THR A 198 62.64 51.09 10.06
C THR A 198 62.21 50.59 8.69
N PRO A 199 62.02 51.50 7.72
CA PRO A 199 61.77 51.12 6.33
C PRO A 199 62.75 50.10 5.72
N GLN A 200 64.04 50.23 6.01
CA GLN A 200 65.05 49.34 5.38
C GLN A 200 65.13 47.95 6.04
N VAL A 201 64.78 47.89 7.31
CA VAL A 201 64.58 46.58 7.97
C VAL A 201 63.36 45.90 7.36
N ASP A 202 62.25 46.65 7.24
CA ASP A 202 61.03 46.16 6.59
C ASP A 202 61.23 45.62 5.19
N ALA A 203 62.04 46.32 4.40
CA ALA A 203 62.29 45.94 3.02
C ALA A 203 63.02 44.58 2.95
N VAL A 204 64.00 44.39 3.83
CA VAL A 204 64.77 43.15 3.83
C VAL A 204 63.88 41.97 4.19
N LEU A 205 63.05 42.18 5.21
CA LEU A 205 62.14 41.12 5.70
C LEU A 205 60.99 40.83 4.74
N ALA A 206 60.50 41.84 4.02
CA ALA A 206 59.50 41.58 2.97
C ALA A 206 60.09 40.65 1.88
N ARG A 207 61.34 40.91 1.50
CA ARG A 207 62.02 40.10 0.48
C ARG A 207 62.48 38.73 1.02
N HIS A 208 62.92 38.66 2.29
CA HIS A 208 63.45 37.40 2.84
C HIS A 208 62.89 37.06 4.24
N PRO A 209 61.61 36.69 4.32
CA PRO A 209 61.04 36.58 5.65
C PRO A 209 61.53 35.34 6.38
N LEU A 210 61.52 35.41 7.71
CA LEU A 210 61.68 34.25 8.56
C LEU A 210 60.33 33.50 8.56
N ARG A 211 60.35 32.27 8.01
CA ARG A 211 59.18 31.43 7.86
C ARG A 211 59.31 30.25 8.80
N ASP A 212 58.41 30.14 9.76
CA ASP A 212 58.39 28.96 10.64
C ASP A 212 57.51 27.87 10.07
N LEU A 213 57.94 26.63 10.21
CA LEU A 213 57.08 25.45 10.06
C LEU A 213 56.39 25.38 8.71
N VAL A 214 57.16 25.67 7.67
CA VAL A 214 56.66 25.65 6.31
C VAL A 214 55.91 24.36 5.94
N THR A 215 54.72 24.52 5.41
CA THR A 215 53.83 23.40 5.04
C THR A 215 53.34 23.68 3.66
N SER A 216 53.30 22.62 2.85
CA SER A 216 52.92 22.71 1.44
C SER A 216 51.68 21.93 1.10
N SER A 217 50.90 22.49 0.18
CA SER A 217 49.83 21.71 -0.44
C SER A 217 50.44 20.68 -1.40
N ASP A 218 49.65 19.66 -1.78
CA ASP A 218 50.01 18.85 -2.95
C ASP A 218 49.91 19.72 -4.21
N PRO A 219 50.81 19.51 -5.18
CA PRO A 219 50.75 20.31 -6.39
C PRO A 219 49.48 20.09 -7.25
N LEU A 220 48.98 21.17 -7.87
CA LEU A 220 47.88 21.13 -8.83
C LEU A 220 48.39 21.48 -10.22
N PRO A 221 47.79 20.87 -11.25
CA PRO A 221 48.28 21.05 -12.59
C PRO A 221 47.74 22.26 -13.34
N LEU A 222 48.61 22.87 -14.14
CA LEU A 222 48.22 23.99 -15.00
C LEU A 222 48.72 23.77 -16.43
N LEU A 223 47.79 23.74 -17.38
CA LEU A 223 48.12 23.57 -18.79
C LEU A 223 48.22 24.98 -19.37
N VAL A 224 49.41 25.37 -19.82
CA VAL A 224 49.58 26.69 -20.43
C VAL A 224 49.65 26.51 -21.91
N GLU A 225 48.82 27.27 -22.63
CA GLU A 225 48.67 27.16 -24.07
C GLU A 225 48.97 28.50 -24.74
N ARG A 226 48.96 28.52 -26.07
CA ARG A 226 49.34 29.70 -26.83
C ARG A 226 48.28 30.82 -26.79
N GLU A 227 48.74 32.04 -27.07
CA GLU A 227 47.97 33.28 -26.92
C GLU A 227 46.63 33.20 -27.61
N ARG A 228 46.61 32.73 -28.85
CA ARG A 228 45.39 32.60 -29.65
C ARG A 228 44.29 31.80 -28.97
N ALA A 229 44.66 30.88 -28.09
CA ALA A 229 43.66 30.06 -27.42
C ALA A 229 42.71 31.01 -26.65
N LEU A 230 43.24 32.10 -26.15
CA LEU A 230 42.46 33.09 -25.39
C LEU A 230 42.09 34.32 -26.20
N TYR A 231 43.04 34.82 -26.99
CA TYR A 231 42.87 36.12 -27.67
C TYR A 231 42.94 36.02 -29.20
N GLY A 232 41.94 36.59 -29.88
CA GLY A 232 41.89 36.59 -31.33
C GLY A 232 40.54 37.04 -31.84
N ALA A 233 40.53 37.57 -33.05
CA ALA A 233 39.32 38.01 -33.68
C ALA A 233 39.04 37.08 -34.83
N TRP A 234 37.80 36.60 -34.92
CA TRP A 234 37.39 35.59 -35.90
C TRP A 234 36.38 36.10 -36.92
N TYR A 235 36.56 35.69 -38.17
CA TYR A 235 35.62 36.01 -39.24
C TYR A 235 35.21 34.73 -39.95
N GLU A 236 33.91 34.50 -40.05
CA GLU A 236 33.38 33.36 -40.75
C GLU A 236 32.79 33.76 -42.10
N PHE A 237 33.15 33.02 -43.15
CA PHE A 237 32.55 33.18 -44.48
C PHE A 237 32.59 31.91 -45.30
N PHE A 238 31.70 31.85 -46.30
CA PHE A 238 31.57 30.71 -47.20
C PHE A 238 32.32 30.96 -48.51
N PRO A 239 33.45 30.29 -48.71
CA PRO A 239 34.16 30.46 -49.98
C PRO A 239 33.32 30.34 -51.24
N ARG A 240 32.29 29.51 -51.22
CA ARG A 240 31.50 29.28 -52.44
C ARG A 240 30.66 30.50 -52.85
N SER A 241 30.43 31.39 -51.91
CA SER A 241 29.64 32.59 -52.19
C SER A 241 30.47 33.67 -52.91
N GLU A 242 31.79 33.59 -52.81
CA GLU A 242 32.67 34.55 -53.47
C GLU A 242 33.18 34.05 -54.82
N GLY A 243 32.27 34.05 -55.80
CA GLY A 243 32.56 33.60 -57.15
C GLY A 243 32.48 34.78 -58.11
N THR A 244 32.09 34.51 -59.36
CA THR A 244 32.05 35.51 -60.44
C THR A 244 30.75 35.43 -61.21
N PRO A 245 30.51 36.40 -62.11
CA PRO A 245 29.35 36.29 -62.99
C PRO A 245 29.36 35.01 -63.83
N HIS A 246 30.51 34.66 -64.37
CA HIS A 246 30.61 33.49 -65.22
C HIS A 246 30.53 32.16 -64.43
N THR A 247 31.15 32.13 -63.24
CA THR A 247 31.18 30.92 -62.39
C THR A 247 30.72 31.31 -60.98
N PRO A 248 29.39 31.34 -60.75
CA PRO A 248 28.81 31.78 -59.50
C PRO A 248 29.36 31.04 -58.29
N HIS A 249 29.60 29.73 -58.44
CA HIS A 249 30.12 28.94 -57.31
C HIS A 249 31.60 29.21 -57.16
N GLY A 250 31.95 29.93 -56.10
CA GLY A 250 33.30 30.41 -55.92
C GLY A 250 34.22 29.26 -55.63
N THR A 251 35.50 29.46 -55.90
CA THR A 251 36.53 28.47 -55.67
C THR A 251 37.47 28.99 -54.61
N PHE A 252 38.44 28.17 -54.17
CA PHE A 252 39.44 28.66 -53.22
C PHE A 252 40.28 29.79 -53.84
N ARG A 253 40.45 29.75 -55.16
CA ARG A 253 41.24 30.76 -55.84
C ARG A 253 40.50 32.07 -55.97
N THR A 254 39.20 32.02 -56.24
CA THR A 254 38.41 33.25 -56.19
C THR A 254 38.16 33.68 -54.74
N ALA A 255 37.86 32.76 -53.82
CA ALA A 255 37.57 33.15 -52.44
C ALA A 255 38.76 33.85 -51.74
N ALA A 256 39.98 33.52 -52.17
CA ALA A 256 41.20 34.13 -51.67
C ALA A 256 41.25 35.66 -51.84
N ARG A 257 40.51 36.18 -52.81
CA ARG A 257 40.41 37.65 -53.00
C ARG A 257 39.71 38.40 -51.84
N ARG A 258 38.94 37.69 -51.00
CA ARG A 258 38.25 38.34 -49.87
C ARG A 258 39.17 38.48 -48.69
N LEU A 259 40.23 37.68 -48.66
CA LEU A 259 41.16 37.67 -47.56
C LEU A 259 41.79 39.03 -47.23
N PRO A 260 42.18 39.81 -48.25
CA PRO A 260 42.80 41.09 -47.91
C PRO A 260 41.85 41.97 -47.13
N ALA A 261 40.60 42.00 -47.55
CA ALA A 261 39.58 42.75 -46.86
C ALA A 261 39.37 42.29 -45.43
N ILE A 262 39.42 40.95 -45.23
CA ILE A 262 39.23 40.37 -43.92
C ILE A 262 40.39 40.74 -42.99
N ALA A 263 41.61 40.68 -43.51
CA ALA A 263 42.80 41.07 -42.72
C ALA A 263 42.81 42.57 -42.46
N ALA A 264 42.31 43.38 -43.41
CA ALA A 264 42.22 44.82 -43.23
C ALA A 264 41.19 45.28 -42.20
N MET A 265 40.26 44.40 -41.86
CA MET A 265 39.32 44.64 -40.78
C MET A 265 39.89 44.26 -39.40
N GLY A 266 41.14 43.79 -39.36
CA GLY A 266 41.80 43.44 -38.11
C GLY A 266 41.57 42.02 -37.56
N PHE A 267 41.16 41.08 -38.39
CA PHE A 267 40.90 39.73 -37.91
C PHE A 267 42.15 38.90 -37.97
N ASP A 268 42.14 37.82 -37.16
CA ASP A 268 43.29 36.93 -37.01
C ASP A 268 43.01 35.52 -37.49
N VAL A 269 41.73 35.12 -37.40
CA VAL A 269 41.27 33.78 -37.75
C VAL A 269 40.11 33.82 -38.75
N VAL A 270 40.21 32.98 -39.76
CA VAL A 270 39.14 32.77 -40.73
C VAL A 270 38.54 31.39 -40.49
N TYR A 271 37.27 31.34 -40.12
CA TYR A 271 36.57 30.08 -39.91
C TYR A 271 35.74 29.75 -41.17
N LEU A 272 36.06 28.62 -41.79
CA LEU A 272 35.33 28.15 -42.99
C LEU A 272 34.36 27.04 -42.61
N PRO A 273 33.10 27.14 -43.06
CA PRO A 273 32.25 25.98 -43.00
C PRO A 273 32.88 24.81 -43.78
N PRO A 274 32.36 23.59 -43.61
CA PRO A 274 32.88 22.41 -44.26
C PRO A 274 33.20 22.62 -45.76
N ILE A 275 34.44 22.25 -46.13
CA ILE A 275 35.01 22.38 -47.47
C ILE A 275 35.02 21.06 -48.28
N HIS A 276 34.19 20.10 -47.88
CA HIS A 276 34.23 18.75 -48.45
C HIS A 276 33.12 18.56 -49.48
N PRO A 277 33.12 17.42 -50.22
CA PRO A 277 31.98 17.20 -51.10
C PRO A 277 30.68 17.14 -50.30
N ILE A 278 29.55 17.42 -50.93
CA ILE A 278 28.26 17.50 -50.27
C ILE A 278 27.30 16.48 -50.89
N GLY A 279 26.62 15.71 -50.06
CA GLY A 279 25.72 14.70 -50.57
C GLY A 279 24.57 15.20 -51.43
N THR A 280 24.03 14.27 -52.22
CA THR A 280 22.87 14.54 -53.07
C THR A 280 21.56 13.96 -52.48
N THR A 281 21.62 12.81 -51.78
CA THR A 281 20.42 12.21 -51.18
C THR A 281 19.87 13.04 -50.02
N HIS A 282 18.57 13.37 -50.08
CA HIS A 282 17.89 14.27 -49.12
C HIS A 282 18.57 15.65 -48.98
N ARG A 283 19.23 16.08 -50.05
CA ARG A 283 19.82 17.40 -50.05
C ARG A 283 18.75 18.44 -49.83
N LYS A 284 19.06 19.45 -49.03
CA LYS A 284 18.11 20.52 -48.74
C LYS A 284 18.20 21.63 -49.81
N GLY A 285 17.05 22.23 -50.09
CA GLY A 285 16.98 23.36 -51.00
C GLY A 285 17.07 24.67 -50.25
N ARG A 286 16.78 25.75 -50.97
CA ARG A 286 16.89 27.09 -50.43
C ARG A 286 15.99 27.24 -49.23
N ASN A 287 16.40 28.07 -48.28
CA ASN A 287 15.57 28.35 -47.11
C ASN A 287 15.12 27.10 -46.36
N ASN A 288 16.01 26.12 -46.25
CA ASN A 288 15.73 24.89 -45.50
C ASN A 288 14.53 24.07 -46.00
N THR A 289 14.29 24.10 -47.30
CA THR A 289 13.23 23.30 -47.86
C THR A 289 13.77 21.89 -48.01
N LEU A 290 12.83 20.96 -48.07
CA LEU A 290 13.15 19.53 -47.93
C LEU A 290 13.81 18.96 -49.19
N SER A 291 13.28 19.31 -50.35
CA SER A 291 13.77 18.83 -51.63
C SER A 291 14.49 19.92 -52.41
N ALA A 292 15.79 19.70 -52.65
CA ALA A 292 16.57 20.51 -53.56
C ALA A 292 16.07 20.41 -55.00
N THR A 293 16.17 21.51 -55.73
CA THR A 293 15.94 21.45 -57.18
C THR A 293 17.30 21.30 -57.85
N GLY A 294 17.29 21.20 -59.17
CA GLY A 294 18.45 20.75 -59.92
C GLY A 294 19.78 21.47 -59.70
N ASP A 295 19.75 22.77 -59.46
CA ASP A 295 21.00 23.51 -59.29
C ASP A 295 21.37 23.78 -57.84
N ASP A 296 20.47 23.50 -56.93
CA ASP A 296 20.69 23.84 -55.52
C ASP A 296 21.99 23.25 -55.03
N VAL A 297 22.77 24.02 -54.27
CA VAL A 297 24.11 23.59 -53.85
C VAL A 297 24.13 22.78 -52.55
N GLY A 298 23.05 22.87 -51.76
CA GLY A 298 22.95 22.10 -50.51
C GLY A 298 23.80 22.70 -49.40
N VAL A 299 23.81 22.03 -48.27
CA VAL A 299 24.40 22.49 -47.03
C VAL A 299 25.78 21.85 -46.84
N PRO A 300 26.81 22.67 -46.55
CA PRO A 300 28.18 22.15 -46.39
C PRO A 300 28.35 21.09 -45.31
N TRP A 301 27.52 21.18 -44.29
CA TRP A 301 27.50 20.20 -43.18
C TRP A 301 26.95 18.81 -43.55
N ALA A 302 26.32 18.69 -44.71
CA ALA A 302 25.93 17.39 -45.25
C ALA A 302 27.13 16.79 -46.02
N ILE A 303 28.09 16.29 -45.24
CA ILE A 303 29.41 15.98 -45.76
C ILE A 303 29.43 14.61 -46.44
N GLY A 304 29.93 14.59 -47.68
CA GLY A 304 30.38 13.33 -48.30
C GLY A 304 29.54 12.86 -49.47
N SER A 305 30.23 12.28 -50.44
CA SER A 305 29.64 11.75 -51.65
C SER A 305 30.64 10.79 -52.25
N PRO A 306 30.31 10.17 -53.40
CA PRO A 306 31.30 9.31 -54.06
C PRO A 306 32.62 10.01 -54.37
N GLU A 307 32.58 11.33 -54.46
CA GLU A 307 33.78 12.11 -54.74
C GLU A 307 34.77 12.19 -53.56
N GLY A 308 34.32 11.83 -52.36
CA GLY A 308 35.18 11.93 -51.18
C GLY A 308 34.43 12.31 -49.93
N GLY A 309 35.13 12.24 -48.80
CA GLY A 309 34.55 12.54 -47.50
C GLY A 309 35.27 13.69 -46.81
N HIS A 310 35.55 13.47 -45.52
CA HIS A 310 36.16 14.46 -44.65
C HIS A 310 37.62 14.72 -44.93
N ASP A 311 38.29 13.85 -45.69
CA ASP A 311 39.68 14.15 -46.09
C ASP A 311 39.75 14.72 -47.51
N SER A 312 38.60 15.10 -48.10
CA SER A 312 38.54 15.59 -49.49
C SER A 312 38.01 17.02 -49.61
N ILE A 313 38.24 17.58 -50.79
CA ILE A 313 37.83 18.95 -51.13
C ILE A 313 36.65 18.88 -52.10
N HIS A 314 35.62 19.68 -51.88
CA HIS A 314 34.51 19.78 -52.80
C HIS A 314 35.09 20.12 -54.17
N PRO A 315 34.78 19.34 -55.21
CA PRO A 315 35.41 19.62 -56.52
C PRO A 315 35.17 21.05 -57.06
N ALA A 316 34.04 21.67 -56.71
CA ALA A 316 33.74 23.04 -57.17
C ALA A 316 34.59 24.10 -56.45
N LEU A 317 35.25 23.72 -55.36
CA LEU A 317 36.15 24.66 -54.69
C LEU A 317 37.55 24.50 -55.25
N GLY A 318 37.76 23.40 -55.98
CA GLY A 318 39.06 23.11 -56.58
C GLY A 318 39.67 21.87 -55.94
N THR A 319 41.01 21.87 -55.90
CA THR A 319 41.82 20.75 -55.43
C THR A 319 42.54 21.10 -54.13
N LEU A 320 43.21 20.09 -53.58
CA LEU A 320 44.04 20.27 -52.40
C LEU A 320 45.16 21.30 -52.60
N ASP A 321 45.62 21.45 -53.84
CA ASP A 321 46.64 22.45 -54.14
C ASP A 321 46.07 23.86 -54.08
N ASP A 322 44.82 24.01 -54.49
CA ASP A 322 44.15 25.30 -54.45
C ASP A 322 43.96 25.68 -52.98
N PHE A 323 43.58 24.69 -52.17
CA PHE A 323 43.46 24.90 -50.74
C PHE A 323 44.79 25.33 -50.12
N ASP A 324 45.88 24.62 -50.43
CA ASP A 324 47.19 25.07 -49.96
C ASP A 324 47.46 26.56 -50.33
N HIS A 325 47.06 26.96 -51.55
CA HIS A 325 47.26 28.34 -52.00
C HIS A 325 46.47 29.30 -51.10
N PHE A 326 45.21 28.96 -50.86
CA PHE A 326 44.35 29.71 -49.96
C PHE A 326 44.99 29.88 -48.58
N VAL A 327 45.51 28.79 -48.01
CA VAL A 327 46.09 28.82 -46.67
C VAL A 327 47.40 29.64 -46.64
N THR A 328 48.21 29.51 -47.70
CA THR A 328 49.46 30.26 -47.83
C THR A 328 49.15 31.73 -47.91
N GLU A 329 48.15 32.09 -48.70
CA GLU A 329 47.81 33.47 -48.90
C GLU A 329 47.28 34.04 -47.59
N ALA A 330 46.45 33.28 -46.89
CA ALA A 330 45.97 33.63 -45.54
C ALA A 330 47.14 33.96 -44.62
N GLY A 331 48.06 33.01 -44.50
CA GLY A 331 49.24 33.18 -43.63
C GLY A 331 50.06 34.44 -43.88
N LYS A 332 50.20 34.81 -45.16
CA LYS A 332 50.92 36.03 -45.48
C LYS A 332 50.20 37.27 -44.98
N LEU A 333 48.88 37.17 -44.80
CA LEU A 333 48.07 38.29 -44.33
C LEU A 333 47.92 38.29 -42.81
N GLY A 334 48.60 37.36 -42.13
CA GLY A 334 48.44 37.20 -40.67
C GLY A 334 47.16 36.48 -40.31
N LEU A 335 46.59 35.71 -41.24
CA LEU A 335 45.37 34.98 -40.98
C LEU A 335 45.63 33.48 -40.82
N GLU A 336 45.17 32.93 -39.70
CA GLU A 336 45.16 31.47 -39.52
C GLU A 336 43.82 30.96 -39.96
N ILE A 337 43.79 29.73 -40.49
CA ILE A 337 42.54 29.09 -40.85
C ILE A 337 42.04 28.18 -39.73
N ALA A 338 40.73 28.26 -39.47
CA ALA A 338 40.04 27.27 -38.64
C ALA A 338 39.11 26.50 -39.55
N LEU A 339 39.34 25.20 -39.69
CA LEU A 339 38.38 24.36 -40.41
C LEU A 339 37.26 23.86 -39.49
N ASP A 340 36.06 23.80 -40.05
CA ASP A 340 34.94 23.14 -39.41
C ASP A 340 35.16 21.61 -39.40
N PHE A 341 34.89 20.98 -38.26
CA PHE A 341 34.96 19.48 -38.16
C PHE A 341 33.62 19.00 -37.63
N ALA A 342 32.84 18.41 -38.53
CA ALA A 342 31.53 17.91 -38.24
C ALA A 342 31.60 16.38 -38.41
N LEU A 343 31.65 15.67 -37.29
CA LEU A 343 31.63 14.22 -37.25
C LEU A 343 30.21 13.70 -37.50
N GLN A 344 29.87 13.65 -38.78
CA GLN A 344 28.55 13.27 -39.26
C GLN A 344 28.71 13.06 -40.76
N CYS A 345 27.71 12.45 -41.41
CA CYS A 345 27.81 12.04 -42.82
C CYS A 345 26.53 12.33 -43.56
N SER A 346 26.67 12.67 -44.82
CA SER A 346 25.52 12.57 -45.73
C SER A 346 25.28 11.09 -45.94
N PRO A 347 24.08 10.73 -46.44
CA PRO A 347 23.84 9.31 -46.81
C PRO A 347 24.73 8.77 -47.93
N ASP A 348 25.42 9.64 -48.67
CA ASP A 348 26.26 9.23 -49.77
C ASP A 348 27.73 9.20 -49.36
N HIS A 349 28.00 9.44 -48.08
CA HIS A 349 29.39 9.37 -47.60
C HIS A 349 29.88 7.93 -47.72
N PRO A 350 31.14 7.71 -48.12
CA PRO A 350 31.64 6.34 -48.25
C PRO A 350 31.61 5.52 -46.96
N TRP A 351 31.64 6.20 -45.83
CA TRP A 351 31.55 5.52 -44.54
C TRP A 351 30.26 4.76 -44.38
N VAL A 352 29.19 5.22 -45.00
CA VAL A 352 27.91 4.53 -44.88
C VAL A 352 28.04 3.05 -45.33
N HIS A 353 28.78 2.79 -46.40
CA HIS A 353 28.91 1.40 -46.85
C HIS A 353 30.20 0.78 -46.35
N LYS A 354 31.24 1.59 -46.16
CA LYS A 354 32.54 1.06 -45.71
C LYS A 354 32.60 0.73 -44.22
N HIS A 355 31.83 1.46 -43.40
CA HIS A 355 31.80 1.25 -41.97
C HIS A 355 30.37 1.39 -41.46
N PRO A 356 29.51 0.44 -41.81
CA PRO A 356 28.12 0.58 -41.40
C PRO A 356 27.96 0.55 -39.90
N GLU A 357 28.86 -0.12 -39.19
CA GLU A 357 28.78 -0.18 -37.74
C GLU A 357 29.16 1.15 -37.07
N TRP A 358 29.48 2.16 -37.87
CA TRP A 358 29.62 3.55 -37.35
C TRP A 358 28.25 4.26 -37.34
N PHE A 359 27.17 3.51 -37.58
CA PHE A 359 25.82 4.09 -37.57
C PHE A 359 24.87 3.17 -36.83
N HIS A 360 23.82 3.71 -36.24
CA HIS A 360 22.80 2.88 -35.64
C HIS A 360 21.78 2.62 -36.71
N HIS A 361 21.55 1.35 -37.00
CA HIS A 361 20.52 0.93 -37.93
C HIS A 361 19.28 0.44 -37.22
N ARG A 362 18.12 0.87 -37.69
CA ARG A 362 16.86 0.44 -37.11
C ARG A 362 16.61 -0.98 -37.64
N PRO A 363 15.55 -1.67 -37.15
CA PRO A 363 15.41 -3.07 -37.59
C PRO A 363 15.24 -3.31 -39.09
N ASP A 364 14.78 -2.31 -39.85
CA ASP A 364 14.61 -2.46 -41.29
C ASP A 364 15.88 -2.07 -42.01
N GLY A 365 16.94 -1.78 -41.28
CA GLY A 365 18.22 -1.45 -41.88
C GLY A 365 18.48 0.02 -42.06
N THR A 366 17.43 0.84 -42.05
CA THR A 366 17.57 2.29 -42.24
C THR A 366 18.28 2.96 -41.07
N ILE A 367 18.85 4.13 -41.34
CA ILE A 367 19.51 4.95 -40.34
C ILE A 367 18.72 6.23 -40.19
N ALA A 368 18.21 6.48 -38.98
CA ALA A 368 17.43 7.70 -38.73
C ALA A 368 18.33 8.92 -38.95
N HIS A 369 17.77 9.94 -39.59
CA HIS A 369 18.51 11.17 -39.80
C HIS A 369 18.76 11.89 -38.46
N ALA A 370 19.86 12.63 -38.38
CA ALA A 370 20.21 13.39 -37.19
C ALA A 370 19.19 14.47 -36.86
N GLU A 371 19.17 14.85 -35.58
CA GLU A 371 18.19 15.81 -35.02
C GLU A 371 18.73 16.60 -33.84
N ASN A 372 18.12 17.76 -33.58
CA ASN A 372 18.36 18.57 -32.35
C ASN A 372 17.06 19.30 -32.01
N PRO A 373 16.05 18.56 -31.53
CA PRO A 373 14.66 19.01 -31.65
C PRO A 373 14.40 20.42 -31.08
N PRO A 374 13.50 21.18 -31.71
CA PRO A 374 12.62 20.80 -32.82
C PRO A 374 13.29 20.87 -34.19
N LYS A 375 14.62 21.04 -34.22
CA LYS A 375 15.36 21.05 -35.49
C LYS A 375 15.66 19.62 -36.01
N LYS A 376 15.46 19.42 -37.31
CA LYS A 376 15.69 18.16 -37.97
C LYS A 376 16.73 18.35 -39.06
N TYR A 377 17.65 17.40 -39.15
CA TYR A 377 18.69 17.42 -40.17
C TYR A 377 18.51 16.20 -41.09
N GLN A 378 17.53 16.29 -41.97
CA GLN A 378 17.13 15.16 -42.82
C GLN A 378 18.21 14.79 -43.81
N ASP A 379 19.16 15.70 -44.01
CA ASP A 379 20.23 15.54 -44.98
C ASP A 379 21.49 14.84 -44.47
N ILE A 380 21.51 14.45 -43.18
CA ILE A 380 22.64 13.77 -42.60
C ILE A 380 22.24 12.62 -41.65
N TYR A 381 23.22 11.77 -41.41
CA TYR A 381 23.17 10.72 -40.41
C TYR A 381 24.14 11.06 -39.30
N PRO A 382 23.74 10.84 -38.04
CA PRO A 382 24.64 10.92 -36.92
C PRO A 382 25.45 9.62 -36.75
N ILE A 383 26.63 9.73 -36.16
CA ILE A 383 27.55 8.63 -35.94
C ILE A 383 27.15 7.86 -34.68
N ALA A 384 27.41 6.53 -34.67
CA ALA A 384 27.23 5.65 -33.50
C ALA A 384 28.61 5.23 -33.03
N PHE A 385 28.86 5.30 -31.72
CA PHE A 385 30.23 5.22 -31.17
C PHE A 385 30.55 3.95 -30.40
N ASP A 386 29.54 3.12 -30.17
CA ASP A 386 29.65 2.01 -29.25
C ASP A 386 29.92 0.64 -29.87
N ALA A 387 30.04 0.57 -31.19
CA ALA A 387 30.39 -0.70 -31.80
C ALA A 387 31.84 -0.70 -32.19
N ASP A 388 32.40 0.46 -32.58
CA ASP A 388 33.79 0.53 -33.01
C ASP A 388 34.46 1.86 -32.57
N PRO A 389 34.63 2.04 -31.26
CA PRO A 389 35.14 3.28 -30.75
C PRO A 389 36.59 3.49 -31.15
N ASP A 390 37.37 2.41 -31.20
CA ASP A 390 38.77 2.51 -31.58
C ASP A 390 38.93 2.91 -33.07
N GLY A 391 38.08 2.34 -33.91
CA GLY A 391 38.11 2.67 -35.32
C GLY A 391 37.73 4.13 -35.56
N LEU A 392 36.66 4.57 -34.92
CA LEU A 392 36.27 5.94 -35.03
C LEU A 392 37.36 6.94 -34.55
N ALA A 393 38.06 6.58 -33.47
CA ALA A 393 39.08 7.45 -32.89
C ALA A 393 40.27 7.56 -33.85
N THR A 394 40.69 6.40 -34.36
CA THR A 394 41.83 6.32 -35.27
C THR A 394 41.56 7.16 -36.52
N GLU A 395 40.39 7.01 -37.10
CA GLU A 395 40.07 7.72 -38.32
C GLU A 395 39.99 9.25 -38.06
N THR A 396 39.33 9.61 -36.97
CA THR A 396 39.20 11.01 -36.60
C THR A 396 40.56 11.69 -36.50
N VAL A 397 41.50 11.08 -35.78
CA VAL A 397 42.80 11.73 -35.63
C VAL A 397 43.57 11.73 -36.95
N ARG A 398 43.39 10.70 -37.79
CA ARG A 398 44.01 10.69 -39.11
C ARG A 398 43.51 11.88 -39.93
N ILE A 399 42.20 12.08 -39.93
CA ILE A 399 41.61 13.20 -40.63
C ILE A 399 42.16 14.55 -40.11
N LEU A 400 42.18 14.74 -38.80
CA LEU A 400 42.69 15.99 -38.24
C LEU A 400 44.16 16.17 -38.61
N ARG A 401 44.94 15.11 -38.51
CA ARG A 401 46.36 15.16 -38.89
C ARG A 401 46.61 15.51 -40.37
N HIS A 402 45.76 15.01 -41.25
CA HIS A 402 45.81 15.39 -42.65
C HIS A 402 45.70 16.90 -42.81
N TRP A 403 44.67 17.50 -42.22
CA TRP A 403 44.51 18.94 -42.36
C TRP A 403 45.62 19.71 -41.64
N MET A 404 46.05 19.18 -40.50
CA MET A 404 47.23 19.71 -39.79
C MET A 404 48.48 19.75 -40.68
N ASP A 405 48.67 18.71 -41.47
CA ASP A 405 49.83 18.67 -42.39
C ASP A 405 49.73 19.69 -43.48
N HIS A 406 48.53 20.25 -43.67
CA HIS A 406 48.30 21.31 -44.64
C HIS A 406 48.10 22.70 -43.99
N GLY A 407 48.57 22.85 -42.74
CA GLY A 407 48.60 24.16 -42.06
C GLY A 407 47.36 24.59 -41.27
N VAL A 408 46.40 23.70 -41.08
CA VAL A 408 45.27 24.04 -40.25
C VAL A 408 45.58 23.61 -38.83
N ARG A 409 45.67 24.58 -37.94
CA ARG A 409 46.06 24.35 -36.56
C ARG A 409 44.95 24.72 -35.62
N ILE A 410 43.76 24.94 -36.15
CA ILE A 410 42.59 25.32 -35.36
C ILE A 410 41.37 24.62 -35.96
N PHE A 411 40.62 23.91 -35.13
CA PHE A 411 39.39 23.26 -35.58
C PHE A 411 38.20 23.79 -34.80
N ARG A 412 37.16 24.13 -35.54
CA ARG A 412 35.87 24.49 -34.98
C ARG A 412 35.04 23.21 -35.03
N VAL A 413 34.76 22.64 -33.86
CA VAL A 413 34.06 21.39 -33.76
C VAL A 413 32.55 21.59 -33.69
N ASP A 414 31.89 21.02 -34.69
CA ASP A 414 30.46 21.17 -34.82
C ASP A 414 29.76 20.30 -33.75
N ASN A 415 28.75 20.90 -33.09
CA ASN A 415 27.88 20.20 -32.13
C ASN A 415 28.54 19.06 -31.34
N PRO A 416 29.67 19.35 -30.69
CA PRO A 416 30.41 18.28 -29.97
C PRO A 416 29.59 17.51 -28.93
N HIS A 417 28.58 18.16 -28.38
CA HIS A 417 27.73 17.59 -27.34
C HIS A 417 26.76 16.50 -27.82
N THR A 418 26.77 16.18 -29.12
CA THR A 418 26.01 15.03 -29.64
C THR A 418 26.93 13.85 -29.94
N LYS A 419 28.19 13.93 -29.51
CA LYS A 419 29.13 12.81 -29.56
C LYS A 419 29.64 12.63 -28.11
N PRO A 420 30.15 11.43 -27.77
CA PRO A 420 30.53 11.21 -26.37
C PRO A 420 31.62 12.17 -25.85
N VAL A 421 31.43 12.63 -24.62
CA VAL A 421 32.39 13.47 -23.96
C VAL A 421 33.80 12.84 -23.92
N ALA A 422 33.88 11.55 -23.54
CA ALA A 422 35.14 10.81 -23.44
C ALA A 422 35.78 10.60 -24.79
N PHE A 423 34.98 10.62 -25.84
CA PHE A 423 35.54 10.56 -27.19
C PHE A 423 36.35 11.82 -27.48
N TRP A 424 35.77 12.99 -27.20
CA TRP A 424 36.49 14.26 -27.39
C TRP A 424 37.69 14.29 -26.47
N GLU A 425 37.55 13.88 -25.22
CA GLU A 425 38.73 13.82 -24.32
C GLU A 425 39.90 13.03 -24.96
N ARG A 426 39.60 11.86 -25.53
CA ARG A 426 40.63 10.99 -26.07
C ARG A 426 41.24 11.60 -27.34
N VAL A 427 40.40 12.07 -28.24
CA VAL A 427 40.87 12.71 -29.49
C VAL A 427 41.81 13.90 -29.24
N ILE A 428 41.37 14.80 -28.37
CA ILE A 428 42.10 16.03 -28.11
C ILE A 428 43.41 15.71 -27.45
N ALA A 429 43.37 14.73 -26.54
CA ALA A 429 44.56 14.31 -25.83
C ALA A 429 45.52 13.67 -26.81
N ASP A 430 45.00 12.86 -27.72
CA ASP A 430 45.85 12.29 -28.76
C ASP A 430 46.50 13.38 -29.64
N ILE A 431 45.68 14.32 -30.13
CA ILE A 431 46.16 15.37 -31.04
C ILE A 431 47.09 16.36 -30.35
N ASN A 432 46.73 16.86 -29.17
CA ASN A 432 47.64 17.72 -28.42
C ASN A 432 48.89 16.99 -27.87
N GLY A 433 48.86 15.67 -27.80
CA GLY A 433 50.06 14.92 -27.38
C GLY A 433 51.24 15.10 -28.33
N THR A 434 50.98 15.10 -29.63
CA THR A 434 52.03 15.32 -30.64
C THR A 434 52.07 16.81 -31.04
N ASP A 435 50.90 17.49 -31.01
CA ASP A 435 50.80 18.84 -31.52
C ASP A 435 50.07 19.77 -30.55
N PRO A 436 50.77 20.23 -29.50
CA PRO A 436 50.06 20.99 -28.46
C PRO A 436 49.52 22.39 -28.88
N ASP A 437 49.98 22.91 -30.01
CA ASP A 437 49.48 24.19 -30.48
C ASP A 437 48.05 24.10 -31.03
N VAL A 438 47.57 22.92 -31.41
CA VAL A 438 46.28 22.85 -32.05
C VAL A 438 45.17 23.26 -31.09
N ILE A 439 44.24 24.06 -31.59
CA ILE A 439 43.18 24.67 -30.80
C ILE A 439 41.86 24.15 -31.28
N PHE A 440 41.03 23.70 -30.36
CA PHE A 440 39.69 23.21 -30.63
C PHE A 440 38.66 24.14 -29.99
N LEU A 441 37.66 24.51 -30.79
CA LEU A 441 36.54 25.35 -30.36
C LEU A 441 35.25 24.54 -30.39
N ALA A 442 34.58 24.47 -29.25
CA ALA A 442 33.39 23.67 -29.05
C ALA A 442 32.13 24.46 -29.33
N GLU A 443 31.42 24.12 -30.40
CA GLU A 443 30.15 24.76 -30.63
C GLU A 443 29.07 23.97 -29.92
N ALA A 444 28.97 24.16 -28.60
CA ALA A 444 27.95 23.50 -27.79
C ALA A 444 27.03 24.53 -27.19
N PHE A 445 25.92 24.77 -27.88
CA PHE A 445 24.83 25.59 -27.34
C PHE A 445 23.89 24.62 -26.66
N THR A 446 24.13 24.37 -25.39
CA THR A 446 23.45 23.30 -24.65
C THR A 446 23.41 23.72 -23.19
N ARG A 447 23.09 22.78 -22.31
CA ARG A 447 22.99 23.04 -20.88
C ARG A 447 24.39 23.28 -20.26
N PRO A 448 24.45 23.95 -19.12
CA PRO A 448 25.76 24.33 -18.55
C PRO A 448 26.72 23.17 -18.21
N ALA A 449 26.17 22.04 -17.76
CA ALA A 449 27.01 20.96 -17.26
C ALA A 449 27.87 20.44 -18.40
N MET A 450 27.22 20.18 -19.53
CA MET A 450 27.90 19.69 -20.71
C MET A 450 28.87 20.73 -21.24
N MET A 451 28.41 21.97 -21.30
CA MET A 451 29.26 23.11 -21.75
C MET A 451 30.55 23.20 -20.94
N ALA A 452 30.41 23.14 -19.63
CA ALA A 452 31.57 23.15 -18.75
C ALA A 452 32.44 21.90 -18.94
N THR A 453 31.80 20.73 -18.99
CA THR A 453 32.56 19.49 -19.01
C THR A 453 33.40 19.42 -20.26
N LEU A 454 32.82 19.87 -21.38
CA LEU A 454 33.56 19.87 -22.64
C LEU A 454 34.84 20.69 -22.55
N ALA A 455 34.77 21.83 -21.90
CA ALA A 455 35.95 22.71 -21.74
C ALA A 455 36.95 22.04 -20.81
N GLN A 456 36.44 21.43 -19.76
CA GLN A 456 37.27 20.80 -18.75
C GLN A 456 37.99 19.55 -19.27
N ILE A 457 37.41 18.83 -20.22
CA ILE A 457 38.09 17.69 -20.79
C ILE A 457 39.05 18.02 -21.92
N GLY A 458 39.05 19.28 -22.35
CA GLY A 458 40.17 19.79 -23.17
C GLY A 458 39.92 20.80 -24.29
N PHE A 459 38.68 21.21 -24.54
CA PHE A 459 38.42 22.21 -25.57
C PHE A 459 38.97 23.53 -25.13
N GLN A 460 39.78 24.11 -26.00
CA GLN A 460 40.50 25.35 -25.68
C GLN A 460 39.56 26.53 -25.62
N GLN A 461 38.51 26.45 -26.43
CA GLN A 461 37.54 27.53 -26.52
C GLN A 461 36.15 26.96 -26.53
N SER A 462 35.22 27.77 -26.10
CA SER A 462 33.81 27.43 -26.17
C SER A 462 32.99 28.58 -26.74
N TYR A 463 32.00 28.21 -27.55
CA TYR A 463 30.91 29.13 -27.81
C TYR A 463 30.10 29.27 -26.52
N THR A 464 29.31 30.34 -26.43
CA THR A 464 28.71 30.80 -25.16
C THR A 464 27.28 31.18 -25.40
N TYR A 465 26.63 31.67 -24.35
CA TYR A 465 25.26 32.21 -24.42
C TYR A 465 25.18 33.68 -24.84
N PHE A 466 26.29 34.25 -25.30
CA PHE A 466 26.40 35.70 -25.53
C PHE A 466 25.23 36.30 -26.29
N THR A 467 24.81 35.62 -27.37
CA THR A 467 23.83 36.16 -28.29
C THR A 467 22.48 36.24 -27.62
N TRP A 468 22.30 35.49 -26.54
CA TRP A 468 21.06 35.53 -25.76
C TRP A 468 21.24 36.32 -24.45
N ARG A 469 22.30 37.15 -24.41
CA ARG A 469 22.48 38.11 -23.30
C ARG A 469 22.55 39.54 -23.83
N ASN A 470 21.44 40.26 -23.71
CA ASN A 470 21.25 41.56 -24.35
C ASN A 470 20.95 42.74 -23.42
N THR A 471 20.35 42.48 -22.25
CA THR A 471 20.09 43.53 -21.26
C THR A 471 21.31 43.70 -20.34
N LYS A 472 21.35 44.82 -19.64
CA LYS A 472 22.40 45.10 -18.70
C LYS A 472 22.52 44.03 -17.63
N GLN A 473 21.39 43.55 -17.13
CA GLN A 473 21.39 42.51 -16.07
C GLN A 473 21.89 41.18 -16.61
N GLU A 474 21.43 40.81 -17.81
CA GLU A 474 21.91 39.60 -18.49
C GLU A 474 23.40 39.69 -18.74
N LEU A 475 23.84 40.80 -19.32
CA LEU A 475 25.26 40.98 -19.67
C LEU A 475 26.16 40.96 -18.43
N THR A 476 25.74 41.66 -17.39
CA THR A 476 26.51 41.77 -16.18
C THR A 476 26.62 40.40 -15.48
N GLU A 477 25.49 39.73 -15.33
CA GLU A 477 25.47 38.40 -14.71
C GLU A 477 26.31 37.38 -15.48
N TYR A 478 26.16 37.34 -16.81
CA TYR A 478 26.86 36.32 -17.58
C TYR A 478 28.36 36.55 -17.59
N LEU A 479 28.79 37.79 -17.78
CA LEU A 479 30.23 38.10 -17.83
C LEU A 479 30.89 37.97 -16.46
N THR A 480 30.13 38.25 -15.38
CA THR A 480 30.60 37.97 -14.03
C THR A 480 30.94 36.48 -13.90
N GLU A 481 30.02 35.63 -14.36
CA GLU A 481 30.25 34.18 -14.37
C GLU A 481 31.46 33.84 -15.23
N LEU A 482 31.48 34.34 -16.47
CA LEU A 482 32.55 33.92 -17.40
C LEU A 482 33.93 34.37 -16.95
N SER A 483 34.00 35.50 -16.26
CA SER A 483 35.29 36.08 -15.89
C SER A 483 35.74 35.65 -14.49
N GLY A 484 34.94 34.84 -13.82
CA GLY A 484 35.25 34.40 -12.47
C GLY A 484 35.93 33.04 -12.47
N GLU A 485 35.39 32.13 -11.67
CA GLU A 485 35.95 30.80 -11.54
C GLU A 485 35.88 29.98 -12.83
N ALA A 486 34.89 30.23 -13.70
CA ALA A 486 34.80 29.52 -14.99
C ALA A 486 36.01 29.77 -15.93
N ALA A 487 36.70 30.88 -15.73
CA ALA A 487 37.89 31.18 -16.53
C ALA A 487 39.09 30.27 -16.23
N SER A 488 39.00 29.40 -15.21
CA SER A 488 40.07 28.46 -15.02
C SER A 488 39.94 27.22 -15.95
N TYR A 489 38.82 27.08 -16.66
CA TYR A 489 38.69 25.97 -17.60
C TYR A 489 38.06 26.31 -18.95
N MET A 490 37.42 27.46 -19.07
CA MET A 490 36.71 27.83 -20.29
C MET A 490 37.23 29.14 -20.84
N ARG A 491 37.48 29.18 -22.15
CA ARG A 491 37.85 30.42 -22.86
C ARG A 491 36.76 30.77 -23.90
N PRO A 492 36.01 31.88 -23.70
CA PRO A 492 34.84 32.15 -24.51
C PRO A 492 35.14 32.79 -25.87
N ASN A 493 34.30 32.44 -26.85
CA ASN A 493 34.38 33.02 -28.18
C ASN A 493 33.02 33.67 -28.43
N PHE A 494 33.02 35.01 -28.38
CA PHE A 494 31.80 35.77 -28.55
C PHE A 494 31.57 36.10 -30.04
N PHE A 495 30.86 35.22 -30.73
CA PHE A 495 30.38 35.53 -32.06
C PHE A 495 29.09 36.34 -31.89
N ALA A 496 29.05 37.57 -32.44
CA ALA A 496 27.89 38.42 -32.29
C ALA A 496 26.75 37.86 -33.12
N ASN A 497 27.10 37.14 -34.19
CA ASN A 497 26.13 36.36 -34.95
C ASN A 497 26.75 35.09 -35.52
N THR A 498 25.90 34.15 -35.92
CA THR A 498 26.35 32.99 -36.72
C THR A 498 25.31 32.78 -37.79
N PRO A 499 25.58 31.93 -38.78
CA PRO A 499 24.57 31.53 -39.77
C PRO A 499 23.28 30.99 -39.18
N ASP A 500 23.34 30.50 -37.95
CA ASP A 500 22.19 29.89 -37.28
C ASP A 500 21.57 30.81 -36.24
N ILE A 501 22.20 31.96 -35.98
CA ILE A 501 21.70 32.87 -34.90
C ILE A 501 21.64 34.34 -35.35
N LEU A 502 20.45 34.78 -35.72
CA LEU A 502 20.17 36.21 -35.93
C LEU A 502 19.21 36.64 -34.84
N HIS A 503 19.70 37.29 -33.80
CA HIS A 503 18.87 37.56 -32.61
C HIS A 503 17.86 38.70 -32.85
N ALA A 504 16.72 38.61 -32.15
CA ALA A 504 15.62 39.59 -32.26
C ALA A 504 16.12 40.99 -32.01
N TYR A 505 17.12 41.09 -31.16
CA TYR A 505 17.72 42.36 -30.83
C TYR A 505 18.27 43.02 -32.08
N LEU A 506 18.93 42.25 -32.94
CA LEU A 506 19.45 42.81 -34.18
C LEU A 506 18.33 42.97 -35.16
N GLN A 507 17.38 42.04 -35.16
CA GLN A 507 16.27 42.14 -36.09
C GLN A 507 15.49 43.43 -35.87
N HIS A 508 15.23 43.77 -34.61
CA HIS A 508 14.39 44.90 -34.28
C HIS A 508 15.23 46.19 -34.14
N GLY A 509 16.53 46.03 -33.92
CA GLY A 509 17.42 47.13 -33.65
C GLY A 509 17.95 47.89 -34.88
N GLY A 510 18.16 47.18 -35.97
CA GLY A 510 18.82 47.74 -37.13
C GLY A 510 20.31 48.03 -36.91
N ARG A 511 20.88 48.87 -37.76
CA ARG A 511 22.30 49.11 -37.73
C ARG A 511 22.83 49.50 -36.32
N PRO A 512 22.11 50.37 -35.60
CA PRO A 512 22.63 50.72 -34.26
C PRO A 512 22.74 49.51 -33.31
N ALA A 513 21.93 48.48 -33.51
CA ALA A 513 22.07 47.28 -32.71
C ALA A 513 23.36 46.53 -33.09
N PHE A 514 23.66 46.46 -34.38
CA PHE A 514 24.90 45.83 -34.86
C PHE A 514 26.14 46.51 -34.32
N GLU A 515 26.06 47.84 -34.15
CA GLU A 515 27.18 48.60 -33.63
C GLU A 515 27.43 48.30 -32.15
N VAL A 516 26.34 48.24 -31.39
CA VAL A 516 26.38 47.92 -29.96
C VAL A 516 26.97 46.54 -29.69
N ARG A 517 26.44 45.52 -30.37
CA ARG A 517 26.84 44.15 -30.13
C ARG A 517 28.29 43.93 -30.55
N ALA A 518 28.76 44.68 -31.56
CA ALA A 518 30.17 44.63 -32.01
C ALA A 518 31.07 45.17 -30.94
N VAL A 519 30.70 46.32 -30.37
CA VAL A 519 31.47 46.88 -29.27
C VAL A 519 31.49 45.99 -28.03
N LEU A 520 30.35 45.41 -27.67
CA LEU A 520 30.26 44.52 -26.52
C LEU A 520 31.14 43.27 -26.70
N ALA A 521 30.96 42.57 -27.80
CA ALA A 521 31.69 41.33 -28.04
C ALA A 521 33.16 41.56 -28.02
N ALA A 522 33.55 42.67 -28.62
CA ALA A 522 34.95 42.96 -28.84
C ALA A 522 35.63 43.47 -27.57
N THR A 523 34.86 44.11 -26.69
CA THR A 523 35.43 44.59 -25.43
C THR A 523 35.25 43.65 -24.22
N LEU A 524 34.34 42.69 -24.33
CA LEU A 524 34.02 41.87 -23.17
C LEU A 524 34.76 40.55 -23.20
N SER A 525 35.09 40.06 -24.39
CA SER A 525 35.86 38.82 -24.48
C SER A 525 37.11 39.11 -25.27
N PRO A 526 38.25 38.55 -24.85
CA PRO A 526 39.45 38.66 -25.68
C PRO A 526 39.36 37.83 -27.00
N THR A 527 38.38 36.95 -27.13
CA THR A 527 38.04 36.40 -28.43
C THR A 527 36.61 36.72 -28.82
N TRP A 528 36.46 37.30 -30.00
CA TRP A 528 35.15 37.55 -30.56
C TRP A 528 35.10 37.22 -32.03
N GLY A 529 33.89 37.25 -32.58
CA GLY A 529 33.73 36.94 -33.99
C GLY A 529 32.44 37.42 -34.62
N ILE A 530 32.47 37.52 -35.94
CA ILE A 530 31.29 37.78 -36.74
C ILE A 530 31.23 36.82 -37.93
N TYR A 531 30.01 36.59 -38.39
CA TYR A 531 29.79 35.84 -39.61
C TYR A 531 29.44 36.84 -40.72
N SER A 532 30.14 36.72 -41.85
CA SER A 532 29.97 37.62 -43.01
C SER A 532 28.53 38.03 -43.30
N GLY A 533 28.34 39.35 -43.47
CA GLY A 533 27.01 39.93 -43.66
C GLY A 533 26.58 40.72 -42.45
N TYR A 534 27.24 40.49 -41.33
CA TYR A 534 27.02 41.23 -40.10
C TYR A 534 27.35 42.70 -40.30
N GLU A 535 28.51 42.95 -40.91
CA GLU A 535 28.94 44.29 -41.31
C GLU A 535 27.89 45.05 -42.13
N LEU A 536 27.15 44.35 -42.94
CA LEU A 536 26.15 44.99 -43.80
C LEU A 536 24.81 45.12 -43.07
N CYS A 537 24.77 44.66 -41.82
CA CYS A 537 23.57 44.77 -41.00
C CYS A 537 22.39 43.96 -41.58
N GLU A 538 22.69 42.79 -42.14
CA GLU A 538 21.67 41.91 -42.65
C GLU A 538 20.84 41.39 -41.49
N ASN A 539 19.55 41.68 -41.48
CA ASN A 539 18.76 41.42 -40.30
C ASN A 539 17.33 41.05 -40.61
N THR A 540 17.13 40.41 -41.76
CA THR A 540 15.82 39.92 -42.13
C THR A 540 15.69 38.44 -41.78
N PRO A 541 14.74 38.11 -40.91
CA PRO A 541 14.62 36.74 -40.46
C PRO A 541 13.80 35.91 -41.40
N LEU A 542 13.89 34.58 -41.23
CA LEU A 542 13.05 33.66 -41.99
C LEU A 542 11.58 34.02 -41.74
N ARG A 543 11.24 34.36 -40.51
CA ARG A 543 9.90 34.81 -40.18
C ARG A 543 9.94 35.40 -38.79
N GLU A 544 8.83 36.01 -38.38
CA GLU A 544 8.72 36.58 -37.07
C GLU A 544 8.96 35.51 -36.00
N GLY A 545 9.83 35.82 -35.05
CA GLY A 545 10.13 34.92 -33.94
C GLY A 545 11.12 33.81 -34.28
N SER A 546 11.79 33.93 -35.42
CA SER A 546 12.84 32.98 -35.79
C SER A 546 14.22 33.62 -35.57
N GLU A 547 15.24 32.80 -35.35
CA GLU A 547 16.61 33.28 -35.32
C GLU A 547 17.38 32.84 -36.59
N GLU A 548 16.67 32.26 -37.54
CA GLU A 548 17.20 32.00 -38.88
C GLU A 548 17.11 33.27 -39.77
N TYR A 549 18.17 33.50 -40.56
CA TYR A 549 18.14 34.48 -41.65
C TYR A 549 17.23 34.02 -42.75
N LEU A 550 16.60 34.96 -43.44
CA LEU A 550 15.88 34.64 -44.64
C LEU A 550 16.91 34.38 -45.76
N ASP A 551 16.58 33.45 -46.67
CA ASP A 551 17.47 33.09 -47.77
C ASP A 551 18.86 32.85 -47.22
N SER A 552 18.93 31.92 -46.27
CA SER A 552 20.16 31.66 -45.54
C SER A 552 21.29 31.09 -46.42
N GLU A 553 22.51 31.54 -46.15
CA GLU A 553 23.67 31.19 -46.95
C GLU A 553 24.02 29.69 -46.86
N LYS A 554 23.46 29.02 -45.85
CA LYS A 554 23.63 27.60 -45.66
C LYS A 554 23.10 26.83 -46.83
N TYR A 555 22.03 27.33 -47.45
CA TYR A 555 21.33 26.60 -48.50
C TYR A 555 21.50 27.20 -49.88
N GLN A 556 22.28 28.26 -50.00
CA GLN A 556 22.44 28.95 -51.29
C GLN A 556 23.66 29.82 -51.34
N LEU A 557 24.15 30.05 -52.56
CA LEU A 557 25.25 30.96 -52.83
C LEU A 557 24.72 32.34 -52.53
N LYS A 558 25.52 33.17 -51.89
CA LYS A 558 25.01 34.48 -51.46
C LYS A 558 26.00 35.58 -51.79
N PRO A 559 26.05 35.99 -53.08
CA PRO A 559 27.00 37.02 -53.49
C PRO A 559 26.66 38.37 -52.86
N ARG A 560 27.68 39.12 -52.49
CA ARG A 560 27.50 40.41 -51.82
C ARG A 560 28.28 41.49 -52.54
N ASP A 561 27.65 42.65 -52.72
CA ASP A 561 28.29 43.80 -53.38
C ASP A 561 29.11 44.56 -52.34
N TRP A 562 30.26 43.98 -51.96
CA TRP A 562 31.17 44.59 -51.02
C TRP A 562 31.63 46.00 -51.44
N THR A 563 31.89 46.20 -52.71
CA THR A 563 32.34 47.51 -53.21
C THR A 563 31.31 48.62 -53.02
N ARG A 564 30.09 48.34 -53.42
CA ARG A 564 29.02 49.32 -53.26
C ARG A 564 28.77 49.69 -51.78
N ALA A 565 28.75 48.69 -50.91
CA ALA A 565 28.54 48.96 -49.49
C ALA A 565 29.58 49.90 -48.98
N ALA A 566 30.81 49.68 -49.42
CA ALA A 566 31.94 50.50 -49.00
C ALA A 566 31.76 51.94 -49.42
N ARG A 567 31.54 52.17 -50.71
CA ARG A 567 31.44 53.55 -51.20
C ARG A 567 30.19 54.27 -50.67
N GLU A 568 29.11 53.52 -50.46
CA GLU A 568 27.84 54.09 -49.96
C GLU A 568 27.80 54.18 -48.45
N GLY A 569 28.82 53.64 -47.77
CA GLY A 569 28.94 53.75 -46.32
C GLY A 569 27.90 52.96 -45.54
N THR A 570 27.34 51.92 -46.15
CA THR A 570 26.28 51.13 -45.53
C THR A 570 26.84 49.86 -44.86
N THR A 571 28.12 49.91 -44.50
CA THR A 571 28.79 48.81 -43.83
C THR A 571 29.43 49.34 -42.55
N ILE A 572 29.37 48.55 -41.49
CA ILE A 572 29.99 48.99 -40.24
C ILE A 572 31.42 48.49 -40.18
N ALA A 573 31.96 48.10 -41.33
CA ALA A 573 33.33 47.62 -41.45
C ALA A 573 34.37 48.54 -40.83
N PRO A 574 34.22 49.87 -40.99
CA PRO A 574 35.19 50.74 -40.32
C PRO A 574 35.13 50.69 -38.80
N LEU A 575 33.94 50.56 -38.22
CA LEU A 575 33.83 50.39 -36.78
C LEU A 575 34.50 49.08 -36.34
N VAL A 576 34.17 48.01 -37.05
CA VAL A 576 34.82 46.72 -36.79
C VAL A 576 36.32 46.85 -36.84
N THR A 577 36.85 47.53 -37.86
CA THR A 577 38.30 47.66 -37.98
C THR A 577 38.83 48.37 -36.74
N ARG A 578 38.17 49.46 -36.36
CA ARG A 578 38.63 50.31 -35.24
C ARG A 578 38.66 49.45 -33.97
N LEU A 579 37.62 48.68 -33.77
CA LEU A 579 37.55 47.83 -32.58
C LEU A 579 38.73 46.86 -32.49
N ASN A 580 39.09 46.25 -33.61
CA ASN A 580 40.22 45.32 -33.60
C ASN A 580 41.56 46.04 -33.41
N THR A 581 41.65 47.27 -33.89
CA THR A 581 42.84 48.11 -33.68
C THR A 581 42.98 48.44 -32.20
N ILE A 582 41.89 48.86 -31.58
CA ILE A 582 41.93 49.20 -30.17
C ILE A 582 42.39 47.96 -29.36
N ARG A 583 41.81 46.79 -29.69
CA ARG A 583 42.21 45.53 -29.03
C ARG A 583 43.69 45.20 -29.20
N ARG A 584 44.22 45.43 -30.39
CA ARG A 584 45.64 45.22 -30.70
C ARG A 584 46.54 46.23 -29.98
N GLU A 585 45.95 47.36 -29.61
CA GLU A 585 46.72 48.44 -28.94
C GLU A 585 46.55 48.47 -27.44
N ASN A 586 45.66 47.63 -26.90
CA ASN A 586 45.36 47.68 -25.46
C ASN A 586 45.32 46.30 -24.80
N PRO A 587 46.44 45.89 -24.18
CA PRO A 587 46.54 44.64 -23.39
C PRO A 587 45.31 44.33 -22.53
N ALA A 588 44.69 45.34 -21.93
CA ALA A 588 43.50 45.11 -21.10
C ALA A 588 42.42 44.30 -21.80
N LEU A 589 42.26 44.55 -23.11
CA LEU A 589 41.23 43.87 -23.91
C LEU A 589 41.64 42.46 -24.44
N ARG A 590 42.88 42.07 -24.18
CA ARG A 590 43.39 40.76 -24.59
C ARG A 590 43.45 39.78 -23.42
N GLN A 591 42.70 40.09 -22.37
CA GLN A 591 42.51 39.19 -21.24
C GLN A 591 41.02 39.19 -20.85
N LEU A 592 40.65 38.22 -20.06
CA LEU A 592 39.26 37.91 -19.73
C LEU A 592 38.96 38.26 -18.27
N ARG A 593 39.84 37.85 -17.37
CA ARG A 593 39.54 37.78 -15.94
C ARG A 593 39.40 39.11 -15.22
N ASP A 594 40.12 40.15 -15.65
CA ASP A 594 40.02 41.43 -14.99
C ASP A 594 38.93 42.23 -15.68
N LEU A 595 37.80 42.35 -15.00
CA LEU A 595 36.63 42.98 -15.58
C LEU A 595 35.87 43.50 -14.39
N HIS A 596 35.35 44.73 -14.47
CA HIS A 596 34.50 45.22 -13.41
C HIS A 596 33.37 46.14 -13.89
N PHE A 597 32.17 45.91 -13.37
CA PHE A 597 31.00 46.70 -13.73
C PHE A 597 30.76 47.88 -12.78
N HIS A 598 30.77 49.09 -13.34
CA HIS A 598 30.55 50.34 -12.60
C HIS A 598 29.09 50.76 -12.69
N PRO A 599 28.50 51.25 -11.59
CA PRO A 599 27.07 51.58 -11.59
C PRO A 599 26.69 52.78 -12.47
N THR A 600 25.45 52.78 -12.98
CA THR A 600 24.87 53.93 -13.68
C THR A 600 23.43 54.04 -13.24
N ASP A 601 22.84 55.22 -13.41
CA ASP A 601 21.44 55.45 -13.03
C ASP A 601 20.45 55.19 -14.17
N LYS A 602 20.91 54.58 -15.27
CA LYS A 602 20.02 54.17 -16.34
C LYS A 602 20.10 52.69 -16.64
N GLU A 603 18.93 52.07 -16.73
CA GLU A 603 18.86 50.63 -16.92
C GLU A 603 19.32 50.25 -18.34
N GLU A 604 19.19 51.18 -19.29
CA GLU A 604 19.67 50.94 -20.67
C GLU A 604 21.18 51.14 -20.82
N VAL A 605 21.83 51.71 -19.83
CA VAL A 605 23.23 52.16 -19.98
C VAL A 605 24.18 51.38 -19.06
N ILE A 606 25.21 50.76 -19.67
CA ILE A 606 26.05 49.84 -18.92
C ILE A 606 27.47 50.32 -19.02
N ALA A 607 28.23 50.14 -17.96
CA ALA A 607 29.59 50.62 -17.84
C ALA A 607 30.48 49.59 -17.21
N TYR A 608 31.68 49.44 -17.74
CA TYR A 608 32.61 48.45 -17.19
C TYR A 608 34.04 48.83 -17.50
N SER A 609 35.00 48.19 -16.81
CA SER A 609 36.41 48.45 -16.99
C SER A 609 37.21 47.18 -16.96
N LYS A 610 38.37 47.22 -17.62
CA LYS A 610 39.28 46.08 -17.75
C LYS A 610 40.69 46.61 -17.63
N ARG A 611 41.56 45.87 -16.97
CA ARG A 611 42.93 46.32 -16.74
C ARG A 611 43.99 45.25 -16.97
N GLN A 612 45.17 45.69 -17.39
CA GLN A 612 46.33 44.83 -17.56
C GLN A 612 47.54 45.75 -17.45
N GLY A 613 48.40 45.46 -16.47
CA GLY A 613 49.45 46.43 -16.06
C GLY A 613 48.84 47.82 -15.92
N SER A 614 49.47 48.81 -16.55
CA SER A 614 49.00 50.20 -16.46
C SER A 614 47.94 50.56 -17.50
N ASN A 615 47.57 49.60 -18.34
CA ASN A 615 46.53 49.83 -19.33
C ASN A 615 45.18 49.60 -18.67
N THR A 616 44.29 50.56 -18.82
CA THR A 616 42.93 50.47 -18.28
C THR A 616 41.97 50.94 -19.35
N VAL A 617 40.99 50.12 -19.68
CA VAL A 617 40.00 50.52 -20.67
C VAL A 617 38.65 50.65 -20.01
N LEU A 618 37.96 51.73 -20.31
CA LEU A 618 36.67 52.01 -19.73
C LEU A 618 35.63 52.13 -20.82
N VAL A 619 34.52 51.42 -20.66
CA VAL A 619 33.52 51.36 -21.70
C VAL A 619 32.19 51.71 -21.16
N VAL A 620 31.51 52.60 -21.87
CA VAL A 620 30.11 52.89 -21.58
C VAL A 620 29.25 52.65 -22.83
N VAL A 621 28.25 51.77 -22.68
CA VAL A 621 27.35 51.42 -23.79
C VAL A 621 25.89 51.73 -23.51
N ASN A 622 25.25 52.33 -24.52
CA ASN A 622 23.81 52.49 -24.54
C ASN A 622 23.17 51.27 -25.22
N LEU A 623 22.51 50.41 -24.44
CA LEU A 623 21.91 49.17 -25.00
C LEU A 623 20.59 49.42 -25.73
N ASP A 624 20.12 50.67 -25.75
CA ASP A 624 18.90 51.04 -26.43
C ASP A 624 19.25 51.46 -27.85
N PRO A 625 18.84 50.66 -28.85
CA PRO A 625 19.16 51.03 -30.25
C PRO A 625 18.20 52.06 -30.88
N ARG A 626 17.14 52.47 -30.16
CA ARG A 626 16.12 53.33 -30.73
C ARG A 626 16.12 54.74 -30.13
N HIS A 627 16.47 54.88 -28.85
CA HIS A 627 16.43 56.18 -28.20
C HIS A 627 17.76 56.60 -27.60
N THR A 628 18.05 57.90 -27.71
CA THR A 628 19.17 58.49 -27.01
C THR A 628 18.96 58.27 -25.53
N GLN A 629 20.06 58.01 -24.84
CA GLN A 629 20.00 57.80 -23.41
C GLN A 629 21.02 58.72 -22.78
N GLU A 630 20.60 59.41 -21.73
CA GLU A 630 21.56 60.14 -20.89
C GLU A 630 21.60 59.56 -19.51
N ALA A 631 22.80 59.49 -18.96
CA ALA A 631 22.98 58.85 -17.69
C ALA A 631 24.20 59.38 -16.97
N THR A 632 24.18 59.17 -15.67
CA THR A 632 25.32 59.47 -14.83
C THR A 632 26.00 58.14 -14.53
N VAL A 633 27.29 58.07 -14.81
CA VAL A 633 28.10 56.86 -14.57
C VAL A 633 29.00 57.07 -13.38
N SER A 634 28.84 56.23 -12.36
CA SER A 634 29.52 56.42 -11.09
C SER A 634 30.64 55.42 -10.97
N LEU A 635 31.85 55.91 -11.16
CA LEU A 635 33.00 55.05 -11.21
C LEU A 635 33.47 54.60 -9.81
N ASP A 636 33.61 53.29 -9.64
CA ASP A 636 34.38 52.69 -8.55
C ASP A 636 35.82 53.08 -8.67
N MET A 637 36.17 54.23 -8.09
CA MET A 637 37.47 54.81 -8.31
C MET A 637 38.59 53.91 -7.84
N PRO A 638 38.45 53.28 -6.66
CA PRO A 638 39.51 52.39 -6.18
C PRO A 638 39.69 51.17 -7.06
N GLN A 639 38.61 50.71 -7.65
CA GLN A 639 38.67 49.56 -8.53
C GLN A 639 39.44 49.93 -9.80
N LEU A 640 39.56 51.22 -10.10
CA LEU A 640 40.49 51.69 -11.13
C LEU A 640 41.88 52.00 -10.57
N GLY A 641 42.05 51.91 -9.26
CA GLY A 641 43.33 52.21 -8.60
C GLY A 641 43.56 53.70 -8.40
N LEU A 642 42.47 54.42 -8.15
CA LEU A 642 42.52 55.87 -7.97
C LEU A 642 41.86 56.21 -6.66
N ASP A 643 42.17 57.38 -6.10
CA ASP A 643 41.40 57.90 -4.97
C ASP A 643 40.07 58.45 -5.46
N TRP A 644 39.09 58.50 -4.56
CA TRP A 644 37.72 58.85 -4.91
C TRP A 644 37.56 60.21 -5.55
N HIS A 645 38.37 61.15 -5.09
CA HIS A 645 38.30 62.56 -5.44
C HIS A 645 39.16 62.85 -6.68
N GLU A 646 39.92 61.85 -7.13
CA GLU A 646 40.77 61.97 -8.31
C GLU A 646 39.91 62.23 -9.55
N SER A 647 40.52 62.87 -10.54
CA SER A 647 39.89 63.12 -11.82
C SER A 647 40.93 62.88 -12.89
N VAL A 648 40.79 61.76 -13.60
CA VAL A 648 41.78 61.31 -14.58
C VAL A 648 41.24 61.47 -16.03
N PRO A 649 42.17 61.77 -16.97
CA PRO A 649 41.74 62.05 -18.32
C PRO A 649 41.55 60.72 -19.04
N VAL A 650 40.62 60.71 -19.97
CA VAL A 650 40.40 59.56 -20.82
C VAL A 650 40.41 60.02 -22.28
N ARG A 651 40.55 59.08 -23.21
CA ARG A 651 40.29 59.33 -24.63
C ARG A 651 39.29 58.31 -25.12
N ASP A 652 38.23 58.77 -25.81
CA ASP A 652 37.28 57.88 -26.46
C ASP A 652 37.88 57.44 -27.79
N GLU A 653 38.41 56.21 -27.82
CA GLU A 653 39.16 55.75 -28.99
C GLU A 653 38.32 55.58 -30.25
N LEU A 654 36.99 55.53 -30.12
CA LEU A 654 36.12 55.56 -31.28
C LEU A 654 36.16 56.91 -32.01
N THR A 655 36.27 58.03 -31.27
CA THR A 655 36.17 59.38 -31.84
C THR A 655 37.46 60.17 -31.78
N GLY A 656 38.39 59.77 -30.90
CA GLY A 656 39.59 60.57 -30.66
C GLY A 656 39.39 61.63 -29.58
N GLU A 657 38.15 61.82 -29.12
CA GLU A 657 37.79 62.96 -28.25
C GLU A 657 38.26 62.68 -26.84
N THR A 658 38.74 63.71 -26.15
CA THR A 658 39.29 63.63 -24.80
C THR A 658 38.26 64.14 -23.80
N TYR A 659 38.19 63.49 -22.64
CA TYR A 659 37.38 63.96 -21.54
C TYR A 659 38.18 63.82 -20.27
N HIS A 660 37.72 64.48 -19.22
CA HIS A 660 38.30 64.30 -17.90
C HIS A 660 37.20 63.70 -17.06
N TRP A 661 37.45 62.50 -16.54
CA TRP A 661 36.42 61.81 -15.80
C TRP A 661 36.85 61.54 -14.36
N GLY A 662 35.84 61.41 -13.51
CA GLY A 662 36.04 61.06 -12.11
C GLY A 662 34.86 60.27 -11.58
N ARG A 663 34.68 60.36 -10.28
CA ARG A 663 33.64 59.69 -9.55
C ARG A 663 32.24 59.67 -10.19
N ALA A 664 31.78 60.79 -10.73
CA ALA A 664 30.45 60.86 -11.33
C ALA A 664 30.50 61.62 -12.66
N ASN A 665 29.99 61.01 -13.73
CA ASN A 665 30.14 61.58 -15.08
C ASN A 665 28.87 61.46 -15.89
N TYR A 666 28.48 62.57 -16.47
CA TYR A 666 27.35 62.61 -17.41
C TYR A 666 27.76 62.05 -18.76
N VAL A 667 26.94 61.13 -19.31
CA VAL A 667 27.08 60.71 -20.71
C VAL A 667 25.74 60.90 -21.44
N ARG A 668 25.86 61.05 -22.74
CA ARG A 668 24.73 61.23 -23.61
C ARG A 668 25.07 60.49 -24.90
N LEU A 669 24.34 59.42 -25.18
CA LEU A 669 24.68 58.50 -26.29
C LEU A 669 23.50 58.36 -27.23
N GLU A 670 23.72 58.71 -28.49
CA GLU A 670 22.66 58.83 -29.47
C GLU A 670 22.83 57.71 -30.49
N PRO A 671 21.83 56.81 -30.58
CA PRO A 671 21.91 55.67 -31.46
C PRO A 671 22.12 56.13 -32.90
N GLY A 672 23.06 55.51 -33.60
CA GLY A 672 23.39 55.92 -34.95
C GLY A 672 24.58 56.85 -34.95
N ARG A 673 24.66 57.75 -33.97
CA ARG A 673 25.79 58.68 -33.91
C ARG A 673 26.87 58.04 -33.05
N THR A 674 26.53 57.68 -31.82
CA THR A 674 27.45 56.96 -30.93
C THR A 674 26.73 55.80 -30.29
N PRO A 675 27.23 54.59 -30.56
CA PRO A 675 26.75 53.44 -29.80
C PRO A 675 27.29 53.41 -28.38
N ALA A 676 28.54 53.83 -28.22
CA ALA A 676 29.22 53.74 -26.94
C ALA A 676 30.43 54.66 -26.85
N HIS A 677 30.99 54.72 -25.64
CA HIS A 677 32.30 55.33 -25.41
C HIS A 677 33.22 54.18 -25.08
N VAL A 678 34.31 54.04 -25.84
CA VAL A 678 35.36 53.06 -25.52
C VAL A 678 36.62 53.81 -25.22
N CYS A 679 36.85 54.04 -23.94
CA CYS A 679 37.85 55.00 -23.50
C CYS A 679 39.02 54.27 -22.90
N THR A 680 40.21 54.78 -23.18
CA THR A 680 41.43 54.39 -22.51
C THR A 680 41.79 55.50 -21.50
N VAL A 681 42.21 55.12 -20.30
CA VAL A 681 42.65 56.10 -19.28
C VAL A 681 44.09 56.54 -19.59
N LEU A 682 44.35 57.85 -19.73
CA LEU A 682 45.61 58.37 -20.34
C LEU A 682 46.77 58.49 -19.35
N ARG A 683 47.98 58.15 -19.84
CA ARG A 683 49.15 57.87 -19.01
C ARG A 683 50.01 59.13 -18.75
N PRO B 35 43.82 6.23 -20.92
CA PRO B 35 42.55 6.22 -20.15
C PRO B 35 42.03 7.61 -19.88
N THR B 36 40.72 7.80 -20.05
CA THR B 36 40.09 9.10 -19.86
C THR B 36 39.62 9.31 -18.43
N VAL B 37 39.45 10.58 -18.05
CA VAL B 37 38.95 10.94 -16.71
C VAL B 37 37.41 10.76 -16.65
N VAL B 38 36.68 11.12 -17.72
CA VAL B 38 35.23 11.01 -17.80
C VAL B 38 34.87 9.69 -18.47
N GLY B 39 33.83 9.07 -17.97
CA GLY B 39 33.44 7.72 -18.46
C GLY B 39 32.45 7.84 -19.59
N ARG B 40 31.91 6.69 -19.98
CA ARG B 40 31.00 6.61 -21.08
C ARG B 40 29.73 7.44 -20.83
N ILE B 41 29.14 7.30 -19.63
CA ILE B 41 28.05 8.21 -19.24
C ILE B 41 28.56 9.10 -18.09
N PRO B 42 28.78 10.41 -18.37
CA PRO B 42 29.31 11.30 -17.35
C PRO B 42 28.62 11.25 -15.99
N VAL B 43 29.42 11.00 -14.97
CA VAL B 43 28.97 11.08 -13.60
C VAL B 43 30.04 11.88 -12.85
N LEU B 44 29.69 13.10 -12.46
CA LEU B 44 30.65 14.05 -11.98
C LEU B 44 30.25 14.68 -10.64
N ASP B 45 31.27 15.04 -9.86
CA ASP B 45 31.10 15.85 -8.64
C ASP B 45 30.09 15.23 -7.68
N VAL B 46 30.41 14.01 -7.30
CA VAL B 46 29.59 13.33 -6.34
C VAL B 46 29.69 14.04 -4.99
N ARG B 47 28.54 14.21 -4.33
CA ARG B 47 28.46 14.74 -2.98
C ARG B 47 27.62 13.80 -2.07
N PRO B 48 27.95 13.78 -0.78
CA PRO B 48 28.92 14.67 -0.13
C PRO B 48 30.39 14.29 -0.37
N VAL B 49 31.26 15.27 -0.27
CA VAL B 49 32.70 15.06 -0.32
C VAL B 49 33.37 15.97 0.68
N VAL B 50 34.41 15.45 1.31
CA VAL B 50 35.11 16.18 2.35
C VAL B 50 36.59 16.14 1.98
N GLN B 51 37.18 17.32 1.77
CA GLN B 51 38.62 17.40 1.52
C GLN B 51 38.98 16.65 0.23
N ARG B 52 38.13 16.79 -0.79
CA ARG B 52 38.35 16.13 -2.06
C ARG B 52 38.43 14.61 -1.96
N GLY B 53 37.88 14.06 -0.89
CA GLY B 53 37.80 12.62 -0.71
C GLY B 53 38.89 12.08 0.18
N ARG B 54 39.66 12.96 0.80
CA ARG B 54 40.80 12.54 1.61
C ARG B 54 40.39 12.31 3.05
N ARG B 55 39.17 12.73 3.38
CA ARG B 55 38.58 12.47 4.69
C ARG B 55 37.17 12.01 4.41
N PRO B 56 36.58 11.23 5.32
CA PRO B 56 35.25 10.67 5.14
C PRO B 56 34.12 11.65 5.43
N ALA B 57 33.04 11.55 4.63
CA ALA B 57 31.75 12.16 5.00
C ALA B 57 31.18 11.37 6.19
N LYS B 58 30.24 11.96 6.93
CA LYS B 58 29.81 11.35 8.21
C LYS B 58 28.32 10.98 8.22
N ALA B 59 28.01 9.95 8.99
CA ALA B 59 26.65 9.62 9.38
C ALA B 59 26.71 8.90 10.74
N VAL B 60 25.55 8.55 11.26
CA VAL B 60 25.44 7.62 12.38
C VAL B 60 24.40 6.54 11.97
N THR B 61 24.28 5.53 12.80
CA THR B 61 23.37 4.43 12.51
C THR B 61 21.95 4.94 12.39
N GLY B 62 21.31 4.61 11.29
CA GLY B 62 19.90 4.94 11.08
C GLY B 62 19.69 6.32 10.51
N GLU B 63 20.77 7.03 10.27
CA GLU B 63 20.67 8.40 9.76
C GLU B 63 20.55 8.38 8.25
N SER B 64 19.62 9.19 7.73
CA SER B 64 19.43 9.33 6.29
C SER B 64 20.04 10.61 5.75
N PHE B 65 20.64 10.52 4.58
CA PHE B 65 21.13 11.74 3.88
C PHE B 65 21.13 11.57 2.40
N GLU B 66 21.30 12.69 1.72
CA GLU B 66 21.21 12.72 0.26
C GLU B 66 22.56 12.55 -0.37
N VAL B 67 22.68 11.58 -1.26
CA VAL B 67 23.86 11.49 -2.11
C VAL B 67 23.50 12.08 -3.47
N SER B 68 24.36 12.96 -4.00
CA SER B 68 24.08 13.64 -5.27
C SER B 68 25.23 13.54 -6.24
N ALA B 69 24.93 13.83 -7.50
CA ALA B 69 25.96 13.89 -8.54
C ALA B 69 25.42 14.63 -9.76
N THR B 70 26.32 14.99 -10.66
CA THR B 70 25.92 15.58 -11.93
C THR B 70 26.00 14.50 -13.00
N VAL B 71 24.87 14.17 -13.59
CA VAL B 71 24.75 13.06 -14.53
C VAL B 71 24.05 13.58 -15.80
N PHE B 72 24.62 13.30 -16.95
CA PHE B 72 24.02 13.66 -18.24
C PHE B 72 24.70 12.81 -19.31
N ARG B 73 24.23 12.89 -20.55
CA ARG B 73 24.90 12.20 -21.65
C ARG B 73 24.89 13.03 -22.90
N GLU B 74 25.60 12.55 -23.93
CA GLU B 74 25.61 13.21 -25.22
C GLU B 74 24.30 12.92 -25.95
N GLY B 75 23.95 13.79 -26.89
CA GLY B 75 22.72 13.63 -27.63
C GLY B 75 21.55 13.91 -26.72
N HIS B 76 20.38 13.45 -27.09
CA HIS B 76 19.14 13.91 -26.47
C HIS B 76 18.40 12.83 -25.73
N ASP B 77 18.96 11.62 -25.65
CA ASP B 77 18.24 10.52 -24.97
C ASP B 77 18.35 10.61 -23.46
N ALA B 78 17.51 9.85 -22.77
CA ALA B 78 17.42 9.95 -21.32
C ALA B 78 18.57 9.20 -20.65
N VAL B 79 18.92 9.68 -19.46
CA VAL B 79 19.77 8.92 -18.59
C VAL B 79 18.99 8.56 -17.33
N GLY B 80 19.53 7.57 -16.60
CA GLY B 80 19.12 7.33 -15.24
C GLY B 80 20.34 7.14 -14.37
N ALA B 81 20.12 7.11 -13.06
CA ALA B 81 21.21 6.97 -12.06
C ALA B 81 20.72 6.34 -10.77
N ASN B 82 21.65 5.73 -10.04
CA ASN B 82 21.37 5.05 -8.77
C ASN B 82 22.58 5.13 -7.85
N VAL B 83 22.33 5.07 -6.54
CA VAL B 83 23.38 5.10 -5.52
C VAL B 83 23.66 3.68 -5.02
N VAL B 84 24.93 3.29 -5.00
CA VAL B 84 25.33 2.01 -4.46
C VAL B 84 26.14 2.29 -3.21
N LEU B 85 25.55 1.91 -2.09
CA LEU B 85 26.14 2.06 -0.77
C LEU B 85 26.74 0.72 -0.35
N ARG B 86 28.02 0.73 0.04
CA ARG B 86 28.73 -0.51 0.42
C ARG B 86 29.22 -0.48 1.86
N ASP B 87 28.90 -1.54 2.60
CA ASP B 87 29.22 -1.64 4.02
C ASP B 87 30.69 -1.99 4.25
N PRO B 88 31.13 -2.06 5.52
CA PRO B 88 32.54 -2.34 5.83
C PRO B 88 33.04 -3.66 5.27
N ARG B 89 32.16 -4.62 5.05
CA ARG B 89 32.53 -5.88 4.40
C ARG B 89 32.39 -5.79 2.89
N GLY B 90 32.04 -4.61 2.37
CA GLY B 90 31.95 -4.40 0.93
C GLY B 90 30.61 -4.78 0.30
N ARG B 91 29.62 -5.16 1.11
CA ARG B 91 28.35 -5.63 0.58
C ARG B 91 27.46 -4.47 0.13
N PRO B 92 26.92 -4.56 -1.11
CA PRO B 92 26.05 -3.52 -1.66
C PRO B 92 24.70 -3.47 -0.95
N GLY B 93 24.14 -2.26 -0.82
CA GLY B 93 22.83 -2.07 -0.23
C GLY B 93 21.83 -2.18 -1.35
N PRO B 94 20.57 -1.80 -1.08
CA PRO B 94 19.48 -2.03 -2.01
C PRO B 94 19.48 -1.09 -3.20
N TRP B 95 18.67 -1.44 -4.20
CA TRP B 95 18.45 -0.61 -5.38
C TRP B 95 17.93 0.77 -4.96
N THR B 96 18.67 1.82 -5.28
CA THR B 96 18.38 3.17 -4.79
C THR B 96 18.42 4.15 -5.96
N PRO B 97 17.34 4.19 -6.73
CA PRO B 97 17.32 5.04 -7.91
C PRO B 97 17.33 6.54 -7.57
N MET B 98 18.01 7.34 -8.39
CA MET B 98 18.10 8.80 -8.17
C MET B 98 17.12 9.50 -9.10
N ARG B 99 16.83 10.74 -8.80
CA ARG B 99 16.01 11.59 -9.68
C ARG B 99 16.69 12.96 -9.89
N GLU B 100 16.41 13.61 -11.01
CA GLU B 100 16.93 14.94 -11.25
C GLU B 100 16.27 15.85 -10.22
N LEU B 101 17.07 16.63 -9.51
CA LEU B 101 16.54 17.41 -8.40
C LEU B 101 15.83 18.68 -8.83
N ALA B 102 16.23 19.26 -9.97
CA ALA B 102 15.62 20.51 -10.46
C ALA B 102 15.70 20.46 -11.96
N PRO B 103 14.65 20.95 -12.66
CA PRO B 103 14.67 20.76 -14.12
C PRO B 103 15.78 21.56 -14.81
N GLY B 104 16.38 20.98 -15.85
CA GLY B 104 17.47 21.65 -16.57
C GLY B 104 18.81 21.64 -15.86
N THR B 105 18.82 21.24 -14.58
CA THR B 105 20.04 21.27 -13.79
C THR B 105 21.04 20.13 -14.02
N ASP B 106 20.57 18.96 -14.43
CA ASP B 106 21.43 17.74 -14.49
C ASP B 106 22.04 17.36 -13.16
N ARG B 107 21.45 17.82 -12.07
CA ARG B 107 21.89 17.41 -10.73
C ARG B 107 20.90 16.38 -10.19
N TRP B 108 21.42 15.20 -9.83
CA TRP B 108 20.58 14.08 -9.43
C TRP B 108 20.86 13.74 -7.98
N GLY B 109 19.85 13.21 -7.30
CA GLY B 109 19.98 12.85 -5.90
C GLY B 109 19.07 11.72 -5.47
N ALA B 110 19.47 11.06 -4.39
CA ALA B 110 18.69 10.02 -3.74
C ALA B 110 19.06 9.98 -2.26
N THR B 111 18.13 9.53 -1.41
CA THR B 111 18.39 9.37 0.00
C THR B 111 18.90 7.96 0.29
N VAL B 112 19.87 7.87 1.18
CA VAL B 112 20.35 6.60 1.61
C VAL B 112 20.34 6.57 3.12
N THR B 113 20.47 5.39 3.70
CA THR B 113 20.51 5.29 5.16
C THR B 113 21.60 4.36 5.62
N ALA B 114 22.37 4.88 6.58
CA ALA B 114 23.47 4.20 7.22
C ALA B 114 22.96 3.12 8.17
N GLY B 115 23.67 1.99 8.21
CA GLY B 115 23.37 0.85 9.10
C GLY B 115 24.41 0.76 10.22
N GLU B 116 25.04 -0.39 10.39
CA GLU B 116 26.02 -0.59 11.44
C GLU B 116 27.19 0.37 11.32
N THR B 117 27.89 0.55 12.42
CA THR B 117 29.02 1.44 12.48
C THR B 117 30.23 0.88 11.72
N GLY B 118 31.11 1.78 11.27
CA GLY B 118 32.34 1.41 10.58
C GLY B 118 32.58 2.28 9.35
N THR B 119 33.52 1.85 8.50
CA THR B 119 33.85 2.63 7.31
C THR B 119 33.14 2.01 6.08
N TRP B 120 32.34 2.85 5.43
CA TRP B 120 31.54 2.47 4.27
C TRP B 120 32.00 3.27 3.06
N SER B 121 31.44 2.96 1.91
CA SER B 121 31.76 3.68 0.68
C SER B 121 30.53 3.85 -0.21
N TYR B 122 30.56 4.84 -1.07
CA TYR B 122 29.42 5.06 -1.93
C TYR B 122 29.85 5.44 -3.31
N THR B 123 29.12 4.81 -4.24
CA THR B 123 29.30 5.01 -5.63
C THR B 123 27.96 5.47 -6.23
N VAL B 124 28.05 6.32 -7.24
CA VAL B 124 26.91 6.60 -8.13
C VAL B 124 27.14 5.91 -9.48
N GLU B 125 26.13 5.17 -9.92
CA GLU B 125 26.12 4.58 -11.27
C GLU B 125 25.15 5.38 -12.12
N ALA B 126 25.64 5.77 -13.31
CA ALA B 126 24.84 6.49 -14.31
C ALA B 126 24.79 5.61 -15.56
N TRP B 127 23.68 5.69 -16.28
CA TRP B 127 23.44 4.82 -17.43
C TRP B 127 22.45 5.48 -18.40
N GLY B 128 22.49 5.03 -19.66
CA GLY B 128 21.47 5.38 -20.63
C GLY B 128 20.20 4.63 -20.32
N ASP B 129 19.07 5.31 -20.50
CA ASP B 129 17.74 4.81 -20.16
C ASP B 129 16.91 4.74 -21.43
N PRO B 130 17.21 3.74 -22.26
CA PRO B 130 16.61 3.65 -23.60
C PRO B 130 15.11 3.37 -23.57
N VAL B 131 14.58 2.82 -22.47
CA VAL B 131 13.14 2.59 -22.36
C VAL B 131 12.32 3.88 -22.20
N THR B 132 12.79 4.78 -21.33
CA THR B 132 12.13 6.09 -21.16
C THR B 132 12.18 6.91 -22.44
N THR B 133 13.33 6.82 -23.10
CA THR B 133 13.55 7.44 -24.39
C THR B 133 12.60 6.93 -25.44
N TRP B 134 12.55 5.62 -25.60
CA TRP B 134 11.68 5.00 -26.58
C TRP B 134 10.24 5.39 -26.31
N ARG B 135 9.82 5.26 -25.04
CA ARG B 135 8.45 5.60 -24.65
C ARG B 135 8.06 7.00 -25.09
N HIS B 136 8.96 7.95 -24.86
CA HIS B 136 8.72 9.34 -25.20
C HIS B 136 8.40 9.47 -26.68
N HIS B 137 9.24 8.88 -27.52
CA HIS B 137 9.07 8.98 -28.96
C HIS B 137 7.82 8.22 -29.41
N ALA B 138 7.60 7.03 -28.84
CA ALA B 138 6.47 6.22 -29.22
C ALA B 138 5.15 6.94 -28.98
N ARG B 139 5.03 7.61 -27.85
CA ARG B 139 3.77 8.28 -27.51
C ARG B 139 3.41 9.38 -28.50
N ILE B 140 4.41 9.96 -29.15
CA ILE B 140 4.20 10.99 -30.15
C ILE B 140 4.02 10.38 -31.55
N LYS B 141 4.94 9.52 -31.95
CA LYS B 141 4.93 8.95 -33.30
C LYS B 141 3.70 8.07 -33.58
N ILE B 142 3.29 7.26 -32.61
CA ILE B 142 2.19 6.30 -32.83
C ILE B 142 0.84 6.99 -33.12
N PRO B 143 0.45 8.01 -32.35
CA PRO B 143 -0.75 8.77 -32.79
C PRO B 143 -0.52 9.54 -34.11
N ALA B 144 0.71 10.03 -34.31
CA ALA B 144 1.09 10.69 -35.57
C ALA B 144 1.17 9.70 -36.75
N GLY B 145 1.12 8.39 -36.50
CA GLY B 145 1.16 7.40 -37.58
C GLY B 145 2.53 7.29 -38.26
N LEU B 146 3.55 7.84 -37.62
CA LEU B 146 4.91 7.76 -38.17
C LEU B 146 5.60 6.41 -37.81
N ASP B 147 5.93 5.64 -38.85
CA ASP B 147 6.78 4.43 -38.70
C ASP B 147 6.32 3.46 -37.62
N THR B 148 5.02 3.28 -37.46
CA THR B 148 4.50 2.59 -36.29
C THR B 148 5.05 1.15 -36.14
N ASP B 149 5.19 0.41 -37.25
CA ASP B 149 5.74 -0.94 -37.17
C ASP B 149 7.18 -0.98 -36.67
N LEU B 150 8.00 -0.08 -37.19
CA LEU B 150 9.40 -0.01 -36.83
C LEU B 150 9.57 0.40 -35.38
N VAL B 151 8.79 1.38 -34.96
CA VAL B 151 8.86 1.85 -33.60
C VAL B 151 8.49 0.73 -32.64
N LEU B 152 7.43 0.01 -32.98
CA LEU B 152 6.92 -0.99 -32.08
C LEU B 152 7.87 -2.18 -31.94
N GLU B 153 8.56 -2.51 -33.02
CA GLU B 153 9.53 -3.60 -33.01
C GLU B 153 10.75 -3.17 -32.20
N GLU B 154 11.12 -1.91 -32.30
CA GLU B 154 12.25 -1.38 -31.53
C GLU B 154 11.98 -1.45 -30.02
N GLY B 155 10.76 -1.09 -29.63
CA GLY B 155 10.32 -1.26 -28.24
C GLY B 155 10.35 -2.72 -27.80
N ALA B 156 9.87 -3.61 -28.68
CA ALA B 156 9.89 -5.06 -28.40
C ALA B 156 11.29 -5.56 -28.06
N ARG B 157 12.26 -5.16 -28.87
CA ARG B 157 13.64 -5.61 -28.66
C ARG B 157 14.23 -5.04 -27.37
N LEU B 158 13.90 -3.79 -27.03
CA LEU B 158 14.31 -3.24 -25.70
C LEU B 158 13.70 -4.07 -24.58
N TYR B 159 12.40 -4.32 -24.68
CA TYR B 159 11.73 -5.05 -23.60
C TYR B 159 12.25 -6.49 -23.46
N GLU B 160 12.73 -7.07 -24.54
CA GLU B 160 13.25 -8.44 -24.50
C GLU B 160 14.53 -8.46 -23.70
N ARG B 161 15.39 -7.49 -23.98
CA ARG B 161 16.65 -7.36 -23.27
C ARG B 161 16.41 -7.09 -21.80
N ALA B 162 15.34 -6.36 -21.50
CA ALA B 162 14.98 -6.04 -20.11
C ALA B 162 14.53 -7.29 -19.42
N ALA B 163 13.88 -8.17 -20.18
CA ALA B 163 13.39 -9.43 -19.64
C ALA B 163 14.52 -10.41 -19.30
N ALA B 164 15.59 -10.41 -20.10
CA ALA B 164 16.70 -11.34 -19.88
C ALA B 164 17.42 -11.12 -18.56
N ASP B 165 17.35 -9.90 -18.03
CA ASP B 165 18.01 -9.52 -16.77
C ASP B 165 17.17 -9.80 -15.53
N VAL B 166 15.85 -9.77 -15.66
CA VAL B 166 14.92 -9.88 -14.52
C VAL B 166 14.94 -11.29 -13.88
N PRO B 167 15.39 -11.39 -12.59
CA PRO B 167 15.42 -12.69 -11.91
C PRO B 167 14.06 -13.26 -11.60
N GLY B 168 13.07 -12.41 -11.28
CA GLY B 168 11.72 -12.89 -10.95
C GLY B 168 11.09 -13.57 -12.16
N ARG B 169 10.48 -14.74 -11.96
CA ARG B 169 9.84 -15.43 -13.07
C ARG B 169 8.52 -14.78 -13.47
N GLU B 170 7.72 -14.38 -12.49
CA GLU B 170 6.46 -13.71 -12.76
C GLU B 170 6.70 -12.39 -13.51
N ASP B 171 7.65 -11.60 -13.01
CA ASP B 171 8.03 -10.35 -13.65
C ASP B 171 8.55 -10.57 -15.08
N ARG B 172 9.34 -11.62 -15.30
CA ARG B 172 9.80 -11.95 -16.64
C ARG B 172 8.61 -12.23 -17.55
N ARG B 173 7.66 -13.06 -17.09
CA ARG B 173 6.45 -13.36 -17.87
C ARG B 173 5.71 -12.06 -18.22
N GLU B 174 5.60 -11.16 -17.25
CA GLU B 174 4.90 -9.87 -17.45
C GLU B 174 5.51 -9.05 -18.59
N LEU B 175 6.85 -8.99 -18.67
CA LEU B 175 7.55 -8.23 -19.72
C LEU B 175 7.51 -8.95 -21.09
N LEU B 176 7.65 -10.28 -21.10
CA LEU B 176 7.51 -11.04 -22.36
C LEU B 176 6.10 -10.94 -22.91
N ALA B 177 5.12 -10.83 -22.01
CA ALA B 177 3.75 -10.64 -22.42
C ALA B 177 3.61 -9.34 -23.20
N ALA B 178 4.27 -8.30 -22.71
CA ALA B 178 4.24 -7.01 -23.36
C ALA B 178 4.99 -7.06 -24.69
N VAL B 179 6.11 -7.78 -24.71
CA VAL B 179 6.84 -7.98 -25.96
C VAL B 179 5.89 -8.57 -27.02
N ASP B 180 5.16 -9.62 -26.65
CA ASP B 180 4.27 -10.28 -27.60
C ASP B 180 3.26 -9.26 -28.12
N ALA B 181 2.65 -8.50 -27.22
CA ALA B 181 1.63 -7.53 -27.63
C ALA B 181 2.19 -6.46 -28.56
N LEU B 182 3.33 -5.91 -28.20
CA LEU B 182 4.02 -4.93 -29.05
C LEU B 182 4.21 -5.45 -30.48
N ARG B 183 4.49 -6.75 -30.60
CA ARG B 183 4.74 -7.37 -31.89
C ARG B 183 3.52 -7.91 -32.59
N ASP B 184 2.34 -7.80 -31.99
CA ASP B 184 1.15 -8.39 -32.59
C ASP B 184 0.60 -7.49 -33.70
N GLU B 185 0.97 -7.81 -34.92
CA GLU B 185 0.68 -6.93 -36.06
C GLU B 185 -0.77 -7.01 -36.51
N SER B 186 -1.58 -7.85 -35.86
CA SER B 186 -3.00 -7.87 -36.12
C SER B 186 -3.76 -6.79 -35.33
N ARG B 187 -3.13 -6.21 -34.31
CA ARG B 187 -3.80 -5.26 -33.42
C ARG B 187 -3.50 -3.79 -33.73
N PRO B 188 -4.41 -2.89 -33.34
CA PRO B 188 -4.18 -1.46 -33.62
C PRO B 188 -2.93 -0.93 -32.92
N ALA B 189 -2.21 -0.05 -33.61
CA ALA B 189 -0.95 0.54 -33.11
C ALA B 189 -1.04 1.11 -31.68
N ALA B 190 -2.04 1.96 -31.43
CA ALA B 190 -2.28 2.56 -30.11
C ALA B 190 -2.56 1.52 -29.01
N SER B 191 -3.14 0.39 -29.40
CA SER B 191 -3.43 -0.70 -28.47
C SER B 191 -2.15 -1.47 -28.15
N ARG B 192 -1.45 -1.90 -29.20
CA ARG B 192 -0.16 -2.55 -29.01
C ARG B 192 0.69 -1.72 -28.06
N LEU B 193 0.78 -0.42 -28.34
CA LEU B 193 1.58 0.49 -27.48
C LEU B 193 1.10 0.56 -26.03
N ALA B 194 -0.21 0.72 -25.82
CA ALA B 194 -0.74 0.80 -24.44
C ALA B 194 -0.31 -0.44 -23.60
N ALA B 195 -0.20 -1.59 -24.27
CA ALA B 195 0.20 -2.83 -23.58
C ALA B 195 1.60 -2.76 -22.97
N ALA B 196 2.44 -1.87 -23.50
CA ALA B 196 3.80 -1.66 -22.98
C ALA B 196 3.87 -0.59 -21.86
N LEU B 197 2.73 0.04 -21.56
CA LEU B 197 2.71 1.15 -20.64
C LEU B 197 1.76 0.93 -19.47
N THR B 198 1.53 -0.33 -19.11
CA THR B 198 0.62 -0.63 -18.03
C THR B 198 1.31 -0.42 -16.68
N PRO B 199 0.51 -0.23 -15.60
CA PRO B 199 1.06 -0.16 -14.25
C PRO B 199 2.02 -1.29 -13.87
N GLN B 200 1.72 -2.52 -14.26
CA GLN B 200 2.53 -3.66 -13.82
C GLN B 200 3.79 -3.83 -14.65
N VAL B 201 3.76 -3.35 -15.88
CA VAL B 201 4.97 -3.25 -16.67
C VAL B 201 5.87 -2.20 -16.04
N ASP B 202 5.30 -1.04 -15.71
CA ASP B 202 6.01 0.05 -15.03
C ASP B 202 6.68 -0.37 -13.73
N ALA B 203 5.98 -1.17 -12.93
CA ALA B 203 6.49 -1.64 -11.64
C ALA B 203 7.70 -2.52 -11.83
N VAL B 204 7.65 -3.42 -12.81
CA VAL B 204 8.76 -4.34 -13.04
C VAL B 204 9.99 -3.53 -13.48
N LEU B 205 9.77 -2.59 -14.40
CA LEU B 205 10.85 -1.77 -14.97
C LEU B 205 11.42 -0.78 -13.96
N ALA B 206 10.59 -0.24 -13.07
CA ALA B 206 11.10 0.60 -12.02
C ALA B 206 12.03 -0.20 -11.13
N ARG B 207 11.66 -1.46 -10.84
CA ARG B 207 12.48 -2.33 -10.00
C ARG B 207 13.72 -2.85 -10.73
N HIS B 208 13.59 -3.16 -12.03
CA HIS B 208 14.69 -3.79 -12.81
C HIS B 208 14.92 -3.16 -14.20
N PRO B 209 15.46 -1.94 -14.21
CA PRO B 209 15.48 -1.23 -15.48
C PRO B 209 16.57 -1.74 -16.42
N LEU B 210 16.35 -1.54 -17.71
CA LEU B 210 17.40 -1.75 -18.73
C LEU B 210 18.30 -0.52 -18.67
N ARG B 211 19.57 -0.76 -18.29
CA ARG B 211 20.55 0.27 -18.12
C ARG B 211 21.59 0.09 -19.20
N ASP B 212 21.74 1.08 -20.08
CA ASP B 212 22.79 1.05 -21.09
C ASP B 212 24.03 1.69 -20.53
N LEU B 213 25.19 1.11 -20.84
CA LEU B 213 26.48 1.80 -20.73
C LEU B 213 26.79 2.30 -19.32
N VAL B 214 26.49 1.44 -18.33
CA VAL B 214 26.69 1.76 -16.92
C VAL B 214 28.11 2.29 -16.65
N THR B 215 28.17 3.44 -15.96
CA THR B 215 29.41 4.11 -15.67
C THR B 215 29.37 4.48 -14.19
N SER B 216 30.49 4.29 -13.52
CA SER B 216 30.58 4.49 -12.07
C SER B 216 31.55 5.56 -11.67
N SER B 217 31.19 6.30 -10.62
CA SER B 217 32.14 7.19 -10.00
C SER B 217 33.14 6.35 -9.24
N ASP B 218 34.30 6.94 -8.91
CA ASP B 218 35.20 6.33 -7.94
C ASP B 218 34.56 6.40 -6.56
N PRO B 219 34.78 5.37 -5.73
CA PRO B 219 34.10 5.35 -4.44
C PRO B 219 34.58 6.46 -3.50
N LEU B 220 33.64 7.01 -2.72
CA LEU B 220 33.93 7.98 -1.66
C LEU B 220 33.65 7.34 -0.31
N PRO B 221 34.41 7.75 0.72
CA PRO B 221 34.29 7.13 2.03
C PRO B 221 33.23 7.76 2.95
N LEU B 222 32.60 6.91 3.74
CA LEU B 222 31.63 7.32 4.74
C LEU B 222 31.93 6.65 6.07
N LEU B 223 32.17 7.45 7.11
CA LEU B 223 32.41 6.94 8.47
C LEU B 223 31.08 6.95 9.20
N VAL B 224 30.61 5.77 9.60
CA VAL B 224 29.33 5.67 10.31
C VAL B 224 29.60 5.38 11.74
N GLU B 225 29.06 6.23 12.61
CA GLU B 225 29.36 6.19 14.02
C GLU B 225 28.08 5.96 14.82
N ARG B 226 28.21 5.82 16.13
CA ARG B 226 27.09 5.49 17.00
C ARG B 226 26.13 6.67 17.20
N GLU B 227 24.91 6.35 17.58
CA GLU B 227 23.78 7.27 17.64
C GLU B 227 24.11 8.52 18.46
N ARG B 228 24.73 8.33 19.60
CA ARG B 228 25.09 9.41 20.53
C ARG B 228 25.98 10.47 19.91
N ALA B 229 26.73 10.10 18.89
CA ALA B 229 27.56 11.07 18.18
C ALA B 229 26.68 12.20 17.65
N LEU B 230 25.44 11.86 17.23
CA LEU B 230 24.50 12.86 16.70
C LEU B 230 23.43 13.28 17.68
N TYR B 231 22.90 12.32 18.42
CA TYR B 231 21.72 12.54 19.27
C TYR B 231 22.00 12.28 20.75
N GLY B 232 21.62 13.25 21.58
CA GLY B 232 21.81 13.15 23.02
C GLY B 232 21.64 14.46 23.74
N ALA B 233 21.24 14.41 24.99
CA ALA B 233 20.98 15.57 25.77
C ALA B 233 22.00 15.60 26.89
N TRP B 234 22.68 16.73 27.02
CA TRP B 234 23.84 16.88 27.89
C TRP B 234 23.59 17.83 29.07
N TYR B 235 24.09 17.45 30.23
CA TYR B 235 23.99 18.27 31.43
C TYR B 235 25.38 18.44 32.03
N GLU B 236 25.79 19.68 32.23
CA GLU B 236 27.08 20.00 32.83
C GLU B 236 26.93 20.47 34.27
N PHE B 237 27.69 19.86 35.16
CA PHE B 237 27.75 20.31 36.55
C PHE B 237 29.09 20.05 37.22
N PHE B 238 29.34 20.78 38.30
CA PHE B 238 30.58 20.65 39.08
C PHE B 238 30.32 19.80 40.30
N PRO B 239 30.84 18.59 40.31
CA PRO B 239 30.72 17.77 41.54
C PRO B 239 31.08 18.45 42.86
N ARG B 240 32.07 19.35 42.87
CA ARG B 240 32.54 19.95 44.11
C ARG B 240 31.52 20.90 44.75
N SER B 241 30.56 21.36 43.95
CA SER B 241 29.53 22.23 44.44
C SER B 241 28.45 21.43 45.23
N GLU B 242 28.33 20.13 44.96
CA GLU B 242 27.33 19.30 45.61
C GLU B 242 27.90 18.56 46.84
N GLY B 243 28.12 19.33 47.90
CA GLY B 243 28.64 18.80 49.16
C GLY B 243 27.62 18.87 50.32
N THR B 244 28.13 19.01 51.54
CA THR B 244 27.32 18.96 52.78
C THR B 244 27.66 20.12 53.72
N PRO B 245 26.87 20.29 54.80
CA PRO B 245 27.24 21.27 55.81
C PRO B 245 28.62 20.99 56.46
N HIS B 246 28.91 19.73 56.75
CA HIS B 246 30.18 19.39 57.38
C HIS B 246 31.35 19.47 56.41
N THR B 247 31.13 19.05 55.15
CA THR B 247 32.17 19.04 54.13
C THR B 247 31.63 19.75 52.88
N PRO B 248 31.74 21.09 52.87
CA PRO B 248 31.23 21.89 51.75
C PRO B 248 31.71 21.43 50.39
N HIS B 249 32.99 21.04 50.30
CA HIS B 249 33.57 20.62 49.01
C HIS B 249 33.09 19.23 48.73
N GLY B 250 32.20 19.12 47.75
CA GLY B 250 31.55 17.87 47.47
C GLY B 250 32.52 16.86 46.93
N THR B 251 32.16 15.59 47.06
CA THR B 251 32.97 14.49 46.60
C THR B 251 32.20 13.73 45.52
N PHE B 252 32.85 12.74 44.89
CA PHE B 252 32.16 11.92 43.90
C PHE B 252 31.02 11.13 44.55
N ARG B 253 31.17 10.81 45.82
CA ARG B 253 30.12 10.08 46.53
C ARG B 253 28.95 10.98 46.87
N THR B 254 29.19 12.22 47.27
CA THR B 254 28.08 13.14 47.47
C THR B 254 27.52 13.63 46.15
N ALA B 255 28.36 13.91 45.15
CA ALA B 255 27.89 14.41 43.87
C ALA B 255 26.97 13.43 43.17
N ALA B 256 27.18 12.13 43.42
CA ALA B 256 26.36 11.10 42.83
C ALA B 256 24.89 11.24 43.15
N ARG B 257 24.56 11.91 44.25
CA ARG B 257 23.16 12.12 44.64
C ARG B 257 22.39 13.02 43.68
N ARG B 258 23.09 13.81 42.84
CA ARG B 258 22.43 14.67 41.89
C ARG B 258 22.02 13.90 40.64
N LEU B 259 22.68 12.78 40.39
CA LEU B 259 22.45 11.98 39.19
C LEU B 259 21.02 11.51 38.93
N PRO B 260 20.32 11.05 39.99
CA PRO B 260 18.95 10.68 39.77
C PRO B 260 18.08 11.84 39.24
N ALA B 261 18.23 13.02 39.81
CA ALA B 261 17.46 14.16 39.35
C ALA B 261 17.86 14.58 37.90
N ILE B 262 19.12 14.36 37.52
CA ILE B 262 19.58 14.66 36.17
C ILE B 262 19.00 13.65 35.15
N ALA B 263 18.99 12.37 35.53
CA ALA B 263 18.38 11.35 34.69
C ALA B 263 16.87 11.59 34.55
N ALA B 264 16.21 12.06 35.61
CA ALA B 264 14.75 12.25 35.57
C ALA B 264 14.35 13.46 34.71
N MET B 265 15.30 14.34 34.45
CA MET B 265 15.08 15.45 33.51
C MET B 265 15.26 15.00 32.04
N GLY B 266 15.60 13.75 31.82
CA GLY B 266 15.75 13.22 30.47
C GLY B 266 17.10 13.41 29.79
N PHE B 267 18.16 13.60 30.56
CA PHE B 267 19.50 13.75 29.98
C PHE B 267 20.18 12.40 29.81
N ASP B 268 21.15 12.37 28.90
CA ASP B 268 21.84 11.14 28.49
C ASP B 268 23.32 11.19 28.85
N VAL B 269 23.87 12.40 28.83
CA VAL B 269 25.29 12.65 29.08
C VAL B 269 25.53 13.66 30.20
N VAL B 270 26.46 13.33 31.08
CA VAL B 270 26.90 14.26 32.11
C VAL B 270 28.30 14.69 31.82
N TYR B 271 28.48 15.98 31.58
CA TYR B 271 29.81 16.55 31.30
C TYR B 271 30.38 17.18 32.58
N LEU B 272 31.50 16.63 33.06
CA LEU B 272 32.19 17.13 34.26
C LEU B 272 33.38 18.00 33.86
N PRO B 273 33.51 19.19 34.47
CA PRO B 273 34.77 19.91 34.31
C PRO B 273 35.91 19.04 34.84
N PRO B 274 37.15 19.43 34.55
CA PRO B 274 38.33 18.71 35.03
C PRO B 274 38.24 18.25 36.49
N ILE B 275 38.49 16.97 36.69
CA ILE B 275 38.39 16.29 37.99
C ILE B 275 39.75 15.99 38.67
N HIS B 276 40.77 16.73 38.27
CA HIS B 276 42.13 16.45 38.64
C HIS B 276 42.57 17.39 39.76
N PRO B 277 43.74 17.14 40.37
CA PRO B 277 44.25 18.19 41.29
C PRO B 277 44.43 19.54 40.61
N ILE B 278 44.34 20.61 41.38
CA ILE B 278 44.36 21.98 40.89
C ILE B 278 45.53 22.70 41.50
N GLY B 279 46.31 23.39 40.68
CA GLY B 279 47.51 24.08 41.16
C GLY B 279 47.27 25.11 42.23
N THR B 280 48.34 25.39 43.00
CA THR B 280 48.36 26.46 43.98
C THR B 280 49.05 27.77 43.50
N THR B 281 50.07 27.67 42.64
CA THR B 281 50.77 28.85 42.11
C THR B 281 49.91 29.65 41.11
N HIS B 282 49.78 30.96 41.34
CA HIS B 282 48.90 31.85 40.57
C HIS B 282 47.45 31.36 40.50
N ARG B 283 47.01 30.63 41.53
CA ARG B 283 45.65 30.18 41.61
C ARG B 283 44.75 31.39 41.65
N LYS B 284 43.62 31.32 40.94
CA LYS B 284 42.66 32.43 40.90
C LYS B 284 41.68 32.39 42.08
N GLY B 285 41.25 33.57 42.52
CA GLY B 285 40.27 33.70 43.58
C GLY B 285 38.89 33.90 42.99
N ARG B 286 37.96 34.26 43.85
CA ARG B 286 36.55 34.37 43.48
C ARG B 286 36.39 35.42 42.37
N ASN B 287 35.42 35.22 41.50
CA ASN B 287 35.13 36.19 40.45
C ASN B 287 36.36 36.53 39.60
N ASN B 288 37.21 35.55 39.32
CA ASN B 288 38.38 35.74 38.44
C ASN B 288 39.38 36.75 38.95
N THR B 289 39.55 36.83 40.25
CA THR B 289 40.58 37.69 40.81
C THR B 289 41.89 36.95 40.71
N LEU B 290 42.95 37.71 40.79
CA LEU B 290 44.28 37.22 40.49
C LEU B 290 44.88 36.35 41.62
N SER B 291 44.71 36.78 42.88
CA SER B 291 45.30 36.06 44.03
C SER B 291 44.25 35.41 44.91
N ALA B 292 44.28 34.08 44.95
CA ALA B 292 43.42 33.29 45.82
C ALA B 292 43.80 33.47 47.30
N THR B 293 42.79 33.46 48.16
CA THR B 293 43.03 33.48 49.60
C THR B 293 42.93 32.06 50.13
N GLY B 294 43.10 31.90 51.44
CA GLY B 294 43.29 30.59 52.07
C GLY B 294 42.29 29.47 51.77
N ASP B 295 41.03 29.79 51.61
CA ASP B 295 40.04 28.73 51.33
C ASP B 295 39.69 28.57 49.87
N ASP B 296 40.14 29.49 49.04
CA ASP B 296 39.70 29.50 47.67
C ASP B 296 40.04 28.19 46.99
N VAL B 297 39.11 27.65 46.21
CA VAL B 297 39.34 26.34 45.58
C VAL B 297 40.04 26.38 44.22
N GLY B 298 40.03 27.55 43.59
CA GLY B 298 40.62 27.72 42.29
C GLY B 298 39.79 27.11 41.17
N VAL B 299 40.36 27.11 39.97
CA VAL B 299 39.68 26.73 38.73
C VAL B 299 40.10 25.33 38.30
N PRO B 300 39.12 24.45 37.97
CA PRO B 300 39.45 23.09 37.64
C PRO B 300 40.41 22.96 36.46
N TRP B 301 40.34 23.91 35.54
CA TRP B 301 41.13 23.92 34.34
C TRP B 301 42.61 24.23 34.59
N ALA B 302 42.95 24.73 35.78
CA ALA B 302 44.33 24.84 36.20
C ALA B 302 44.80 23.50 36.74
N ILE B 303 45.10 22.59 35.82
CA ILE B 303 45.32 21.19 36.14
C ILE B 303 46.73 20.88 36.63
N GLY B 304 46.81 20.22 37.78
CA GLY B 304 48.04 19.60 38.22
C GLY B 304 48.74 20.22 39.42
N SER B 305 49.32 19.34 40.25
CA SER B 305 50.02 19.72 41.46
C SER B 305 50.87 18.53 41.86
N PRO B 306 51.63 18.64 42.96
CA PRO B 306 52.42 17.49 43.41
C PRO B 306 51.59 16.27 43.69
N GLU B 307 50.30 16.48 43.91
CA GLU B 307 49.36 15.37 44.11
C GLU B 307 49.03 14.55 42.86
N GLY B 308 49.35 15.07 41.69
CA GLY B 308 49.01 14.37 40.42
C GLY B 308 48.59 15.30 39.28
N GLY B 309 48.44 14.73 38.09
CA GLY B 309 48.12 15.47 36.90
C GLY B 309 46.86 14.99 36.28
N HIS B 310 46.88 14.88 34.94
CA HIS B 310 45.72 14.53 34.15
C HIS B 310 45.26 13.08 34.32
N ASP B 311 46.10 12.21 34.88
CA ASP B 311 45.67 10.85 35.15
C ASP B 311 45.28 10.66 36.62
N SER B 312 45.12 11.76 37.38
CA SER B 312 44.77 11.70 38.82
C SER B 312 43.44 12.37 39.16
N ILE B 313 42.96 12.05 40.36
CA ILE B 313 41.72 12.59 40.92
C ILE B 313 42.10 13.64 41.97
N HIS B 314 41.44 14.80 41.93
CA HIS B 314 41.56 15.80 43.00
C HIS B 314 41.29 15.10 44.35
N PRO B 315 42.22 15.15 45.32
CA PRO B 315 41.97 14.45 46.59
C PRO B 315 40.67 14.82 47.35
N ALA B 316 40.18 16.05 47.19
CA ALA B 316 38.91 16.46 47.79
C ALA B 316 37.66 15.84 47.07
N LEU B 317 37.84 15.23 45.91
CA LEU B 317 36.73 14.53 45.27
C LEU B 317 36.73 13.06 45.69
N GLY B 318 37.86 12.61 46.24
CA GLY B 318 38.04 11.24 46.64
C GLY B 318 39.12 10.57 45.81
N THR B 319 38.91 9.28 45.57
CA THR B 319 39.85 8.40 44.91
C THR B 319 39.27 7.90 43.57
N LEU B 320 40.09 7.15 42.86
CA LEU B 320 39.68 6.51 41.62
C LEU B 320 38.53 5.49 41.84
N ASP B 321 38.45 4.86 43.01
CA ASP B 321 37.33 3.94 43.35
C ASP B 321 36.05 4.72 43.47
N ASP B 322 36.14 5.92 44.05
CA ASP B 322 34.96 6.74 44.22
C ASP B 322 34.46 7.16 42.84
N PHE B 323 35.40 7.53 41.98
CA PHE B 323 35.06 7.83 40.61
C PHE B 323 34.36 6.64 39.91
N ASP B 324 34.93 5.45 40.02
CA ASP B 324 34.27 4.25 39.45
C ASP B 324 32.82 4.13 39.94
N HIS B 325 32.59 4.43 41.22
CA HIS B 325 31.26 4.32 41.82
C HIS B 325 30.34 5.32 41.13
N PHE B 326 30.83 6.55 41.00
CA PHE B 326 30.13 7.59 40.30
C PHE B 326 29.72 7.14 38.88
N VAL B 327 30.66 6.55 38.13
CA VAL B 327 30.40 6.17 36.74
C VAL B 327 29.39 5.03 36.67
N THR B 328 29.53 4.09 37.60
CA THR B 328 28.64 2.95 37.70
C THR B 328 27.23 3.39 38.02
N GLU B 329 27.10 4.32 38.95
CA GLU B 329 25.79 4.79 39.33
C GLU B 329 25.17 5.53 38.17
N ALA B 330 25.96 6.34 37.49
CA ALA B 330 25.51 7.02 36.27
C ALA B 330 24.95 6.03 35.23
N GLY B 331 25.75 5.05 34.86
CA GLY B 331 25.35 3.99 33.92
C GLY B 331 24.05 3.31 34.24
N LYS B 332 23.78 3.05 35.51
CA LYS B 332 22.53 2.42 35.88
C LYS B 332 21.35 3.33 35.59
N LEU B 333 21.58 4.63 35.59
CA LEU B 333 20.53 5.60 35.33
C LEU B 333 20.41 5.97 33.86
N GLY B 334 21.15 5.27 33.00
CA GLY B 334 21.21 5.63 31.57
C GLY B 334 22.04 6.86 31.29
N LEU B 335 22.96 7.21 32.20
CA LEU B 335 23.85 8.35 31.97
C LEU B 335 25.26 7.91 31.60
N GLU B 336 25.77 8.42 30.47
CA GLU B 336 27.19 8.28 30.15
C GLU B 336 27.93 9.51 30.69
N ILE B 337 29.20 9.33 31.02
CA ILE B 337 30.04 10.45 31.48
C ILE B 337 30.92 10.98 30.34
N ALA B 338 30.99 12.30 30.24
CA ALA B 338 31.91 12.96 29.35
C ALA B 338 32.90 13.68 30.22
N LEU B 339 34.17 13.32 30.14
CA LEU B 339 35.19 14.08 30.86
C LEU B 339 35.69 15.22 30.02
N ASP B 340 35.98 16.32 30.68
CA ASP B 340 36.77 17.38 30.10
C ASP B 340 38.23 16.99 29.89
N PHE B 341 38.77 17.31 28.71
CA PHE B 341 40.20 17.10 28.44
C PHE B 341 40.82 18.43 28.00
N ALA B 342 41.61 19.01 28.88
CA ALA B 342 42.23 20.28 28.69
C ALA B 342 43.74 20.07 28.71
N LEU B 343 44.34 20.08 27.50
CA LEU B 343 45.78 19.89 27.31
C LEU B 343 46.54 21.19 27.63
N GLN B 344 46.76 21.37 28.92
CA GLN B 344 47.39 22.54 29.50
C GLN B 344 47.73 22.19 30.94
N CYS B 345 48.54 23.01 31.60
CA CYS B 345 49.08 22.69 32.94
C CYS B 345 49.03 23.87 33.85
N SER B 346 48.83 23.61 35.14
CA SER B 346 49.19 24.60 36.15
C SER B 346 50.70 24.63 36.23
N PRO B 347 51.28 25.67 36.87
CA PRO B 347 52.74 25.72 37.06
C PRO B 347 53.28 24.66 38.00
N ASP B 348 52.39 23.99 38.74
CA ASP B 348 52.79 22.95 39.68
C ASP B 348 52.58 21.56 39.10
N HIS B 349 52.19 21.46 37.84
CA HIS B 349 52.00 20.16 37.20
C HIS B 349 53.36 19.47 37.09
N PRO B 350 53.42 18.15 37.30
CA PRO B 350 54.71 17.47 37.21
C PRO B 350 55.41 17.57 35.83
N TRP B 351 54.61 17.79 34.79
CA TRP B 351 55.14 17.97 33.44
C TRP B 351 56.07 19.16 33.33
N VAL B 352 55.83 20.17 34.14
CA VAL B 352 56.68 21.33 34.12
C VAL B 352 58.16 20.96 34.40
N HIS B 353 58.42 20.04 35.33
CA HIS B 353 59.81 19.66 35.60
C HIS B 353 60.19 18.37 34.88
N LYS B 354 59.23 17.49 34.66
CA LYS B 354 59.49 16.24 33.95
C LYS B 354 59.64 16.33 32.43
N HIS B 355 58.98 17.30 31.81
CA HIS B 355 59.05 17.48 30.37
C HIS B 355 59.11 18.96 30.06
N PRO B 356 60.19 19.62 30.44
CA PRO B 356 60.23 21.08 30.19
C PRO B 356 60.12 21.45 28.72
N GLU B 357 60.60 20.59 27.85
CA GLU B 357 60.51 20.86 26.42
C GLU B 357 59.08 20.74 25.86
N TRP B 358 58.10 20.45 26.71
CA TRP B 358 56.71 20.58 26.33
C TRP B 358 56.20 22.02 26.55
N PHE B 359 57.08 22.96 26.85
CA PHE B 359 56.68 24.34 27.07
C PHE B 359 57.65 25.24 26.34
N HIS B 360 57.21 26.40 25.92
CA HIS B 360 58.10 27.39 25.37
C HIS B 360 58.59 28.24 26.53
N HIS B 361 59.90 28.28 26.70
CA HIS B 361 60.52 29.12 27.69
C HIS B 361 61.07 30.39 27.02
N ARG B 362 60.87 31.52 27.66
CA ARG B 362 61.42 32.77 27.17
C ARG B 362 62.90 32.78 27.54
N PRO B 363 63.65 33.81 27.11
CA PRO B 363 65.09 33.70 27.33
C PRO B 363 65.53 33.69 28.77
N ASP B 364 64.72 34.22 29.69
CA ASP B 364 65.06 34.19 31.11
C ASP B 364 64.57 32.89 31.76
N GLY B 365 64.05 31.95 30.99
CA GLY B 365 63.62 30.68 31.51
C GLY B 365 62.14 30.55 31.84
N THR B 366 61.46 31.68 32.05
CA THR B 366 60.04 31.67 32.41
C THR B 366 59.16 31.20 31.25
N ILE B 367 57.97 30.72 31.58
CA ILE B 367 56.96 30.30 30.62
C ILE B 367 55.78 31.28 30.69
N ALA B 368 55.48 31.94 29.58
CA ALA B 368 54.33 32.83 29.43
C ALA B 368 52.99 32.12 29.71
N HIS B 369 52.14 32.73 30.54
CA HIS B 369 50.87 32.09 30.87
C HIS B 369 49.95 32.10 29.67
N ALA B 370 49.05 31.11 29.57
CA ALA B 370 48.14 31.02 28.41
C ALA B 370 47.17 32.20 28.33
N GLU B 371 46.62 32.42 27.13
CA GLU B 371 45.73 33.56 26.84
C GLU B 371 44.69 33.27 25.75
N ASN B 372 43.62 34.07 25.71
CA ASN B 372 42.59 34.05 24.60
C ASN B 372 42.01 35.48 24.49
N PRO B 373 42.79 36.43 23.97
CA PRO B 373 42.61 37.84 24.35
C PRO B 373 41.20 38.38 24.06
N PRO B 374 40.71 39.35 24.87
CA PRO B 374 41.39 40.01 25.99
C PRO B 374 41.45 39.19 27.29
N LYS B 375 41.05 37.92 27.24
CA LYS B 375 41.09 37.04 28.42
C LYS B 375 42.50 36.47 28.67
N LYS B 376 42.91 36.49 29.93
CA LYS B 376 44.19 35.98 30.34
C LYS B 376 43.99 34.83 31.30
N TYR B 377 44.80 33.79 31.14
CA TYR B 377 44.77 32.65 32.03
C TYR B 377 46.10 32.55 32.79
N GLN B 378 46.24 33.38 33.81
CA GLN B 378 47.52 33.51 34.53
C GLN B 378 47.84 32.28 35.34
N ASP B 379 46.80 31.45 35.56
CA ASP B 379 46.92 30.26 36.36
C ASP B 379 47.39 29.02 35.61
N ILE B 380 47.60 29.13 34.30
CA ILE B 380 48.06 28.00 33.51
C ILE B 380 49.14 28.37 32.48
N TYR B 381 49.82 27.33 32.04
CA TYR B 381 50.78 27.37 30.94
C TYR B 381 50.22 26.57 29.79
N PRO B 382 50.40 27.06 28.56
CA PRO B 382 50.01 26.32 27.37
C PRO B 382 51.14 25.42 26.97
N ILE B 383 50.81 24.35 26.29
CA ILE B 383 51.74 23.32 25.85
C ILE B 383 52.38 23.76 24.54
N ALA B 384 53.66 23.43 24.34
CA ALA B 384 54.37 23.68 23.10
C ALA B 384 54.54 22.32 22.44
N PHE B 385 54.32 22.25 21.11
CA PHE B 385 54.18 20.98 20.41
C PHE B 385 55.32 20.59 19.49
N ASP B 386 56.28 21.50 19.28
CA ASP B 386 57.30 21.33 18.25
C ASP B 386 58.67 20.83 18.67
N ALA B 387 58.88 20.55 19.94
CA ALA B 387 60.14 19.97 20.36
C ALA B 387 59.99 18.46 20.57
N ASP B 388 58.82 18.02 21.05
CA ASP B 388 58.58 16.62 21.30
C ASP B 388 57.14 16.23 20.96
N PRO B 389 56.80 16.28 19.68
CA PRO B 389 55.43 15.97 19.28
C PRO B 389 55.07 14.53 19.58
N ASP B 390 56.02 13.61 19.40
CA ASP B 390 55.73 12.19 19.56
C ASP B 390 55.47 11.89 21.04
N GLY B 391 56.26 12.52 21.90
CA GLY B 391 56.11 12.35 23.31
C GLY B 391 54.76 12.88 23.77
N LEU B 392 54.39 14.07 23.30
CA LEU B 392 53.08 14.63 23.64
C LEU B 392 51.92 13.75 23.18
N ALA B 393 52.06 13.13 22.02
CA ALA B 393 50.99 12.34 21.44
C ALA B 393 50.80 11.02 22.20
N THR B 394 51.93 10.38 22.47
CA THR B 394 51.95 9.15 23.23
C THR B 394 51.32 9.35 24.62
N GLU B 395 51.70 10.41 25.30
CA GLU B 395 51.17 10.66 26.66
C GLU B 395 49.66 10.96 26.61
N THR B 396 49.26 11.81 25.68
CA THR B 396 47.86 12.13 25.49
C THR B 396 46.99 10.88 25.30
N VAL B 397 47.37 9.98 24.40
CA VAL B 397 46.56 8.79 24.19
C VAL B 397 46.60 7.84 25.40
N ARG B 398 47.74 7.80 26.11
CA ARG B 398 47.80 7.02 27.37
C ARG B 398 46.78 7.55 28.37
N ILE B 399 46.74 8.86 28.52
CA ILE B 399 45.78 9.50 29.43
C ILE B 399 44.33 9.19 29.04
N LEU B 400 43.99 9.40 27.79
CA LEU B 400 42.64 9.10 27.36
C LEU B 400 42.29 7.60 27.56
N ARG B 401 43.22 6.72 27.24
CA ARG B 401 43.02 5.28 27.44
C ARG B 401 42.81 4.89 28.91
N HIS B 402 43.52 5.56 29.82
CA HIS B 402 43.27 5.40 31.25
C HIS B 402 41.83 5.66 31.58
N TRP B 403 41.30 6.80 31.14
CA TRP B 403 39.92 7.15 31.52
C TRP B 403 38.93 6.26 30.78
N MET B 404 39.25 5.93 29.55
CA MET B 404 38.51 4.89 28.81
C MET B 404 38.40 3.56 29.58
N ASP B 405 39.49 3.12 30.18
CA ASP B 405 39.46 1.86 30.96
C ASP B 405 38.56 1.97 32.18
N HIS B 406 38.18 3.20 32.53
CA HIS B 406 37.29 3.44 33.65
C HIS B 406 35.92 3.89 33.22
N GLY B 407 35.57 3.57 31.97
CA GLY B 407 34.23 3.79 31.45
C GLY B 407 33.88 5.16 30.86
N VAL B 408 34.86 6.03 30.67
CA VAL B 408 34.61 7.33 30.03
C VAL B 408 34.83 7.14 28.52
N ARG B 409 33.75 7.26 27.75
CA ARG B 409 33.77 6.98 26.32
C ARG B 409 33.42 8.20 25.54
N ILE B 410 33.43 9.35 26.22
CA ILE B 410 33.15 10.65 25.59
C ILE B 410 34.09 11.70 26.23
N PHE B 411 34.83 12.45 25.40
CA PHE B 411 35.73 13.53 25.88
C PHE B 411 35.37 14.87 25.29
N ARG B 412 35.22 15.86 26.17
CA ARG B 412 34.90 17.22 25.80
C ARG B 412 36.24 17.92 25.78
N VAL B 413 36.70 18.29 24.58
CA VAL B 413 38.05 18.80 24.41
C VAL B 413 38.04 20.29 24.54
N ASP B 414 38.75 20.73 25.56
CA ASP B 414 38.87 22.14 25.88
C ASP B 414 39.70 22.87 24.80
N ASN B 415 39.18 23.99 24.33
CA ASN B 415 39.88 24.86 23.37
C ASN B 415 40.82 24.16 22.38
N PRO B 416 40.31 23.19 21.61
CA PRO B 416 41.16 22.42 20.69
C PRO B 416 41.92 23.25 19.66
N HIS B 417 41.34 24.38 19.29
CA HIS B 417 41.94 25.31 18.31
C HIS B 417 43.23 26.00 18.75
N THR B 418 43.67 25.82 19.99
CA THR B 418 44.96 26.38 20.47
C THR B 418 46.00 25.28 20.56
N LYS B 419 45.70 24.11 19.99
CA LYS B 419 46.69 23.05 19.79
C LYS B 419 46.65 22.70 18.29
N PRO B 420 47.74 22.17 17.73
CA PRO B 420 47.77 21.91 16.28
C PRO B 420 46.63 21.01 15.76
N VAL B 421 46.08 21.40 14.63
CA VAL B 421 45.03 20.64 13.97
C VAL B 421 45.47 19.20 13.69
N ALA B 422 46.70 19.00 13.19
CA ALA B 422 47.25 17.63 12.89
C ALA B 422 47.47 16.83 14.13
N PHE B 423 47.69 17.49 15.24
CA PHE B 423 47.81 16.79 16.51
C PHE B 423 46.47 16.10 16.86
N TRP B 424 45.37 16.84 16.76
CA TRP B 424 44.06 16.28 17.01
C TRP B 424 43.79 15.19 15.98
N GLU B 425 44.11 15.42 14.71
CA GLU B 425 43.92 14.37 13.71
C GLU B 425 44.60 13.03 14.12
N ARG B 426 45.83 13.10 14.59
CA ARG B 426 46.60 11.94 14.93
C ARG B 426 46.03 11.27 16.17
N VAL B 427 45.75 12.07 17.18
CA VAL B 427 45.20 11.50 18.45
C VAL B 427 43.86 10.78 18.29
N ILE B 428 42.93 11.45 17.63
CA ILE B 428 41.59 10.89 17.40
C ILE B 428 41.66 9.64 16.56
N ALA B 429 42.53 9.67 15.56
CA ALA B 429 42.71 8.52 14.68
C ALA B 429 43.30 7.37 15.47
N ASP B 430 44.26 7.67 16.34
CA ASP B 430 44.83 6.63 17.18
C ASP B 430 43.75 6.02 18.10
N ILE B 431 42.99 6.87 18.81
CA ILE B 431 42.01 6.41 19.77
C ILE B 431 40.84 5.66 19.11
N ASN B 432 40.28 6.22 18.05
CA ASN B 432 39.23 5.51 17.32
C ASN B 432 39.72 4.27 16.56
N GLY B 433 41.02 4.15 16.32
CA GLY B 433 41.56 2.97 15.68
C GLY B 433 41.34 1.71 16.51
N THR B 434 41.46 1.83 17.82
CA THR B 434 41.23 0.68 18.71
C THR B 434 39.83 0.75 19.31
N ASP B 435 39.31 1.98 19.50
CA ASP B 435 38.04 2.19 20.17
C ASP B 435 37.11 3.11 19.39
N PRO B 436 36.44 2.58 18.37
CA PRO B 436 35.68 3.49 17.49
C PRO B 436 34.43 4.13 18.14
N ASP B 437 33.99 3.63 19.28
CA ASP B 437 32.85 4.23 19.97
C ASP B 437 33.18 5.58 20.65
N VAL B 438 34.44 5.88 20.88
CA VAL B 438 34.74 7.09 21.64
C VAL B 438 34.38 8.34 20.85
N ILE B 439 33.74 9.30 21.54
CA ILE B 439 33.22 10.52 20.95
C ILE B 439 33.96 11.71 21.51
N PHE B 440 34.45 12.58 20.62
CA PHE B 440 35.16 13.80 20.96
C PHE B 440 34.30 15.00 20.54
N LEU B 441 34.13 15.92 21.47
CA LEU B 441 33.42 17.17 21.27
C LEU B 441 34.42 18.33 21.34
N ALA B 442 34.46 19.11 20.27
CA ALA B 442 35.38 20.26 20.14
C ALA B 442 34.77 21.55 20.68
N GLU B 443 35.30 22.09 21.77
CA GLU B 443 34.87 23.39 22.21
C GLU B 443 35.71 24.51 21.55
N ALA B 444 35.42 24.80 20.28
CA ALA B 444 36.15 25.80 19.52
C ALA B 444 35.23 26.88 19.13
N PHE B 445 35.20 27.93 19.95
CA PHE B 445 34.49 29.16 19.65
C PHE B 445 35.48 30.04 18.94
N THR B 446 35.54 29.90 17.63
CA THR B 446 36.56 30.52 16.83
C THR B 446 36.00 30.76 15.44
N ARG B 447 36.87 31.09 14.48
CA ARG B 447 36.45 31.40 13.15
C ARG B 447 35.97 30.14 12.42
N PRO B 448 35.15 30.33 11.38
CA PRO B 448 34.60 29.15 10.67
C PRO B 448 35.62 28.11 10.09
N ALA B 449 36.74 28.57 9.57
CA ALA B 449 37.66 27.69 8.87
C ALA B 449 38.20 26.63 9.81
N MET B 450 38.64 27.09 10.97
CA MET B 450 39.15 26.23 12.01
C MET B 450 38.05 25.33 12.56
N MET B 451 36.88 25.90 12.81
CA MET B 451 35.71 25.14 13.33
C MET B 451 35.38 23.99 12.39
N ALA B 452 35.33 24.30 11.10
CA ALA B 452 35.05 23.28 10.09
C ALA B 452 36.19 22.26 9.97
N THR B 453 37.43 22.73 10.01
CA THR B 453 38.54 21.82 9.79
C THR B 453 38.62 20.82 10.92
N LEU B 454 38.38 21.29 12.16
CA LEU B 454 38.43 20.42 13.33
C LEU B 454 37.42 19.28 13.24
N ALA B 455 36.22 19.56 12.75
CA ALA B 455 35.22 18.49 12.52
C ALA B 455 35.67 17.55 11.43
N GLN B 456 36.22 18.12 10.37
CA GLN B 456 36.62 17.34 9.22
C GLN B 456 37.79 16.41 9.49
N ILE B 457 38.68 16.79 10.41
CA ILE B 457 39.81 15.89 10.77
C ILE B 457 39.45 14.88 11.87
N GLY B 458 38.25 14.99 12.42
CA GLY B 458 37.67 13.83 13.15
C GLY B 458 36.83 14.05 14.38
N PHE B 459 36.65 15.29 14.84
CA PHE B 459 35.77 15.53 15.98
C PHE B 459 34.34 15.19 15.63
N GLN B 460 33.74 14.35 16.47
CA GLN B 460 32.41 13.82 16.24
C GLN B 460 31.37 14.88 16.46
N GLN B 461 31.68 15.82 17.37
CA GLN B 461 30.76 16.90 17.67
C GLN B 461 31.52 18.22 17.74
N SER B 462 30.80 19.29 17.50
CA SER B 462 31.33 20.61 17.70
C SER B 462 30.40 21.50 18.49
N TYR B 463 30.97 22.36 19.33
CA TYR B 463 30.24 23.52 19.82
C TYR B 463 30.10 24.51 18.69
N THR B 464 29.18 25.44 18.83
CA THR B 464 28.67 26.21 17.70
C THR B 464 28.42 27.62 18.15
N TYR B 465 27.92 28.45 17.22
CA TYR B 465 27.64 29.85 17.50
C TYR B 465 26.28 30.05 18.11
N PHE B 466 25.62 28.95 18.52
CA PHE B 466 24.20 28.97 18.88
C PHE B 466 23.83 30.11 19.82
N THR B 467 24.68 30.35 20.84
CA THR B 467 24.37 31.32 21.89
C THR B 467 24.40 32.72 21.37
N TRP B 468 25.08 32.94 20.23
CA TRP B 468 25.12 34.26 19.61
C TRP B 468 24.17 34.33 18.42
N ARG B 469 23.22 33.38 18.35
CA ARG B 469 22.15 33.41 17.36
C ARG B 469 20.78 33.46 18.03
N ASN B 470 20.22 34.67 18.12
CA ASN B 470 19.04 34.94 18.94
C ASN B 470 17.84 35.56 18.20
N THR B 471 18.07 36.26 17.09
CA THR B 471 16.97 36.76 16.24
C THR B 471 16.53 35.71 15.20
N LYS B 472 15.35 35.89 14.62
CA LYS B 472 14.82 34.95 13.63
C LYS B 472 15.75 34.83 12.45
N GLN B 473 16.33 35.95 12.03
CA GLN B 473 17.23 35.95 10.88
C GLN B 473 18.52 35.22 11.19
N GLU B 474 19.06 35.49 12.37
CA GLU B 474 20.26 34.76 12.85
C GLU B 474 20.00 33.25 12.99
N LEU B 475 18.92 32.90 13.64
CA LEU B 475 18.58 31.49 13.86
C LEU B 475 18.35 30.76 12.52
N THR B 476 17.61 31.39 11.62
CA THR B 476 17.25 30.80 10.34
C THR B 476 18.49 30.60 9.49
N GLU B 477 19.33 31.64 9.42
CA GLU B 477 20.54 31.58 8.62
C GLU B 477 21.51 30.52 9.15
N TYR B 478 21.71 30.51 10.46
CA TYR B 478 22.71 29.59 11.03
C TYR B 478 22.27 28.14 10.89
N LEU B 479 21.01 27.87 11.19
CA LEU B 479 20.51 26.49 11.14
C LEU B 479 20.38 25.98 9.73
N THR B 480 20.10 26.88 8.78
CA THR B 480 20.14 26.54 7.35
C THR B 480 21.54 26.02 7.02
N GLU B 481 22.55 26.76 7.48
CA GLU B 481 23.95 26.38 7.27
C GLU B 481 24.24 25.05 7.97
N LEU B 482 23.90 24.94 9.25
CA LEU B 482 24.25 23.73 9.99
C LEU B 482 23.58 22.49 9.43
N SER B 483 22.37 22.66 8.90
CA SER B 483 21.57 21.48 8.49
C SER B 483 21.76 21.16 7.02
N GLY B 484 22.57 21.93 6.32
CA GLY B 484 22.83 21.76 4.92
C GLY B 484 24.10 20.95 4.69
N GLU B 485 25.01 21.51 3.88
CA GLU B 485 26.23 20.83 3.52
C GLU B 485 27.16 20.56 4.71
N ALA B 486 27.13 21.42 5.72
CA ALA B 486 27.97 21.22 6.89
C ALA B 486 27.66 19.92 7.64
N ALA B 487 26.45 19.40 7.49
CA ALA B 487 26.05 18.19 8.22
C ALA B 487 26.78 16.94 7.68
N SER B 488 27.53 17.06 6.59
CA SER B 488 28.32 15.92 6.18
C SER B 488 29.62 15.74 6.99
N TYR B 489 29.96 16.76 7.80
CA TYR B 489 31.18 16.68 8.60
C TYR B 489 31.07 17.16 10.05
N MET B 490 30.03 17.90 10.38
CA MET B 490 29.93 18.53 11.70
C MET B 490 28.61 18.13 12.32
N ARG B 491 28.68 17.71 13.59
CA ARG B 491 27.50 17.42 14.41
C ARG B 491 27.43 18.40 15.56
N PRO B 492 26.41 19.27 15.58
CA PRO B 492 26.38 20.33 16.58
C PRO B 492 25.86 19.95 17.94
N ASN B 493 26.42 20.60 18.94
CA ASN B 493 25.99 20.45 20.32
C ASN B 493 25.57 21.79 20.81
N PHE B 494 24.27 21.97 20.96
CA PHE B 494 23.69 23.29 21.30
C PHE B 494 23.54 23.40 22.79
N PHE B 495 24.56 23.93 23.43
CA PHE B 495 24.44 24.28 24.83
C PHE B 495 23.82 25.65 24.90
N ALA B 496 22.64 25.77 25.54
CA ALA B 496 21.95 27.06 25.64
C ALA B 496 22.76 28.01 26.54
N ASN B 497 23.53 27.43 27.46
CA ASN B 497 24.52 28.21 28.21
C ASN B 497 25.75 27.38 28.51
N THR B 498 26.82 28.04 28.95
CA THR B 498 27.99 27.34 29.56
C THR B 498 28.45 28.21 30.72
N PRO B 499 29.35 27.72 31.57
CA PRO B 499 29.98 28.55 32.61
C PRO B 499 30.64 29.83 32.10
N ASP B 500 30.98 29.86 30.81
CA ASP B 500 31.68 31.00 30.18
C ASP B 500 30.74 31.84 29.35
N ILE B 501 29.49 31.40 29.17
CA ILE B 501 28.56 32.11 28.31
C ILE B 501 27.18 32.31 28.95
N LEU B 502 26.96 33.48 29.51
CA LEU B 502 25.61 33.92 29.89
C LEU B 502 25.20 35.07 28.96
N HIS B 503 24.41 34.79 27.92
CA HIS B 503 24.13 35.78 26.87
C HIS B 503 23.20 36.87 27.34
N ALA B 504 23.38 38.07 26.81
CA ALA B 504 22.55 39.25 27.11
C ALA B 504 21.05 38.96 26.95
N TYR B 505 20.73 38.11 25.98
CA TYR B 505 19.38 37.69 25.75
C TYR B 505 18.75 37.04 27.00
N LEU B 506 19.53 36.18 27.69
CA LEU B 506 19.05 35.61 28.92
C LEU B 506 19.13 36.62 30.05
N GLN B 507 20.14 37.47 30.03
CA GLN B 507 20.30 38.45 31.10
C GLN B 507 19.10 39.39 31.13
N HIS B 508 18.68 39.85 29.96
CA HIS B 508 17.61 40.82 29.86
C HIS B 508 16.25 40.15 29.75
N GLY B 509 16.24 38.87 29.37
CA GLY B 509 15.00 38.14 29.14
C GLY B 509 14.32 37.51 30.38
N GLY B 510 15.11 37.09 31.35
CA GLY B 510 14.59 36.37 32.51
C GLY B 510 14.06 35.02 32.15
N ARG B 511 13.21 34.48 33.01
CA ARG B 511 12.77 33.11 32.83
C ARG B 511 12.16 32.81 31.46
N PRO B 512 11.29 33.69 30.97
CA PRO B 512 10.80 33.41 29.62
C PRO B 512 11.90 33.25 28.52
N ALA B 513 13.04 33.92 28.69
CA ALA B 513 14.16 33.74 27.73
C ALA B 513 14.72 32.32 27.85
N PHE B 514 14.87 31.84 29.09
CA PHE B 514 15.35 30.49 29.34
C PHE B 514 14.45 29.43 28.72
N GLU B 515 13.14 29.71 28.70
CA GLU B 515 12.17 28.78 28.16
C GLU B 515 12.29 28.70 26.66
N VAL B 516 12.45 29.87 26.04
CA VAL B 516 12.62 29.99 24.58
C VAL B 516 13.89 29.26 24.11
N ARG B 517 15.02 29.55 24.73
CA ARG B 517 16.28 28.99 24.29
C ARG B 517 16.33 27.49 24.46
N ALA B 518 15.68 26.99 25.51
CA ALA B 518 15.61 25.59 25.75
C ALA B 518 14.85 24.91 24.64
N VAL B 519 13.70 25.49 24.29
CA VAL B 519 12.90 24.95 23.24
C VAL B 519 13.66 24.92 21.92
N LEU B 520 14.37 26.02 21.61
CA LEU B 520 15.09 26.12 20.37
C LEU B 520 16.18 25.09 20.31
N ALA B 521 17.01 25.05 21.34
CA ALA B 521 18.17 24.18 21.34
C ALA B 521 17.73 22.75 21.20
N ALA B 522 16.65 22.42 21.90
CA ALA B 522 16.17 21.05 21.97
C ALA B 522 15.48 20.59 20.71
N THR B 523 14.86 21.54 20.00
CA THR B 523 14.16 21.19 18.76
C THR B 523 14.96 21.43 17.48
N LEU B 524 16.06 22.18 17.57
CA LEU B 524 16.83 22.54 16.37
C LEU B 524 18.03 21.64 16.17
N SER B 525 18.59 21.09 17.26
CA SER B 525 19.70 20.16 17.15
C SER B 525 19.33 18.87 17.85
N PRO B 526 19.71 17.71 17.26
CA PRO B 526 19.50 16.48 17.95
C PRO B 526 20.44 16.29 19.12
N THR B 527 21.46 17.14 19.26
CA THR B 527 22.16 17.24 20.54
C THR B 527 22.08 18.63 21.12
N TRP B 528 21.65 18.70 22.37
CA TRP B 528 21.65 19.97 23.09
C TRP B 528 22.12 19.79 24.50
N GLY B 529 22.35 20.91 25.19
CA GLY B 529 22.82 20.87 26.56
C GLY B 529 22.54 22.11 27.37
N ILE B 530 22.60 21.93 28.69
CA ILE B 530 22.59 23.06 29.63
C ILE B 530 23.65 22.85 30.71
N TYR B 531 24.10 23.96 31.29
CA TYR B 531 25.04 23.96 32.40
C TYR B 531 24.23 24.33 33.68
N SER B 532 24.35 23.46 34.68
CA SER B 532 23.60 23.57 35.94
C SER B 532 23.40 24.97 36.43
N GLY B 533 22.15 25.31 36.73
CA GLY B 533 21.78 26.65 37.18
C GLY B 533 20.94 27.32 36.10
N TYR B 534 20.99 26.76 34.89
CA TYR B 534 20.14 27.23 33.79
C TYR B 534 18.67 27.05 34.15
N GLU B 535 18.33 25.87 34.69
CA GLU B 535 16.97 25.52 35.15
C GLU B 535 16.47 26.54 36.15
N LEU B 536 17.37 27.10 36.94
CA LEU B 536 16.96 28.08 37.97
C LEU B 536 16.92 29.47 37.39
N CYS B 537 17.26 29.61 36.11
CA CYS B 537 17.21 30.90 35.43
C CYS B 537 18.22 31.91 36.01
N GLU B 538 19.37 31.40 36.44
CA GLU B 538 20.43 32.26 36.94
C GLU B 538 20.93 33.12 35.80
N ASN B 539 20.85 34.42 35.96
CA ASN B 539 21.13 35.29 34.86
C ASN B 539 21.75 36.62 35.27
N THR B 540 22.51 36.61 36.35
CA THR B 540 23.16 37.85 36.82
C THR B 540 24.59 37.84 36.31
N PRO B 541 24.96 38.83 35.50
CA PRO B 541 26.29 38.88 34.96
C PRO B 541 27.29 39.49 35.89
N LEU B 542 28.57 39.26 35.57
CA LEU B 542 29.65 39.87 36.31
C LEU B 542 29.50 41.38 36.28
N ARG B 543 29.09 41.91 35.13
CA ARG B 543 28.78 43.34 35.02
C ARG B 543 28.07 43.56 33.71
N GLU B 544 27.56 44.78 33.50
CA GLU B 544 26.87 45.12 32.25
C GLU B 544 27.81 44.92 31.07
N GLY B 545 27.32 44.22 30.06
CA GLY B 545 28.09 43.94 28.85
C GLY B 545 29.05 42.76 28.94
N SER B 546 28.98 41.97 30.01
CA SER B 546 29.80 40.76 30.16
C SER B 546 28.95 39.51 29.88
N GLU B 547 29.60 38.43 29.46
CA GLU B 547 28.92 37.13 29.31
C GLU B 547 29.34 36.17 30.42
N GLU B 548 30.11 36.69 31.37
CA GLU B 548 30.42 35.95 32.60
C GLU B 548 29.29 36.09 33.66
N TYR B 549 29.02 35.00 34.36
CA TYR B 549 28.17 35.00 35.54
C TYR B 549 28.86 35.71 36.68
N LEU B 550 28.09 36.36 37.53
CA LEU B 550 28.61 36.90 38.77
C LEU B 550 28.84 35.74 39.71
N ASP B 551 29.91 35.84 40.51
CA ASP B 551 30.28 34.78 41.47
C ASP B 551 30.30 33.45 40.75
N SER B 552 31.08 33.40 39.70
CA SER B 552 31.11 32.24 38.82
C SER B 552 31.57 30.96 39.53
N GLU B 553 30.91 29.85 39.17
CA GLU B 553 31.19 28.55 39.77
C GLU B 553 32.61 28.04 39.46
N LYS B 554 33.24 28.64 38.44
CA LYS B 554 34.60 28.30 38.06
C LYS B 554 35.55 28.62 39.18
N TYR B 555 35.26 29.64 39.99
CA TYR B 555 36.18 30.13 41.02
C TYR B 555 35.69 29.91 42.43
N GLN B 556 34.55 29.23 42.60
CA GLN B 556 34.02 29.00 43.94
C GLN B 556 33.00 27.85 43.93
N LEU B 557 32.83 27.25 45.11
CA LEU B 557 31.80 26.26 45.35
C LEU B 557 30.49 26.98 45.24
N LYS B 558 29.50 26.36 44.60
CA LYS B 558 28.24 27.06 44.40
C LYS B 558 27.07 26.16 44.76
N PRO B 559 26.82 26.00 46.08
CA PRO B 559 25.67 25.18 46.50
C PRO B 559 24.32 25.78 46.07
N ARG B 560 23.40 24.89 45.69
CA ARG B 560 22.07 25.28 45.24
C ARG B 560 20.99 24.52 46.02
N ASP B 561 19.95 25.21 46.45
CA ASP B 561 18.80 24.59 47.11
C ASP B 561 17.81 24.02 46.06
N TRP B 562 18.17 22.88 45.46
CA TRP B 562 17.36 22.19 44.49
C TRP B 562 15.94 21.83 44.98
N THR B 563 15.82 21.41 46.21
CA THR B 563 14.51 21.03 46.79
C THR B 563 13.54 22.20 46.91
N ARG B 564 14.03 23.32 47.44
CA ARG B 564 13.21 24.50 47.52
C ARG B 564 12.75 25.03 46.13
N ALA B 565 13.67 25.08 45.15
CA ALA B 565 13.30 25.55 43.79
C ALA B 565 12.18 24.68 43.20
N ALA B 566 12.25 23.37 43.46
CA ALA B 566 11.19 22.43 43.01
C ALA B 566 9.83 22.73 43.65
N ARG B 567 9.78 22.79 44.98
CA ARG B 567 8.50 23.01 45.64
C ARG B 567 7.93 24.43 45.38
N GLU B 568 8.81 25.41 45.20
CA GLU B 568 8.40 26.81 44.95
C GLU B 568 8.14 27.07 43.49
N GLY B 569 8.49 26.12 42.62
CA GLY B 569 8.19 26.23 41.20
C GLY B 569 9.06 27.22 40.45
N THR B 570 10.23 27.55 41.00
CA THR B 570 11.12 28.57 40.44
C THR B 570 12.20 27.88 39.59
N THR B 571 11.90 26.71 39.05
CA THR B 571 12.81 25.98 38.17
C THR B 571 12.06 25.59 36.87
N ILE B 572 12.74 25.64 35.75
CA ILE B 572 12.13 25.21 34.50
C ILE B 572 12.41 23.75 34.20
N ALA B 573 12.88 23.03 35.22
CA ALA B 573 13.16 21.60 35.18
C ALA B 573 11.99 20.76 34.59
N PRO B 574 10.71 21.12 34.89
CA PRO B 574 9.62 20.36 34.21
C PRO B 574 9.52 20.61 32.69
N LEU B 575 9.77 21.83 32.25
CA LEU B 575 9.80 22.10 30.79
C LEU B 575 10.93 21.30 30.15
N VAL B 576 12.12 21.39 30.74
CA VAL B 576 13.26 20.64 30.29
C VAL B 576 12.95 19.17 30.19
N THR B 577 12.32 18.60 31.23
CA THR B 577 12.00 17.19 31.20
C THR B 577 11.07 16.88 30.02
N ARG B 578 10.06 17.73 29.83
CA ARG B 578 9.07 17.52 28.79
C ARG B 578 9.78 17.55 27.42
N LEU B 579 10.65 18.52 27.22
CA LEU B 579 11.39 18.62 25.95
C LEU B 579 12.19 17.35 25.65
N ASN B 580 12.85 16.79 26.65
CA ASN B 580 13.61 15.55 26.42
C ASN B 580 12.70 14.36 26.16
N THR B 581 11.51 14.35 26.76
CA THR B 581 10.53 13.28 26.52
C THR B 581 10.04 13.36 25.10
N ILE B 582 9.68 14.56 24.67
CA ILE B 582 9.21 14.72 23.32
C ILE B 582 10.30 14.23 22.32
N ARG B 583 11.54 14.62 22.54
CA ARG B 583 12.66 14.15 21.72
C ARG B 583 12.78 12.63 21.68
N ARG B 584 12.61 11.99 22.83
CA ARG B 584 12.69 10.53 22.95
C ARG B 584 11.51 9.85 22.24
N GLU B 585 10.41 10.59 22.08
CA GLU B 585 9.19 10.05 21.49
C GLU B 585 9.03 10.41 20.02
N ASN B 586 9.91 11.28 19.49
CA ASN B 586 9.75 11.75 18.11
C ASN B 586 11.04 11.70 17.30
N PRO B 587 11.19 10.67 16.46
CA PRO B 587 12.37 10.49 15.60
C PRO B 587 12.77 11.78 14.86
N ALA B 588 11.79 12.58 14.44
CA ALA B 588 12.08 13.79 13.71
C ALA B 588 13.10 14.69 14.43
N LEU B 589 13.02 14.72 15.76
CA LEU B 589 13.93 15.55 16.59
C LEU B 589 15.28 14.90 16.94
N ARG B 590 15.50 13.67 16.49
CA ARG B 590 16.77 12.96 16.67
C ARG B 590 17.58 12.94 15.39
N GLN B 591 17.28 13.88 14.51
CA GLN B 591 18.08 14.11 13.31
C GLN B 591 18.26 15.60 13.07
N LEU B 592 19.22 15.93 12.23
CA LEU B 592 19.66 17.29 12.00
C LEU B 592 19.19 17.81 10.63
N ARG B 593 19.38 17.00 9.62
CA ARG B 593 19.36 17.48 8.23
C ARG B 593 18.02 17.83 7.67
N ASP B 594 16.96 17.19 8.14
CA ASP B 594 15.63 17.52 7.64
C ASP B 594 15.04 18.61 8.52
N LEU B 595 14.94 19.80 7.95
CA LEU B 595 14.55 20.96 8.69
C LEU B 595 14.04 21.93 7.69
N HIS B 596 12.93 22.62 8.02
CA HIS B 596 12.48 23.68 7.12
C HIS B 596 11.76 24.83 7.83
N PHE B 597 12.11 26.05 7.42
CA PHE B 597 11.51 27.27 7.98
C PHE B 597 10.30 27.78 7.19
N HIS B 598 9.16 27.84 7.88
CA HIS B 598 7.90 28.28 7.30
C HIS B 598 7.68 29.76 7.59
N PRO B 599 7.21 30.53 6.57
CA PRO B 599 7.03 31.99 6.79
C PRO B 599 5.98 32.39 7.84
N THR B 600 6.24 33.49 8.51
CA THR B 600 5.25 34.11 9.40
C THR B 600 5.28 35.60 9.17
N ASP B 601 4.18 36.27 9.50
CA ASP B 601 4.10 37.72 9.30
C ASP B 601 4.62 38.51 10.48
N LYS B 602 5.27 37.84 11.45
CA LYS B 602 5.88 38.54 12.57
C LYS B 602 7.36 38.24 12.66
N GLU B 603 8.14 39.30 12.79
CA GLU B 603 9.56 39.15 12.86
C GLU B 603 10.02 38.49 14.18
N GLU B 604 9.23 38.62 15.24
CA GLU B 604 9.55 38.00 16.53
C GLU B 604 9.21 36.52 16.54
N VAL B 605 8.43 36.06 15.55
CA VAL B 605 7.82 34.73 15.62
C VAL B 605 8.36 33.82 14.52
N ILE B 606 8.92 32.69 14.93
CA ILE B 606 9.62 31.84 14.00
C ILE B 606 8.92 30.51 13.97
N ALA B 607 8.88 29.90 12.79
CA ALA B 607 8.23 28.62 12.59
C ALA B 607 9.11 27.70 11.76
N TYR B 608 9.16 26.43 12.15
CA TYR B 608 9.94 25.44 11.41
C TYR B 608 9.41 24.04 11.61
N SER B 609 9.83 23.12 10.73
CA SER B 609 9.37 21.72 10.80
C SER B 609 10.53 20.76 10.54
N LYS B 610 10.40 19.56 11.09
CA LYS B 610 11.40 18.51 10.97
C LYS B 610 10.68 17.20 10.74
N ARG B 611 11.23 16.32 9.91
CA ARG B 611 10.59 15.05 9.60
C ARG B 611 11.53 13.85 9.59
N GLN B 612 10.98 12.69 9.93
CA GLN B 612 11.70 11.43 9.89
C GLN B 612 10.64 10.34 9.74
N GLY B 613 10.73 9.58 8.65
CA GLY B 613 9.61 8.72 8.21
C GLY B 613 8.30 9.49 8.27
N SER B 614 7.30 8.90 8.93
CA SER B 614 5.98 9.54 9.05
C SER B 614 5.84 10.47 10.27
N ASN B 615 6.92 10.66 11.02
CA ASN B 615 6.91 11.59 12.15
C ASN B 615 7.28 12.98 11.65
N THR B 616 6.45 13.95 12.03
CA THR B 616 6.60 15.33 11.61
C THR B 616 6.36 16.18 12.81
N VAL B 617 7.33 17.03 13.14
CA VAL B 617 7.20 17.92 14.26
C VAL B 617 7.18 19.36 13.76
N LEU B 618 6.19 20.13 14.22
CA LEU B 618 6.05 21.54 13.84
C LEU B 618 6.24 22.42 15.07
N VAL B 619 7.09 23.43 14.96
CA VAL B 619 7.44 24.28 16.10
C VAL B 619 7.21 25.73 15.73
N VAL B 620 6.49 26.42 16.61
CA VAL B 620 6.36 27.86 16.49
C VAL B 620 6.84 28.50 17.78
N VAL B 621 7.80 29.41 17.64
CA VAL B 621 8.39 30.09 18.81
C VAL B 621 8.25 31.61 18.74
N ASN B 622 7.90 32.19 19.88
CA ASN B 622 7.94 33.62 20.10
C ASN B 622 9.29 34.01 20.72
N LEU B 623 10.14 34.66 19.94
CA LEU B 623 11.46 35.08 20.41
C LEU B 623 11.47 36.34 21.29
N ASP B 624 10.31 36.95 21.47
CA ASP B 624 10.20 38.13 22.32
C ASP B 624 9.88 37.65 23.74
N PRO B 625 10.79 37.88 24.71
CA PRO B 625 10.56 37.40 26.07
C PRO B 625 9.76 38.38 26.93
N ARG B 626 9.44 39.57 26.39
CA ARG B 626 8.77 40.61 27.17
C ARG B 626 7.32 40.87 26.72
N HIS B 627 7.00 40.72 25.43
CA HIS B 627 5.64 40.98 24.94
C HIS B 627 4.97 39.79 24.25
N THR B 628 3.67 39.65 24.47
CA THR B 628 2.87 38.72 23.73
C THR B 628 2.94 39.07 22.26
N GLN B 629 2.97 38.03 21.43
CA GLN B 629 3.04 38.21 19.99
C GLN B 629 1.94 37.38 19.34
N GLU B 630 1.19 38.00 18.42
CA GLU B 630 0.25 37.26 17.60
C GLU B 630 0.65 37.34 16.14
N ALA B 631 0.54 36.19 15.46
CA ALA B 631 0.99 36.10 14.08
C ALA B 631 0.21 35.07 13.32
N THR B 632 0.29 35.19 11.99
CA THR B 632 -0.22 34.20 11.09
C THR B 632 0.98 33.43 10.59
N VAL B 633 0.91 32.11 10.72
CA VAL B 633 1.97 31.23 10.26
C VAL B 633 1.48 30.56 9.00
N SER B 634 2.24 30.73 7.91
CA SER B 634 1.86 30.21 6.60
C SER B 634 2.70 28.98 6.24
N LEU B 635 2.08 27.81 6.37
CA LEU B 635 2.77 26.57 6.21
C LEU B 635 2.98 26.23 4.74
N ASP B 636 4.25 25.96 4.39
CA ASP B 636 4.62 25.25 3.17
C ASP B 636 4.04 23.86 3.20
N MET B 637 2.81 23.71 2.74
CA MET B 637 2.09 22.45 2.90
C MET B 637 2.77 21.28 2.20
N PRO B 638 3.29 21.50 0.97
CA PRO B 638 3.98 20.40 0.28
C PRO B 638 5.25 19.99 0.98
N GLN B 639 5.91 20.95 1.60
CA GLN B 639 7.14 20.65 2.32
C GLN B 639 6.83 19.78 3.54
N LEU B 640 5.57 19.80 3.99
CA LEU B 640 5.09 18.81 4.97
C LEU B 640 4.56 17.52 4.31
N GLY B 641 4.48 17.49 2.98
CA GLY B 641 3.96 16.34 2.24
C GLY B 641 2.43 16.30 2.18
N LEU B 642 1.83 17.49 2.14
CA LEU B 642 0.39 17.64 2.16
C LEU B 642 -0.03 18.50 0.96
N ASP B 643 -1.28 18.38 0.54
CA ASP B 643 -1.83 19.32 -0.45
C ASP B 643 -2.15 20.64 0.22
N TRP B 644 -2.19 21.70 -0.57
CA TRP B 644 -2.29 23.07 -0.03
C TRP B 644 -3.54 23.32 0.78
N HIS B 645 -4.62 22.68 0.37
CA HIS B 645 -5.94 22.87 0.94
C HIS B 645 -6.16 21.96 2.14
N GLU B 646 -5.24 21.03 2.37
CA GLU B 646 -5.36 20.05 3.45
C GLU B 646 -5.37 20.78 4.78
N SER B 647 -5.98 20.13 5.77
CA SER B 647 -6.00 20.63 7.12
C SER B 647 -5.73 19.45 8.02
N VAL B 648 -4.52 19.42 8.58
CA VAL B 648 -4.09 18.30 9.41
C VAL B 648 -4.21 18.65 10.89
N PRO B 649 -4.59 17.66 11.71
CA PRO B 649 -4.62 17.90 13.14
C PRO B 649 -3.21 17.84 13.72
N VAL B 650 -2.98 18.65 14.75
CA VAL B 650 -1.73 18.64 15.49
C VAL B 650 -2.04 18.50 16.97
N ARG B 651 -1.02 18.13 17.75
CA ARG B 651 -1.11 18.23 19.21
C ARG B 651 0.09 19.02 19.67
N ASP B 652 -0.15 20.04 20.50
CA ASP B 652 0.93 20.79 21.14
C ASP B 652 1.41 19.98 22.33
N GLU B 653 2.56 19.30 22.16
CA GLU B 653 3.05 18.40 23.17
C GLU B 653 3.46 19.07 24.49
N LEU B 654 3.64 20.39 24.49
CA LEU B 654 3.89 21.14 25.72
C LEU B 654 2.65 21.22 26.61
N THR B 655 1.47 21.32 26.00
CA THR B 655 0.22 21.50 26.73
C THR B 655 -0.72 20.29 26.66
N GLY B 656 -0.55 19.42 25.67
CA GLY B 656 -1.52 18.37 25.40
C GLY B 656 -2.68 18.82 24.49
N GLU B 657 -2.74 20.11 24.18
CA GLU B 657 -3.90 20.68 23.49
C GLU B 657 -3.84 20.35 22.02
N THR B 658 -5.02 20.13 21.44
CA THR B 658 -5.18 19.74 20.03
C THR B 658 -5.64 20.93 19.21
N TYR B 659 -5.13 21.03 17.99
CA TYR B 659 -5.59 22.03 17.03
C TYR B 659 -5.69 21.39 15.67
N HIS B 660 -6.41 22.03 14.76
CA HIS B 660 -6.44 21.60 13.36
C HIS B 660 -5.78 22.72 12.60
N TRP B 661 -4.68 22.41 11.92
CA TRP B 661 -3.92 23.44 11.22
C TRP B 661 -3.81 23.17 9.74
N GLY B 662 -3.64 24.25 8.99
CA GLY B 662 -3.47 24.18 7.55
C GLY B 662 -2.59 25.30 7.06
N ARG B 663 -2.79 25.64 5.80
CA ARG B 663 -2.08 26.70 5.09
C ARG B 663 -1.79 27.98 5.88
N ALA B 664 -2.77 28.50 6.60
CA ALA B 664 -2.60 29.76 7.35
C ALA B 664 -3.23 29.63 8.73
N ASN B 665 -2.45 29.91 9.76
CA ASN B 665 -2.88 29.65 11.14
C ASN B 665 -2.51 30.80 12.06
N TYR B 666 -3.51 31.25 12.81
CA TYR B 666 -3.32 32.26 13.83
C TYR B 666 -2.67 31.63 15.06
N VAL B 667 -1.63 32.26 15.58
CA VAL B 667 -1.11 31.91 16.91
C VAL B 667 -1.08 33.15 17.78
N ARG B 668 -1.07 32.89 19.08
CA ARG B 668 -0.98 33.92 20.07
C ARG B 668 -0.17 33.38 21.23
N LEU B 669 1.03 33.94 21.46
CA LEU B 669 2.01 33.37 22.41
C LEU B 669 2.41 34.38 23.46
N GLU B 670 2.13 34.05 24.72
CA GLU B 670 2.29 34.99 25.81
C GLU B 670 3.53 34.53 26.64
N PRO B 671 4.58 35.38 26.68
CA PRO B 671 5.76 35.06 27.47
C PRO B 671 5.43 34.76 28.93
N GLY B 672 5.96 33.66 29.44
CA GLY B 672 5.65 33.23 30.80
C GLY B 672 4.57 32.19 30.82
N ARG B 673 3.59 32.31 29.93
CA ARG B 673 2.52 31.35 29.87
C ARG B 673 2.90 30.30 28.86
N THR B 674 3.16 30.75 27.63
CA THR B 674 3.62 29.85 26.55
C THR B 674 4.81 30.49 25.83
N PRO B 675 5.98 29.81 25.87
CA PRO B 675 7.09 30.21 25.04
C PRO B 675 6.92 29.82 23.56
N ALA B 676 6.32 28.64 23.34
CA ALA B 676 6.16 28.10 22.00
C ALA B 676 5.00 27.11 21.87
N HIS B 677 4.76 26.72 20.62
CA HIS B 677 4.03 25.51 20.32
C HIS B 677 5.01 24.51 19.75
N VAL B 678 5.05 23.32 20.34
CA VAL B 678 5.86 22.22 19.86
C VAL B 678 4.88 21.10 19.52
N CYS B 679 4.49 21.06 18.25
CA CYS B 679 3.38 20.25 17.84
C CYS B 679 3.87 19.06 17.02
N THR B 680 3.22 17.92 17.24
CA THR B 680 3.38 16.76 16.39
C THR B 680 2.14 16.69 15.50
N VAL B 681 2.34 16.39 14.23
CA VAL B 681 1.22 16.18 13.29
C VAL B 681 0.66 14.77 13.49
N LEU B 682 -0.65 14.66 13.71
CA LEU B 682 -1.24 13.40 14.18
C LEU B 682 -1.53 12.48 13.00
N ARG B 683 -1.29 11.19 13.20
CA ARG B 683 -0.95 10.36 12.04
C ARG B 683 -2.11 10.20 11.08
N PRO C 35 -14.65 -42.16 17.28
CA PRO C 35 -14.69 -40.74 16.93
C PRO C 35 -16.09 -40.16 16.96
N THR C 36 -16.23 -38.93 17.48
CA THR C 36 -17.50 -38.22 17.49
C THR C 36 -17.67 -37.37 16.23
N VAL C 37 -18.91 -37.01 15.93
CA VAL C 37 -19.20 -36.17 14.77
C VAL C 37 -18.89 -34.72 15.05
N VAL C 38 -19.13 -34.24 16.27
CA VAL C 38 -18.73 -32.85 16.59
C VAL C 38 -17.38 -32.87 17.26
N GLY C 39 -16.56 -31.88 16.93
CA GLY C 39 -15.17 -31.82 17.41
C GLY C 39 -15.04 -31.01 18.66
N ARG C 40 -13.80 -30.72 19.03
CA ARG C 40 -13.54 -30.04 20.28
C ARG C 40 -14.14 -28.63 20.29
N ILE C 41 -13.89 -27.84 19.23
CA ILE C 41 -14.59 -26.55 19.06
C ILE C 41 -15.55 -26.74 17.89
N PRO C 42 -16.86 -26.83 18.17
CA PRO C 42 -17.86 -27.06 17.11
C PRO C 42 -17.69 -26.18 15.91
N VAL C 43 -17.57 -26.81 14.75
CA VAL C 43 -17.62 -26.07 13.49
C VAL C 43 -18.58 -26.84 12.55
N LEU C 44 -19.71 -26.20 12.24
CA LEU C 44 -20.84 -26.89 11.64
C LEU C 44 -21.40 -26.16 10.43
N ASP C 45 -21.88 -26.93 9.45
CA ASP C 45 -22.63 -26.39 8.31
C ASP C 45 -21.88 -25.38 7.51
N VAL C 46 -20.74 -25.80 7.02
CA VAL C 46 -19.89 -24.94 6.26
C VAL C 46 -20.57 -24.69 4.92
N ARG C 47 -20.61 -23.42 4.52
CA ARG C 47 -21.11 -23.05 3.20
C ARG C 47 -20.10 -22.21 2.42
N PRO C 48 -20.20 -22.24 1.08
CA PRO C 48 -21.23 -22.96 0.30
C PRO C 48 -21.09 -24.46 0.27
N VAL C 49 -22.22 -25.13 0.01
CA VAL C 49 -22.23 -26.56 -0.19
C VAL C 49 -23.23 -26.89 -1.28
N VAL C 50 -22.89 -27.87 -2.10
CA VAL C 50 -23.75 -28.26 -3.18
C VAL C 50 -23.94 -29.75 -3.05
N GLN C 51 -25.20 -30.18 -2.93
CA GLN C 51 -25.51 -31.56 -2.89
C GLN C 51 -24.84 -32.25 -1.70
N ARG C 52 -24.83 -31.58 -0.56
CA ARG C 52 -24.24 -32.14 0.65
C ARG C 52 -22.78 -32.49 0.49
N GLY C 53 -22.13 -31.87 -0.49
CA GLY C 53 -20.70 -31.99 -0.68
C GLY C 53 -20.37 -32.99 -1.74
N ARG C 54 -21.36 -33.48 -2.44
CA ARG C 54 -21.14 -34.52 -3.44
C ARG C 54 -20.80 -33.93 -4.79
N ARG C 55 -21.01 -32.63 -4.92
CA ARG C 55 -20.66 -31.90 -6.12
C ARG C 55 -19.96 -30.64 -5.65
N PRO C 56 -19.07 -30.08 -6.47
CA PRO C 56 -18.32 -28.88 -6.12
C PRO C 56 -19.10 -27.58 -6.21
N ALA C 57 -18.80 -26.65 -5.28
CA ALA C 57 -19.19 -25.27 -5.39
C ALA C 57 -18.33 -24.66 -6.50
N LYS C 58 -18.77 -23.56 -7.09
CA LYS C 58 -18.07 -22.98 -8.24
C LYS C 58 -17.44 -21.59 -8.01
N ALA C 59 -16.32 -21.34 -8.69
CA ALA C 59 -15.80 -19.97 -8.88
C ALA C 59 -15.10 -19.92 -10.24
N VAL C 60 -14.55 -18.74 -10.57
CA VAL C 60 -13.63 -18.59 -11.69
C VAL C 60 -12.43 -17.85 -11.20
N THR C 61 -11.39 -17.80 -12.00
CA THR C 61 -10.17 -17.14 -11.57
C THR C 61 -10.41 -15.66 -11.16
N GLY C 62 -9.94 -15.30 -9.97
CA GLY C 62 -10.04 -13.91 -9.51
C GLY C 62 -11.38 -13.55 -8.92
N GLU C 63 -12.30 -14.52 -8.84
CA GLU C 63 -13.62 -14.26 -8.26
C GLU C 63 -13.62 -14.42 -6.74
N SER C 64 -14.27 -13.49 -6.05
CA SER C 64 -14.37 -13.53 -4.58
C SER C 64 -15.76 -13.96 -4.11
N PHE C 65 -15.81 -14.73 -3.02
CA PHE C 65 -17.09 -15.14 -2.43
C PHE C 65 -16.92 -15.44 -0.95
N GLU C 66 -18.06 -15.53 -0.27
CA GLU C 66 -18.05 -15.73 1.17
C GLU C 66 -18.13 -17.20 1.57
N VAL C 67 -17.18 -17.64 2.42
CA VAL C 67 -17.24 -18.93 3.04
C VAL C 67 -17.71 -18.75 4.48
N SER C 68 -18.70 -19.54 4.90
CA SER C 68 -19.32 -19.36 6.21
C SER C 68 -19.43 -20.67 6.97
N ALA C 69 -19.70 -20.56 8.25
CA ALA C 69 -19.90 -21.73 9.09
C ALA C 69 -20.53 -21.34 10.39
N THR C 70 -21.02 -22.32 11.14
CA THR C 70 -21.51 -22.07 12.51
C THR C 70 -20.49 -22.52 13.53
N VAL C 71 -19.98 -21.58 14.31
CA VAL C 71 -18.85 -21.83 15.21
C VAL C 71 -19.22 -21.31 16.58
N PHE C 72 -18.99 -22.11 17.62
CA PHE C 72 -19.23 -21.66 19.02
C PHE C 72 -18.50 -22.66 19.90
N ARG C 73 -18.47 -22.42 21.20
CA ARG C 73 -17.89 -23.35 22.14
C ARG C 73 -18.70 -23.42 23.43
N GLU C 74 -18.34 -24.34 24.29
CA GLU C 74 -19.00 -24.49 25.59
C GLU C 74 -18.53 -23.40 26.49
N GLY C 75 -19.34 -23.08 27.50
CA GLY C 75 -18.96 -22.06 28.47
C GLY C 75 -19.02 -20.70 27.79
N HIS C 76 -18.36 -19.71 28.37
CA HIS C 76 -18.61 -18.34 28.01
C HIS C 76 -17.38 -17.67 27.36
N ASP C 77 -16.30 -18.39 27.12
CA ASP C 77 -15.09 -17.78 26.55
C ASP C 77 -15.19 -17.59 25.05
N ALA C 78 -14.28 -16.80 24.51
CA ALA C 78 -14.32 -16.36 23.11
C ALA C 78 -13.80 -17.42 22.16
N VAL C 79 -14.37 -17.45 20.94
CA VAL C 79 -13.80 -18.29 19.88
C VAL C 79 -13.35 -17.44 18.74
N GLY C 80 -12.53 -18.04 17.88
CA GLY C 80 -12.19 -17.43 16.61
C GLY C 80 -12.20 -18.47 15.54
N ALA C 81 -12.15 -18.02 14.29
CA ALA C 81 -12.19 -18.92 13.13
C ALA C 81 -11.47 -18.32 11.92
N ASN C 82 -11.05 -19.18 11.01
CA ASN C 82 -10.39 -18.79 9.79
C ASN C 82 -10.66 -19.80 8.68
N VAL C 83 -10.58 -19.34 7.43
CA VAL C 83 -10.80 -20.21 6.25
C VAL C 83 -9.46 -20.61 5.67
N VAL C 84 -9.26 -21.90 5.43
CA VAL C 84 -8.05 -22.39 4.77
C VAL C 84 -8.46 -22.93 3.40
N LEU C 85 -8.00 -22.24 2.37
CA LEU C 85 -8.30 -22.54 0.98
C LEU C 85 -7.12 -23.28 0.46
N ARG C 86 -7.35 -24.46 -0.12
CA ARG C 86 -6.26 -25.27 -0.65
C ARG C 86 -6.37 -25.44 -2.16
N ASP C 87 -5.26 -25.19 -2.86
CA ASP C 87 -5.20 -25.32 -4.30
C ASP C 87 -5.11 -26.78 -4.78
N PRO C 88 -5.12 -26.98 -6.11
CA PRO C 88 -5.04 -28.35 -6.67
C PRO C 88 -3.82 -29.16 -6.22
N ARG C 89 -2.72 -28.52 -5.87
CA ARG C 89 -1.55 -29.22 -5.33
C ARG C 89 -1.63 -29.33 -3.83
N GLY C 90 -2.72 -28.86 -3.24
CA GLY C 90 -2.95 -29.00 -1.81
C GLY C 90 -2.33 -27.90 -0.96
N ARG C 91 -1.79 -26.87 -1.60
CA ARG C 91 -1.11 -25.81 -0.86
C ARG C 91 -2.11 -24.81 -0.22
N PRO C 92 -1.93 -24.53 1.08
CA PRO C 92 -2.83 -23.58 1.75
C PRO C 92 -2.62 -22.17 1.25
N GLY C 93 -3.71 -21.42 1.19
CA GLY C 93 -3.64 -20.01 0.84
C GLY C 93 -3.37 -19.22 2.09
N PRO C 94 -3.64 -17.90 2.04
CA PRO C 94 -3.23 -17.01 3.11
C PRO C 94 -4.16 -17.05 4.31
N TRP C 95 -3.66 -16.46 5.40
CA TRP C 95 -4.40 -16.34 6.64
C TRP C 95 -5.69 -15.55 6.37
N THR C 96 -6.84 -16.15 6.66
CA THR C 96 -8.10 -15.54 6.29
C THR C 96 -9.08 -15.58 7.46
N PRO C 97 -8.92 -14.65 8.43
CA PRO C 97 -9.72 -14.72 9.65
C PRO C 97 -11.18 -14.41 9.37
N MET C 98 -12.07 -15.11 10.08
CA MET C 98 -13.51 -14.92 9.94
C MET C 98 -14.03 -14.00 11.07
N ARG C 99 -15.22 -13.46 10.88
CA ARG C 99 -15.88 -12.70 11.91
C ARG C 99 -17.33 -13.18 12.06
N GLU C 100 -17.93 -13.00 13.24
CA GLU C 100 -19.33 -13.35 13.43
C GLU C 100 -20.13 -12.38 12.60
N LEU C 101 -21.04 -12.89 11.79
CA LEU C 101 -21.74 -12.06 10.80
C LEU C 101 -22.90 -11.27 11.38
N ALA C 102 -23.47 -11.73 12.48
CA ALA C 102 -24.54 -10.98 13.13
C ALA C 102 -24.58 -11.40 14.59
N PRO C 103 -24.92 -10.47 15.49
CA PRO C 103 -24.71 -10.81 16.90
C PRO C 103 -25.64 -11.94 17.38
N GLY C 104 -25.17 -12.80 18.26
CA GLY C 104 -25.97 -13.89 18.80
C GLY C 104 -26.19 -15.04 17.84
N THR C 105 -25.83 -14.87 16.57
CA THR C 105 -26.09 -15.87 15.56
C THR C 105 -25.13 -17.04 15.54
N ASP C 106 -23.89 -16.84 16.00
CA ASP C 106 -22.85 -17.88 15.88
C ASP C 106 -22.56 -18.26 14.46
N ARG C 107 -22.92 -17.41 13.51
CA ARG C 107 -22.58 -17.64 12.12
C ARG C 107 -21.40 -16.77 11.74
N TRP C 108 -20.36 -17.39 11.21
CA TRP C 108 -19.09 -16.68 10.94
C TRP C 108 -18.80 -16.75 9.45
N GLY C 109 -18.14 -15.73 8.93
CA GLY C 109 -17.86 -15.64 7.49
C GLY C 109 -16.58 -14.87 7.18
N ALA C 110 -15.99 -15.18 6.03
CA ALA C 110 -14.82 -14.52 5.47
C ALA C 110 -14.89 -14.60 3.96
N THR C 111 -14.25 -13.65 3.30
CA THR C 111 -14.23 -13.63 1.81
C THR C 111 -12.95 -14.32 1.35
N VAL C 112 -13.07 -15.21 0.38
CA VAL C 112 -11.92 -15.89 -0.20
C VAL C 112 -11.87 -15.54 -1.69
N THR C 113 -10.72 -15.73 -2.33
CA THR C 113 -10.61 -15.52 -3.77
C THR C 113 -9.89 -16.67 -4.47
N ALA C 114 -10.54 -17.14 -5.55
CA ALA C 114 -10.02 -18.18 -6.42
C ALA C 114 -8.80 -17.69 -7.21
N GLY C 115 -7.83 -18.59 -7.42
CA GLY C 115 -6.65 -18.32 -8.25
C GLY C 115 -6.73 -19.16 -9.51
N GLU C 116 -5.69 -19.95 -9.79
CA GLU C 116 -5.63 -20.74 -11.00
C GLU C 116 -6.76 -21.76 -11.06
N THR C 117 -7.03 -22.23 -12.27
CA THR C 117 -8.13 -23.15 -12.53
C THR C 117 -7.79 -24.55 -12.00
N GLY C 118 -8.83 -25.34 -11.69
CA GLY C 118 -8.67 -26.70 -11.22
C GLY C 118 -9.57 -27.01 -10.05
N THR C 119 -9.34 -28.16 -9.40
CA THR C 119 -10.15 -28.54 -8.25
C THR C 119 -9.43 -28.17 -6.94
N TRP C 120 -10.13 -27.37 -6.14
CA TRP C 120 -9.62 -26.86 -4.88
C TRP C 120 -10.48 -27.40 -3.75
N SER C 121 -10.10 -27.07 -2.52
CA SER C 121 -10.90 -27.42 -1.36
C SER C 121 -10.89 -26.33 -0.33
N TYR C 122 -11.87 -26.36 0.55
CA TYR C 122 -11.82 -25.40 1.63
C TYR C 122 -12.24 -25.97 2.94
N THR C 123 -11.48 -25.55 3.94
CA THR C 123 -11.67 -25.91 5.33
C THR C 123 -11.85 -24.69 6.19
N VAL C 124 -12.71 -24.80 7.19
CA VAL C 124 -12.80 -23.82 8.25
C VAL C 124 -12.21 -24.39 9.55
N GLU C 125 -11.29 -23.64 10.14
CA GLU C 125 -10.74 -23.94 11.41
C GLU C 125 -11.39 -23.02 12.44
N ALA C 126 -11.80 -23.62 13.56
CA ALA C 126 -12.35 -22.92 14.70
C ALA C 126 -11.45 -23.22 15.91
N TRP C 127 -11.37 -22.26 16.82
CA TRP C 127 -10.47 -22.36 17.96
C TRP C 127 -10.96 -21.49 19.10
N GLY C 128 -10.50 -21.79 20.32
CA GLY C 128 -10.64 -20.93 21.45
C GLY C 128 -9.68 -19.77 21.33
N ASP C 129 -10.18 -18.58 21.70
CA ASP C 129 -9.45 -17.33 21.59
C ASP C 129 -9.24 -16.77 23.00
N PRO C 130 -8.30 -17.38 23.73
CA PRO C 130 -8.12 -17.07 25.14
C PRO C 130 -7.60 -15.65 25.37
N VAL C 131 -6.93 -15.06 24.38
CA VAL C 131 -6.36 -13.75 24.52
C VAL C 131 -7.46 -12.67 24.54
N THR C 132 -8.47 -12.81 23.68
CA THR C 132 -9.61 -11.89 23.68
C THR C 132 -10.36 -11.99 24.98
N THR C 133 -10.54 -13.23 25.42
CA THR C 133 -11.20 -13.57 26.68
C THR C 133 -10.48 -12.95 27.86
N TRP C 134 -9.18 -13.16 27.93
CA TRP C 134 -8.39 -12.59 28.99
C TRP C 134 -8.49 -11.08 28.99
N ARG C 135 -8.27 -10.48 27.82
CA ARG C 135 -8.32 -9.02 27.68
C ARG C 135 -9.60 -8.42 28.25
N HIS C 136 -10.71 -9.07 27.93
CA HIS C 136 -11.99 -8.63 28.41
C HIS C 136 -12.02 -8.56 29.95
N HIS C 137 -11.58 -9.62 30.59
CA HIS C 137 -11.60 -9.69 32.05
C HIS C 137 -10.57 -8.75 32.70
N ALA C 138 -9.37 -8.68 32.11
CA ALA C 138 -8.34 -7.81 32.60
C ALA C 138 -8.78 -6.33 32.61
N ARG C 139 -9.45 -5.88 31.55
CA ARG C 139 -9.86 -4.47 31.47
C ARG C 139 -10.85 -4.07 32.57
N ILE C 140 -11.62 -5.03 33.05
CA ILE C 140 -12.57 -4.81 34.14
C ILE C 140 -11.94 -5.00 35.53
N LYS C 141 -11.28 -6.13 35.72
CA LYS C 141 -10.67 -6.45 37.02
C LYS C 141 -9.55 -5.49 37.47
N ILE C 142 -8.70 -5.07 36.54
CA ILE C 142 -7.56 -4.22 36.90
C ILE C 142 -7.96 -2.85 37.47
N PRO C 143 -8.92 -2.15 36.83
CA PRO C 143 -9.38 -0.91 37.48
C PRO C 143 -10.14 -1.21 38.77
N ALA C 144 -10.84 -2.34 38.79
CA ALA C 144 -11.48 -2.79 40.01
C ALA C 144 -10.50 -3.19 41.14
N GLY C 145 -9.22 -3.40 40.81
CA GLY C 145 -8.27 -3.87 41.80
C GLY C 145 -8.49 -5.34 42.23
N LEU C 146 -9.24 -6.09 41.45
CA LEU C 146 -9.50 -7.48 41.75
C LEU C 146 -8.35 -8.37 41.28
N ASP C 147 -7.66 -9.05 42.20
CA ASP C 147 -6.64 -10.06 41.88
C ASP C 147 -5.64 -9.62 40.82
N THR C 148 -5.18 -8.37 40.89
CA THR C 148 -4.42 -7.78 39.79
C THR C 148 -3.14 -8.59 39.46
N ASP C 149 -2.41 -9.03 40.49
CA ASP C 149 -1.15 -9.76 40.26
C ASP C 149 -1.40 -11.11 39.54
N LEU C 150 -2.45 -11.82 39.95
CA LEU C 150 -2.83 -13.06 39.33
C LEU C 150 -3.32 -12.89 37.90
N VAL C 151 -4.19 -11.91 37.69
CA VAL C 151 -4.69 -11.62 36.34
C VAL C 151 -3.52 -11.26 35.39
N LEU C 152 -2.58 -10.44 35.87
CA LEU C 152 -1.48 -9.96 35.02
C LEU C 152 -0.50 -11.08 34.66
N GLU C 153 -0.30 -12.01 35.60
CA GLU C 153 0.56 -13.16 35.37
C GLU C 153 -0.10 -14.09 34.38
N GLU C 154 -1.41 -14.22 34.46
CA GLU C 154 -2.15 -15.07 33.55
C GLU C 154 -2.06 -14.56 32.13
N GLY C 155 -2.20 -13.26 31.97
CA GLY C 155 -1.95 -12.63 30.68
C GLY C 155 -0.54 -12.88 30.16
N ALA C 156 0.46 -12.72 31.03
CA ALA C 156 1.85 -12.96 30.66
C ALA C 156 2.05 -14.36 30.11
N ARG C 157 1.44 -15.35 30.77
CA ARG C 157 1.62 -16.74 30.35
C ARG C 157 0.94 -16.96 29.01
N LEU C 158 -0.20 -16.35 28.79
CA LEU C 158 -0.85 -16.46 27.47
C LEU C 158 0.06 -15.89 26.43
N TYR C 159 0.57 -14.68 26.70
CA TYR C 159 1.40 -14.01 25.73
C TYR C 159 2.68 -14.80 25.42
N GLU C 160 3.21 -15.54 26.40
CA GLU C 160 4.41 -16.34 26.19
C GLU C 160 4.13 -17.45 25.21
N ARG C 161 3.00 -18.11 25.39
CA ARG C 161 2.59 -19.19 24.52
C ARG C 161 2.32 -18.69 23.12
N ALA C 162 1.85 -17.45 23.01
CA ALA C 162 1.59 -16.82 21.72
C ALA C 162 2.89 -16.55 21.03
N ALA C 163 3.90 -16.21 21.85
CA ALA C 163 5.23 -15.92 21.31
C ALA C 163 5.94 -17.18 20.81
N ALA C 164 5.74 -18.30 21.48
CA ALA C 164 6.43 -19.52 21.13
C ALA C 164 6.06 -20.04 19.74
N ASP C 165 4.91 -19.62 19.20
CA ASP C 165 4.45 -20.00 17.85
C ASP C 165 4.88 -19.05 16.72
N VAL C 166 5.14 -17.79 17.07
CA VAL C 166 5.43 -16.76 16.06
C VAL C 166 6.79 -16.99 15.38
N PRO C 167 6.77 -17.19 14.04
CA PRO C 167 8.02 -17.39 13.31
C PRO C 167 8.89 -16.16 13.21
N GLY C 168 8.31 -14.96 13.12
CA GLY C 168 9.09 -13.72 13.01
C GLY C 168 9.88 -13.46 14.28
N ARG C 169 11.16 -13.10 14.15
CA ARG C 169 11.97 -12.82 15.32
C ARG C 169 11.62 -11.44 15.94
N GLU C 170 11.40 -10.43 15.11
CA GLU C 170 11.03 -9.10 15.62
C GLU C 170 9.68 -9.20 16.33
N ASP C 171 8.74 -9.91 15.72
CA ASP C 171 7.41 -10.07 16.29
C ASP C 171 7.43 -10.84 17.60
N ARG C 172 8.28 -11.85 17.67
CA ARG C 172 8.50 -12.56 18.90
C ARG C 172 9.03 -11.61 19.99
N ARG C 173 10.06 -10.83 19.68
CA ARG C 173 10.60 -9.84 20.64
C ARG C 173 9.49 -8.93 21.12
N GLU C 174 8.63 -8.48 20.20
CA GLU C 174 7.51 -7.57 20.54
C GLU C 174 6.59 -8.18 21.60
N LEU C 175 6.29 -9.48 21.47
CA LEU C 175 5.40 -10.14 22.43
C LEU C 175 6.10 -10.45 23.77
N LEU C 176 7.35 -10.89 23.71
CA LEU C 176 8.12 -11.08 24.95
C LEU C 176 8.29 -9.76 25.71
N ALA C 177 8.41 -8.66 24.98
CA ALA C 177 8.50 -7.36 25.59
C ALA C 177 7.26 -7.07 26.43
N ALA C 178 6.10 -7.43 25.90
CA ALA C 178 4.84 -7.26 26.63
C ALA C 178 4.79 -8.19 27.83
N VAL C 179 5.27 -9.41 27.66
CA VAL C 179 5.36 -10.33 28.79
C VAL C 179 6.16 -9.70 29.94
N ASP C 180 7.34 -9.17 29.63
CA ASP C 180 8.17 -8.57 30.64
C ASP C 180 7.43 -7.45 31.35
N ALA C 181 6.81 -6.57 30.58
CA ALA C 181 6.05 -5.44 31.16
C ALA C 181 4.89 -5.90 32.06
N LEU C 182 4.10 -6.86 31.57
CA LEU C 182 3.02 -7.43 32.35
C LEU C 182 3.52 -7.91 33.71
N ARG C 183 4.72 -8.49 33.74
CA ARG C 183 5.27 -9.06 34.95
C ARG C 183 6.07 -8.08 35.78
N ASP C 184 6.18 -6.82 35.37
CA ASP C 184 7.00 -5.86 36.12
C ASP C 184 6.24 -5.31 37.31
N GLU C 185 6.50 -5.88 38.47
CA GLU C 185 5.71 -5.61 39.65
C GLU C 185 6.04 -4.27 40.30
N SER C 186 7.03 -3.57 39.77
CA SER C 186 7.34 -2.24 40.23
C SER C 186 6.40 -1.17 39.63
N ARG C 187 5.72 -1.51 38.55
CA ARG C 187 4.85 -0.54 37.83
C ARG C 187 3.39 -0.66 38.17
N PRO C 188 2.66 0.45 37.98
CA PRO C 188 1.25 0.42 38.32
C PRO C 188 0.51 -0.62 37.45
N ALA C 189 -0.46 -1.28 38.06
CA ALA C 189 -1.30 -2.26 37.42
C ALA C 189 -1.86 -1.85 36.05
N ALA C 190 -2.53 -0.69 36.00
CA ALA C 190 -3.14 -0.19 34.78
C ALA C 190 -2.10 0.08 33.68
N SER C 191 -0.88 0.41 34.08
CA SER C 191 0.22 0.66 33.15
C SER C 191 0.77 -0.64 32.58
N ARG C 192 1.08 -1.58 33.48
CA ARG C 192 1.49 -2.91 33.05
C ARG C 192 0.51 -3.45 32.04
N LEU C 193 -0.79 -3.38 32.37
CA LEU C 193 -1.84 -3.87 31.47
C LEU C 193 -1.86 -3.13 30.11
N ALA C 194 -1.80 -1.78 30.12
CA ALA C 194 -1.76 -1.02 28.84
C ALA C 194 -0.63 -1.52 27.90
N ALA C 195 0.48 -1.98 28.46
CA ALA C 195 1.60 -2.50 27.67
C ALA C 195 1.28 -3.78 26.88
N ALA C 196 0.26 -4.50 27.30
CA ALA C 196 -0.25 -5.68 26.53
C ALA C 196 -1.36 -5.33 25.49
N LEU C 197 -1.74 -4.06 25.42
CA LEU C 197 -2.85 -3.66 24.56
C LEU C 197 -2.45 -2.59 23.55
N THR C 198 -1.18 -2.52 23.18
CA THR C 198 -0.71 -1.50 22.24
C THR C 198 -1.06 -1.89 20.81
N PRO C 199 -1.08 -0.90 19.89
CA PRO C 199 -1.22 -1.18 18.47
C PRO C 199 -0.30 -2.28 17.90
N GLN C 200 0.97 -2.31 18.30
CA GLN C 200 1.94 -3.24 17.69
C GLN C 200 1.84 -4.64 18.26
N VAL C 201 1.38 -4.72 19.51
CA VAL C 201 0.99 -6.00 20.05
C VAL C 201 -0.23 -6.54 19.28
N ASP C 202 -1.26 -5.71 19.13
CA ASP C 202 -2.47 -6.02 18.37
C ASP C 202 -2.19 -6.49 16.95
N ALA C 203 -1.28 -5.82 16.28
CA ALA C 203 -0.92 -6.16 14.89
C ALA C 203 -0.26 -7.52 14.79
N VAL C 204 0.62 -7.85 15.73
CA VAL C 204 1.28 -9.16 15.71
C VAL C 204 0.25 -10.25 15.94
N LEU C 205 -0.62 -10.02 16.92
CA LEU C 205 -1.66 -10.98 17.32
C LEU C 205 -2.75 -11.15 16.29
N ALA C 206 -3.09 -10.09 15.56
CA ALA C 206 -4.02 -10.27 14.44
C ALA C 206 -3.38 -11.16 13.37
N ARG C 207 -2.08 -11.00 13.13
CA ARG C 207 -1.38 -11.85 12.16
C ARG C 207 -1.08 -13.27 12.68
N HIS C 208 -0.78 -13.40 13.98
CA HIS C 208 -0.41 -14.69 14.57
C HIS C 208 -1.08 -14.98 15.89
N PRO C 209 -2.40 -15.19 15.83
CA PRO C 209 -3.08 -15.32 17.10
C PRO C 209 -2.71 -16.61 17.83
N LEU C 210 -2.84 -16.57 19.15
CA LEU C 210 -2.91 -17.78 19.98
C LEU C 210 -4.30 -18.43 19.81
N ARG C 211 -4.29 -19.60 19.20
CA ARG C 211 -5.48 -20.39 18.92
C ARG C 211 -5.46 -21.60 19.83
N ASP C 212 -6.45 -21.75 20.69
CA ASP C 212 -6.61 -22.99 21.50
C ASP C 212 -7.48 -24.00 20.77
N LEU C 213 -7.09 -25.26 20.83
CA LEU C 213 -7.97 -26.38 20.49
C LEU C 213 -8.55 -26.36 19.09
N VAL C 214 -7.68 -26.06 18.13
CA VAL C 214 -8.05 -25.99 16.73
C VAL C 214 -8.85 -27.22 16.30
N THR C 215 -10.00 -26.96 15.70
CA THR C 215 -10.86 -27.99 15.17
C THR C 215 -11.21 -27.63 13.74
N SER C 216 -11.25 -28.63 12.86
CA SER C 216 -11.44 -28.43 11.41
C SER C 216 -12.70 -29.10 10.88
N SER C 217 -13.36 -28.43 9.95
CA SER C 217 -14.44 -29.06 9.19
C SER C 217 -13.82 -30.03 8.21
N ASP C 218 -14.63 -30.97 7.71
CA ASP C 218 -14.21 -31.81 6.59
C ASP C 218 -14.16 -30.96 5.35
N PRO C 219 -13.14 -31.18 4.50
CA PRO C 219 -13.01 -30.31 3.33
C PRO C 219 -14.17 -30.40 2.34
N LEU C 220 -14.52 -29.26 1.75
CA LEU C 220 -15.50 -29.20 0.70
C LEU C 220 -14.81 -28.80 -0.59
N PRO C 221 -15.36 -29.24 -1.73
CA PRO C 221 -14.70 -29.04 -3.01
C PRO C 221 -15.12 -27.76 -3.72
N LEU C 222 -14.16 -27.17 -4.42
CA LEU C 222 -14.41 -26.01 -5.22
C LEU C 222 -13.80 -26.20 -6.60
N LEU C 223 -14.63 -26.12 -7.64
CA LEU C 223 -14.15 -26.18 -8.99
C LEU C 223 -13.90 -24.77 -9.47
N VAL C 224 -12.64 -24.44 -9.79
CA VAL C 224 -12.30 -23.10 -10.29
C VAL C 224 -12.09 -23.20 -11.79
N GLU C 225 -12.85 -22.41 -12.53
CA GLU C 225 -12.87 -22.45 -13.98
C GLU C 225 -12.41 -21.09 -14.56
N ARG C 226 -12.30 -21.03 -15.90
CA ARG C 226 -11.79 -19.83 -16.56
C ARG C 226 -12.81 -18.68 -16.59
N GLU C 227 -12.26 -17.48 -16.79
CA GLU C 227 -12.99 -16.24 -16.66
C GLU C 227 -14.27 -16.22 -17.52
N ARG C 228 -14.17 -16.69 -18.76
CA ARG C 228 -15.30 -16.71 -19.70
C ARG C 228 -16.50 -17.48 -19.19
N ALA C 229 -16.26 -18.43 -18.30
CA ALA C 229 -17.36 -19.19 -17.73
C ALA C 229 -18.36 -18.23 -17.09
N LEU C 230 -17.82 -17.16 -16.46
CA LEU C 230 -18.64 -16.18 -15.77
C LEU C 230 -18.89 -14.93 -16.58
N TYR C 231 -17.84 -14.43 -17.24
CA TYR C 231 -17.87 -13.12 -17.87
C TYR C 231 -17.64 -13.19 -19.39
N GLY C 232 -18.54 -12.57 -20.14
CA GLY C 232 -18.47 -12.56 -21.61
C GLY C 232 -19.74 -11.99 -22.24
N ALA C 233 -19.59 -11.39 -23.42
CA ALA C 233 -20.73 -10.90 -24.16
C ALA C 233 -20.91 -11.74 -25.41
N TRP C 234 -22.16 -12.16 -25.63
CA TRP C 234 -22.49 -13.13 -26.65
C TRP C 234 -23.36 -12.54 -27.77
N TYR C 235 -23.07 -12.93 -29.00
CA TYR C 235 -23.87 -12.53 -30.16
C TYR C 235 -24.26 -13.77 -30.97
N GLU C 236 -25.55 -13.95 -31.21
CA GLU C 236 -26.05 -15.06 -31.97
C GLU C 236 -26.49 -14.62 -33.37
N PHE C 237 -26.03 -15.35 -34.38
CA PHE C 237 -26.47 -15.10 -35.76
C PHE C 237 -26.40 -16.34 -36.61
N PHE C 238 -27.15 -16.32 -37.70
CA PHE C 238 -27.21 -17.45 -38.67
C PHE C 238 -26.31 -17.21 -39.85
N PRO C 239 -25.20 -17.95 -39.96
CA PRO C 239 -24.33 -17.76 -41.14
C PRO C 239 -25.05 -17.80 -42.50
N ARG C 240 -26.11 -18.60 -42.62
CA ARG C 240 -26.77 -18.77 -43.92
C ARG C 240 -27.48 -17.49 -44.38
N SER C 241 -27.74 -16.59 -43.46
CA SER C 241 -28.45 -15.37 -43.79
C SER C 241 -27.49 -14.36 -44.43
N GLU C 242 -26.18 -14.51 -44.18
CA GLU C 242 -25.19 -13.56 -44.68
C GLU C 242 -24.56 -14.04 -45.97
N GLY C 243 -25.36 -13.95 -47.05
CA GLY C 243 -24.95 -14.38 -48.38
C GLY C 243 -24.87 -13.20 -49.32
N THR C 244 -25.07 -13.47 -50.62
CA THR C 244 -24.84 -12.49 -51.67
C THR C 244 -26.02 -12.43 -52.62
N PRO C 245 -26.03 -11.43 -53.52
CA PRO C 245 -27.07 -11.40 -54.54
C PRO C 245 -27.08 -12.67 -55.40
N HIS C 246 -25.89 -13.15 -55.78
CA HIS C 246 -25.81 -14.33 -56.65
C HIS C 246 -26.09 -15.66 -55.92
N THR C 247 -25.64 -15.77 -54.65
CA THR C 247 -25.86 -16.96 -53.82
C THR C 247 -26.45 -16.56 -52.46
N PRO C 248 -27.79 -16.39 -52.42
CA PRO C 248 -28.46 -15.92 -51.21
C PRO C 248 -28.11 -16.72 -49.95
N HIS C 249 -27.97 -18.04 -50.09
CA HIS C 249 -27.61 -18.88 -48.95
C HIS C 249 -26.15 -18.70 -48.64
N GLY C 250 -25.87 -17.99 -47.54
CA GLY C 250 -24.52 -17.63 -47.20
C GLY C 250 -23.68 -18.83 -46.85
N THR C 251 -22.37 -18.67 -46.99
CA THR C 251 -21.41 -19.73 -46.66
C THR C 251 -20.56 -19.27 -45.47
N PHE C 252 -19.70 -20.17 -44.95
CA PHE C 252 -18.82 -19.76 -43.87
C PHE C 252 -17.88 -18.67 -44.34
N ARG C 253 -17.54 -18.69 -45.63
CA ARG C 253 -16.63 -17.70 -46.16
C ARG C 253 -17.29 -16.34 -46.32
N THR C 254 -18.56 -16.32 -46.73
CA THR C 254 -19.28 -15.05 -46.73
C THR C 254 -19.66 -14.63 -45.31
N ALA C 255 -20.08 -15.56 -44.46
CA ALA C 255 -20.51 -15.22 -43.11
C ALA C 255 -19.39 -14.59 -42.26
N ALA C 256 -18.15 -14.96 -42.57
CA ALA C 256 -17.00 -14.43 -41.88
C ALA C 256 -16.84 -12.90 -42.03
N ARG C 257 -17.44 -12.32 -43.07
CA ARG C 257 -17.45 -10.84 -43.24
C ARG C 257 -18.25 -10.07 -42.17
N ARG C 258 -19.15 -10.74 -41.44
CA ARG C 258 -19.91 -10.09 -40.35
C ARG C 258 -19.10 -10.03 -39.07
N LEU C 259 -18.12 -10.92 -38.93
CA LEU C 259 -17.30 -10.99 -37.71
C LEU C 259 -16.64 -9.65 -37.29
N PRO C 260 -16.09 -8.88 -38.24
CA PRO C 260 -15.50 -7.59 -37.83
C PRO C 260 -16.50 -6.65 -37.16
N ALA C 261 -17.70 -6.56 -37.72
CA ALA C 261 -18.74 -5.74 -37.10
C ALA C 261 -19.24 -6.30 -35.73
N ILE C 262 -19.20 -7.62 -35.55
CA ILE C 262 -19.57 -8.25 -34.27
C ILE C 262 -18.51 -7.98 -33.20
N ALA C 263 -17.25 -8.11 -33.58
CA ALA C 263 -16.15 -7.75 -32.70
C ALA C 263 -16.13 -6.26 -32.35
N ALA C 264 -16.45 -5.39 -33.33
CA ALA C 264 -16.48 -3.91 -33.11
C ALA C 264 -17.56 -3.47 -32.14
N MET C 265 -18.59 -4.30 -31.97
CA MET C 265 -19.62 -4.05 -30.99
C MET C 265 -19.19 -4.50 -29.57
N GLY C 266 -17.99 -5.07 -29.43
CA GLY C 266 -17.48 -5.48 -28.13
C GLY C 266 -17.86 -6.89 -27.66
N PHE C 267 -18.24 -7.78 -28.57
CA PHE C 267 -18.62 -9.16 -28.15
C PHE C 267 -17.40 -10.06 -28.09
N ASP C 268 -17.54 -11.12 -27.29
CA ASP C 268 -16.45 -12.07 -27.06
C ASP C 268 -16.74 -13.43 -27.66
N VAL C 269 -18.03 -13.76 -27.72
CA VAL C 269 -18.49 -15.06 -28.14
C VAL C 269 -19.53 -14.93 -29.25
N VAL C 270 -19.34 -15.74 -30.29
CA VAL C 270 -20.36 -15.90 -31.34
C VAL C 270 -21.02 -17.25 -31.22
N TYR C 271 -22.34 -17.25 -30.99
CA TYR C 271 -23.09 -18.51 -30.94
C TYR C 271 -23.76 -18.76 -32.31
N LEU C 272 -23.41 -19.90 -32.93
CA LEU C 272 -24.02 -20.35 -34.19
C LEU C 272 -25.07 -21.43 -33.97
N PRO C 273 -26.28 -21.25 -34.53
CA PRO C 273 -27.21 -22.37 -34.60
C PRO C 273 -26.57 -23.53 -35.35
N PRO C 274 -27.17 -24.72 -35.28
CA PRO C 274 -26.62 -25.90 -35.92
C PRO C 274 -26.11 -25.67 -37.33
N ILE C 275 -24.88 -26.13 -37.61
CA ILE C 275 -24.18 -25.95 -38.87
C ILE C 275 -24.09 -27.24 -39.73
N HIS C 276 -24.99 -28.18 -39.46
CA HIS C 276 -24.95 -29.53 -40.09
C HIS C 276 -25.94 -29.64 -41.23
N PRO C 277 -25.93 -30.76 -41.99
CA PRO C 277 -26.99 -30.91 -43.00
C PRO C 277 -28.35 -30.91 -42.33
N ILE C 278 -29.37 -30.49 -43.05
CA ILE C 278 -30.74 -30.39 -42.58
C ILE C 278 -31.63 -31.35 -43.35
N GLY C 279 -32.43 -32.14 -42.65
CA GLY C 279 -33.30 -33.14 -43.31
C GLY C 279 -34.28 -32.56 -44.31
N THR C 280 -34.74 -33.43 -45.21
CA THR C 280 -35.75 -33.07 -46.17
C THR C 280 -37.16 -33.58 -45.74
N THR C 281 -37.24 -34.72 -45.05
CA THR C 281 -38.52 -35.32 -44.64
C THR C 281 -39.18 -34.52 -43.54
N HIS C 282 -40.44 -34.13 -43.74
CA HIS C 282 -41.18 -33.24 -42.85
C HIS C 282 -40.44 -31.92 -42.57
N ARG C 283 -39.64 -31.49 -43.51
CA ARG C 283 -39.00 -30.20 -43.38
C ARG C 283 -40.06 -29.10 -43.26
N LYS C 284 -39.82 -28.13 -42.38
CA LYS C 284 -40.77 -27.06 -42.16
C LYS C 284 -40.54 -25.91 -43.18
N GLY C 285 -41.62 -25.27 -43.55
CA GLY C 285 -41.56 -24.10 -44.42
C GLY C 285 -41.48 -22.82 -43.61
N ARG C 286 -41.66 -21.72 -44.32
CA ARG C 286 -41.59 -20.40 -43.72
C ARG C 286 -42.63 -20.25 -42.61
N ASN C 287 -42.30 -19.45 -41.60
CA ASN C 287 -43.25 -19.16 -40.51
C ASN C 287 -43.80 -20.43 -39.85
N ASN C 288 -42.97 -21.46 -39.69
CA ASN C 288 -43.38 -22.70 -39.02
C ASN C 288 -44.53 -23.46 -39.67
N THR C 289 -44.59 -23.42 -41.00
CA THR C 289 -45.60 -24.17 -41.70
C THR C 289 -45.11 -25.59 -41.84
N LEU C 290 -46.06 -26.49 -42.04
CA LEU C 290 -45.82 -27.94 -41.97
C LEU C 290 -45.04 -28.49 -43.17
N SER C 291 -45.39 -28.06 -44.38
CA SER C 291 -44.73 -28.55 -45.60
C SER C 291 -43.90 -27.48 -46.28
N ALA C 292 -42.60 -27.72 -46.37
CA ALA C 292 -41.68 -26.88 -47.12
C ALA C 292 -41.93 -26.94 -48.62
N THR C 293 -41.75 -25.82 -49.30
CA THR C 293 -41.84 -25.79 -50.76
C THR C 293 -40.42 -25.85 -51.29
N GLY C 294 -40.28 -25.86 -52.60
CA GLY C 294 -39.02 -26.25 -53.25
C GLY C 294 -37.76 -25.54 -52.84
N ASP C 295 -37.86 -24.26 -52.50
CA ASP C 295 -36.65 -23.53 -52.17
C ASP C 295 -36.41 -23.45 -50.66
N ASP C 296 -37.41 -23.83 -49.87
CA ASP C 296 -37.32 -23.60 -48.42
C ASP C 296 -36.10 -24.26 -47.82
N VAL C 297 -35.39 -23.55 -46.92
CA VAL C 297 -34.12 -24.06 -46.37
C VAL C 297 -34.29 -24.91 -45.12
N GLY C 298 -35.44 -24.80 -44.45
CA GLY C 298 -35.72 -25.62 -43.27
C GLY C 298 -34.97 -25.12 -42.05
N VAL C 299 -35.11 -25.84 -40.96
CA VAL C 299 -34.67 -25.41 -39.63
C VAL C 299 -33.37 -26.10 -39.28
N PRO C 300 -32.36 -25.35 -38.84
CA PRO C 300 -31.06 -25.90 -38.57
C PRO C 300 -31.07 -27.00 -37.51
N TRP C 301 -32.01 -26.90 -36.58
CA TRP C 301 -32.17 -27.88 -35.50
C TRP C 301 -32.75 -29.26 -35.97
N ALA C 302 -33.31 -29.33 -37.17
CA ALA C 302 -33.63 -30.63 -37.83
C ALA C 302 -32.36 -31.21 -38.47
N ILE C 303 -31.51 -31.76 -37.61
CA ILE C 303 -30.15 -32.15 -38.01
C ILE C 303 -30.08 -33.53 -38.72
N GLY C 304 -29.44 -33.54 -39.89
CA GLY C 304 -29.02 -34.78 -40.51
C GLY C 304 -29.72 -35.15 -41.80
N SER C 305 -28.94 -35.75 -42.68
CA SER C 305 -29.43 -36.25 -43.98
C SER C 305 -28.41 -37.26 -44.47
N PRO C 306 -28.65 -37.90 -45.61
CA PRO C 306 -27.60 -38.75 -46.17
C PRO C 306 -26.22 -38.09 -46.30
N GLU C 307 -26.20 -36.77 -46.40
CA GLU C 307 -24.96 -36.01 -46.54
C GLU C 307 -24.11 -36.00 -45.27
N GLY C 308 -24.70 -36.40 -44.15
CA GLY C 308 -23.99 -36.31 -42.88
C GLY C 308 -24.86 -35.88 -41.71
N GLY C 309 -24.29 -36.01 -40.52
CA GLY C 309 -25.01 -35.75 -39.29
C GLY C 309 -24.33 -34.68 -38.48
N HIS C 310 -24.21 -34.95 -37.17
CA HIS C 310 -23.69 -34.00 -36.23
C HIS C 310 -22.19 -33.77 -36.34
N ASP C 311 -21.47 -34.66 -37.03
CA ASP C 311 -20.05 -34.43 -37.25
C ASP C 311 -19.79 -33.82 -38.63
N SER C 312 -20.84 -33.35 -39.32
CA SER C 312 -20.71 -32.81 -40.68
C SER C 312 -21.14 -31.36 -40.82
N ILE C 313 -20.76 -30.77 -41.95
CA ILE C 313 -21.08 -29.41 -42.33
C ILE C 313 -22.15 -29.44 -43.40
N HIS C 314 -23.18 -28.60 -43.26
CA HIS C 314 -24.17 -28.42 -44.31
C HIS C 314 -23.44 -28.06 -45.63
N PRO C 315 -23.64 -28.83 -46.71
CA PRO C 315 -22.86 -28.52 -47.93
C PRO C 315 -22.97 -27.06 -48.45
N ALA C 316 -24.10 -26.39 -48.22
CA ALA C 316 -24.28 -25.00 -48.66
C ALA C 316 -23.48 -24.00 -47.80
N LEU C 317 -22.97 -24.43 -46.67
CA LEU C 317 -22.13 -23.56 -45.85
C LEU C 317 -20.68 -23.78 -46.26
N GLY C 318 -20.43 -24.88 -46.98
CA GLY C 318 -19.09 -25.21 -47.44
C GLY C 318 -18.60 -26.48 -46.81
N THR C 319 -17.26 -26.55 -46.62
CA THR C 319 -16.56 -27.70 -46.08
C THR C 319 -15.97 -27.43 -44.68
N LEU C 320 -15.38 -28.47 -44.09
CA LEU C 320 -14.69 -28.40 -42.82
C LEU C 320 -13.53 -27.41 -42.87
N ASP C 321 -12.92 -27.26 -44.03
CA ASP C 321 -11.83 -26.27 -44.19
C ASP C 321 -12.35 -24.84 -44.15
N ASP C 322 -13.54 -24.63 -44.71
CA ASP C 322 -14.16 -23.32 -44.68
C ASP C 322 -14.52 -22.97 -43.24
N PHE C 323 -15.03 -23.96 -42.53
CA PHE C 323 -15.30 -23.79 -41.09
C PHE C 323 -14.01 -23.42 -40.35
N ASP C 324 -12.92 -24.14 -40.54
CA ASP C 324 -11.65 -23.79 -39.90
C ASP C 324 -11.29 -22.31 -40.16
N HIS C 325 -11.51 -21.86 -41.40
CA HIS C 325 -11.20 -20.48 -41.79
C HIS C 325 -12.07 -19.50 -40.97
N PHE C 326 -13.36 -19.78 -40.91
CA PHE C 326 -14.27 -19.05 -40.04
C PHE C 326 -13.77 -18.96 -38.57
N VAL C 327 -13.35 -20.08 -37.99
CA VAL C 327 -12.93 -20.11 -36.60
C VAL C 327 -11.63 -19.37 -36.39
N THR C 328 -10.72 -19.53 -37.34
CA THR C 328 -9.44 -18.86 -37.30
C THR C 328 -9.64 -17.37 -37.38
N GLU C 329 -10.53 -16.94 -38.27
CA GLU C 329 -10.75 -15.50 -38.45
C GLU C 329 -11.38 -14.92 -37.21
N ALA C 330 -12.30 -15.66 -36.61
CA ALA C 330 -12.89 -15.27 -35.33
C ALA C 330 -11.82 -15.04 -34.29
N GLY C 331 -10.98 -16.05 -34.09
CA GLY C 331 -9.92 -16.01 -33.09
C GLY C 331 -9.03 -14.80 -33.23
N LYS C 332 -8.73 -14.41 -34.47
CA LYS C 332 -7.88 -13.23 -34.67
C LYS C 332 -8.56 -11.95 -34.24
N LEU C 333 -9.88 -11.95 -34.19
CA LEU C 333 -10.66 -10.81 -33.74
C LEU C 333 -10.99 -10.87 -32.24
N GLY C 334 -10.45 -11.86 -31.51
CA GLY C 334 -10.80 -12.07 -30.10
C GLY C 334 -12.17 -12.69 -29.92
N LEU C 335 -12.67 -13.39 -30.94
CA LEU C 335 -13.98 -14.05 -30.84
C LEU C 335 -13.82 -15.55 -30.69
N GLU C 336 -14.43 -16.09 -29.64
CA GLU C 336 -14.53 -17.53 -29.50
C GLU C 336 -15.83 -17.95 -30.12
N ILE C 337 -15.87 -19.17 -30.66
CA ILE C 337 -17.10 -19.73 -31.19
C ILE C 337 -17.76 -20.68 -30.20
N ALA C 338 -19.08 -20.55 -30.08
CA ALA C 338 -19.91 -21.51 -29.39
C ALA C 338 -20.77 -22.20 -30.42
N LEU C 339 -20.59 -23.50 -30.55
CA LEU C 339 -21.50 -24.29 -31.39
C LEU C 339 -22.71 -24.76 -30.62
N ASP C 340 -23.84 -24.78 -31.30
CA ASP C 340 -25.04 -25.43 -30.83
C ASP C 340 -24.86 -26.98 -30.87
N PHE C 341 -25.27 -27.66 -29.79
CA PHE C 341 -25.31 -29.11 -29.74
C PHE C 341 -26.69 -29.60 -29.38
N ALA C 342 -27.36 -30.17 -30.36
CA ALA C 342 -28.74 -30.55 -30.27
C ALA C 342 -28.78 -32.01 -30.49
N LEU C 343 -28.89 -32.77 -29.38
CA LEU C 343 -29.02 -34.22 -29.41
C LEU C 343 -30.42 -34.67 -29.80
N GLN C 344 -30.63 -34.67 -31.12
CA GLN C 344 -31.90 -35.03 -31.77
C GLN C 344 -31.59 -35.18 -33.26
N CYS C 345 -32.51 -35.75 -34.05
CA CYS C 345 -32.25 -36.12 -35.45
C CYS C 345 -33.42 -35.76 -36.33
N SER C 346 -33.12 -35.37 -37.56
CA SER C 346 -34.15 -35.42 -38.60
C SER C 346 -34.42 -36.88 -38.90
N PRO C 347 -35.57 -37.19 -39.52
CA PRO C 347 -35.83 -38.58 -39.97
C PRO C 347 -34.84 -39.14 -40.97
N ASP C 348 -34.06 -38.29 -41.62
CA ASP C 348 -33.11 -38.71 -42.64
C ASP C 348 -31.71 -38.81 -42.05
N HIS C 349 -31.57 -38.59 -40.75
CA HIS C 349 -30.27 -38.74 -40.11
C HIS C 349 -29.85 -40.23 -40.23
N PRO C 350 -28.57 -40.48 -40.52
CA PRO C 350 -28.10 -41.88 -40.61
C PRO C 350 -28.33 -42.74 -39.33
N TRP C 351 -28.37 -42.10 -38.17
CA TRP C 351 -28.63 -42.78 -36.91
C TRP C 351 -29.96 -43.51 -36.96
N VAL C 352 -30.94 -42.98 -37.68
CA VAL C 352 -32.26 -43.61 -37.72
C VAL C 352 -32.18 -45.06 -38.22
N HIS C 353 -31.33 -45.33 -39.20
CA HIS C 353 -31.19 -46.70 -39.63
C HIS C 353 -29.99 -47.40 -38.98
N LYS C 354 -28.94 -46.66 -38.70
CA LYS C 354 -27.73 -47.25 -38.09
C LYS C 354 -27.86 -47.58 -36.61
N HIS C 355 -28.71 -46.86 -35.88
CA HIS C 355 -28.89 -47.11 -34.44
C HIS C 355 -30.34 -46.94 -34.08
N PRO C 356 -31.17 -47.84 -34.56
CA PRO C 356 -32.60 -47.65 -34.29
C PRO C 356 -32.94 -47.65 -32.80
N GLU C 357 -32.16 -48.37 -32.01
CA GLU C 357 -32.43 -48.47 -30.59
C GLU C 357 -32.05 -47.18 -29.85
N TRP C 358 -31.59 -46.17 -30.58
CA TRP C 358 -31.49 -44.83 -30.04
C TRP C 358 -32.82 -44.09 -30.20
N PHE C 359 -33.89 -44.79 -30.58
CA PHE C 359 -35.20 -44.12 -30.73
C PHE C 359 -36.28 -44.98 -30.11
N HIS C 360 -37.37 -44.39 -29.65
CA HIS C 360 -38.52 -45.19 -29.21
C HIS C 360 -39.43 -45.42 -30.39
N HIS C 361 -39.70 -46.69 -30.68
CA HIS C 361 -40.58 -47.07 -31.78
C HIS C 361 -41.93 -47.48 -31.24
N ARG C 362 -43.00 -47.06 -31.91
CA ARG C 362 -44.35 -47.47 -31.52
C ARG C 362 -44.57 -48.89 -32.08
N PRO C 363 -45.71 -49.53 -31.77
CA PRO C 363 -45.82 -50.94 -32.16
C PRO C 363 -45.83 -51.21 -33.65
N ASP C 364 -46.13 -50.20 -34.48
CA ASP C 364 -46.06 -50.37 -35.93
C ASP C 364 -44.67 -50.05 -36.46
N GLY C 365 -43.70 -49.78 -35.58
CA GLY C 365 -42.34 -49.48 -36.04
C GLY C 365 -42.02 -48.00 -36.23
N THR C 366 -43.03 -47.13 -36.35
CA THR C 366 -42.82 -45.66 -36.48
C THR C 366 -42.27 -45.03 -35.24
N ILE C 367 -41.60 -43.89 -35.41
CA ILE C 367 -41.06 -43.09 -34.30
C ILE C 367 -41.83 -41.77 -34.22
N ALA C 368 -42.48 -41.52 -33.08
CA ALA C 368 -43.15 -40.22 -32.84
C ALA C 368 -42.20 -39.06 -32.96
N HIS C 369 -42.63 -38.00 -33.65
CA HIS C 369 -41.85 -36.77 -33.70
C HIS C 369 -41.75 -36.10 -32.33
N ALA C 370 -40.64 -35.43 -32.08
CA ALA C 370 -40.38 -34.72 -30.83
C ALA C 370 -41.35 -33.55 -30.57
N GLU C 371 -41.54 -33.24 -29.29
CA GLU C 371 -42.57 -32.29 -28.80
C GLU C 371 -42.16 -31.57 -27.53
N ASN C 372 -42.77 -30.40 -27.28
CA ASN C 372 -42.65 -29.62 -26.02
C ASN C 372 -43.98 -28.89 -25.81
N PRO C 373 -45.05 -29.63 -25.47
CA PRO C 373 -46.40 -29.14 -25.76
C PRO C 373 -46.73 -27.77 -25.17
N PRO C 374 -47.59 -26.98 -25.85
CA PRO C 374 -48.30 -27.30 -27.10
C PRO C 374 -47.46 -27.21 -28.40
N LYS C 375 -46.13 -27.03 -28.26
CA LYS C 375 -45.25 -26.95 -29.41
C LYS C 375 -44.90 -28.35 -29.94
N LYS C 376 -44.95 -28.49 -31.26
CA LYS C 376 -44.67 -29.75 -31.92
C LYS C 376 -43.48 -29.58 -32.87
N TYR C 377 -42.56 -30.55 -32.87
CA TYR C 377 -41.41 -30.50 -33.75
C TYR C 377 -41.51 -31.67 -34.74
N GLN C 378 -42.37 -31.50 -35.75
CA GLN C 378 -42.68 -32.56 -36.69
C GLN C 378 -41.50 -32.91 -37.57
N ASP C 379 -40.49 -32.03 -37.57
CA ASP C 379 -39.30 -32.20 -38.40
C ASP C 379 -38.14 -32.98 -37.75
N ILE C 380 -38.32 -33.42 -36.51
CA ILE C 380 -37.31 -34.20 -35.83
C ILE C 380 -37.88 -35.38 -35.01
N TYR C 381 -36.97 -36.27 -34.66
CA TYR C 381 -37.19 -37.34 -33.71
C TYR C 381 -36.36 -37.03 -32.48
N PRO C 382 -36.92 -37.24 -31.29
CA PRO C 382 -36.13 -37.25 -30.07
C PRO C 382 -35.39 -38.58 -29.84
N ILE C 383 -34.28 -38.52 -29.08
CA ILE C 383 -33.44 -39.70 -28.76
C ILE C 383 -34.02 -40.47 -27.57
N ALA C 384 -33.83 -41.79 -27.55
CA ALA C 384 -34.19 -42.70 -26.43
C ALA C 384 -32.90 -43.21 -25.82
N PHE C 385 -32.80 -43.18 -24.49
CA PHE C 385 -31.49 -43.32 -23.82
C PHE C 385 -31.29 -44.61 -23.07
N ASP C 386 -32.36 -45.39 -22.97
CA ASP C 386 -32.37 -46.53 -22.07
C ASP C 386 -32.10 -47.88 -22.71
N ALA C 387 -31.87 -47.91 -24.02
CA ALA C 387 -31.55 -49.17 -24.70
C ALA C 387 -30.04 -49.28 -24.91
N ASP C 388 -29.39 -48.15 -25.17
CA ASP C 388 -27.93 -48.14 -25.39
C ASP C 388 -27.27 -46.86 -24.83
N PRO C 389 -27.27 -46.73 -23.51
CA PRO C 389 -26.78 -45.49 -22.90
C PRO C 389 -25.28 -45.31 -23.14
N ASP C 390 -24.53 -46.41 -23.12
CA ASP C 390 -23.11 -46.35 -23.32
C ASP C 390 -22.76 -45.92 -24.74
N GLY C 391 -23.51 -46.44 -25.71
CA GLY C 391 -23.29 -46.13 -27.11
C GLY C 391 -23.59 -44.69 -27.37
N LEU C 392 -24.71 -44.21 -26.84
CA LEU C 392 -25.02 -42.78 -26.94
C LEU C 392 -23.98 -41.85 -26.30
N ALA C 393 -23.44 -42.25 -25.15
CA ALA C 393 -22.47 -41.43 -24.43
C ALA C 393 -21.14 -41.37 -25.19
N THR C 394 -20.71 -42.53 -25.67
CA THR C 394 -19.49 -42.64 -26.47
C THR C 394 -19.55 -41.80 -27.74
N GLU C 395 -20.64 -41.91 -28.49
CA GLU C 395 -20.80 -41.12 -29.73
C GLU C 395 -20.84 -39.62 -29.41
N THR C 396 -21.59 -39.24 -28.40
CA THR C 396 -21.68 -37.83 -28.00
C THR C 396 -20.30 -37.22 -27.74
N VAL C 397 -19.49 -37.89 -26.94
CA VAL C 397 -18.18 -37.31 -26.63
C VAL C 397 -17.26 -37.33 -27.84
N ARG C 398 -17.39 -38.35 -28.70
CA ARG C 398 -16.64 -38.35 -29.94
C ARG C 398 -16.99 -37.09 -30.76
N ILE C 399 -18.27 -36.80 -30.88
CA ILE C 399 -18.70 -35.66 -31.65
C ILE C 399 -18.19 -34.35 -31.06
N LEU C 400 -18.33 -34.19 -29.76
CA LEU C 400 -17.81 -32.96 -29.12
C LEU C 400 -16.32 -32.85 -29.33
N ARG C 401 -15.60 -33.96 -29.18
CA ARG C 401 -14.13 -33.96 -29.36
C ARG C 401 -13.70 -33.58 -30.76
N HIS C 402 -14.45 -34.03 -31.76
CA HIS C 402 -14.23 -33.62 -33.13
C HIS C 402 -14.25 -32.10 -33.23
N TRP C 403 -15.31 -31.46 -32.75
CA TRP C 403 -15.42 -30.00 -32.90
C TRP C 403 -14.37 -29.31 -32.03
N MET C 404 -14.10 -29.86 -30.86
CA MET C 404 -12.99 -29.40 -30.00
C MET C 404 -11.62 -29.41 -30.74
N ASP C 405 -11.37 -30.47 -31.51
CA ASP C 405 -10.13 -30.53 -32.32
C ASP C 405 -10.08 -29.49 -33.40
N HIS C 406 -11.24 -28.89 -33.69
CA HIS C 406 -11.32 -27.80 -34.68
C HIS C 406 -11.54 -26.41 -34.02
N GLY C 407 -11.20 -26.30 -32.73
CA GLY C 407 -11.21 -25.02 -32.03
C GLY C 407 -12.51 -24.57 -31.35
N VAL C 408 -13.53 -25.41 -31.30
CA VAL C 408 -14.75 -25.03 -30.58
C VAL C 408 -14.60 -25.49 -29.14
N ARG C 409 -14.55 -24.52 -28.21
CA ARG C 409 -14.32 -24.81 -26.79
C ARG C 409 -15.51 -24.38 -25.95
N ILE C 410 -16.61 -24.03 -26.59
CA ILE C 410 -17.84 -23.64 -25.91
C ILE C 410 -19.02 -24.26 -26.65
N PHE C 411 -19.88 -24.98 -25.94
CA PHE C 411 -21.06 -25.63 -26.54
C PHE C 411 -22.33 -25.14 -25.87
N ARG C 412 -23.27 -24.71 -26.70
CA ARG C 412 -24.56 -24.28 -26.28
C ARG C 412 -25.44 -25.48 -26.45
N VAL C 413 -25.89 -26.04 -25.33
CA VAL C 413 -26.64 -27.30 -25.40
C VAL C 413 -28.12 -27.03 -25.50
N ASP C 414 -28.67 -27.50 -26.61
CA ASP C 414 -30.07 -27.36 -26.88
C ASP C 414 -30.92 -28.21 -25.92
N ASN C 415 -31.96 -27.60 -25.33
CA ASN C 415 -32.96 -28.27 -24.48
C ASN C 415 -32.46 -29.44 -23.62
N PRO C 416 -31.44 -29.22 -22.78
CA PRO C 416 -30.74 -30.34 -22.09
C PRO C 416 -31.65 -31.12 -21.14
N HIS C 417 -32.69 -30.46 -20.66
CA HIS C 417 -33.68 -31.03 -19.79
C HIS C 417 -34.62 -32.07 -20.40
N THR C 418 -34.52 -32.34 -21.72
CA THR C 418 -35.30 -33.41 -22.36
C THR C 418 -34.43 -34.60 -22.62
N LYS C 419 -33.22 -34.59 -22.08
CA LYS C 419 -32.34 -35.73 -22.07
C LYS C 419 -31.98 -35.98 -20.59
N PRO C 420 -31.54 -37.19 -20.22
CA PRO C 420 -31.36 -37.49 -18.79
C PRO C 420 -30.31 -36.63 -18.10
N VAL C 421 -30.60 -36.22 -16.89
CA VAL C 421 -29.69 -35.43 -16.10
C VAL C 421 -28.34 -36.09 -15.93
N ALA C 422 -28.35 -37.39 -15.60
CA ALA C 422 -27.15 -38.21 -15.46
C ALA C 422 -26.36 -38.34 -16.72
N PHE C 423 -27.05 -38.29 -17.83
CA PHE C 423 -26.36 -38.34 -19.12
C PHE C 423 -25.46 -37.15 -19.23
N TRP C 424 -26.03 -35.96 -18.97
CA TRP C 424 -25.24 -34.73 -19.04
C TRP C 424 -24.12 -34.78 -18.01
N GLU C 425 -24.44 -35.19 -16.77
CA GLU C 425 -23.38 -35.38 -15.79
C GLU C 425 -22.19 -36.19 -16.31
N ARG C 426 -22.47 -37.28 -17.00
CA ARG C 426 -21.41 -38.20 -17.41
C ARG C 426 -20.63 -37.56 -18.55
N VAL C 427 -21.34 -37.05 -19.52
CA VAL C 427 -20.70 -36.43 -20.69
C VAL C 427 -19.78 -35.27 -20.31
N ILE C 428 -20.28 -34.35 -19.50
CA ILE C 428 -19.53 -33.17 -19.13
C ILE C 428 -18.30 -33.58 -18.34
N ALA C 429 -18.48 -34.55 -17.44
CA ALA C 429 -17.40 -35.04 -16.63
C ALA C 429 -16.37 -35.68 -17.52
N ASP C 430 -16.81 -36.44 -18.50
CA ASP C 430 -15.88 -37.05 -19.45
C ASP C 430 -15.12 -35.97 -20.22
N ILE C 431 -15.83 -34.98 -20.75
CA ILE C 431 -15.21 -33.93 -21.58
C ILE C 431 -14.30 -32.99 -20.78
N ASN C 432 -14.77 -32.48 -19.65
CA ASN C 432 -13.89 -31.70 -18.76
C ASN C 432 -12.76 -32.52 -18.09
N GLY C 433 -12.86 -33.84 -18.07
CA GLY C 433 -11.76 -34.67 -17.54
C GLY C 433 -10.47 -34.53 -18.33
N THR C 434 -10.58 -34.47 -19.65
CA THR C 434 -9.43 -34.30 -20.51
C THR C 434 -9.26 -32.82 -20.87
N ASP C 435 -10.36 -32.07 -20.95
CA ASP C 435 -10.33 -30.69 -21.46
C ASP C 435 -11.10 -29.73 -20.54
N PRO C 436 -10.49 -29.34 -19.42
CA PRO C 436 -11.29 -28.60 -18.43
C PRO C 436 -11.69 -27.18 -18.84
N ASP C 437 -11.11 -26.66 -19.91
CA ASP C 437 -11.52 -25.32 -20.41
C ASP C 437 -12.89 -25.30 -21.12
N VAL C 438 -13.38 -26.46 -21.56
CA VAL C 438 -14.63 -26.43 -22.33
C VAL C 438 -15.77 -25.96 -21.45
N ILE C 439 -16.62 -25.10 -22.01
CA ILE C 439 -17.72 -24.47 -21.31
C ILE C 439 -19.02 -24.91 -21.96
N PHE C 440 -19.95 -25.36 -21.15
CA PHE C 440 -21.27 -25.81 -21.58
C PHE C 440 -22.31 -24.84 -21.04
N LEU C 441 -23.21 -24.39 -21.93
CA LEU C 441 -24.33 -23.49 -21.61
C LEU C 441 -25.66 -24.20 -21.82
N ALA C 442 -26.43 -24.27 -20.75
CA ALA C 442 -27.67 -25.06 -20.70
C ALA C 442 -28.87 -24.25 -21.07
N GLU C 443 -29.49 -24.55 -22.20
CA GLU C 443 -30.68 -23.86 -22.58
C GLU C 443 -31.88 -24.58 -22.05
N ALA C 444 -32.12 -24.44 -20.75
CA ALA C 444 -33.24 -25.15 -20.06
C ALA C 444 -34.19 -24.13 -19.49
N PHE C 445 -35.20 -23.82 -20.29
CA PHE C 445 -36.30 -23.00 -19.89
C PHE C 445 -37.33 -23.95 -19.37
N THR C 446 -37.25 -24.24 -18.07
CA THR C 446 -38.07 -25.28 -17.47
C THR C 446 -38.25 -24.93 -16.00
N ARG C 447 -38.69 -25.90 -15.19
CA ARG C 447 -38.95 -25.64 -13.75
C ARG C 447 -37.65 -25.52 -12.94
N PRO C 448 -37.73 -24.92 -11.74
CA PRO C 448 -36.47 -24.58 -11.03
C PRO C 448 -35.56 -25.77 -10.63
N ALA C 449 -36.17 -26.90 -10.28
CA ALA C 449 -35.39 -28.00 -9.76
C ALA C 449 -34.44 -28.49 -10.82
N MET C 450 -34.96 -28.68 -12.02
CA MET C 450 -34.18 -29.14 -13.15
C MET C 450 -33.12 -28.09 -13.50
N MET C 451 -33.54 -26.81 -13.54
CA MET C 451 -32.62 -25.67 -13.87
C MET C 451 -31.44 -25.61 -12.93
N ALA C 452 -31.72 -25.75 -11.63
CA ALA C 452 -30.63 -25.82 -10.63
C ALA C 452 -29.81 -27.13 -10.72
N THR C 453 -30.48 -28.26 -10.94
CA THR C 453 -29.74 -29.53 -10.99
C THR C 453 -28.77 -29.59 -12.12
N LEU C 454 -29.20 -29.10 -13.27
CA LEU C 454 -28.33 -29.04 -14.42
C LEU C 454 -27.02 -28.28 -14.15
N ALA C 455 -27.10 -27.14 -13.48
CA ALA C 455 -25.91 -26.36 -13.14
C ALA C 455 -25.06 -27.12 -12.19
N GLN C 456 -25.73 -27.71 -11.20
CA GLN C 456 -25.05 -28.46 -10.14
C GLN C 456 -24.36 -29.74 -10.62
N ILE C 457 -24.87 -30.39 -11.68
CA ILE C 457 -24.19 -31.58 -12.22
C ILE C 457 -23.10 -31.25 -13.25
N GLY C 458 -22.99 -29.96 -13.61
CA GLY C 458 -21.77 -29.47 -14.28
C GLY C 458 -21.83 -28.40 -15.37
N PHE C 459 -23.01 -27.94 -15.76
CA PHE C 459 -23.10 -26.84 -16.73
C PHE C 459 -22.54 -25.53 -16.17
N GLN C 460 -21.61 -24.95 -16.94
CA GLN C 460 -20.87 -23.82 -16.50
C GLN C 460 -21.78 -22.61 -16.54
N GLN C 461 -22.76 -22.63 -17.44
CA GLN C 461 -23.65 -21.51 -17.62
C GLN C 461 -25.06 -22.00 -17.80
N SER C 462 -26.01 -21.15 -17.43
CA SER C 462 -27.41 -21.44 -17.66
C SER C 462 -28.15 -20.25 -18.27
N TYR C 463 -29.07 -20.55 -19.18
CA TYR C 463 -30.10 -19.61 -19.55
C TYR C 463 -31.07 -19.50 -18.37
N THR C 464 -31.85 -18.42 -18.37
CA THR C 464 -32.56 -17.99 -17.16
C THR C 464 -33.91 -17.50 -17.54
N TYR C 465 -34.64 -17.04 -16.53
CA TYR C 465 -35.97 -16.46 -16.74
C TYR C 465 -35.93 -14.96 -17.12
N PHE C 466 -34.74 -14.43 -17.45
CA PHE C 466 -34.54 -12.98 -17.59
C PHE C 466 -35.62 -12.30 -18.43
N THR C 467 -35.94 -12.91 -19.56
CA THR C 467 -36.79 -12.32 -20.57
C THR C 467 -38.22 -12.21 -20.06
N TRP C 468 -38.56 -12.98 -19.05
CA TRP C 468 -39.88 -12.90 -18.40
C TRP C 468 -39.82 -12.10 -17.08
N ARG C 469 -38.75 -11.33 -16.90
CA ARG C 469 -38.60 -10.45 -15.73
C ARG C 469 -38.41 -9.01 -16.21
N ASN C 470 -39.49 -8.23 -16.18
CA ASN C 470 -39.53 -6.90 -16.78
C ASN C 470 -39.90 -5.74 -15.87
N THR C 471 -40.65 -6.00 -14.80
CA THR C 471 -40.95 -5.02 -13.78
C THR C 471 -39.81 -4.93 -12.75
N LYS C 472 -39.80 -3.80 -12.02
CA LYS C 472 -38.81 -3.62 -10.98
C LYS C 472 -38.86 -4.76 -9.94
N GLN C 473 -40.07 -5.18 -9.55
CA GLN C 473 -40.22 -6.22 -8.53
C GLN C 473 -39.75 -7.58 -9.05
N GLU C 474 -40.10 -7.90 -10.29
CA GLU C 474 -39.60 -9.11 -10.95
C GLU C 474 -38.09 -9.08 -11.05
N LEU C 475 -37.55 -7.98 -11.55
CA LEU C 475 -36.10 -7.89 -11.73
C LEU C 475 -35.35 -8.01 -10.40
N THR C 476 -35.83 -7.26 -9.41
CA THR C 476 -35.18 -7.20 -8.11
C THR C 476 -35.20 -8.60 -7.46
N GLU C 477 -36.37 -9.24 -7.46
CA GLU C 477 -36.51 -10.56 -6.87
C GLU C 477 -35.63 -11.60 -7.57
N TYR C 478 -35.63 -11.61 -8.90
CA TYR C 478 -34.92 -12.64 -9.62
C TYR C 478 -33.42 -12.47 -9.45
N LEU C 479 -32.92 -11.24 -9.55
CA LEU C 479 -31.49 -11.01 -9.44
C LEU C 479 -30.99 -11.20 -8.02
N THR C 480 -31.85 -10.92 -7.04
CA THR C 480 -31.53 -11.23 -5.64
C THR C 480 -31.28 -12.74 -5.50
N GLU C 481 -32.19 -13.53 -6.07
CA GLU C 481 -32.04 -14.99 -6.12
C GLU C 481 -30.75 -15.39 -6.86
N LEU C 482 -30.56 -14.89 -8.07
CA LEU C 482 -29.41 -15.32 -8.86
C LEU C 482 -28.06 -14.94 -8.23
N SER C 483 -28.01 -13.84 -7.49
CA SER C 483 -26.73 -13.28 -6.99
C SER C 483 -26.47 -13.74 -5.58
N GLY C 484 -27.40 -14.51 -5.03
CA GLY C 484 -27.28 -15.05 -3.70
C GLY C 484 -26.68 -16.42 -3.71
N GLU C 485 -27.33 -17.34 -3.00
CA GLU C 485 -26.83 -18.70 -2.87
C GLU C 485 -26.69 -19.43 -4.18
N ALA C 486 -27.54 -19.12 -5.16
CA ALA C 486 -27.47 -19.87 -6.44
C ALA C 486 -26.15 -19.64 -7.17
N ALA C 487 -25.45 -18.57 -6.81
CA ALA C 487 -24.19 -18.26 -7.47
C ALA C 487 -23.06 -19.21 -7.08
N SER C 488 -23.29 -20.11 -6.11
CA SER C 488 -22.29 -21.12 -5.85
C SER C 488 -22.33 -22.27 -6.86
N TYR C 489 -23.36 -22.32 -7.68
CA TYR C 489 -23.48 -23.41 -8.69
C TYR C 489 -23.97 -23.01 -10.07
N MET C 490 -24.56 -21.83 -10.21
CA MET C 490 -25.10 -21.38 -11.51
C MET C 490 -24.49 -20.06 -11.95
N ARG C 491 -24.10 -19.99 -13.22
CA ARG C 491 -23.63 -18.75 -13.85
C ARG C 491 -24.62 -18.35 -14.97
N PRO C 492 -25.35 -17.24 -14.80
CA PRO C 492 -26.38 -16.86 -15.75
C PRO C 492 -25.91 -16.19 -17.03
N ASN C 493 -26.64 -16.48 -18.11
CA ASN C 493 -26.41 -15.85 -19.41
C ASN C 493 -27.69 -15.15 -19.80
N PHE C 494 -27.66 -13.82 -19.72
CA PHE C 494 -28.82 -13.00 -19.98
C PHE C 494 -28.87 -12.62 -21.45
N PHE C 495 -29.54 -13.44 -22.25
CA PHE C 495 -29.87 -13.06 -23.61
C PHE C 495 -31.13 -12.23 -23.57
N ALA C 496 -31.06 -10.99 -24.06
CA ALA C 496 -32.24 -10.08 -24.01
C ALA C 496 -33.31 -10.60 -24.94
N ASN C 497 -32.87 -11.28 -25.98
CA ASN C 497 -33.80 -11.98 -26.88
C ASN C 497 -33.18 -13.25 -27.40
N THR C 498 -34.01 -14.12 -27.96
CA THR C 498 -33.52 -15.27 -28.73
C THR C 498 -34.43 -15.42 -29.91
N PRO C 499 -34.09 -16.27 -30.90
CA PRO C 499 -35.00 -16.56 -32.00
C PRO C 499 -36.36 -17.07 -31.61
N ASP C 500 -36.46 -17.65 -30.40
CA ASP C 500 -37.72 -18.21 -29.88
C ASP C 500 -38.40 -17.28 -28.87
N ILE C 501 -37.75 -16.18 -28.50
CA ILE C 501 -38.32 -15.28 -27.48
C ILE C 501 -38.28 -13.79 -27.90
N LEU C 502 -39.41 -13.30 -28.36
CA LEU C 502 -39.61 -11.85 -28.58
C LEU C 502 -40.69 -11.42 -27.61
N HIS C 503 -40.28 -10.83 -26.47
CA HIS C 503 -41.22 -10.58 -25.40
C HIS C 503 -42.12 -9.40 -25.70
N ALA C 504 -43.34 -9.46 -25.15
CA ALA C 504 -44.35 -8.45 -25.30
C ALA C 504 -43.84 -7.03 -24.93
N TYR C 505 -42.92 -7.00 -23.97
CA TYR C 505 -42.31 -5.77 -23.54
C TYR C 505 -41.59 -5.09 -24.67
N LEU C 506 -40.89 -5.88 -25.49
CA LEU C 506 -40.23 -5.31 -26.63
C LEU C 506 -41.23 -5.06 -27.74
N GLN C 507 -42.20 -5.95 -27.89
CA GLN C 507 -43.21 -5.80 -28.95
C GLN C 507 -43.95 -4.50 -28.81
N HIS C 508 -44.34 -4.17 -27.57
CA HIS C 508 -45.13 -2.95 -27.33
C HIS C 508 -44.26 -1.73 -27.06
N GLY C 509 -43.01 -1.96 -26.67
CA GLY C 509 -42.11 -0.88 -26.22
C GLY C 509 -41.39 -0.14 -27.32
N GLY C 510 -41.07 -0.83 -28.42
CA GLY C 510 -40.27 -0.26 -29.48
C GLY C 510 -38.82 -0.04 -29.10
N ARG C 511 -38.14 0.83 -29.85
CA ARG C 511 -36.72 1.01 -29.64
C ARG C 511 -36.35 1.31 -28.18
N PRO C 512 -37.13 2.15 -27.49
CA PRO C 512 -36.71 2.48 -26.12
C PRO C 512 -36.75 1.26 -25.20
N ALA C 513 -37.59 0.28 -25.52
CA ALA C 513 -37.59 -0.99 -24.78
C ALA C 513 -36.30 -1.81 -25.04
N PHE C 514 -35.81 -1.80 -26.29
CA PHE C 514 -34.54 -2.44 -26.63
C PHE C 514 -33.36 -1.82 -25.94
N GLU C 515 -33.40 -0.50 -25.76
CA GLU C 515 -32.35 0.22 -25.06
C GLU C 515 -32.29 -0.12 -23.56
N VAL C 516 -33.47 -0.18 -22.94
CA VAL C 516 -33.60 -0.57 -21.56
C VAL C 516 -33.11 -1.99 -21.28
N ARG C 517 -33.59 -2.98 -22.07
CA ARG C 517 -33.28 -4.40 -21.81
C ARG C 517 -31.78 -4.69 -22.06
N ALA C 518 -31.19 -3.94 -22.96
CA ALA C 518 -29.76 -4.03 -23.21
C ALA C 518 -28.97 -3.52 -22.01
N VAL C 519 -29.35 -2.35 -21.47
CA VAL C 519 -28.67 -1.81 -20.28
C VAL C 519 -28.81 -2.74 -19.10
N LEU C 520 -30.01 -3.28 -18.88
CA LEU C 520 -30.23 -4.23 -17.80
C LEU C 520 -29.38 -5.49 -17.92
N ALA C 521 -29.46 -6.15 -19.06
CA ALA C 521 -28.80 -7.43 -19.25
C ALA C 521 -27.28 -7.26 -19.08
N ALA C 522 -26.78 -6.15 -19.59
CA ALA C 522 -25.36 -5.91 -19.63
C ALA C 522 -24.81 -5.50 -18.24
N THR C 523 -25.64 -4.86 -17.44
CA THR C 523 -25.18 -4.41 -16.15
C THR C 523 -25.57 -5.33 -14.99
N LEU C 524 -26.49 -6.27 -15.21
CA LEU C 524 -26.94 -7.14 -14.13
C LEU C 524 -26.26 -8.48 -14.12
N SER C 525 -25.83 -8.97 -15.28
CA SER C 525 -25.10 -10.22 -15.32
C SER C 525 -23.76 -9.97 -15.96
N PRO C 526 -22.71 -10.65 -15.46
CA PRO C 526 -21.41 -10.51 -16.15
C PRO C 526 -21.40 -11.29 -17.47
N THR C 527 -22.41 -12.10 -17.74
CA THR C 527 -22.62 -12.60 -19.11
C THR C 527 -23.99 -12.20 -19.65
N TRP C 528 -23.98 -11.56 -20.81
CA TRP C 528 -25.21 -11.26 -21.50
C TRP C 528 -25.10 -11.55 -22.99
N GLY C 529 -26.23 -11.48 -23.66
CA GLY C 529 -26.25 -11.73 -25.10
C GLY C 529 -27.44 -11.18 -25.84
N ILE C 530 -27.27 -11.09 -27.16
CA ILE C 530 -28.37 -10.70 -28.06
C ILE C 530 -28.32 -11.56 -29.32
N TYR C 531 -29.50 -11.72 -29.92
CA TYR C 531 -29.65 -12.48 -31.15
C TYR C 531 -29.86 -11.46 -32.27
N SER C 532 -29.05 -11.58 -33.31
CA SER C 532 -29.02 -10.64 -34.43
C SER C 532 -30.40 -10.14 -34.86
N GLY C 533 -30.50 -8.82 -34.99
CA GLY C 533 -31.77 -8.15 -35.37
C GLY C 533 -32.27 -7.35 -34.18
N TYR C 534 -31.75 -7.68 -33.00
CA TYR C 534 -32.08 -6.97 -31.77
C TYR C 534 -31.67 -5.51 -31.91
N GLU C 535 -30.44 -5.29 -32.39
CA GLU C 535 -29.90 -3.94 -32.67
C GLU C 535 -30.82 -3.13 -33.57
N LEU C 536 -31.53 -3.81 -34.48
CA LEU C 536 -32.38 -3.11 -35.43
C LEU C 536 -33.77 -2.96 -34.83
N CYS C 537 -33.96 -3.48 -33.61
CA CYS C 537 -35.23 -3.30 -32.92
C CYS C 537 -36.40 -4.01 -33.63
N GLU C 538 -36.10 -5.18 -34.19
CA GLU C 538 -37.09 -6.00 -34.85
C GLU C 538 -38.04 -6.51 -33.80
N ASN C 539 -39.33 -6.19 -33.91
CA ASN C 539 -40.26 -6.45 -32.84
C ASN C 539 -41.67 -6.74 -33.33
N THR C 540 -41.79 -7.33 -34.53
CA THR C 540 -43.08 -7.74 -35.05
C THR C 540 -43.30 -9.24 -34.82
N PRO C 541 -44.37 -9.58 -34.08
CA PRO C 541 -44.52 -10.96 -33.67
C PRO C 541 -45.25 -11.72 -34.73
N LEU C 542 -45.23 -13.04 -34.62
CA LEU C 542 -46.01 -13.89 -35.51
C LEU C 542 -47.49 -13.52 -35.43
N ARG C 543 -47.97 -13.26 -34.22
CA ARG C 543 -49.35 -12.76 -34.04
C ARG C 543 -49.46 -12.28 -32.62
N GLU C 544 -50.61 -11.68 -32.27
CA GLU C 544 -50.81 -11.17 -30.93
C GLU C 544 -50.71 -12.32 -29.94
N GLY C 545 -49.94 -12.11 -28.89
CA GLY C 545 -49.82 -13.07 -27.81
C GLY C 545 -48.83 -14.16 -28.08
N SER C 546 -48.02 -13.99 -29.12
CA SER C 546 -46.97 -14.93 -29.42
C SER C 546 -45.64 -14.32 -29.02
N GLU C 547 -44.68 -15.16 -28.70
CA GLU C 547 -43.29 -14.69 -28.49
C GLU C 547 -42.40 -15.09 -29.70
N GLU C 548 -43.02 -15.59 -30.77
CA GLU C 548 -42.36 -15.85 -32.05
C GLU C 548 -42.30 -14.56 -32.89
N TYR C 549 -41.15 -14.31 -33.52
CA TYR C 549 -41.01 -13.29 -34.54
C TYR C 549 -41.81 -13.67 -35.76
N LEU C 550 -42.30 -12.67 -36.48
CA LEU C 550 -42.91 -12.94 -37.77
C LEU C 550 -41.79 -13.23 -38.77
N ASP C 551 -42.05 -14.13 -39.72
CA ASP C 551 -41.07 -14.53 -40.77
C ASP C 551 -39.76 -14.85 -40.09
N SER C 552 -39.83 -15.80 -39.17
CA SER C 552 -38.71 -16.10 -38.30
C SER C 552 -37.53 -16.63 -39.09
N GLU C 553 -36.34 -16.24 -38.67
CA GLU C 553 -35.09 -16.68 -39.31
C GLU C 553 -34.82 -18.20 -39.23
N LYS C 554 -35.51 -18.86 -38.31
CA LYS C 554 -35.44 -20.30 -38.14
C LYS C 554 -35.92 -21.03 -39.39
N TYR C 555 -36.86 -20.44 -40.13
CA TYR C 555 -37.45 -21.09 -41.29
C TYR C 555 -37.13 -20.42 -42.61
N GLN C 556 -36.31 -19.37 -42.60
CA GLN C 556 -35.96 -18.67 -43.82
C GLN C 556 -34.69 -17.84 -43.69
N LEU C 557 -34.05 -17.63 -44.83
CA LEU C 557 -32.88 -16.78 -44.94
C LEU C 557 -33.35 -15.41 -44.66
N LYS C 558 -32.59 -14.61 -43.90
CA LYS C 558 -33.09 -13.31 -43.46
C LYS C 558 -32.02 -12.24 -43.65
N PRO C 559 -31.82 -11.83 -44.92
CA PRO C 559 -30.77 -10.84 -45.18
C PRO C 559 -31.10 -9.51 -44.55
N ARG C 560 -30.05 -8.84 -44.07
CA ARG C 560 -30.22 -7.53 -43.42
C ARG C 560 -29.26 -6.54 -44.01
N ASP C 561 -29.76 -5.36 -44.34
CA ASP C 561 -28.93 -4.29 -44.84
C ASP C 561 -28.26 -3.58 -43.65
N TRP C 562 -27.22 -4.20 -43.11
CA TRP C 562 -26.41 -3.61 -42.02
C TRP C 562 -25.84 -2.21 -42.32
N THR C 563 -25.40 -2.00 -43.56
CA THR C 563 -24.82 -0.71 -43.93
C THR C 563 -25.83 0.43 -43.92
N ARG C 564 -27.00 0.18 -44.49
CA ARG C 564 -28.08 1.15 -44.43
C ARG C 564 -28.51 1.50 -43.00
N ALA C 565 -28.71 0.49 -42.15
CA ALA C 565 -29.10 0.73 -40.76
C ALA C 565 -28.10 1.64 -40.03
N ALA C 566 -26.81 1.44 -40.33
CA ALA C 566 -25.73 2.26 -39.77
C ALA C 566 -25.84 3.69 -40.21
N ARG C 567 -25.88 3.93 -41.52
CA ARG C 567 -25.88 5.30 -42.02
C ARG C 567 -27.19 6.04 -41.69
N GLU C 568 -28.30 5.31 -41.60
CA GLU C 568 -29.59 5.89 -41.24
C GLU C 568 -29.79 5.99 -39.73
N GLY C 569 -28.88 5.41 -38.95
CA GLY C 569 -28.93 5.51 -37.47
C GLY C 569 -30.07 4.78 -36.80
N THR C 570 -30.61 3.78 -37.49
CA THR C 570 -31.77 3.03 -37.03
C THR C 570 -31.34 1.73 -36.32
N THR C 571 -30.13 1.73 -35.79
CA THR C 571 -29.59 0.62 -35.03
C THR C 571 -29.10 1.11 -33.65
N ILE C 572 -29.30 0.29 -32.62
CA ILE C 572 -28.78 0.67 -31.30
C ILE C 572 -27.36 0.10 -31.09
N ALA C 573 -26.71 -0.29 -32.18
CA ALA C 573 -25.35 -0.83 -32.13
C ALA C 573 -24.34 0.05 -31.37
N PRO C 574 -24.41 1.39 -31.55
CA PRO C 574 -23.50 2.20 -30.75
C PRO C 574 -23.70 2.09 -29.22
N LEU C 575 -24.95 2.00 -28.78
CA LEU C 575 -25.22 1.81 -27.36
C LEU C 575 -24.63 0.45 -26.93
N VAL C 576 -24.89 -0.58 -27.72
CA VAL C 576 -24.36 -1.92 -27.44
C VAL C 576 -22.87 -1.88 -27.33
N THR C 577 -22.23 -1.20 -28.26
CA THR C 577 -20.77 -1.09 -28.20
C THR C 577 -20.34 -0.45 -26.88
N ARG C 578 -20.98 0.66 -26.53
CA ARG C 578 -20.60 1.43 -25.35
C ARG C 578 -20.76 0.57 -24.10
N LEU C 579 -21.87 -0.15 -24.02
CA LEU C 579 -22.09 -1.07 -22.88
C LEU C 579 -20.94 -2.07 -22.72
N ASN C 580 -20.48 -2.67 -23.80
CA ASN C 580 -19.42 -3.67 -23.70
C ASN C 580 -18.07 -3.04 -23.37
N THR C 581 -17.87 -1.80 -23.80
CA THR C 581 -16.67 -1.05 -23.45
C THR C 581 -16.66 -0.75 -21.94
N ILE C 582 -17.78 -0.29 -21.43
CA ILE C 582 -17.87 0.00 -20.01
C ILE C 582 -17.56 -1.29 -19.20
N ARG C 583 -18.16 -2.42 -19.60
CA ARG C 583 -17.92 -3.70 -18.96
C ARG C 583 -16.44 -4.06 -18.95
N ARG C 584 -15.77 -3.82 -20.08
CA ARG C 584 -14.33 -4.12 -20.22
C ARG C 584 -13.46 -3.23 -19.37
N GLU C 585 -14.01 -2.06 -19.02
CA GLU C 585 -13.27 -1.07 -18.26
C GLU C 585 -13.60 -1.07 -16.79
N ASN C 586 -14.61 -1.85 -16.38
CA ASN C 586 -15.07 -1.84 -15.01
C ASN C 586 -15.25 -3.23 -14.40
N PRO C 587 -14.23 -3.68 -13.62
CA PRO C 587 -14.28 -4.95 -12.89
C PRO C 587 -15.60 -5.25 -12.20
N ALA C 588 -16.24 -4.25 -11.61
CA ALA C 588 -17.51 -4.45 -10.90
C ALA C 588 -18.55 -5.16 -11.76
N LEU C 589 -18.57 -4.87 -13.07
CA LEU C 589 -19.54 -5.46 -14.01
C LEU C 589 -19.19 -6.85 -14.55
N ARG C 590 -17.99 -7.34 -14.19
CA ARG C 590 -17.51 -8.66 -14.59
C ARG C 590 -17.61 -9.67 -13.46
N GLN C 591 -18.46 -9.35 -12.47
CA GLN C 591 -18.80 -10.26 -11.43
C GLN C 591 -20.33 -10.25 -11.23
N LEU C 592 -20.82 -11.26 -10.50
CA LEU C 592 -22.25 -11.50 -10.29
C LEU C 592 -22.70 -11.20 -8.86
N ARG C 593 -21.95 -11.70 -7.89
CA ARG C 593 -22.41 -11.77 -6.49
C ARG C 593 -22.56 -10.44 -5.74
N ASP C 594 -21.75 -9.43 -6.04
CA ASP C 594 -21.88 -8.14 -5.37
C ASP C 594 -22.85 -7.24 -6.14
N LEU C 595 -24.03 -7.08 -5.59
CA LEU C 595 -25.10 -6.42 -6.29
C LEU C 595 -26.04 -5.93 -5.22
N HIS C 596 -26.47 -4.68 -5.33
CA HIS C 596 -27.42 -4.16 -4.34
C HIS C 596 -28.41 -3.16 -4.91
N PHE C 597 -29.66 -3.33 -4.53
CA PHE C 597 -30.75 -2.48 -4.99
C PHE C 597 -31.06 -1.30 -4.06
N HIS C 598 -30.89 -0.08 -4.57
CA HIS C 598 -31.12 1.15 -3.80
C HIS C 598 -32.53 1.66 -4.06
N PRO C 599 -33.21 2.11 -3.01
CA PRO C 599 -34.63 2.51 -3.18
C PRO C 599 -34.83 3.76 -4.05
N THR C 600 -35.95 3.79 -4.75
CA THR C 600 -36.38 4.99 -5.46
C THR C 600 -37.84 5.19 -5.14
N ASP C 601 -38.32 6.43 -5.30
CA ASP C 601 -39.75 6.68 -5.04
C ASP C 601 -40.67 6.39 -6.23
N LYS C 602 -40.15 5.80 -7.30
CA LYS C 602 -40.94 5.55 -8.50
C LYS C 602 -40.87 4.07 -8.88
N GLU C 603 -42.05 3.50 -9.07
CA GLU C 603 -42.21 2.09 -9.32
C GLU C 603 -41.62 1.70 -10.73
N GLU C 604 -41.61 2.65 -11.66
CA GLU C 604 -40.98 2.46 -12.98
C GLU C 604 -39.46 2.57 -12.96
N VAL C 605 -38.87 3.09 -11.88
CA VAL C 605 -37.47 3.45 -11.89
C VAL C 605 -36.66 2.63 -10.92
N ILE C 606 -35.61 1.99 -11.41
CA ILE C 606 -34.91 1.00 -10.63
C ILE C 606 -33.48 1.42 -10.54
N ALA C 607 -32.86 1.19 -9.39
CA ALA C 607 -31.47 1.60 -9.13
C ALA C 607 -30.74 0.49 -8.43
N TYR C 608 -29.47 0.32 -8.80
CA TYR C 608 -28.65 -0.72 -8.18
C TYR C 608 -27.18 -0.40 -8.33
N SER C 609 -26.34 -1.11 -7.57
CA SER C 609 -24.90 -0.90 -7.56
C SER C 609 -24.19 -2.22 -7.50
N LYS C 610 -22.96 -2.21 -8.03
CA LYS C 610 -22.10 -3.38 -8.08
C LYS C 610 -20.69 -2.92 -7.77
N ARG C 611 -19.93 -3.73 -7.02
CA ARG C 611 -18.58 -3.35 -6.64
C ARG C 611 -17.54 -4.48 -6.82
N GLN C 612 -16.30 -4.07 -7.09
CA GLN C 612 -15.15 -4.97 -7.15
C GLN C 612 -13.92 -4.14 -6.85
N GLY C 613 -13.21 -4.49 -5.77
CA GLY C 613 -12.19 -3.61 -5.19
C GLY C 613 -12.73 -2.20 -5.05
N SER C 614 -11.97 -1.22 -5.54
CA SER C 614 -12.38 0.19 -5.47
C SER C 614 -13.29 0.64 -6.62
N ASN C 615 -13.62 -0.26 -7.54
CA ASN C 615 -14.51 0.07 -8.65
C ASN C 615 -15.95 -0.13 -8.16
N THR C 616 -16.77 0.88 -8.40
CA THR C 616 -18.18 0.89 -8.04
C THR C 616 -18.98 1.42 -9.20
N VAL C 617 -19.94 0.64 -9.66
CA VAL C 617 -20.80 1.10 -10.73
C VAL C 617 -22.22 1.26 -10.23
N LEU C 618 -22.81 2.40 -10.59
CA LEU C 618 -24.11 2.75 -10.11
C LEU C 618 -25.03 2.94 -11.30
N VAL C 619 -26.15 2.24 -11.31
CA VAL C 619 -27.02 2.21 -12.48
C VAL C 619 -28.46 2.60 -12.11
N VAL C 620 -29.03 3.51 -12.89
CA VAL C 620 -30.45 3.91 -12.71
C VAL C 620 -31.16 3.76 -14.05
N VAL C 621 -32.25 3.01 -14.04
CA VAL C 621 -33.02 2.72 -15.26
C VAL C 621 -34.49 3.06 -15.14
N ASN C 622 -34.99 3.71 -16.18
CA ASN C 622 -36.42 3.95 -16.34
C ASN C 622 -37.05 2.80 -17.14
N LEU C 623 -37.81 1.94 -16.47
CA LEU C 623 -38.44 0.76 -17.12
C LEU C 623 -39.70 1.09 -17.93
N ASP C 624 -40.07 2.37 -17.96
CA ASP C 624 -41.20 2.82 -18.77
C ASP C 624 -40.69 3.25 -20.14
N PRO C 625 -41.04 2.49 -21.21
CA PRO C 625 -40.57 2.88 -22.54
C PRO C 625 -41.41 3.98 -23.21
N ARG C 626 -42.50 4.42 -22.59
CA ARG C 626 -43.42 5.37 -23.25
C ARG C 626 -43.39 6.77 -22.60
N HIS C 627 -43.20 6.86 -21.28
CA HIS C 627 -43.27 8.15 -20.59
C HIS C 627 -41.96 8.47 -19.85
N THR C 628 -41.61 9.75 -19.90
CA THR C 628 -40.53 10.26 -19.05
C THR C 628 -40.89 10.02 -17.61
N GLN C 629 -39.87 9.69 -16.82
CA GLN C 629 -40.06 9.45 -15.40
C GLN C 629 -39.05 10.27 -14.64
N GLU C 630 -39.51 10.97 -13.60
CA GLU C 630 -38.62 11.63 -12.67
C GLU C 630 -38.76 11.02 -11.29
N ALA C 631 -37.63 10.85 -10.65
CA ALA C 631 -37.62 10.18 -9.36
C ALA C 631 -36.46 10.66 -8.52
N THR C 632 -36.62 10.42 -7.21
CA THR C 632 -35.54 10.60 -6.27
C THR C 632 -35.00 9.23 -5.95
N VAL C 633 -33.69 9.10 -6.09
CA VAL C 633 -33.01 7.84 -5.81
C VAL C 633 -32.27 8.00 -4.49
N SER C 634 -32.60 7.14 -3.53
CA SER C 634 -32.04 7.22 -2.19
C SER C 634 -30.99 6.16 -1.99
N LEU C 635 -29.73 6.59 -2.04
CA LEU C 635 -28.61 5.67 -1.99
C LEU C 635 -28.34 5.16 -0.58
N ASP C 636 -28.28 3.84 -0.43
CA ASP C 636 -27.68 3.16 0.72
C ASP C 636 -26.21 3.48 0.80
N MET C 637 -25.88 4.59 1.45
CA MET C 637 -24.53 5.11 1.40
C MET C 637 -23.51 4.13 1.99
N PRO C 638 -23.84 3.49 3.12
CA PRO C 638 -22.89 2.53 3.70
C PRO C 638 -22.67 1.31 2.81
N GLN C 639 -23.69 0.92 2.08
CA GLN C 639 -23.58 -0.19 1.17
C GLN C 639 -22.65 0.19 0.01
N LEU C 640 -22.45 1.50 -0.21
CA LEU C 640 -21.38 1.97 -1.10
C LEU C 640 -20.04 2.15 -0.37
N GLY C 641 -20.03 2.01 0.96
CA GLY C 641 -18.82 2.21 1.76
C GLY C 641 -18.55 3.67 2.08
N LEU C 642 -19.62 4.45 2.21
CA LEU C 642 -19.54 5.90 2.44
C LEU C 642 -20.35 6.26 3.65
N ASP C 643 -20.06 7.40 4.28
CA ASP C 643 -20.92 7.93 5.34
C ASP C 643 -22.16 8.54 4.70
N TRP C 644 -23.24 8.63 5.48
CA TRP C 644 -24.55 9.05 4.97
C TRP C 644 -24.56 10.45 4.35
N HIS C 645 -23.75 11.34 4.92
CA HIS C 645 -23.73 12.74 4.55
C HIS C 645 -22.73 12.99 3.41
N GLU C 646 -21.97 11.96 3.06
CA GLU C 646 -20.96 12.07 1.99
C GLU C 646 -21.63 12.37 0.66
N SER C 647 -20.87 12.97 -0.25
CA SER C 647 -21.29 13.26 -1.61
C SER C 647 -20.14 12.90 -2.54
N VAL C 648 -20.31 11.82 -3.30
CA VAL C 648 -19.27 11.33 -4.20
C VAL C 648 -19.57 11.73 -5.64
N PRO C 649 -18.50 12.03 -6.41
CA PRO C 649 -18.71 12.38 -7.80
C PRO C 649 -18.85 11.12 -8.63
N VAL C 650 -19.64 11.21 -9.68
CA VAL C 650 -19.84 10.11 -10.59
C VAL C 650 -19.67 10.62 -11.99
N ARG C 651 -19.53 9.70 -12.93
CA ARG C 651 -19.58 10.02 -14.36
C ARG C 651 -20.59 9.07 -14.98
N ASP C 652 -21.54 9.61 -15.74
CA ASP C 652 -22.45 8.79 -16.52
C ASP C 652 -21.72 8.34 -17.79
N GLU C 653 -21.28 7.08 -17.80
CA GLU C 653 -20.43 6.59 -18.88
C GLU C 653 -21.14 6.49 -20.22
N LEU C 654 -22.46 6.58 -20.22
CA LEU C 654 -23.23 6.67 -21.48
C LEU C 654 -23.07 8.02 -22.18
N THR C 655 -23.00 9.12 -21.40
CA THR C 655 -22.92 10.48 -21.93
C THR C 655 -21.55 11.15 -21.73
N GLY C 656 -20.76 10.68 -20.78
CA GLY C 656 -19.54 11.39 -20.39
C GLY C 656 -19.78 12.48 -19.33
N GLU C 657 -21.05 12.73 -19.01
CA GLU C 657 -21.40 13.84 -18.13
C GLU C 657 -21.10 13.50 -16.69
N THR C 658 -20.69 14.50 -15.93
CA THR C 658 -20.34 14.35 -14.53
C THR C 658 -21.45 14.86 -13.61
N TYR C 659 -21.66 14.18 -12.49
CA TYR C 659 -22.58 14.64 -11.44
C TYR C 659 -21.92 14.42 -10.10
N HIS C 660 -22.47 15.06 -9.07
CA HIS C 660 -22.08 14.80 -7.71
C HIS C 660 -23.30 14.24 -7.03
N TRP C 661 -23.20 12.99 -6.55
CA TRP C 661 -24.35 12.34 -5.95
C TRP C 661 -24.13 11.95 -4.50
N GLY C 662 -25.23 11.90 -3.77
CA GLY C 662 -25.23 11.52 -2.36
C GLY C 662 -26.51 10.81 -2.00
N ARG C 663 -26.83 10.86 -0.72
CA ARG C 663 -27.99 10.23 -0.11
C ARG C 663 -29.30 10.30 -0.90
N ALA C 664 -29.65 11.47 -1.43
CA ALA C 664 -30.91 11.62 -2.18
C ALA C 664 -30.69 12.44 -3.47
N ASN C 665 -31.06 11.87 -4.62
CA ASN C 665 -30.68 12.45 -5.91
C ASN C 665 -31.83 12.41 -6.88
N TYR C 666 -32.10 13.57 -7.46
CA TYR C 666 -33.11 13.72 -8.50
C TYR C 666 -32.57 13.18 -9.84
N VAL C 667 -33.39 12.38 -10.50
CA VAL C 667 -33.13 12.01 -11.90
C VAL C 667 -34.36 12.30 -12.75
N ARG C 668 -34.11 12.46 -14.03
CA ARG C 668 -35.14 12.67 -15.01
C ARG C 668 -34.73 11.94 -16.28
N LEU C 669 -35.50 10.94 -16.70
CA LEU C 669 -35.09 10.05 -17.81
C LEU C 669 -36.18 10.00 -18.86
N GLU C 670 -35.81 10.39 -20.07
CA GLU C 670 -36.78 10.55 -21.17
C GLU C 670 -36.57 9.40 -22.19
N PRO C 671 -37.59 8.55 -22.37
CA PRO C 671 -37.47 7.41 -23.30
C PRO C 671 -37.11 7.89 -24.69
N GLY C 672 -36.16 7.24 -25.34
CA GLY C 672 -35.70 7.67 -26.65
C GLY C 672 -34.46 8.53 -26.55
N ARG C 673 -34.40 9.37 -25.53
CA ARG C 673 -33.27 10.24 -25.33
C ARG C 673 -32.30 9.58 -24.37
N THR C 674 -32.78 9.28 -23.15
CA THR C 674 -31.98 8.54 -22.19
C THR C 674 -32.78 7.38 -21.64
N PRO C 675 -32.31 6.15 -21.86
CA PRO C 675 -32.92 5.00 -21.17
C PRO C 675 -32.52 4.91 -19.69
N ALA C 676 -31.28 5.25 -19.40
CA ALA C 676 -30.75 5.08 -18.06
C ALA C 676 -29.48 5.93 -17.80
N HIS C 677 -29.02 5.87 -16.55
CA HIS C 677 -27.68 6.35 -16.17
C HIS C 677 -26.88 5.15 -15.79
N VAL C 678 -25.70 5.03 -16.39
CA VAL C 678 -24.72 4.03 -15.96
C VAL C 678 -23.50 4.80 -15.50
N CYS C 679 -23.42 4.98 -14.19
CA CYS C 679 -22.42 5.84 -13.61
C CYS C 679 -21.35 5.03 -12.91
N THR C 680 -20.11 5.47 -13.06
CA THR C 680 -19.00 4.96 -12.28
C THR C 680 -18.70 6.02 -11.21
N VAL C 681 -18.40 5.59 -9.99
CA VAL C 681 -17.98 6.51 -8.94
C VAL C 681 -16.48 6.83 -9.11
N LEU C 682 -16.12 8.12 -9.12
CA LEU C 682 -14.77 8.55 -9.50
C LEU C 682 -13.76 8.59 -8.34
N ARG C 683 -12.47 8.35 -8.64
CA ARG C 683 -11.33 8.32 -7.67
C ARG C 683 -10.60 9.67 -7.59
N PRO D 35 -19.15 -43.56 -11.87
CA PRO D 35 -20.49 -43.39 -11.29
C PRO D 35 -20.91 -41.93 -11.17
N THR D 36 -22.18 -41.63 -11.50
CA THR D 36 -22.74 -40.29 -11.37
C THR D 36 -23.38 -40.07 -9.99
N VAL D 37 -23.51 -38.81 -9.59
CA VAL D 37 -24.16 -38.45 -8.33
C VAL D 37 -25.69 -38.54 -8.43
N VAL D 38 -26.24 -38.16 -9.59
CA VAL D 38 -27.69 -38.25 -9.81
C VAL D 38 -28.01 -39.57 -10.51
N GLY D 39 -29.15 -40.15 -10.18
CA GLY D 39 -29.59 -41.38 -10.79
C GLY D 39 -30.48 -41.12 -12.00
N ARG D 40 -31.01 -42.20 -12.53
CA ARG D 40 -31.82 -42.18 -13.71
C ARG D 40 -33.06 -41.34 -13.55
N ILE D 41 -33.81 -41.55 -12.46
CA ILE D 41 -34.88 -40.62 -12.10
C ILE D 41 -34.36 -39.82 -10.88
N PRO D 42 -34.02 -38.54 -11.10
CA PRO D 42 -33.60 -37.66 -9.96
C PRO D 42 -34.42 -37.78 -8.68
N VAL D 43 -33.73 -38.08 -7.59
CA VAL D 43 -34.32 -37.97 -6.24
C VAL D 43 -33.30 -37.20 -5.37
N LEU D 44 -33.69 -36.01 -4.94
CA LEU D 44 -32.75 -35.08 -4.32
C LEU D 44 -33.26 -34.53 -3.02
N ASP D 45 -32.34 -34.27 -2.09
CA ASP D 45 -32.65 -33.53 -0.83
C ASP D 45 -33.77 -34.15 -0.01
N VAL D 46 -33.55 -35.40 0.34
CA VAL D 46 -34.50 -36.14 1.14
C VAL D 46 -34.52 -35.51 2.55
N ARG D 47 -35.72 -35.25 3.07
CA ARG D 47 -35.92 -34.75 4.42
C ARG D 47 -36.91 -35.62 5.22
N PRO D 48 -36.71 -35.72 6.55
CA PRO D 48 -35.72 -34.94 7.34
C PRO D 48 -34.24 -35.40 7.23
N VAL D 49 -33.34 -34.45 7.47
CA VAL D 49 -31.92 -34.76 7.54
C VAL D 49 -31.27 -33.91 8.63
N VAL D 50 -30.34 -34.50 9.36
CA VAL D 50 -29.69 -33.87 10.50
C VAL D 50 -28.20 -33.94 10.23
N GLN D 51 -27.55 -32.77 10.14
CA GLN D 51 -26.09 -32.75 10.01
C GLN D 51 -25.64 -33.40 8.68
N ARG D 52 -26.39 -33.14 7.63
CA ARG D 52 -26.13 -33.72 6.32
C ARG D 52 -26.15 -35.25 6.30
N GLY D 53 -26.80 -35.86 7.27
CA GLY D 53 -26.94 -37.30 7.35
C GLY D 53 -25.97 -37.97 8.30
N ARG D 54 -25.21 -37.18 9.05
CA ARG D 54 -24.14 -37.72 9.88
C ARG D 54 -24.67 -38.07 11.27
N ARG D 55 -25.87 -37.59 11.55
CA ARG D 55 -26.58 -37.92 12.77
C ARG D 55 -28.01 -38.27 12.36
N PRO D 56 -28.72 -39.06 13.20
CA PRO D 56 -30.06 -39.53 12.86
C PRO D 56 -31.16 -38.50 13.09
N ALA D 57 -32.20 -38.55 12.22
CA ALA D 57 -33.47 -37.91 12.51
C ALA D 57 -34.17 -38.73 13.58
N LYS D 58 -35.11 -38.12 14.32
CA LYS D 58 -35.72 -38.79 15.51
C LYS D 58 -37.18 -39.09 15.37
N ALA D 59 -37.61 -40.18 16.01
CA ALA D 59 -39.00 -40.44 16.25
C ALA D 59 -39.11 -41.27 17.57
N VAL D 60 -40.31 -41.58 17.97
CA VAL D 60 -40.57 -42.57 19.04
C VAL D 60 -41.60 -43.58 18.48
N THR D 61 -41.87 -44.65 19.21
CA THR D 61 -42.81 -45.71 18.75
C THR D 61 -44.20 -45.12 18.53
N GLY D 62 -44.76 -45.37 17.36
CA GLY D 62 -46.10 -44.90 17.03
C GLY D 62 -46.16 -43.43 16.63
N GLU D 63 -45.01 -42.77 16.50
CA GLU D 63 -45.02 -41.38 16.04
C GLU D 63 -45.01 -41.31 14.51
N SER D 64 -45.85 -40.43 13.96
CA SER D 64 -45.92 -40.19 12.52
C SER D 64 -45.21 -38.91 12.12
N PHE D 65 -44.54 -38.94 10.98
CA PHE D 65 -43.96 -37.72 10.42
C PHE D 65 -43.88 -37.82 8.91
N GLU D 66 -43.60 -36.69 8.29
CA GLU D 66 -43.55 -36.60 6.85
C GLU D 66 -42.14 -36.78 6.35
N VAL D 67 -41.97 -37.72 5.43
CA VAL D 67 -40.73 -37.82 4.68
C VAL D 67 -40.95 -37.14 3.33
N SER D 68 -40.02 -36.27 2.91
CA SER D 68 -40.11 -35.57 1.66
C SER D 68 -38.85 -35.73 0.81
N ALA D 69 -38.97 -35.40 -0.47
CA ALA D 69 -37.82 -35.35 -1.37
C ALA D 69 -38.19 -34.56 -2.64
N THR D 70 -37.17 -34.17 -3.42
CA THR D 70 -37.40 -33.50 -4.68
C THR D 70 -37.26 -34.53 -5.77
N VAL D 71 -38.33 -34.74 -6.51
CA VAL D 71 -38.41 -35.78 -7.50
C VAL D 71 -38.95 -35.20 -8.81
N PHE D 72 -38.28 -35.52 -9.91
CA PHE D 72 -38.74 -35.07 -11.22
C PHE D 72 -37.97 -35.86 -12.25
N ARG D 73 -38.33 -35.72 -13.51
CA ARG D 73 -37.60 -36.41 -14.59
C ARG D 73 -37.48 -35.50 -15.81
N GLU D 74 -36.71 -35.95 -16.79
CA GLU D 74 -36.56 -35.23 -18.04
C GLU D 74 -37.82 -35.42 -18.88
N GLY D 75 -38.05 -34.47 -19.78
CA GLY D 75 -39.19 -34.54 -20.69
C GLY D 75 -40.43 -34.26 -19.89
N HIS D 76 -41.56 -34.66 -20.44
CA HIS D 76 -42.85 -34.22 -19.93
C HIS D 76 -43.69 -35.35 -19.35
N ASP D 77 -43.15 -36.56 -19.26
CA ASP D 77 -43.98 -37.65 -18.74
C ASP D 77 -44.08 -37.60 -17.22
N ALA D 78 -45.02 -38.38 -16.69
CA ALA D 78 -45.34 -38.35 -15.25
C ALA D 78 -44.34 -39.18 -14.44
N VAL D 79 -44.10 -38.76 -13.20
CA VAL D 79 -43.32 -39.58 -12.27
C VAL D 79 -44.18 -39.96 -11.10
N GLY D 80 -43.69 -40.93 -10.36
CA GLY D 80 -44.24 -41.24 -9.05
C GLY D 80 -43.10 -41.58 -8.10
N ALA D 81 -43.43 -41.64 -6.83
CA ALA D 81 -42.48 -41.85 -5.77
C ALA D 81 -43.12 -42.55 -4.58
N ASN D 82 -42.28 -43.22 -3.80
CA ASN D 82 -42.70 -43.89 -2.56
C ASN D 82 -41.59 -43.90 -1.53
N VAL D 83 -41.97 -44.03 -0.27
CA VAL D 83 -41.01 -44.08 0.85
C VAL D 83 -40.83 -45.53 1.33
N VAL D 84 -39.57 -45.99 1.41
CA VAL D 84 -39.29 -47.36 1.92
C VAL D 84 -38.61 -47.13 3.27
N LEU D 85 -39.30 -47.53 4.31
CA LEU D 85 -38.85 -47.45 5.68
C LEU D 85 -38.33 -48.84 6.07
N ARG D 86 -37.09 -48.90 6.57
CA ARG D 86 -36.49 -50.19 6.96
C ARG D 86 -36.17 -50.24 8.44
N ASP D 87 -36.61 -51.32 9.07
CA ASP D 87 -36.42 -51.52 10.49
C ASP D 87 -34.99 -51.99 10.85
N PRO D 88 -34.71 -52.16 12.16
CA PRO D 88 -33.35 -52.52 12.60
C PRO D 88 -32.84 -53.83 12.02
N ARG D 89 -33.74 -54.72 11.64
CA ARG D 89 -33.36 -55.95 10.98
C ARG D 89 -33.36 -55.81 9.48
N GLY D 90 -33.60 -54.60 8.98
CA GLY D 90 -33.54 -54.30 7.56
C GLY D 90 -34.83 -54.58 6.79
N ARG D 91 -35.90 -54.93 7.47
CA ARG D 91 -37.13 -55.31 6.80
C ARG D 91 -37.89 -54.09 6.32
N PRO D 92 -38.30 -54.10 5.03
CA PRO D 92 -39.07 -52.98 4.48
C PRO D 92 -40.48 -52.92 5.08
N GLY D 93 -40.98 -51.70 5.28
CA GLY D 93 -42.33 -51.52 5.74
C GLY D 93 -43.21 -51.57 4.53
N PRO D 94 -44.46 -51.10 4.69
CA PRO D 94 -45.45 -51.24 3.61
C PRO D 94 -45.30 -50.21 2.49
N TRP D 95 -46.00 -50.47 1.39
CA TRP D 95 -46.06 -49.60 0.26
C TRP D 95 -46.57 -48.21 0.69
N THR D 96 -45.77 -47.16 0.50
CA THR D 96 -46.07 -45.82 1.05
C THR D 96 -45.92 -44.74 -0.03
N PRO D 97 -46.95 -44.59 -0.87
CA PRO D 97 -46.80 -43.74 -2.05
C PRO D 97 -46.78 -42.28 -1.66
N MET D 98 -45.99 -41.48 -2.37
CA MET D 98 -45.87 -40.05 -2.09
C MET D 98 -46.73 -39.26 -3.08
N ARG D 99 -47.02 -38.00 -2.76
CA ARG D 99 -47.71 -37.11 -3.67
C ARG D 99 -46.95 -35.77 -3.75
N GLU D 100 -47.10 -35.05 -4.85
CA GLU D 100 -46.52 -33.74 -4.97
C GLU D 100 -47.23 -32.81 -4.00
N LEU D 101 -46.48 -32.09 -3.16
CA LEU D 101 -47.09 -31.37 -2.07
C LEU D 101 -47.71 -30.05 -2.52
N ALA D 102 -47.21 -29.46 -3.60
CA ALA D 102 -47.80 -28.24 -4.11
C ALA D 102 -47.52 -28.19 -5.60
N PRO D 103 -48.46 -27.65 -6.39
CA PRO D 103 -48.27 -27.78 -7.83
C PRO D 103 -47.04 -26.99 -8.33
N GLY D 104 -46.36 -27.54 -9.32
CA GLY D 104 -45.17 -26.91 -9.89
C GLY D 104 -43.90 -27.05 -9.08
N THR D 105 -44.01 -27.47 -7.82
CA THR D 105 -42.87 -27.47 -6.88
C THR D 105 -41.91 -28.65 -7.04
N ASP D 106 -42.39 -29.78 -7.56
CA ASP D 106 -41.57 -31.04 -7.59
C ASP D 106 -41.13 -31.52 -6.22
N ARG D 107 -41.81 -31.07 -5.19
CA ARG D 107 -41.52 -31.55 -3.85
C ARG D 107 -42.60 -32.56 -3.46
N TRP D 108 -42.18 -33.75 -3.07
CA TRP D 108 -43.10 -34.84 -2.81
C TRP D 108 -42.99 -35.27 -1.35
N GLY D 109 -44.10 -35.76 -0.79
CA GLY D 109 -44.13 -36.17 0.60
C GLY D 109 -45.12 -37.31 0.85
N ALA D 110 -44.84 -38.08 1.91
CA ALA D 110 -45.74 -39.13 2.42
C ALA D 110 -45.53 -39.21 3.94
N THR D 111 -46.57 -39.60 4.67
CA THR D 111 -46.47 -39.80 6.10
C THR D 111 -46.05 -41.24 6.38
N VAL D 112 -45.19 -41.42 7.36
CA VAL D 112 -44.73 -42.72 7.78
C VAL D 112 -44.87 -42.81 9.28
N THR D 113 -44.84 -44.02 9.80
CA THR D 113 -44.94 -44.22 11.25
C THR D 113 -43.89 -45.21 11.74
N ALA D 114 -43.20 -44.78 12.79
CA ALA D 114 -42.25 -45.58 13.52
C ALA D 114 -42.92 -46.72 14.27
N GLY D 115 -42.24 -47.86 14.32
CA GLY D 115 -42.67 -49.05 15.09
C GLY D 115 -41.74 -49.23 16.30
N GLU D 116 -41.18 -50.42 16.44
CA GLU D 116 -40.31 -50.72 17.60
C GLU D 116 -39.10 -49.81 17.65
N THR D 117 -38.50 -49.74 18.83
CA THR D 117 -37.36 -48.90 19.05
C THR D 117 -36.13 -49.46 18.34
N GLY D 118 -35.18 -48.57 18.03
CA GLY D 118 -33.89 -48.98 17.44
C GLY D 118 -33.49 -48.07 16.30
N THR D 119 -32.46 -48.48 15.56
CA THR D 119 -31.99 -47.67 14.46
C THR D 119 -32.59 -48.17 13.15
N TRP D 120 -33.28 -47.25 12.49
CA TRP D 120 -33.96 -47.51 11.24
C TRP D 120 -33.32 -46.70 10.12
N SER D 121 -33.79 -46.93 8.90
CA SER D 121 -33.34 -46.15 7.79
C SER D 121 -34.49 -45.86 6.84
N TYR D 122 -34.34 -44.82 6.04
CA TYR D 122 -35.36 -44.55 5.06
C TYR D 122 -34.78 -44.15 3.72
N THR D 123 -35.42 -44.70 2.70
CA THR D 123 -35.15 -44.42 1.35
C THR D 123 -36.38 -43.86 0.63
N VAL D 124 -36.14 -42.91 -0.29
CA VAL D 124 -37.15 -42.55 -1.27
C VAL D 124 -36.83 -43.20 -2.63
N GLU D 125 -37.81 -43.89 -3.21
CA GLU D 125 -37.71 -44.40 -4.56
C GLU D 125 -38.53 -43.51 -5.48
N ALA D 126 -37.93 -43.13 -6.61
CA ALA D 126 -38.61 -42.36 -7.67
C ALA D 126 -38.59 -43.18 -8.96
N TRP D 127 -39.65 -43.02 -9.77
CA TRP D 127 -39.83 -43.85 -10.97
C TRP D 127 -40.70 -43.11 -11.97
N GLY D 128 -40.56 -43.50 -13.23
CA GLY D 128 -41.48 -43.07 -14.28
C GLY D 128 -42.81 -43.78 -14.10
N ASP D 129 -43.89 -43.03 -14.34
CA ASP D 129 -45.27 -43.50 -14.20
C ASP D 129 -45.98 -43.47 -15.56
N PRO D 130 -45.63 -44.42 -16.41
CA PRO D 130 -46.10 -44.41 -17.79
C PRO D 130 -47.61 -44.60 -17.94
N VAL D 131 -48.26 -45.19 -16.93
CA VAL D 131 -49.69 -45.44 -17.02
C VAL D 131 -50.51 -44.14 -16.89
N THR D 132 -50.13 -43.26 -15.95
CA THR D 132 -50.75 -41.93 -15.80
C THR D 132 -50.53 -41.11 -17.08
N THR D 133 -49.32 -41.24 -17.63
CA THR D 133 -48.93 -40.57 -18.85
C THR D 133 -49.75 -41.03 -20.05
N TRP D 134 -49.82 -42.34 -20.23
CA TRP D 134 -50.61 -42.91 -21.31
C TRP D 134 -52.09 -42.50 -21.20
N ARG D 135 -52.67 -42.66 -20.01
CA ARG D 135 -54.05 -42.26 -19.76
C ARG D 135 -54.36 -40.86 -20.21
N HIS D 136 -53.45 -39.95 -19.90
CA HIS D 136 -53.60 -38.55 -20.26
C HIS D 136 -53.76 -38.38 -21.78
N HIS D 137 -52.87 -39.03 -22.54
CA HIS D 137 -52.93 -38.94 -23.99
C HIS D 137 -54.14 -39.66 -24.57
N ALA D 138 -54.45 -40.82 -24.01
CA ALA D 138 -55.56 -41.61 -24.50
C ALA D 138 -56.86 -40.83 -24.40
N ARG D 139 -57.07 -40.13 -23.29
CA ARG D 139 -58.34 -39.44 -23.08
C ARG D 139 -58.58 -38.33 -24.10
N ILE D 140 -57.48 -37.79 -24.65
CA ILE D 140 -57.56 -36.74 -25.66
C ILE D 140 -57.62 -37.33 -27.08
N LYS D 141 -56.70 -38.24 -27.38
CA LYS D 141 -56.58 -38.81 -28.72
C LYS D 141 -57.79 -39.66 -29.15
N ILE D 142 -58.34 -40.45 -28.23
CA ILE D 142 -59.47 -41.33 -28.56
C ILE D 142 -60.75 -40.58 -28.99
N PRO D 143 -61.18 -39.52 -28.26
CA PRO D 143 -62.32 -38.75 -28.79
C PRO D 143 -61.96 -38.01 -30.06
N ALA D 144 -60.69 -37.59 -30.16
CA ALA D 144 -60.20 -36.97 -31.38
C ALA D 144 -60.11 -37.93 -32.57
N GLY D 145 -60.17 -39.24 -32.32
CA GLY D 145 -60.04 -40.22 -33.41
C GLY D 145 -58.65 -40.27 -34.01
N LEU D 146 -57.66 -39.72 -33.28
CA LEU D 146 -56.24 -39.76 -33.73
C LEU D 146 -55.57 -41.10 -33.33
N ASP D 147 -55.18 -41.89 -34.34
CA ASP D 147 -54.39 -43.14 -34.15
C ASP D 147 -54.94 -44.09 -33.10
N THR D 148 -56.27 -44.24 -33.06
CA THR D 148 -56.91 -44.93 -31.94
C THR D 148 -56.39 -46.38 -31.75
N ASP D 149 -56.17 -47.10 -32.83
CA ASP D 149 -55.68 -48.48 -32.73
C ASP D 149 -54.28 -48.57 -32.11
N LEU D 150 -53.40 -47.69 -32.56
CA LEU D 150 -52.03 -47.64 -32.05
C LEU D 150 -51.99 -47.23 -30.56
N VAL D 151 -52.77 -46.20 -30.22
CA VAL D 151 -52.83 -45.75 -28.83
C VAL D 151 -53.34 -46.87 -27.92
N LEU D 152 -54.37 -47.58 -28.36
CA LEU D 152 -55.02 -48.59 -27.52
C LEU D 152 -54.14 -49.82 -27.32
N GLU D 153 -53.34 -50.16 -28.34
CA GLU D 153 -52.39 -51.25 -28.24
C GLU D 153 -51.27 -50.88 -27.29
N GLU D 154 -50.85 -49.62 -27.32
CA GLU D 154 -49.78 -49.13 -26.43
C GLU D 154 -50.20 -49.20 -24.98
N GLY D 155 -51.43 -48.82 -24.70
CA GLY D 155 -52.02 -48.99 -23.37
C GLY D 155 -52.12 -50.43 -22.95
N ALA D 156 -52.53 -51.29 -23.89
CA ALA D 156 -52.62 -52.72 -23.61
C ALA D 156 -51.27 -53.32 -23.19
N ARG D 157 -50.21 -52.96 -23.90
CA ARG D 157 -48.87 -53.48 -23.56
C ARG D 157 -48.38 -52.95 -22.19
N LEU D 158 -48.70 -51.69 -21.88
CA LEU D 158 -48.41 -51.18 -20.52
C LEU D 158 -49.15 -52.03 -19.48
N TYR D 159 -50.45 -52.23 -19.71
CA TYR D 159 -51.25 -52.95 -18.72
C TYR D 159 -50.78 -54.40 -18.55
N GLU D 160 -50.22 -54.98 -19.60
CA GLU D 160 -49.74 -56.36 -19.52
C GLU D 160 -48.52 -56.46 -18.63
N ARG D 161 -47.61 -55.51 -18.80
CA ARG D 161 -46.39 -55.43 -17.97
C ARG D 161 -46.73 -55.18 -16.51
N ALA D 162 -47.79 -54.39 -16.27
CA ALA D 162 -48.25 -54.14 -14.91
C ALA D 162 -48.84 -55.42 -14.31
N ALA D 163 -49.46 -56.24 -15.17
CA ALA D 163 -50.07 -57.52 -14.74
C ALA D 163 -49.02 -58.57 -14.34
N ALA D 164 -47.89 -58.60 -15.05
CA ALA D 164 -46.87 -59.64 -14.80
C ALA D 164 -46.26 -59.51 -13.39
N ASP D 165 -46.33 -58.31 -12.83
CA ASP D 165 -45.78 -58.04 -11.50
C ASP D 165 -46.74 -58.27 -10.31
N VAL D 166 -48.04 -58.15 -10.58
CA VAL D 166 -49.06 -58.23 -9.54
C VAL D 166 -49.14 -59.66 -8.94
N PRO D 167 -48.86 -59.79 -7.61
CA PRO D 167 -48.94 -61.11 -6.97
C PRO D 167 -50.35 -61.65 -6.83
N GLY D 168 -51.34 -60.78 -6.62
CA GLY D 168 -52.73 -61.25 -6.43
C GLY D 168 -53.25 -61.87 -7.71
N ARG D 169 -53.91 -63.04 -7.62
CA ARG D 169 -54.45 -63.67 -8.84
C ARG D 169 -55.70 -62.96 -9.33
N GLU D 170 -56.58 -62.56 -8.40
CA GLU D 170 -57.80 -61.85 -8.77
C GLU D 170 -57.45 -60.52 -9.44
N ASP D 171 -56.54 -59.78 -8.82
CA ASP D 171 -56.05 -58.51 -9.37
C ASP D 171 -55.41 -58.69 -10.74
N ARG D 172 -54.66 -59.76 -10.91
CA ARG D 172 -54.08 -60.06 -12.21
C ARG D 172 -55.18 -60.26 -13.25
N ARG D 173 -56.17 -61.09 -12.93
CA ARG D 173 -57.31 -61.33 -13.84
C ARG D 173 -58.00 -60.02 -14.21
N GLU D 174 -58.16 -59.14 -13.24
CA GLU D 174 -58.76 -57.83 -13.47
C GLU D 174 -57.99 -56.98 -14.53
N LEU D 175 -56.66 -56.98 -14.48
CA LEU D 175 -55.86 -56.22 -15.42
C LEU D 175 -55.80 -56.89 -16.79
N LEU D 176 -55.71 -58.22 -16.83
CA LEU D 176 -55.74 -58.93 -18.11
C LEU D 176 -57.10 -58.75 -18.80
N ALA D 177 -58.17 -58.63 -18.02
CA ALA D 177 -59.50 -58.37 -18.57
C ALA D 177 -59.53 -57.01 -19.29
N ALA D 178 -58.88 -56.02 -18.69
CA ALA D 178 -58.75 -54.71 -19.32
C ALA D 178 -57.87 -54.80 -20.57
N VAL D 179 -56.78 -55.57 -20.51
CA VAL D 179 -55.92 -55.78 -21.67
C VAL D 179 -56.76 -56.31 -22.84
N ASP D 180 -57.56 -57.34 -22.58
CA ASP D 180 -58.39 -57.94 -23.62
C ASP D 180 -59.29 -56.87 -24.19
N ALA D 181 -59.99 -56.12 -23.34
CA ALA D 181 -60.95 -55.12 -23.80
C ALA D 181 -60.27 -54.04 -24.64
N LEU D 182 -59.13 -53.52 -24.17
CA LEU D 182 -58.34 -52.55 -24.94
C LEU D 182 -58.03 -53.04 -26.35
N ARG D 183 -57.74 -54.35 -26.47
CA ARG D 183 -57.39 -54.95 -27.76
C ARG D 183 -58.55 -55.46 -28.57
N ASP D 184 -59.78 -55.35 -28.08
CA ASP D 184 -60.93 -55.89 -28.82
C ASP D 184 -61.35 -54.93 -29.93
N GLU D 185 -60.86 -55.22 -31.13
CA GLU D 185 -61.00 -54.31 -32.27
C GLU D 185 -62.40 -54.30 -32.87
N SER D 186 -63.28 -55.14 -32.34
CA SER D 186 -64.67 -55.13 -32.76
C SER D 186 -65.49 -54.04 -32.03
N ARG D 187 -64.94 -53.49 -30.94
CA ARG D 187 -65.67 -52.55 -30.10
C ARG D 187 -65.28 -51.08 -30.37
N PRO D 188 -66.22 -50.16 -30.11
CA PRO D 188 -65.89 -48.74 -30.29
C PRO D 188 -64.70 -48.28 -29.41
N ALA D 189 -63.88 -47.41 -29.96
CA ALA D 189 -62.70 -46.86 -29.30
C ALA D 189 -62.97 -46.33 -27.87
N ALA D 190 -63.97 -45.47 -27.71
CA ALA D 190 -64.36 -44.89 -26.41
C ALA D 190 -64.78 -45.96 -25.37
N SER D 191 -65.35 -47.05 -25.87
CA SER D 191 -65.76 -48.16 -25.02
C SER D 191 -64.54 -48.97 -24.59
N ARG D 192 -63.72 -49.37 -25.55
CA ARG D 192 -62.47 -50.05 -25.23
C ARG D 192 -61.72 -49.26 -24.15
N LEU D 193 -61.57 -47.96 -24.36
CA LEU D 193 -60.83 -47.10 -23.41
C LEU D 193 -61.47 -47.04 -22.03
N ALA D 194 -62.78 -46.85 -21.95
CA ALA D 194 -63.45 -46.85 -20.63
C ALA D 194 -63.11 -48.13 -19.79
N ALA D 195 -62.96 -49.27 -20.46
CA ALA D 195 -62.65 -50.54 -19.79
C ALA D 195 -61.29 -50.52 -19.05
N ALA D 196 -60.39 -49.62 -19.45
CA ALA D 196 -59.11 -49.43 -18.78
C ALA D 196 -59.14 -48.40 -17.63
N LEU D 197 -60.29 -47.73 -17.43
CA LEU D 197 -60.36 -46.61 -16.49
C LEU D 197 -61.37 -46.81 -15.38
N THR D 198 -61.72 -48.06 -15.09
CA THR D 198 -62.75 -48.34 -14.09
C THR D 198 -62.17 -48.23 -12.69
N PRO D 199 -63.04 -48.07 -11.69
CA PRO D 199 -62.62 -48.07 -10.28
C PRO D 199 -61.74 -49.25 -9.85
N GLN D 200 -62.05 -50.45 -10.31
CA GLN D 200 -61.32 -51.64 -9.86
C GLN D 200 -59.98 -51.82 -10.56
N VAL D 201 -59.89 -51.29 -11.79
CA VAL D 201 -58.62 -51.22 -12.48
C VAL D 201 -57.72 -50.19 -11.75
N ASP D 202 -58.28 -49.03 -11.44
CA ASP D 202 -57.60 -47.98 -10.63
C ASP D 202 -57.07 -48.48 -9.29
N ALA D 203 -57.88 -49.26 -8.58
CA ALA D 203 -57.53 -49.77 -7.26
C ALA D 203 -56.34 -50.73 -7.35
N VAL D 204 -56.32 -51.59 -8.36
CA VAL D 204 -55.19 -52.52 -8.51
C VAL D 204 -53.90 -51.78 -8.82
N LEU D 205 -53.99 -50.81 -9.70
CA LEU D 205 -52.83 -49.99 -10.10
C LEU D 205 -52.34 -49.03 -9.01
N ALA D 206 -53.24 -48.49 -8.20
CA ALA D 206 -52.78 -47.70 -7.05
C ALA D 206 -52.00 -48.61 -6.06
N ARG D 207 -52.44 -49.86 -5.89
CA ARG D 207 -51.75 -50.82 -5.03
C ARG D 207 -50.47 -51.35 -5.64
N HIS D 208 -50.47 -51.58 -6.96
CA HIS D 208 -49.33 -52.22 -7.64
C HIS D 208 -48.92 -51.56 -8.95
N PRO D 209 -48.32 -50.38 -8.85
CA PRO D 209 -48.14 -49.63 -10.07
C PRO D 209 -46.98 -50.16 -10.92
N LEU D 210 -47.08 -49.91 -12.22
CA LEU D 210 -45.96 -50.08 -13.11
C LEU D 210 -45.06 -48.90 -12.90
N ARG D 211 -43.86 -49.19 -12.41
CA ARG D 211 -42.84 -48.24 -12.10
C ARG D 211 -41.71 -48.41 -13.10
N ASP D 212 -41.44 -47.38 -13.91
CA ASP D 212 -40.28 -47.41 -14.80
C ASP D 212 -39.05 -46.87 -14.09
N LEU D 213 -37.90 -47.49 -14.32
CA LEU D 213 -36.60 -46.88 -14.08
C LEU D 213 -36.39 -46.45 -12.61
N VAL D 214 -36.80 -47.32 -11.71
CA VAL D 214 -36.75 -47.09 -10.28
C VAL D 214 -35.34 -46.68 -9.80
N THR D 215 -35.29 -45.58 -9.07
CA THR D 215 -34.03 -44.97 -8.64
C THR D 215 -34.21 -44.69 -7.16
N SER D 216 -33.16 -44.93 -6.38
CA SER D 216 -33.19 -44.77 -4.92
C SER D 216 -32.22 -43.75 -4.38
N SER D 217 -32.64 -43.06 -3.33
CA SER D 217 -31.72 -42.20 -2.57
C SER D 217 -30.84 -43.08 -1.72
N ASP D 218 -29.71 -42.54 -1.27
CA ASP D 218 -28.91 -43.26 -0.28
C ASP D 218 -29.69 -43.20 1.02
N PRO D 219 -29.66 -44.29 1.80
CA PRO D 219 -30.46 -44.32 3.00
C PRO D 219 -30.05 -43.26 4.04
N LEU D 220 -31.06 -42.70 4.73
CA LEU D 220 -30.86 -41.79 5.85
C LEU D 220 -31.29 -42.47 7.14
N PRO D 221 -30.61 -42.13 8.25
CA PRO D 221 -30.86 -42.86 9.51
C PRO D 221 -31.97 -42.26 10.35
N LEU D 222 -32.71 -43.15 11.02
CA LEU D 222 -33.77 -42.73 11.95
C LEU D 222 -33.65 -43.50 13.25
N LEU D 223 -33.48 -42.77 14.35
CA LEU D 223 -33.37 -43.36 15.65
C LEU D 223 -34.75 -43.33 16.26
N VAL D 224 -35.30 -44.51 16.58
CA VAL D 224 -36.63 -44.57 17.18
C VAL D 224 -36.48 -44.96 18.61
N GLU D 225 -37.03 -44.14 19.48
CA GLU D 225 -36.86 -44.28 20.91
C GLU D 225 -38.21 -44.52 21.55
N ARG D 226 -38.20 -44.78 22.84
CA ARG D 226 -39.41 -45.14 23.57
C ARG D 226 -40.32 -43.94 23.81
N GLU D 227 -41.59 -44.24 24.06
CA GLU D 227 -42.68 -43.25 24.09
C GLU D 227 -42.35 -42.07 25.02
N ARG D 228 -41.83 -42.37 26.21
CA ARG D 228 -41.49 -41.37 27.21
C ARG D 228 -40.48 -40.32 26.72
N ALA D 229 -39.67 -40.67 25.72
CA ALA D 229 -38.74 -39.68 25.16
C ALA D 229 -39.52 -38.46 24.66
N LEU D 230 -40.73 -38.71 24.11
CA LEU D 230 -41.61 -37.64 23.59
C LEU D 230 -42.74 -37.25 24.54
N TYR D 231 -43.37 -38.23 25.17
CA TYR D 231 -44.58 -37.98 25.94
C TYR D 231 -44.44 -38.35 27.43
N GLY D 232 -44.85 -37.44 28.30
CA GLY D 232 -44.76 -37.64 29.76
C GLY D 232 -44.96 -36.36 30.55
N ALA D 233 -45.49 -36.48 31.75
CA ALA D 233 -45.69 -35.36 32.63
C ALA D 233 -44.72 -35.49 33.78
N TRP D 234 -44.04 -34.39 34.08
CA TRP D 234 -42.94 -34.38 35.03
C TRP D 234 -43.27 -33.54 36.25
N TYR D 235 -42.90 -34.06 37.43
CA TYR D 235 -43.02 -33.30 38.68
C TYR D 235 -41.66 -33.23 39.36
N GLU D 236 -41.19 -32.03 39.69
CA GLU D 236 -39.93 -31.83 40.39
C GLU D 236 -40.20 -31.53 41.85
N PHE D 237 -39.53 -32.24 42.74
CA PHE D 237 -39.56 -31.90 44.19
C PHE D 237 -38.30 -32.32 44.94
N PHE D 238 -38.08 -31.69 46.09
CA PHE D 238 -36.90 -31.94 46.93
C PHE D 238 -37.29 -32.90 48.05
N PRO D 239 -36.79 -34.15 47.99
CA PRO D 239 -37.09 -35.06 49.09
C PRO D 239 -36.81 -34.50 50.49
N ARG D 240 -35.79 -33.63 50.64
CA ARG D 240 -35.40 -33.18 51.99
C ARG D 240 -36.45 -32.24 52.61
N SER D 241 -37.32 -31.69 51.78
CA SER D 241 -38.36 -30.80 52.28
C SER D 241 -39.53 -31.58 52.86
N GLU D 242 -39.67 -32.84 52.48
CA GLU D 242 -40.79 -33.68 52.97
C GLU D 242 -40.39 -34.54 54.16
N GLY D 243 -40.25 -33.86 55.30
CA GLY D 243 -39.88 -34.49 56.55
C GLY D 243 -41.02 -34.44 57.55
N THR D 244 -40.69 -34.42 58.83
CA THR D 244 -41.66 -34.53 59.90
C THR D 244 -41.42 -33.45 60.94
N PRO D 245 -42.35 -33.31 61.87
CA PRO D 245 -42.07 -32.41 63.00
C PRO D 245 -40.80 -32.80 63.75
N HIS D 246 -40.61 -34.10 63.98
CA HIS D 246 -39.48 -34.55 64.77
C HIS D 246 -38.15 -34.48 64.02
N THR D 247 -38.20 -34.81 62.71
CA THR D 247 -37.02 -34.81 61.86
C THR D 247 -37.35 -33.95 60.61
N PRO D 248 -37.19 -32.63 60.71
CA PRO D 248 -37.48 -31.71 59.61
C PRO D 248 -36.84 -32.08 58.27
N HIS D 249 -35.58 -32.53 58.31
CA HIS D 249 -34.88 -32.89 57.05
C HIS D 249 -35.38 -34.24 56.62
N GLY D 250 -36.13 -34.24 55.54
CA GLY D 250 -36.80 -35.45 55.10
C GLY D 250 -35.87 -36.48 54.56
N THR D 251 -36.31 -37.73 54.60
CA THR D 251 -35.51 -38.86 54.17
C THR D 251 -36.20 -39.50 52.98
N PHE D 252 -35.56 -40.47 52.33
CA PHE D 252 -36.20 -41.13 51.19
C PHE D 252 -37.42 -41.86 51.66
N ARG D 253 -37.40 -42.29 52.92
CA ARG D 253 -38.53 -43.04 53.46
C ARG D 253 -39.69 -42.13 53.76
N THR D 254 -39.42 -40.95 54.29
CA THR D 254 -40.51 -39.99 54.44
C THR D 254 -40.92 -39.41 53.09
N ALA D 255 -39.98 -39.09 52.19
CA ALA D 255 -40.34 -38.44 50.91
C ALA D 255 -41.24 -39.34 50.08
N ALA D 256 -41.12 -40.67 50.27
CA ALA D 256 -41.94 -41.67 49.53
C ALA D 256 -43.43 -41.49 49.77
N ARG D 257 -43.81 -40.87 50.89
CA ARG D 257 -45.23 -40.59 51.18
C ARG D 257 -45.86 -39.53 50.24
N ARG D 258 -45.06 -38.70 49.56
CA ARG D 258 -45.58 -37.67 48.63
C ARG D 258 -45.90 -38.27 47.30
N LEU D 259 -45.27 -39.41 47.00
CA LEU D 259 -45.48 -40.07 45.71
C LEU D 259 -46.95 -40.35 45.35
N PRO D 260 -47.75 -40.80 46.32
CA PRO D 260 -49.14 -41.14 45.94
C PRO D 260 -49.88 -39.91 45.47
N ALA D 261 -49.67 -38.78 46.13
CA ALA D 261 -50.30 -37.52 45.71
C ALA D 261 -49.75 -37.02 44.35
N ILE D 262 -48.47 -37.31 44.06
CA ILE D 262 -47.86 -36.95 42.76
C ILE D 262 -48.44 -37.83 41.65
N ALA D 263 -48.57 -39.12 41.91
CA ALA D 263 -49.17 -40.09 40.94
C ALA D 263 -50.64 -39.80 40.74
N ALA D 264 -51.35 -39.40 41.79
CA ALA D 264 -52.75 -39.00 41.67
C ALA D 264 -53.02 -37.76 40.82
N MET D 265 -52.03 -36.92 40.70
CA MET D 265 -52.11 -35.74 39.83
C MET D 265 -51.86 -36.10 38.34
N GLY D 266 -51.56 -37.35 38.04
CA GLY D 266 -51.38 -37.82 36.68
C GLY D 266 -49.96 -37.69 36.13
N PHE D 267 -48.95 -37.57 37.00
CA PHE D 267 -47.59 -37.43 36.51
C PHE D 267 -46.99 -38.82 36.25
N ASP D 268 -45.95 -38.82 35.42
CA ASP D 268 -45.25 -40.05 35.03
C ASP D 268 -43.82 -40.10 35.52
N VAL D 269 -43.22 -38.91 35.66
CA VAL D 269 -41.80 -38.76 36.01
C VAL D 269 -41.61 -37.86 37.20
N VAL D 270 -40.78 -38.30 38.12
CA VAL D 270 -40.39 -37.50 39.24
C VAL D 270 -38.93 -37.08 39.07
N TYR D 271 -38.68 -35.78 38.93
CA TYR D 271 -37.30 -35.24 38.82
C TYR D 271 -36.82 -34.78 40.20
N LEU D 272 -35.77 -35.42 40.70
CA LEU D 272 -35.11 -35.02 41.98
C LEU D 272 -33.84 -34.21 41.74
N PRO D 273 -33.73 -33.06 42.41
CA PRO D 273 -32.42 -32.46 42.49
C PRO D 273 -31.36 -33.46 43.02
N PRO D 274 -30.08 -33.07 42.97
CA PRO D 274 -28.98 -33.89 43.44
C PRO D 274 -29.19 -34.48 44.83
N ILE D 275 -28.97 -35.81 44.94
CA ILE D 275 -29.26 -36.59 46.17
C ILE D 275 -28.02 -37.02 46.92
N HIS D 276 -26.94 -36.31 46.66
CA HIS D 276 -25.64 -36.72 47.16
C HIS D 276 -25.25 -35.92 48.38
N PRO D 277 -24.13 -36.29 49.04
CA PRO D 277 -23.66 -35.33 50.10
C PRO D 277 -23.40 -33.93 49.57
N ILE D 278 -23.51 -32.92 50.43
CA ILE D 278 -23.38 -31.49 50.08
C ILE D 278 -22.21 -30.87 50.82
N GLY D 279 -21.32 -30.17 50.12
CA GLY D 279 -20.12 -29.62 50.74
C GLY D 279 -20.39 -28.63 51.85
N THR D 280 -19.38 -28.47 52.71
CA THR D 280 -19.42 -27.46 53.76
C THR D 280 -18.67 -26.19 53.38
N THR D 281 -17.59 -26.28 52.61
CA THR D 281 -16.78 -25.10 52.26
C THR D 281 -17.50 -24.16 51.30
N HIS D 282 -17.56 -22.88 51.65
CA HIS D 282 -18.35 -21.87 50.90
C HIS D 282 -19.82 -22.24 50.67
N ARG D 283 -20.38 -23.02 51.59
CA ARG D 283 -21.78 -23.38 51.54
C ARG D 283 -22.61 -22.13 51.62
N LYS D 284 -23.68 -22.09 50.81
CA LYS D 284 -24.59 -20.95 50.79
C LYS D 284 -25.66 -21.06 51.86
N GLY D 285 -26.07 -19.92 52.37
CA GLY D 285 -27.15 -19.84 53.33
C GLY D 285 -28.48 -19.58 52.64
N ARG D 286 -29.49 -19.25 53.46
CA ARG D 286 -30.83 -18.99 52.99
C ARG D 286 -30.83 -17.83 51.99
N ASN D 287 -31.72 -17.92 51.00
CA ASN D 287 -31.88 -16.83 50.03
C ASN D 287 -30.57 -16.47 49.33
N ASN D 288 -29.75 -17.47 49.01
CA ASN D 288 -28.52 -17.25 48.25
C ASN D 288 -27.51 -16.30 48.93
N THR D 289 -27.43 -16.36 50.25
CA THR D 289 -26.45 -15.62 50.98
C THR D 289 -25.16 -16.41 50.94
N LEU D 290 -24.08 -15.69 51.14
CA LEU D 290 -22.73 -16.22 50.92
C LEU D 290 -22.27 -17.19 52.01
N SER D 291 -22.53 -16.86 53.29
CA SER D 291 -22.09 -17.68 54.43
C SER D 291 -23.28 -18.39 55.11
N ALA D 292 -23.28 -19.71 55.07
CA ALA D 292 -24.24 -20.52 55.81
C ALA D 292 -24.04 -20.45 57.34
N THR D 293 -25.12 -20.49 58.10
CA THR D 293 -25.06 -20.57 59.56
C THR D 293 -25.26 -22.03 59.96
N GLY D 294 -25.21 -22.29 61.26
CA GLY D 294 -25.05 -23.65 61.80
C GLY D 294 -26.04 -24.71 61.36
N ASP D 295 -27.27 -24.33 61.10
CA ASP D 295 -28.25 -25.32 60.68
C ASP D 295 -28.42 -25.41 59.16
N ASP D 296 -27.87 -24.46 58.42
CA ASP D 296 -28.19 -24.33 57.00
C ASP D 296 -27.85 -25.58 56.25
N VAL D 297 -28.75 -26.04 55.38
CA VAL D 297 -28.55 -27.28 54.65
C VAL D 297 -27.76 -27.14 53.33
N GLY D 298 -27.64 -25.92 52.83
CA GLY D 298 -26.93 -25.68 51.57
C GLY D 298 -27.69 -26.14 50.32
N VAL D 299 -27.03 -26.02 49.17
CA VAL D 299 -27.61 -26.31 47.89
C VAL D 299 -27.22 -27.70 47.43
N PRO D 300 -28.21 -28.53 47.04
CA PRO D 300 -27.91 -29.87 46.51
C PRO D 300 -26.87 -29.95 45.37
N TRP D 301 -26.81 -28.91 44.53
CA TRP D 301 -25.92 -28.85 43.39
C TRP D 301 -24.48 -28.66 43.79
N ALA D 302 -24.23 -28.28 45.04
CA ALA D 302 -22.89 -28.26 45.61
C ALA D 302 -22.50 -29.66 46.07
N ILE D 303 -22.15 -30.51 45.10
CA ILE D 303 -22.06 -31.93 45.34
C ILE D 303 -20.71 -32.38 45.90
N GLY D 304 -20.78 -33.15 46.97
CA GLY D 304 -19.62 -33.88 47.46
C GLY D 304 -19.00 -33.39 48.77
N SER D 305 -18.52 -34.35 49.54
CA SER D 305 -17.87 -34.13 50.82
C SER D 305 -17.08 -35.41 51.15
N PRO D 306 -16.38 -35.46 52.28
CA PRO D 306 -15.70 -36.67 52.66
C PRO D 306 -16.63 -37.87 52.75
N GLU D 307 -17.94 -37.62 52.91
CA GLU D 307 -18.93 -38.69 52.99
C GLU D 307 -19.20 -39.36 51.65
N GLY D 308 -18.77 -38.76 50.56
CA GLY D 308 -19.02 -39.32 49.22
C GLY D 308 -19.30 -38.28 48.17
N GLY D 309 -19.38 -38.73 46.93
CA GLY D 309 -19.58 -37.87 45.82
C GLY D 309 -20.83 -38.23 45.05
N HIS D 310 -20.67 -38.29 43.73
CA HIS D 310 -21.78 -38.48 42.80
C HIS D 310 -22.32 -39.89 42.80
N ASP D 311 -21.59 -40.84 43.36
CA ASP D 311 -22.11 -42.21 43.49
C ASP D 311 -22.63 -42.51 44.92
N SER D 312 -22.81 -41.47 45.74
CA SER D 312 -23.28 -41.64 47.11
C SER D 312 -24.60 -40.93 47.39
N ILE D 313 -25.16 -41.28 48.54
CA ILE D 313 -26.40 -40.71 49.07
C ILE D 313 -26.08 -39.76 50.19
N HIS D 314 -26.72 -38.60 50.21
CA HIS D 314 -26.63 -37.68 51.38
C HIS D 314 -27.05 -38.46 52.63
N PRO D 315 -26.19 -38.51 53.67
CA PRO D 315 -26.53 -39.37 54.82
C PRO D 315 -27.87 -39.03 55.50
N ALA D 316 -28.31 -37.78 55.43
CA ALA D 316 -29.61 -37.42 55.99
C ALA D 316 -30.82 -37.93 55.17
N LEU D 317 -30.60 -38.36 53.94
CA LEU D 317 -31.66 -38.91 53.16
C LEU D 317 -31.73 -40.40 53.44
N GLY D 318 -30.68 -40.94 54.02
CA GLY D 318 -30.62 -42.38 54.34
C GLY D 318 -29.53 -43.03 53.52
N THR D 319 -29.75 -44.31 53.19
CA THR D 319 -28.82 -45.19 52.51
C THR D 319 -29.33 -45.58 51.10
N LEU D 320 -28.50 -46.33 50.37
CA LEU D 320 -28.82 -46.84 49.06
C LEU D 320 -30.02 -47.80 49.10
N ASP D 321 -30.22 -48.46 50.22
CA ASP D 321 -31.39 -49.37 50.40
C ASP D 321 -32.67 -48.57 50.58
N ASP D 322 -32.57 -47.40 51.23
CA ASP D 322 -33.71 -46.52 51.33
C ASP D 322 -34.07 -45.98 49.95
N PHE D 323 -33.05 -45.61 49.18
CA PHE D 323 -33.26 -45.14 47.82
C PHE D 323 -33.96 -46.22 47.00
N ASP D 324 -33.46 -47.45 47.03
CA ASP D 324 -34.14 -48.55 46.33
C ASP D 324 -35.64 -48.64 46.73
N HIS D 325 -35.94 -48.39 48.01
CA HIS D 325 -37.33 -48.44 48.49
C HIS D 325 -38.16 -47.33 47.86
N PHE D 326 -37.61 -46.13 47.88
CA PHE D 326 -38.18 -45.03 47.15
C PHE D 326 -38.49 -45.40 45.69
N VAL D 327 -37.54 -46.01 44.98
CA VAL D 327 -37.69 -46.23 43.53
C VAL D 327 -38.73 -47.34 43.27
N THR D 328 -38.76 -48.30 44.17
CA THR D 328 -39.77 -49.38 44.12
C THR D 328 -41.14 -48.84 44.36
N GLU D 329 -41.25 -47.94 45.34
CA GLU D 329 -42.53 -47.36 45.64
C GLU D 329 -43.00 -46.50 44.49
N ALA D 330 -42.09 -45.74 43.90
CA ALA D 330 -42.35 -44.94 42.67
C ALA D 330 -42.93 -45.75 41.54
N GLY D 331 -42.21 -46.82 41.18
CA GLY D 331 -42.66 -47.76 40.16
C GLY D 331 -44.04 -48.35 40.37
N LYS D 332 -44.40 -48.66 41.60
CA LYS D 332 -45.75 -49.16 41.89
C LYS D 332 -46.83 -48.11 41.61
N LEU D 333 -46.46 -46.84 41.65
CA LEU D 333 -47.42 -45.75 41.41
C LEU D 333 -47.45 -45.32 39.96
N GLY D 334 -46.71 -46.01 39.11
CA GLY D 334 -46.52 -45.58 37.73
C GLY D 334 -45.56 -44.41 37.59
N LEU D 335 -44.68 -44.19 38.57
CA LEU D 335 -43.67 -43.11 38.47
C LEU D 335 -42.25 -43.64 38.14
N GLU D 336 -41.61 -43.09 37.11
CA GLU D 336 -40.17 -43.26 36.89
C GLU D 336 -39.41 -42.15 37.55
N ILE D 337 -38.17 -42.41 37.95
CA ILE D 337 -37.32 -41.38 38.54
C ILE D 337 -36.31 -40.79 37.53
N ALA D 338 -36.20 -39.45 37.52
CA ALA D 338 -35.19 -38.72 36.72
C ALA D 338 -34.23 -38.12 37.71
N LEU D 339 -33.00 -38.62 37.76
CA LEU D 339 -32.01 -38.01 38.64
C LEU D 339 -31.33 -36.84 37.93
N ASP D 340 -31.08 -35.79 38.70
CA ASP D 340 -30.21 -34.72 38.29
C ASP D 340 -28.75 -35.21 38.15
N PHE D 341 -28.12 -34.83 37.03
CA PHE D 341 -26.69 -35.08 36.87
C PHE D 341 -25.98 -33.74 36.60
N ALA D 342 -25.21 -33.31 37.60
CA ALA D 342 -24.51 -32.04 37.59
C ALA D 342 -23.02 -32.35 37.70
N LEU D 343 -22.33 -32.27 36.53
CA LEU D 343 -20.91 -32.54 36.43
C LEU D 343 -20.16 -31.27 36.91
N GLN D 344 -20.05 -31.22 38.23
CA GLN D 344 -19.39 -30.17 38.96
C GLN D 344 -19.15 -30.70 40.37
N CYS D 345 -18.39 -29.97 41.19
CA CYS D 345 -17.97 -30.44 42.56
C CYS D 345 -18.03 -29.33 43.58
N SER D 346 -18.35 -29.68 44.83
CA SER D 346 -18.05 -28.77 45.94
C SER D 346 -16.55 -28.84 46.13
N PRO D 347 -15.96 -27.85 46.85
CA PRO D 347 -14.55 -27.92 47.16
C PRO D 347 -14.15 -29.10 48.04
N ASP D 348 -15.11 -29.76 48.67
CA ASP D 348 -14.82 -30.89 49.57
C ASP D 348 -15.06 -32.22 48.85
N HIS D 349 -15.35 -32.18 47.56
CA HIS D 349 -15.52 -33.42 46.80
C HIS D 349 -14.18 -34.13 46.74
N PRO D 350 -14.17 -35.46 46.88
CA PRO D 350 -12.89 -36.19 46.83
C PRO D 350 -12.08 -36.03 45.52
N TRP D 351 -12.78 -35.74 44.41
CA TRP D 351 -12.13 -35.46 43.16
C TRP D 351 -11.17 -34.28 43.22
N VAL D 352 -11.44 -33.30 44.08
CA VAL D 352 -10.56 -32.12 44.18
C VAL D 352 -9.14 -32.55 44.53
N HIS D 353 -8.98 -33.53 45.40
CA HIS D 353 -7.63 -33.99 45.74
C HIS D 353 -7.20 -35.24 44.95
N LYS D 354 -8.17 -36.09 44.60
CA LYS D 354 -7.88 -37.31 43.86
C LYS D 354 -7.64 -37.10 42.36
N HIS D 355 -8.22 -36.06 41.77
CA HIS D 355 -8.00 -35.78 40.33
C HIS D 355 -7.88 -34.31 40.12
N PRO D 356 -6.79 -33.72 40.58
CA PRO D 356 -6.70 -32.26 40.45
C PRO D 356 -6.69 -31.78 39.01
N GLU D 357 -6.19 -32.62 38.10
CA GLU D 357 -6.19 -32.24 36.70
C GLU D 357 -7.59 -32.28 36.06
N TRP D 358 -8.62 -32.61 36.83
CA TRP D 358 -10.01 -32.38 36.39
C TRP D 358 -10.46 -30.95 36.70
N PHE D 359 -9.54 -30.08 37.10
CA PHE D 359 -9.92 -28.70 37.41
C PHE D 359 -8.90 -27.76 36.80
N HIS D 360 -9.32 -26.55 36.47
CA HIS D 360 -8.40 -25.53 36.03
C HIS D 360 -7.93 -24.73 37.25
N HIS D 361 -6.62 -24.68 37.44
CA HIS D 361 -6.05 -23.97 38.57
C HIS D 361 -5.44 -22.67 38.06
N ARG D 362 -5.63 -21.60 38.81
CA ARG D 362 -4.98 -20.33 38.49
C ARG D 362 -3.50 -20.40 38.94
N PRO D 363 -2.68 -19.36 38.66
CA PRO D 363 -1.24 -19.51 38.96
C PRO D 363 -0.86 -19.65 40.43
N ASP D 364 -1.73 -19.22 41.33
CA ASP D 364 -1.50 -19.38 42.76
C ASP D 364 -2.07 -20.72 43.24
N GLY D 365 -2.55 -21.58 42.34
CA GLY D 365 -3.05 -22.90 42.71
C GLY D 365 -4.53 -23.00 42.99
N THR D 366 -5.19 -21.87 43.27
CA THR D 366 -6.64 -21.88 43.55
C THR D 366 -7.47 -22.21 42.28
N ILE D 367 -8.70 -22.70 42.52
CA ILE D 367 -9.66 -23.05 41.46
C ILE D 367 -10.82 -22.10 41.54
N ALA D 368 -11.02 -21.31 40.48
CA ALA D 368 -12.10 -20.32 40.45
C ALA D 368 -13.42 -20.99 40.59
N HIS D 369 -14.29 -20.42 41.41
CA HIS D 369 -15.63 -20.96 41.55
C HIS D 369 -16.42 -20.75 40.28
N ALA D 370 -17.34 -21.67 40.00
CA ALA D 370 -18.14 -21.63 38.78
C ALA D 370 -19.04 -20.41 38.70
N GLU D 371 -19.48 -20.11 37.48
CA GLU D 371 -20.28 -18.93 37.16
C GLU D 371 -21.23 -19.14 35.96
N ASN D 372 -22.26 -18.29 35.89
CA ASN D 372 -23.20 -18.21 34.70
C ASN D 372 -23.67 -16.73 34.67
N PRO D 373 -22.78 -15.82 34.30
CA PRO D 373 -22.93 -14.41 34.72
C PRO D 373 -24.26 -13.74 34.32
N PRO D 374 -24.75 -12.79 35.13
CA PRO D 374 -24.18 -12.27 36.38
C PRO D 374 -24.30 -13.17 37.61
N LYS D 375 -24.74 -14.41 37.44
CA LYS D 375 -24.88 -15.36 38.57
C LYS D 375 -23.53 -16.02 38.91
N LYS D 376 -23.23 -16.10 40.21
CA LYS D 376 -22.00 -16.67 40.69
C LYS D 376 -22.34 -17.85 41.55
N TYR D 377 -21.57 -18.94 41.39
CA TYR D 377 -21.74 -20.13 42.17
C TYR D 377 -20.51 -20.38 43.05
N GLN D 378 -20.42 -19.61 44.12
CA GLN D 378 -19.23 -19.60 44.97
C GLN D 378 -19.06 -20.90 45.74
N ASP D 379 -20.12 -21.68 45.81
CA ASP D 379 -20.11 -22.98 46.47
C ASP D 379 -19.65 -24.20 45.65
N ILE D 380 -19.32 -23.99 44.37
CA ILE D 380 -18.84 -25.09 43.53
C ILE D 380 -17.66 -24.72 42.62
N TYR D 381 -17.00 -25.77 42.16
CA TYR D 381 -15.96 -25.70 41.14
C TYR D 381 -16.46 -26.35 39.87
N PRO D 382 -16.21 -25.72 38.70
CA PRO D 382 -16.47 -26.34 37.42
C PRO D 382 -15.34 -27.27 37.06
N ILE D 383 -15.67 -28.28 36.24
CA ILE D 383 -14.73 -29.28 35.75
C ILE D 383 -13.91 -28.73 34.55
N ALA D 384 -12.67 -29.22 34.39
CA ALA D 384 -11.81 -28.93 33.26
C ALA D 384 -11.63 -30.20 32.48
N PHE D 385 -11.83 -30.14 31.17
CA PHE D 385 -12.00 -31.35 30.37
C PHE D 385 -10.83 -31.74 29.50
N ASP D 386 -9.83 -30.89 29.42
CA ASP D 386 -8.80 -31.05 28.40
C ASP D 386 -7.52 -31.71 28.83
N ALA D 387 -7.40 -32.07 30.09
CA ALA D 387 -6.21 -32.67 30.60
C ALA D 387 -6.43 -34.15 30.74
N ASP D 388 -7.64 -34.54 31.11
CA ASP D 388 -7.97 -35.98 31.22
C ASP D 388 -9.39 -36.29 30.74
N PRO D 389 -9.61 -36.16 29.44
CA PRO D 389 -10.96 -36.33 28.92
C PRO D 389 -11.40 -37.78 29.04
N ASP D 390 -10.48 -38.71 28.84
CA ASP D 390 -10.81 -40.12 28.88
C ASP D 390 -11.19 -40.52 30.32
N GLY D 391 -10.46 -39.98 31.28
CA GLY D 391 -10.72 -40.29 32.69
C GLY D 391 -12.07 -39.73 33.11
N LEU D 392 -12.35 -38.49 32.74
CA LEU D 392 -13.66 -37.88 33.01
C LEU D 392 -14.80 -38.64 32.34
N ALA D 393 -14.59 -39.12 31.11
CA ALA D 393 -15.64 -39.88 30.39
C ALA D 393 -15.93 -41.24 31.02
N THR D 394 -14.86 -41.95 31.34
CA THR D 394 -14.99 -43.22 32.00
C THR D 394 -15.73 -43.09 33.37
N GLU D 395 -15.34 -42.11 34.17
CA GLU D 395 -15.95 -41.94 35.50
C GLU D 395 -17.42 -41.53 35.38
N THR D 396 -17.70 -40.61 34.49
CA THR D 396 -19.05 -40.21 34.21
C THR D 396 -19.96 -41.39 33.87
N VAL D 397 -19.54 -42.26 32.94
CA VAL D 397 -20.42 -43.36 32.55
C VAL D 397 -20.55 -44.36 33.66
N ARG D 398 -19.50 -44.51 34.46
CA ARG D 398 -19.55 -45.42 35.62
C ARG D 398 -20.63 -44.92 36.56
N ILE D 399 -20.61 -43.62 36.84
CA ILE D 399 -21.59 -43.00 37.71
C ILE D 399 -23.01 -43.22 37.19
N LEU D 400 -23.23 -42.92 35.91
CA LEU D 400 -24.56 -43.12 35.36
C LEU D 400 -24.98 -44.58 35.41
N ARG D 401 -24.07 -45.50 35.10
CA ARG D 401 -24.34 -46.94 35.20
C ARG D 401 -24.70 -47.40 36.60
N HIS D 402 -24.07 -46.82 37.60
CA HIS D 402 -24.44 -47.12 38.99
C HIS D 402 -25.89 -46.82 39.24
N TRP D 403 -26.33 -45.61 38.89
CA TRP D 403 -27.71 -45.21 39.17
C TRP D 403 -28.68 -46.00 38.27
N MET D 404 -28.24 -46.27 37.04
CA MET D 404 -28.96 -47.20 36.15
C MET D 404 -29.20 -48.59 36.76
N ASP D 405 -28.19 -49.14 37.41
CA ASP D 405 -28.34 -50.43 38.09
C ASP D 405 -29.31 -50.38 39.23
N HIS D 406 -29.65 -49.18 39.67
CA HIS D 406 -30.62 -48.96 40.74
C HIS D 406 -31.92 -48.38 40.23
N GLY D 407 -32.20 -48.58 38.94
CA GLY D 407 -33.51 -48.26 38.35
C GLY D 407 -33.73 -46.83 37.83
N VAL D 408 -32.69 -46.01 37.79
CA VAL D 408 -32.83 -44.67 37.23
C VAL D 408 -32.52 -44.75 35.76
N ARG D 409 -33.51 -44.48 34.92
CA ARG D 409 -33.37 -44.63 33.44
C ARG D 409 -33.62 -43.33 32.74
N ILE D 410 -33.65 -42.24 33.51
CA ILE D 410 -33.78 -40.88 32.97
C ILE D 410 -32.85 -39.94 33.76
N PHE D 411 -32.01 -39.18 33.05
CA PHE D 411 -31.13 -38.20 33.69
C PHE D 411 -31.40 -36.82 33.19
N ARG D 412 -31.57 -35.90 34.12
CA ARG D 412 -31.76 -34.50 33.84
C ARG D 412 -30.38 -33.87 33.98
N VAL D 413 -29.83 -33.40 32.87
CA VAL D 413 -28.47 -32.97 32.84
C VAL D 413 -28.38 -31.46 33.07
N ASP D 414 -27.72 -31.12 34.16
CA ASP D 414 -27.58 -29.77 34.59
C ASP D 414 -26.65 -29.01 33.61
N ASN D 415 -27.10 -27.85 33.16
CA ASN D 415 -26.29 -26.91 32.31
C ASN D 415 -25.32 -27.54 31.36
N PRO D 416 -25.81 -28.47 30.52
CA PRO D 416 -24.89 -29.25 29.65
C PRO D 416 -23.98 -28.37 28.73
N HIS D 417 -24.45 -27.18 28.41
CA HIS D 417 -23.76 -26.20 27.54
C HIS D 417 -22.56 -25.49 28.18
N THR D 418 -22.22 -25.82 29.43
CA THR D 418 -20.97 -25.38 30.03
C THR D 418 -19.98 -26.56 30.08
N LYS D 419 -20.28 -27.68 29.40
CA LYS D 419 -19.31 -28.80 29.23
C LYS D 419 -19.23 -29.08 27.71
N PRO D 420 -18.13 -29.70 27.22
CA PRO D 420 -17.96 -29.84 25.78
C PRO D 420 -19.07 -30.65 25.09
N VAL D 421 -19.49 -30.16 23.93
CA VAL D 421 -20.52 -30.82 23.11
C VAL D 421 -20.15 -32.27 22.82
N ALA D 422 -18.90 -32.49 22.41
CA ALA D 422 -18.41 -33.82 22.01
C ALA D 422 -18.26 -34.73 23.20
N PHE D 423 -18.12 -34.15 24.40
CA PHE D 423 -18.20 -34.94 25.63
C PHE D 423 -19.58 -35.59 25.77
N TRP D 424 -20.64 -34.77 25.65
CA TRP D 424 -22.01 -35.27 25.75
C TRP D 424 -22.28 -36.25 24.62
N GLU D 425 -21.86 -35.93 23.39
CA GLU D 425 -21.98 -36.91 22.33
C GLU D 425 -21.41 -38.30 22.73
N ARG D 426 -20.22 -38.31 23.34
CA ARG D 426 -19.53 -39.57 23.61
C ARG D 426 -20.23 -40.30 24.73
N VAL D 427 -20.55 -39.57 25.79
CA VAL D 427 -21.22 -40.14 26.96
C VAL D 427 -22.58 -40.79 26.64
N ILE D 428 -23.41 -40.06 25.91
CA ILE D 428 -24.73 -40.52 25.55
C ILE D 428 -24.66 -41.71 24.62
N ALA D 429 -23.73 -41.65 23.67
CA ALA D 429 -23.52 -42.77 22.77
C ALA D 429 -23.03 -43.98 23.54
N ASP D 430 -22.12 -43.80 24.49
CA ASP D 430 -21.62 -44.92 25.29
C ASP D 430 -22.77 -45.55 26.08
N ILE D 431 -23.57 -44.71 26.77
CA ILE D 431 -24.67 -45.18 27.62
C ILE D 431 -25.77 -45.83 26.79
N ASN D 432 -26.23 -45.17 25.72
CA ASN D 432 -27.24 -45.75 24.85
C ASN D 432 -26.75 -46.97 24.04
N GLY D 433 -25.44 -47.17 23.93
CA GLY D 433 -24.89 -48.32 23.22
C GLY D 433 -25.25 -49.61 23.92
N THR D 434 -25.24 -49.60 25.24
CA THR D 434 -25.62 -50.75 26.02
C THR D 434 -27.08 -50.66 26.47
N ASP D 435 -27.57 -49.47 26.70
CA ASP D 435 -28.86 -49.26 27.31
C ASP D 435 -29.67 -48.22 26.57
N PRO D 436 -30.28 -48.62 25.44
CA PRO D 436 -30.88 -47.59 24.59
C PRO D 436 -32.16 -46.93 25.17
N ASP D 437 -32.72 -47.49 26.22
CA ASP D 437 -33.86 -46.87 26.86
C ASP D 437 -33.55 -45.60 27.70
N VAL D 438 -32.30 -45.39 28.08
CA VAL D 438 -31.99 -44.23 28.92
C VAL D 438 -32.23 -42.91 28.19
N ILE D 439 -32.89 -41.96 28.88
CA ILE D 439 -33.31 -40.72 28.34
C ILE D 439 -32.53 -39.61 29.07
N PHE D 440 -31.92 -38.72 28.29
CA PHE D 440 -31.20 -37.53 28.79
C PHE D 440 -31.98 -36.28 28.40
N LEU D 441 -32.19 -35.40 29.39
CA LEU D 441 -32.86 -34.11 29.23
C LEU D 441 -31.85 -32.98 29.45
N ALA D 442 -31.68 -32.14 28.44
CA ALA D 442 -30.70 -31.05 28.48
C ALA D 442 -31.31 -29.78 29.05
N GLU D 443 -30.81 -29.33 30.21
CA GLU D 443 -31.24 -28.01 30.72
C GLU D 443 -30.34 -26.92 30.21
N ALA D 444 -30.54 -26.56 28.95
CA ALA D 444 -29.74 -25.53 28.29
C ALA D 444 -30.58 -24.36 27.91
N PHE D 445 -30.59 -23.37 28.77
CA PHE D 445 -31.20 -22.07 28.52
C PHE D 445 -30.11 -21.18 27.94
N THR D 446 -29.95 -21.21 26.63
CA THR D 446 -28.78 -20.57 25.97
C THR D 446 -29.17 -20.25 24.54
N ARG D 447 -28.19 -19.97 23.68
CA ARG D 447 -28.47 -19.56 22.30
C ARG D 447 -28.93 -20.76 21.43
N PRO D 448 -29.63 -20.48 20.33
CA PRO D 448 -30.26 -21.56 19.54
C PRO D 448 -29.29 -22.62 18.94
N ALA D 449 -28.09 -22.20 18.52
CA ALA D 449 -27.17 -23.11 17.84
C ALA D 449 -26.75 -24.22 18.78
N MET D 450 -26.38 -23.84 19.98
CA MET D 450 -26.00 -24.79 20.99
C MET D 450 -27.18 -25.68 21.40
N MET D 451 -28.33 -25.04 21.63
CA MET D 451 -29.56 -25.77 22.04
C MET D 451 -29.90 -26.81 21.04
N ALA D 452 -29.87 -26.43 19.75
CA ALA D 452 -30.13 -27.37 18.66
C ALA D 452 -29.01 -28.45 18.57
N THR D 453 -27.74 -28.06 18.70
CA THR D 453 -26.65 -29.04 18.52
C THR D 453 -26.74 -30.10 19.58
N LEU D 454 -26.99 -29.68 20.83
CA LEU D 454 -27.06 -30.61 21.94
C LEU D 454 -28.13 -31.70 21.67
N ALA D 455 -29.28 -31.29 21.13
CA ALA D 455 -30.33 -32.23 20.75
C ALA D 455 -29.88 -33.16 19.62
N GLN D 456 -29.21 -32.56 18.64
CA GLN D 456 -28.72 -33.30 17.47
C GLN D 456 -27.59 -34.31 17.74
N ILE D 457 -26.75 -34.05 18.75
CA ILE D 457 -25.71 -35.00 19.13
C ILE D 457 -26.19 -36.07 20.13
N GLY D 458 -27.44 -35.94 20.61
CA GLY D 458 -28.12 -37.10 21.20
C GLY D 458 -29.06 -36.93 22.39
N PHE D 459 -29.23 -35.71 22.90
CA PHE D 459 -30.19 -35.47 23.99
C PHE D 459 -31.61 -35.70 23.54
N GLN D 460 -32.31 -36.58 24.28
CA GLN D 460 -33.63 -37.04 23.87
C GLN D 460 -34.63 -35.94 24.06
N GLN D 461 -34.37 -35.10 25.05
CA GLN D 461 -35.28 -34.00 25.41
C GLN D 461 -34.48 -32.73 25.72
N SER D 462 -35.13 -31.59 25.51
CA SER D 462 -34.55 -30.31 25.78
C SER D 462 -35.53 -29.42 26.53
N TYR D 463 -35.00 -28.66 27.47
CA TYR D 463 -35.69 -27.52 28.00
C TYR D 463 -35.70 -26.46 26.89
N THR D 464 -36.59 -25.49 27.04
CA THR D 464 -36.96 -24.57 25.95
C THR D 464 -37.14 -23.20 26.48
N TYR D 465 -37.53 -22.29 25.61
CA TYR D 465 -37.76 -20.88 25.96
C TYR D 465 -39.18 -20.64 26.46
N PHE D 466 -39.91 -21.71 26.74
CA PHE D 466 -41.33 -21.62 27.01
C PHE D 466 -41.71 -20.55 28.02
N THR D 467 -40.96 -20.48 29.13
CA THR D 467 -41.31 -19.63 30.25
C THR D 467 -41.18 -18.15 29.88
N TRP D 468 -40.45 -17.86 28.80
CA TRP D 468 -40.30 -16.49 28.29
C TRP D 468 -41.13 -16.25 27.03
N ARG D 469 -42.11 -17.12 26.81
CA ARG D 469 -43.05 -16.96 25.72
C ARG D 469 -44.45 -16.90 26.32
N ASN D 470 -44.94 -15.65 26.48
CA ASN D 470 -46.17 -15.40 27.22
C ASN D 470 -47.29 -14.70 26.42
N THR D 471 -46.93 -13.94 25.38
CA THR D 471 -47.90 -13.30 24.48
C THR D 471 -48.29 -14.24 23.35
N LYS D 472 -49.42 -13.95 22.72
CA LYS D 472 -49.89 -14.77 21.63
C LYS D 472 -48.90 -14.81 20.48
N GLN D 473 -48.25 -13.70 20.18
CA GLN D 473 -47.25 -13.67 19.09
C GLN D 473 -45.99 -14.49 19.45
N GLU D 474 -45.51 -14.33 20.68
CA GLU D 474 -44.42 -15.16 21.20
C GLU D 474 -44.75 -16.66 21.18
N LEU D 475 -45.91 -17.00 21.72
CA LEU D 475 -46.32 -18.39 21.77
C LEU D 475 -46.48 -19.00 20.36
N THR D 476 -47.14 -18.27 19.47
CA THR D 476 -47.44 -18.76 18.13
C THR D 476 -46.15 -18.97 17.34
N GLU D 477 -45.27 -17.98 17.39
CA GLU D 477 -43.99 -18.07 16.72
C GLU D 477 -43.15 -19.23 17.25
N TYR D 478 -43.07 -19.37 18.57
CA TYR D 478 -42.18 -20.37 19.13
C TYR D 478 -42.66 -21.80 18.83
N LEU D 479 -43.95 -22.02 19.02
CA LEU D 479 -44.49 -23.35 18.85
C LEU D 479 -44.56 -23.76 17.38
N THR D 480 -44.70 -22.77 16.48
CA THR D 480 -44.54 -23.00 15.05
C THR D 480 -43.14 -23.57 14.80
N GLU D 481 -42.14 -22.90 15.38
CA GLU D 481 -40.78 -23.39 15.28
C GLU D 481 -40.64 -24.84 15.87
N LEU D 482 -41.11 -25.03 17.09
CA LEU D 482 -40.85 -26.30 17.78
C LEU D 482 -41.56 -27.46 17.11
N SER D 483 -42.70 -27.19 16.50
CA SER D 483 -43.48 -28.28 15.89
C SER D 483 -43.19 -28.48 14.40
N GLY D 484 -42.27 -27.69 13.85
CA GLY D 484 -41.91 -27.78 12.44
C GLY D 484 -40.72 -28.69 12.22
N GLU D 485 -39.74 -28.16 11.51
CA GLU D 485 -38.53 -28.89 11.22
C GLU D 485 -37.69 -29.24 12.46
N ALA D 486 -37.74 -28.44 13.52
CA ALA D 486 -37.00 -28.76 14.76
C ALA D 486 -37.42 -30.09 15.41
N ALA D 487 -38.64 -30.53 15.13
CA ALA D 487 -39.14 -31.77 15.73
C ALA D 487 -38.46 -33.03 15.15
N SER D 488 -37.62 -32.89 14.12
CA SER D 488 -36.83 -34.02 13.67
C SER D 488 -35.60 -34.29 14.55
N TYR D 489 -35.27 -33.39 15.48
CA TYR D 489 -34.12 -33.62 16.38
C TYR D 489 -34.33 -33.20 17.84
N MET D 490 -35.33 -32.38 18.12
CA MET D 490 -35.54 -31.86 19.49
C MET D 490 -36.92 -32.26 19.98
N ARG D 491 -36.99 -32.78 21.20
CA ARG D 491 -38.24 -33.08 21.89
C ARG D 491 -38.35 -32.18 23.16
N PRO D 492 -39.29 -31.24 23.17
CA PRO D 492 -39.36 -30.23 24.22
C PRO D 492 -39.99 -30.69 25.51
N ASN D 493 -39.49 -30.15 26.61
CA ASN D 493 -40.06 -30.36 27.91
C ASN D 493 -40.46 -28.99 28.43
N PHE D 494 -41.77 -28.75 28.51
CA PHE D 494 -42.31 -27.47 28.94
C PHE D 494 -42.55 -27.51 30.42
N PHE D 495 -41.56 -27.11 31.19
CA PHE D 495 -41.79 -26.86 32.59
C PHE D 495 -42.36 -25.46 32.69
N ALA D 496 -43.57 -25.31 33.26
CA ALA D 496 -44.15 -23.97 33.43
C ALA D 496 -43.33 -23.17 34.43
N ASN D 497 -42.67 -23.85 35.37
CA ASN D 497 -41.72 -23.20 36.27
C ASN D 497 -40.56 -24.11 36.60
N THR D 498 -39.49 -23.54 37.14
CA THR D 498 -38.43 -24.32 37.80
C THR D 498 -38.05 -23.58 39.08
N PRO D 499 -37.23 -24.18 39.96
CA PRO D 499 -36.68 -23.47 41.12
C PRO D 499 -35.96 -22.15 40.80
N ASP D 500 -35.49 -22.03 39.58
CA ASP D 500 -34.68 -20.88 39.15
C ASP D 500 -35.50 -19.90 38.30
N ILE D 501 -36.74 -20.26 37.98
CA ILE D 501 -37.56 -19.46 37.05
C ILE D 501 -39.00 -19.26 37.54
N LEU D 502 -39.23 -18.13 38.17
CA LEU D 502 -40.58 -17.68 38.52
C LEU D 502 -40.87 -16.45 37.66
N HIS D 503 -41.60 -16.62 36.56
CA HIS D 503 -41.76 -15.53 35.57
C HIS D 503 -42.67 -14.40 36.10
N ALA D 504 -42.40 -13.17 35.64
CA ALA D 504 -43.21 -11.98 35.99
C ALA D 504 -44.68 -12.18 35.73
N TYR D 505 -44.97 -12.94 34.68
CA TYR D 505 -46.33 -13.22 34.33
C TYR D 505 -47.04 -13.92 35.48
N LEU D 506 -46.35 -14.88 36.13
CA LEU D 506 -46.96 -15.58 37.26
C LEU D 506 -46.88 -14.67 38.47
N GLN D 507 -45.84 -13.88 38.57
CA GLN D 507 -45.71 -12.97 39.73
C GLN D 507 -46.83 -11.93 39.78
N HIS D 508 -47.17 -11.35 38.63
CA HIS D 508 -48.20 -10.34 38.55
C HIS D 508 -49.58 -10.93 38.33
N GLY D 509 -49.63 -12.17 37.81
CA GLY D 509 -50.89 -12.81 37.47
C GLY D 509 -51.67 -13.49 38.59
N GLY D 510 -50.99 -14.04 39.58
CA GLY D 510 -51.62 -14.85 40.60
C GLY D 510 -52.17 -16.16 40.07
N ARG D 511 -53.09 -16.74 40.81
CA ARG D 511 -53.56 -18.08 40.51
C ARG D 511 -54.07 -18.23 39.07
N PRO D 512 -54.84 -17.25 38.58
CA PRO D 512 -55.29 -17.40 37.19
C PRO D 512 -54.15 -17.50 36.16
N ALA D 513 -52.98 -16.91 36.45
CA ALA D 513 -51.82 -17.08 35.59
C ALA D 513 -51.30 -18.51 35.62
N PHE D 514 -51.27 -19.12 36.81
CA PHE D 514 -50.85 -20.50 36.98
C PHE D 514 -51.75 -21.45 36.24
N GLU D 515 -53.03 -21.15 36.18
CA GLU D 515 -54.01 -21.96 35.46
C GLU D 515 -53.79 -21.92 33.96
N VAL D 516 -53.51 -20.74 33.44
CA VAL D 516 -53.23 -20.50 32.04
C VAL D 516 -51.98 -21.24 31.56
N ARG D 517 -50.87 -21.06 32.29
CA ARG D 517 -49.61 -21.62 31.90
C ARG D 517 -49.61 -23.14 32.00
N ALA D 518 -50.37 -23.68 32.95
CA ALA D 518 -50.54 -25.11 33.06
C ALA D 518 -51.28 -25.63 31.84
N VAL D 519 -52.36 -24.97 31.47
CA VAL D 519 -53.14 -25.40 30.29
C VAL D 519 -52.31 -25.35 29.03
N LEU D 520 -51.54 -24.28 28.86
CA LEU D 520 -50.69 -24.14 27.69
C LEU D 520 -49.63 -25.22 27.62
N ALA D 521 -48.85 -25.37 28.68
CA ALA D 521 -47.75 -26.33 28.70
C ALA D 521 -48.27 -27.75 28.44
N ALA D 522 -49.41 -28.06 29.03
CA ALA D 522 -49.95 -29.43 28.97
C ALA D 522 -50.58 -29.72 27.61
N THR D 523 -51.08 -28.68 26.94
CA THR D 523 -51.70 -28.88 25.62
C THR D 523 -50.78 -28.61 24.43
N LEU D 524 -49.64 -27.96 24.65
CA LEU D 524 -48.79 -27.56 23.53
C LEU D 524 -47.65 -28.50 23.32
N SER D 525 -47.20 -29.15 24.39
CA SER D 525 -46.13 -30.10 24.26
C SER D 525 -46.61 -31.42 24.81
N PRO D 526 -46.20 -32.54 24.19
CA PRO D 526 -46.52 -33.83 24.79
C PRO D 526 -45.66 -34.15 26.02
N THR D 527 -44.58 -33.38 26.28
CA THR D 527 -43.97 -33.42 27.62
C THR D 527 -44.07 -32.04 28.29
N TRP D 528 -44.60 -32.02 29.52
CA TRP D 528 -44.64 -30.82 30.35
C TRP D 528 -44.31 -31.13 31.79
N GLY D 529 -44.05 -30.08 32.56
CA GLY D 529 -43.68 -30.27 33.95
C GLY D 529 -43.92 -29.09 34.85
N ILE D 530 -43.94 -29.37 36.14
CA ILE D 530 -44.01 -28.32 37.14
C ILE D 530 -43.03 -28.67 38.28
N TYR D 531 -42.56 -27.62 38.94
CA TYR D 531 -41.74 -27.77 40.13
C TYR D 531 -42.64 -27.49 41.36
N SER D 532 -42.59 -28.41 42.34
CA SER D 532 -43.44 -28.36 43.55
C SER D 532 -43.60 -26.98 44.14
N GLY D 533 -44.87 -26.63 44.41
CA GLY D 533 -45.22 -25.29 44.89
C GLY D 533 -45.97 -24.50 43.83
N TYR D 534 -45.83 -24.93 42.57
CA TYR D 534 -46.56 -24.32 41.46
C TYR D 534 -48.05 -24.45 41.67
N GLU D 535 -48.49 -25.65 42.06
CA GLU D 535 -49.89 -25.93 42.41
C GLU D 535 -50.42 -24.99 43.46
N LEU D 536 -49.55 -24.55 44.37
CA LEU D 536 -49.99 -23.66 45.46
C LEU D 536 -49.92 -22.24 45.01
N CYS D 537 -49.48 -22.02 43.77
CA CYS D 537 -49.44 -20.66 43.20
C CYS D 537 -48.46 -19.75 43.96
N GLU D 538 -47.37 -20.34 44.41
CA GLU D 538 -46.31 -19.59 45.05
C GLU D 538 -45.70 -18.66 44.01
N ASN D 539 -45.75 -17.36 44.27
CA ASN D 539 -45.34 -16.40 43.28
C ASN D 539 -44.74 -15.15 43.86
N THR D 540 -44.08 -15.27 45.01
CA THR D 540 -43.41 -14.15 45.61
C THR D 540 -41.96 -14.20 45.21
N PRO D 541 -41.49 -13.15 44.52
CA PRO D 541 -40.13 -13.17 44.04
C PRO D 541 -39.16 -12.71 45.09
N LEU D 542 -37.88 -12.96 44.85
CA LEU D 542 -36.84 -12.44 45.71
C LEU D 542 -37.00 -10.93 45.77
N ARG D 543 -37.30 -10.30 44.63
CA ARG D 543 -37.51 -8.84 44.60
C ARG D 543 -38.11 -8.49 43.25
N GLU D 544 -38.55 -7.23 43.09
CA GLU D 544 -39.13 -6.74 41.84
C GLU D 544 -38.12 -6.90 40.74
N GLY D 545 -38.57 -7.52 39.64
CA GLY D 545 -37.72 -7.72 38.47
C GLY D 545 -36.80 -8.93 38.54
N SER D 546 -36.99 -9.83 39.52
CA SER D 546 -36.20 -11.05 39.62
C SER D 546 -37.04 -12.23 39.16
N GLU D 547 -36.40 -13.30 38.69
CA GLU D 547 -37.13 -14.53 38.42
C GLU D 547 -36.84 -15.58 39.49
N GLU D 548 -36.12 -15.18 40.53
CA GLU D 548 -35.91 -16.04 41.72
C GLU D 548 -37.12 -15.98 42.67
N TYR D 549 -37.50 -17.13 43.24
CA TYR D 549 -38.43 -17.17 44.38
C TYR D 549 -37.78 -16.61 45.64
N LEU D 550 -38.59 -15.96 46.50
CA LEU D 550 -38.13 -15.57 47.81
C LEU D 550 -38.05 -16.84 48.68
N ASP D 551 -37.08 -16.87 49.59
CA ASP D 551 -36.85 -18.00 50.47
C ASP D 551 -36.85 -19.29 49.66
N SER D 552 -35.98 -19.33 48.66
CA SER D 552 -35.93 -20.40 47.70
C SER D 552 -35.51 -21.78 48.29
N GLU D 553 -36.16 -22.82 47.78
CA GLU D 553 -36.01 -24.15 48.33
C GLU D 553 -34.62 -24.71 48.09
N LYS D 554 -33.89 -24.07 47.19
CA LYS D 554 -32.53 -24.42 46.89
C LYS D 554 -31.67 -24.26 48.14
N TYR D 555 -31.97 -23.30 48.98
CA TYR D 555 -31.11 -22.94 50.13
C TYR D 555 -31.71 -23.29 51.48
N GLN D 556 -32.88 -23.93 51.48
CA GLN D 556 -33.56 -24.26 52.72
C GLN D 556 -34.59 -25.33 52.53
N LEU D 557 -34.88 -26.00 53.64
CA LEU D 557 -36.00 -26.94 53.72
C LEU D 557 -37.27 -26.13 53.57
N LYS D 558 -38.25 -26.63 52.83
CA LYS D 558 -39.44 -25.82 52.57
C LYS D 558 -40.69 -26.64 52.78
N PRO D 559 -41.08 -26.83 54.06
CA PRO D 559 -42.18 -27.76 54.32
C PRO D 559 -43.44 -27.15 53.85
N ARG D 560 -44.32 -27.98 53.30
CA ARG D 560 -45.59 -27.49 52.80
C ARG D 560 -46.69 -28.32 53.42
N ASP D 561 -47.71 -27.64 53.93
CA ASP D 561 -48.87 -28.34 54.50
C ASP D 561 -49.81 -28.76 53.38
N TRP D 562 -49.45 -29.83 52.64
CA TRP D 562 -50.25 -30.36 51.51
C TRP D 562 -51.68 -30.70 51.90
N THR D 563 -51.89 -31.26 53.08
CA THR D 563 -53.25 -31.63 53.53
C THR D 563 -54.14 -30.40 53.73
N ARG D 564 -53.62 -29.38 54.40
CA ARG D 564 -54.38 -28.14 54.56
C ARG D 564 -54.69 -27.44 53.22
N ALA D 565 -53.73 -27.35 52.31
CA ALA D 565 -53.93 -26.81 50.96
C ALA D 565 -55.07 -27.49 50.22
N ALA D 566 -55.10 -28.82 50.33
CA ALA D 566 -56.11 -29.65 49.68
C ALA D 566 -57.48 -29.37 50.26
N ARG D 567 -57.63 -29.44 51.57
CA ARG D 567 -58.96 -29.22 52.19
C ARG D 567 -59.44 -27.77 52.03
N GLU D 568 -58.53 -26.81 52.05
CA GLU D 568 -58.85 -25.40 51.89
C GLU D 568 -58.98 -24.97 50.42
N GLY D 569 -58.62 -25.86 49.48
CA GLY D 569 -58.82 -25.63 48.04
C GLY D 569 -57.91 -24.57 47.44
N THR D 570 -56.78 -24.37 48.08
CA THR D 570 -55.86 -23.31 47.67
C THR D 570 -54.77 -23.88 46.80
N THR D 571 -55.10 -24.97 46.10
CA THR D 571 -54.19 -25.63 45.20
C THR D 571 -54.88 -25.85 43.85
N ILE D 572 -54.14 -25.70 42.76
CA ILE D 572 -54.73 -25.96 41.45
C ILE D 572 -54.48 -27.42 41.04
N ALA D 573 -54.14 -28.26 42.03
CA ALA D 573 -53.89 -29.67 41.84
C ALA D 573 -55.03 -30.41 41.09
N PRO D 574 -56.31 -30.09 41.38
CA PRO D 574 -57.38 -30.75 40.60
C PRO D 574 -57.38 -30.38 39.10
N LEU D 575 -57.05 -29.13 38.77
CA LEU D 575 -56.93 -28.75 37.35
C LEU D 575 -55.78 -29.47 36.69
N VAL D 576 -54.64 -29.47 37.37
CA VAL D 576 -53.48 -30.23 36.92
C VAL D 576 -53.87 -31.70 36.68
N THR D 577 -54.59 -32.30 37.61
CA THR D 577 -54.96 -33.68 37.44
C THR D 577 -55.81 -33.86 36.18
N ARG D 578 -56.80 -33.01 36.02
CA ARG D 578 -57.69 -33.08 34.89
C ARG D 578 -56.89 -32.98 33.59
N LEU D 579 -55.95 -32.06 33.55
CA LEU D 579 -55.13 -31.90 32.34
C LEU D 579 -54.40 -33.20 31.98
N ASN D 580 -53.82 -33.86 32.96
CA ASN D 580 -53.06 -35.09 32.69
C ASN D 580 -53.98 -36.25 32.29
N THR D 581 -55.21 -36.23 32.79
CA THR D 581 -56.23 -37.20 32.40
C THR D 581 -56.62 -36.99 30.95
N ILE D 582 -56.85 -35.73 30.58
CA ILE D 582 -57.23 -35.44 29.18
C ILE D 582 -56.13 -35.89 28.23
N ARG D 583 -54.87 -35.60 28.58
CA ARG D 583 -53.70 -36.06 27.82
C ARG D 583 -53.63 -37.57 27.68
N ARG D 584 -53.93 -38.28 28.77
CA ARG D 584 -53.93 -39.75 28.76
C ARG D 584 -55.06 -40.33 27.93
N GLU D 585 -56.11 -39.53 27.73
CA GLU D 585 -57.30 -40.00 26.99
C GLU D 585 -57.30 -39.57 25.54
N ASN D 586 -56.35 -38.74 25.15
CA ASN D 586 -56.38 -38.12 23.80
C ASN D 586 -55.05 -38.15 23.08
N PRO D 587 -54.87 -39.15 22.18
CA PRO D 587 -53.64 -39.32 21.40
C PRO D 587 -53.11 -38.00 20.79
N ALA D 588 -54.03 -37.11 20.37
CA ALA D 588 -53.64 -35.83 19.77
C ALA D 588 -52.65 -35.05 20.62
N LEU D 589 -52.81 -35.12 21.94
CA LEU D 589 -51.96 -34.39 22.89
C LEU D 589 -50.66 -35.09 23.27
N ARG D 590 -50.48 -36.31 22.79
CA ARG D 590 -49.28 -37.09 23.04
C ARG D 590 -48.36 -37.07 21.82
N GLN D 591 -48.55 -36.07 20.97
CA GLN D 591 -47.64 -35.81 19.86
C GLN D 591 -47.37 -34.31 19.77
N LEU D 592 -46.34 -33.97 19.00
CA LEU D 592 -45.83 -32.60 18.92
C LEU D 592 -46.15 -31.96 17.56
N ARG D 593 -45.90 -32.71 16.48
CA ARG D 593 -45.81 -32.16 15.14
C ARG D 593 -47.11 -31.66 14.52
N ASP D 594 -48.26 -32.28 14.85
CA ASP D 594 -49.51 -31.82 14.30
C ASP D 594 -50.07 -30.77 15.23
N LEU D 595 -50.02 -29.52 14.78
CA LEU D 595 -50.44 -28.38 15.59
C LEU D 595 -50.81 -27.29 14.62
N HIS D 596 -51.90 -26.57 14.87
CA HIS D 596 -52.24 -25.44 14.04
C HIS D 596 -52.97 -24.32 14.78
N PHE D 597 -52.57 -23.09 14.48
CA PHE D 597 -53.13 -21.89 15.13
C PHE D 597 -54.24 -21.26 14.33
N HIS D 598 -55.42 -21.18 14.94
CA HIS D 598 -56.61 -20.65 14.32
C HIS D 598 -56.77 -19.19 14.73
N PRO D 599 -57.17 -18.32 13.77
CA PRO D 599 -57.23 -16.89 14.10
C PRO D 599 -58.33 -16.53 15.10
N THR D 600 -58.10 -15.47 15.87
CA THR D 600 -59.11 -14.88 16.74
C THR D 600 -59.03 -13.38 16.61
N ASP D 601 -60.11 -12.68 16.92
CA ASP D 601 -60.12 -11.23 16.87
C ASP D 601 -59.65 -10.54 18.16
N LYS D 602 -59.10 -11.29 19.12
CA LYS D 602 -58.54 -10.70 20.35
C LYS D 602 -57.08 -11.05 20.56
N GLU D 603 -56.27 -10.05 20.87
CA GLU D 603 -54.85 -10.27 21.02
C GLU D 603 -54.55 -11.09 22.29
N GLU D 604 -55.41 -10.98 23.30
CA GLU D 604 -55.25 -11.74 24.53
C GLU D 604 -55.68 -13.22 24.36
N VAL D 605 -56.39 -13.56 23.28
CA VAL D 605 -57.05 -14.87 23.17
C VAL D 605 -56.46 -15.70 22.03
N ILE D 606 -56.02 -16.91 22.37
CA ILE D 606 -55.23 -17.71 21.43
C ILE D 606 -55.94 -19.04 21.26
N ALA D 607 -55.93 -19.55 20.04
CA ALA D 607 -56.64 -20.77 19.70
C ALA D 607 -55.76 -21.66 18.81
N TYR D 608 -55.79 -22.97 19.07
CA TYR D 608 -55.00 -23.91 18.30
C TYR D 608 -55.60 -25.31 18.34
N SER D 609 -55.17 -26.17 17.43
CA SER D 609 -55.70 -27.55 17.32
C SER D 609 -54.58 -28.53 17.10
N LYS D 610 -54.81 -29.77 17.53
CA LYS D 610 -53.87 -30.88 17.41
C LYS D 610 -54.64 -32.18 17.05
N ARG D 611 -54.07 -33.01 16.19
CA ARG D 611 -54.76 -34.21 15.72
C ARG D 611 -53.88 -35.44 15.68
N GLN D 612 -54.50 -36.60 15.85
CA GLN D 612 -53.84 -37.90 15.76
C GLN D 612 -54.94 -38.90 15.45
N GLY D 613 -54.83 -39.57 14.32
CA GLY D 613 -55.93 -40.33 13.74
C GLY D 613 -57.22 -39.52 13.80
N SER D 614 -58.27 -40.15 14.34
CA SER D 614 -59.59 -39.52 14.43
C SER D 614 -59.79 -38.69 15.70
N ASN D 615 -58.73 -38.55 16.51
CA ASN D 615 -58.77 -37.69 17.68
C ASN D 615 -58.31 -36.29 17.30
N THR D 616 -59.11 -35.31 17.70
CA THR D 616 -58.84 -33.89 17.44
C THR D 616 -59.10 -33.13 18.70
N VAL D 617 -58.11 -32.36 19.17
CA VAL D 617 -58.32 -31.53 20.32
C VAL D 617 -58.24 -30.05 19.92
N LEU D 618 -59.20 -29.27 20.40
CA LEU D 618 -59.25 -27.85 20.10
C LEU D 618 -59.16 -27.06 21.38
N VAL D 619 -58.25 -26.08 21.41
CA VAL D 619 -57.98 -25.36 22.64
C VAL D 619 -58.03 -23.85 22.44
N VAL D 620 -58.77 -23.19 23.33
CA VAL D 620 -58.82 -21.75 23.34
C VAL D 620 -58.40 -21.23 24.73
N VAL D 621 -57.39 -20.36 24.76
CA VAL D 621 -56.86 -19.79 26.00
C VAL D 621 -56.93 -18.26 26.04
N ASN D 622 -57.37 -17.76 27.18
CA ASN D 622 -57.32 -16.34 27.50
C ASN D 622 -56.02 -16.05 28.24
N LEU D 623 -55.08 -15.39 27.58
CA LEU D 623 -53.78 -15.09 28.17
C LEU D 623 -53.79 -13.90 29.16
N ASP D 624 -54.95 -13.27 29.33
CA ASP D 624 -55.08 -12.20 30.28
C ASP D 624 -55.53 -12.79 31.63
N PRO D 625 -54.66 -12.70 32.67
CA PRO D 625 -55.06 -13.19 33.99
C PRO D 625 -55.91 -12.21 34.85
N ARG D 626 -56.12 -10.98 34.37
CA ARG D 626 -56.82 -9.96 35.19
C ARG D 626 -58.22 -9.62 34.66
N HIS D 627 -58.42 -9.67 33.35
CA HIS D 627 -59.70 -9.29 32.78
C HIS D 627 -60.35 -10.40 31.96
N THR D 628 -61.67 -10.47 32.06
CA THR D 628 -62.44 -11.31 31.18
C THR D 628 -62.24 -10.86 29.75
N GLN D 629 -62.19 -11.83 28.84
CA GLN D 629 -62.02 -11.54 27.44
C GLN D 629 -63.09 -12.26 26.65
N GLU D 630 -63.75 -11.54 25.74
CA GLU D 630 -64.63 -12.20 24.77
C GLU D 630 -64.05 -12.07 23.37
N ALA D 631 -64.19 -13.14 22.59
CA ALA D 631 -63.62 -13.13 21.26
C ALA D 631 -64.36 -14.08 20.35
N THR D 632 -64.19 -13.84 19.07
CA THR D 632 -64.67 -14.74 18.04
C THR D 632 -63.46 -15.51 17.55
N VAL D 633 -63.59 -16.83 17.54
CA VAL D 633 -62.55 -17.70 17.08
C VAL D 633 -62.98 -18.25 15.71
N SER D 634 -62.15 -18.01 14.71
CA SER D 634 -62.45 -18.38 13.34
C SER D 634 -61.67 -19.61 12.94
N LEU D 635 -62.35 -20.74 12.90
CA LEU D 635 -61.69 -22.01 12.67
C LEU D 635 -61.37 -22.26 11.20
N ASP D 636 -60.10 -22.56 10.93
CA ASP D 636 -59.68 -23.18 9.68
C ASP D 636 -60.33 -24.54 9.55
N MET D 637 -61.53 -24.58 9.01
CA MET D 637 -62.33 -25.80 8.98
C MET D 637 -61.65 -26.95 8.22
N PRO D 638 -61.07 -26.66 7.04
CA PRO D 638 -60.36 -27.73 6.32
C PRO D 638 -59.16 -28.27 7.09
N GLN D 639 -58.50 -27.41 7.87
CA GLN D 639 -57.36 -27.84 8.64
C GLN D 639 -57.80 -28.79 9.74
N LEU D 640 -59.08 -28.74 10.09
CA LEU D 640 -59.71 -29.78 10.94
C LEU D 640 -60.26 -30.97 10.15
N GLY D 641 -60.22 -30.88 8.81
CA GLY D 641 -60.75 -31.93 7.94
C GLY D 641 -62.26 -31.87 7.77
N LEU D 642 -62.79 -30.66 7.80
CA LEU D 642 -64.22 -30.41 7.72
C LEU D 642 -64.48 -29.44 6.57
N ASP D 643 -65.69 -29.44 6.02
CA ASP D 643 -66.11 -28.39 5.09
C ASP D 643 -66.42 -27.12 5.87
N TRP D 644 -66.34 -25.99 5.19
CA TRP D 644 -66.43 -24.67 5.83
C TRP D 644 -67.73 -24.44 6.57
N HIS D 645 -68.81 -25.00 6.02
CA HIS D 645 -70.16 -24.79 6.51
C HIS D 645 -70.52 -25.81 7.60
N GLU D 646 -69.66 -26.80 7.80
CA GLU D 646 -69.90 -27.85 8.77
C GLU D 646 -69.95 -27.25 10.17
N SER D 647 -70.63 -27.95 11.07
CA SER D 647 -70.74 -27.55 12.46
C SER D 647 -70.58 -28.80 13.31
N VAL D 648 -69.41 -28.94 13.94
CA VAL D 648 -69.08 -30.14 14.67
C VAL D 648 -69.33 -29.92 16.15
N PRO D 649 -69.80 -30.99 16.84
CA PRO D 649 -69.96 -30.86 18.25
C PRO D 649 -68.62 -31.04 18.97
N VAL D 650 -68.47 -30.33 20.07
CA VAL D 650 -67.28 -30.48 20.90
C VAL D 650 -67.73 -30.70 22.35
N ARG D 651 -66.80 -31.12 23.19
CA ARG D 651 -66.98 -31.12 24.65
C ARG D 651 -65.78 -30.41 25.25
N ASP D 652 -66.03 -29.46 26.14
CA ASP D 652 -64.98 -28.81 26.90
C ASP D 652 -64.62 -29.72 28.07
N GLU D 653 -63.50 -30.43 27.95
CA GLU D 653 -63.13 -31.46 28.90
C GLU D 653 -62.79 -30.93 30.28
N LEU D 654 -62.56 -29.63 30.39
CA LEU D 654 -62.41 -29.00 31.71
C LEU D 654 -63.72 -28.94 32.50
N THR D 655 -64.83 -28.69 31.82
CA THR D 655 -66.13 -28.48 32.46
C THR D 655 -67.09 -29.63 32.22
N GLY D 656 -66.89 -30.41 31.17
CA GLY D 656 -67.90 -31.40 30.77
C GLY D 656 -68.95 -30.85 29.83
N GLU D 657 -68.93 -29.53 29.60
CA GLU D 657 -70.00 -28.87 28.87
C GLU D 657 -69.82 -29.09 27.39
N THR D 658 -70.96 -29.21 26.70
CA THR D 658 -71.01 -29.50 25.27
C THR D 658 -71.36 -28.24 24.50
N TYR D 659 -70.75 -28.09 23.33
CA TYR D 659 -71.08 -27.01 22.42
C TYR D 659 -71.11 -27.55 21.00
N HIS D 660 -71.70 -26.79 20.11
CA HIS D 660 -71.63 -27.08 18.69
C HIS D 660 -70.87 -25.94 18.07
N TRP D 661 -69.73 -26.24 17.47
CA TRP D 661 -68.89 -25.19 16.93
C TRP D 661 -68.68 -25.35 15.43
N GLY D 662 -68.40 -24.22 14.79
CA GLY D 662 -68.11 -24.18 13.37
C GLY D 662 -67.16 -23.04 13.05
N ARG D 663 -67.23 -22.61 11.80
CA ARG D 663 -66.42 -21.54 11.24
C ARG D 663 -66.13 -20.34 12.15
N ALA D 664 -67.15 -19.84 12.84
CA ALA D 664 -66.99 -18.67 13.71
C ALA D 664 -67.70 -18.90 15.04
N ASN D 665 -66.97 -18.80 16.15
CA ASN D 665 -67.50 -19.16 17.45
C ASN D 665 -67.15 -18.14 18.53
N TYR D 666 -68.20 -17.69 19.21
CA TYR D 666 -68.06 -16.75 20.31
C TYR D 666 -67.55 -17.49 21.55
N VAL D 667 -66.54 -16.92 22.20
CA VAL D 667 -66.14 -17.38 23.54
C VAL D 667 -66.13 -16.21 24.49
N ARG D 668 -66.25 -16.58 25.76
CA ARG D 668 -66.19 -15.63 26.85
C ARG D 668 -65.48 -16.33 28.00
N LEU D 669 -64.31 -15.82 28.40
CA LEU D 669 -63.44 -16.50 29.35
C LEU D 669 -63.10 -15.58 30.50
N GLU D 670 -63.50 -15.99 31.71
CA GLU D 670 -63.39 -15.16 32.90
C GLU D 670 -62.30 -15.71 33.81
N PRO D 671 -61.22 -14.91 34.03
CA PRO D 671 -60.09 -15.36 34.85
C PRO D 671 -60.55 -15.77 36.23
N GLY D 672 -60.09 -16.93 36.69
CA GLY D 672 -60.55 -17.46 37.97
C GLY D 672 -61.67 -18.47 37.80
N ARG D 673 -62.56 -18.26 36.84
CA ARG D 673 -63.66 -19.21 36.61
C ARG D 673 -63.31 -20.14 35.47
N THR D 674 -62.96 -19.59 34.33
CA THR D 674 -62.40 -20.37 33.23
C THR D 674 -61.13 -19.75 32.69
N PRO D 675 -60.01 -20.49 32.73
CA PRO D 675 -58.81 -20.04 32.04
C PRO D 675 -58.88 -20.28 30.54
N ALA D 676 -59.51 -21.38 30.17
CA ALA D 676 -59.53 -21.81 28.80
C ALA D 676 -60.69 -22.76 28.49
N HIS D 677 -60.82 -23.08 27.20
CA HIS D 677 -61.57 -24.25 26.73
C HIS D 677 -60.60 -25.25 26.15
N VAL D 678 -60.66 -26.48 26.67
CA VAL D 678 -59.90 -27.58 26.11
C VAL D 678 -60.90 -28.58 25.60
N CYS D 679 -61.19 -28.50 24.30
CA CYS D 679 -62.31 -29.24 23.74
C CYS D 679 -61.82 -30.38 22.89
N THR D 680 -62.53 -31.50 22.98
CA THR D 680 -62.34 -32.60 22.06
C THR D 680 -63.51 -32.56 21.07
N VAL D 681 -63.24 -32.82 19.79
CA VAL D 681 -64.31 -32.96 18.80
C VAL D 681 -64.94 -34.35 18.88
N LEU D 682 -66.26 -34.41 18.94
CA LEU D 682 -66.97 -35.67 19.23
C LEU D 682 -67.26 -36.50 17.97
N ARG D 683 -67.21 -37.82 18.10
CA ARG D 683 -67.17 -38.75 16.96
C ARG D 683 -68.54 -39.07 16.40
#